data_7XCM
#
_entry.id   7XCM
#
_cell.length_a   174.840
_cell.length_b   174.840
_cell.length_c   300.121
_cell.angle_alpha   90.000
_cell.angle_beta   90.000
_cell.angle_gamma   120.000
#
_symmetry.space_group_name_H-M   'P 32 2 1'
#
loop_
_entity.id
_entity.type
_entity.pdbx_description
1 polymer 'Trimethylamine methyltransferase'
2 non-polymer '3-METHYL-5-SULFO-PYRROLIDINE-2-CARBOXYLIC ACID'
3 non-polymer 'SODIUM ION'
4 non-polymer GLYCEROL
5 water water
#
_entity_poly.entity_id   1
_entity_poly.type   'polypeptide(L)'
_entity_poly.pdbx_seq_one_letter_code
;MAKNNAVAGFNALNGVELNLFTTDELKAIHYATMEVLMDPGIQVSDPEARQIFKENGCEVNEKTNVVKIPEYLVRKALQL
APSRFVLWGRDKKFNTVQECGGKVHWTCFGTGVKVCKYQDGKYVTVDSVEKDIADIAKLCDWAENIDYFSLPVSARDIAG
QGAQDVHETLTPLANTAKHFHHIDPVGENVEYYRDIVKAYYGGDEEEARKKPIFSMLLCPTSPLELSVNACQVIIKGARF
GIPVNVLSMAMSGGSSPVYLAGTLVTHNAEVLSGIVLAQLTVPGAKVWYGSSTTTFDLKKGTAPVGSPELGLISAAVAKL
AQFYGLPSYVAGSKSDAKVPDDQAGHEKTMTTLLPALAGANTIYGAGMLELGMTFSMEQLVIDNDIFSMVKKAMQGIPVS
EETLAVESIQKVGIGNNFLALKQTRQLVDYPSNPMLLDRHMFGDWAAAGSKDLATVAHEKVEDVLKNHQVTPIDADIFKD
MQAIVDKADKAFRGMGGHHHHHH
;
_entity_poly.pdbx_strand_id   A,B,C,D,E,F
#
loop_
_chem_comp.id
_chem_comp.type
_chem_comp.name
_chem_comp.formula
BG3 non-polymer '3-METHYL-5-SULFO-PYRROLIDINE-2-CARBOXYLIC ACID' 'C6 H11 N O5 S'
GOL non-polymer GLYCEROL 'C3 H8 O3'
NA non-polymer 'SODIUM ION' 'Na 1'
#
# COMPACT_ATOMS: atom_id res chain seq x y z
N ALA A 2 14.65 31.82 6.18
CA ALA A 2 14.15 31.84 7.58
C ALA A 2 13.60 30.50 7.97
N LYS A 3 12.86 30.47 9.09
CA LYS A 3 12.23 29.25 9.59
C LYS A 3 11.31 28.69 8.50
N ASN A 4 11.40 27.39 8.24
CA ASN A 4 10.56 26.79 7.21
C ASN A 4 9.08 27.01 7.49
N ASN A 5 8.32 27.23 6.42
CA ASN A 5 6.89 27.41 6.54
C ASN A 5 6.26 26.86 5.26
N ALA A 6 6.93 25.87 4.65
CA ALA A 6 6.44 25.24 3.42
C ALA A 6 6.85 23.78 3.36
N VAL A 7 5.86 22.90 3.23
CA VAL A 7 6.11 21.46 3.15
C VAL A 7 5.18 20.78 2.15
N ALA A 8 5.69 19.73 1.50
CA ALA A 8 4.89 19.00 0.53
C ALA A 8 4.33 17.72 1.15
N GLY A 9 3.80 16.86 0.28
CA GLY A 9 3.21 15.59 0.68
C GLY A 9 3.74 14.93 1.93
N PHE A 10 2.92 14.96 2.97
CA PHE A 10 3.24 14.35 4.27
C PHE A 10 2.07 13.50 4.73
N ASN A 11 2.28 12.19 4.80
CA ASN A 11 1.22 11.30 5.24
C ASN A 11 1.36 11.15 6.75
N ALA A 12 0.27 11.37 7.46
CA ALA A 12 0.28 11.26 8.92
C ALA A 12 -0.82 10.37 9.46
N LEU A 13 -0.66 9.96 10.71
CA LEU A 13 -1.63 9.11 11.39
C LEU A 13 -2.11 9.82 12.66
N ASN A 14 -3.40 10.15 12.64
CA ASN A 14 -4.06 10.82 13.75
C ASN A 14 -4.86 9.85 14.60
N GLY A 15 -4.39 9.64 15.83
CA GLY A 15 -5.07 8.73 16.71
C GLY A 15 -4.37 7.40 16.65
N VAL A 16 -5.07 6.34 17.06
CA VAL A 16 -4.49 5.00 17.04
C VAL A 16 -5.33 4.10 16.14
N GLU A 17 -4.67 3.39 15.23
CA GLU A 17 -5.37 2.50 14.32
C GLU A 17 -5.22 1.06 14.80
N LEU A 18 -6.30 0.29 14.70
CA LEU A 18 -6.28 -1.10 15.14
C LEU A 18 -6.91 -1.96 14.06
N ASN A 19 -6.13 -2.93 13.56
CA ASN A 19 -6.59 -3.79 12.49
C ASN A 19 -6.81 -5.24 12.86
N LEU A 20 -7.88 -5.82 12.30
CA LEU A 20 -8.20 -7.21 12.58
C LEU A 20 -8.20 -8.05 11.34
N PHE A 21 -8.51 -7.44 10.19
CA PHE A 21 -8.60 -8.18 8.93
C PHE A 21 -7.97 -7.51 7.71
N THR A 22 -7.66 -8.33 6.72
CA THR A 22 -7.16 -7.84 5.44
C THR A 22 -8.45 -7.84 4.63
N THR A 23 -8.47 -7.17 3.48
CA THR A 23 -9.69 -7.13 2.69
C THR A 23 -10.11 -8.51 2.25
N ASP A 24 -9.14 -9.39 2.08
CA ASP A 24 -9.43 -10.75 1.66
C ASP A 24 -10.18 -11.52 2.74
N GLU A 25 -9.75 -11.39 3.98
CA GLU A 25 -10.43 -12.06 5.09
C GLU A 25 -11.82 -11.48 5.22
N LEU A 26 -11.93 -10.16 5.11
CA LEU A 26 -13.24 -9.52 5.18
C LEU A 26 -14.12 -10.20 4.16
N LYS A 27 -13.80 -10.03 2.88
CA LYS A 27 -14.58 -10.65 1.80
C LYS A 27 -14.91 -12.12 2.11
N ALA A 28 -13.90 -12.88 2.49
CA ALA A 28 -14.09 -14.28 2.83
C ALA A 28 -15.26 -14.46 3.79
N ILE A 29 -15.23 -13.72 4.91
CA ILE A 29 -16.29 -13.78 5.91
C ILE A 29 -17.63 -13.48 5.25
N HIS A 30 -17.66 -12.45 4.40
CA HIS A 30 -18.87 -12.06 3.71
C HIS A 30 -19.42 -13.24 2.92
N TYR A 31 -18.55 -13.90 2.17
CA TYR A 31 -18.92 -15.06 1.35
C TYR A 31 -19.56 -16.19 2.15
N ALA A 32 -19.03 -16.45 3.34
CA ALA A 32 -19.61 -17.49 4.17
C ALA A 32 -21.03 -17.01 4.45
N THR A 33 -21.13 -15.88 5.15
CA THR A 33 -22.40 -15.28 5.48
C THR A 33 -23.41 -15.38 4.32
N MET A 34 -23.01 -14.93 3.13
CA MET A 34 -23.88 -14.96 1.97
C MET A 34 -24.47 -16.32 1.64
N GLU A 35 -23.65 -17.35 1.84
CA GLU A 35 -24.04 -18.73 1.58
C GLU A 35 -24.92 -19.29 2.70
N VAL A 36 -24.59 -18.95 3.93
CA VAL A 36 -25.35 -19.39 5.09
C VAL A 36 -26.77 -18.83 5.07
N LEU A 37 -26.97 -17.74 4.33
CA LEU A 37 -28.30 -17.13 4.22
C LEU A 37 -29.15 -17.95 3.26
N MET A 38 -28.51 -18.55 2.27
CA MET A 38 -29.22 -19.35 1.30
C MET A 38 -29.38 -20.76 1.82
N ASP A 39 -28.53 -21.12 2.77
CA ASP A 39 -28.54 -22.45 3.36
C ASP A 39 -27.82 -22.42 4.69
N PRO A 40 -28.55 -22.68 5.79
CA PRO A 40 -29.98 -23.02 5.86
C PRO A 40 -30.99 -21.90 5.62
N GLY A 41 -30.56 -20.66 5.79
CA GLY A 41 -31.47 -19.55 5.65
C GLY A 41 -31.98 -19.21 7.05
N ILE A 42 -32.55 -18.02 7.22
CA ILE A 42 -33.04 -17.63 8.54
C ILE A 42 -34.53 -17.87 8.71
N GLN A 43 -34.95 -18.11 9.94
CA GLN A 43 -36.35 -18.36 10.23
C GLN A 43 -37.12 -17.11 10.63
N VAL A 44 -37.97 -16.63 9.73
CA VAL A 44 -38.79 -15.47 9.97
C VAL A 44 -40.09 -15.96 10.59
N SER A 45 -40.20 -15.84 11.90
CA SER A 45 -41.38 -16.28 12.64
C SER A 45 -42.62 -15.46 12.31
N ASP A 46 -42.45 -14.16 12.12
CA ASP A 46 -43.57 -13.27 11.79
C ASP A 46 -44.01 -13.40 10.33
N PRO A 47 -45.33 -13.43 10.10
CA PRO A 47 -45.84 -13.56 8.73
C PRO A 47 -45.62 -12.30 7.90
N GLU A 48 -45.90 -11.14 8.50
CA GLU A 48 -45.74 -9.86 7.78
C GLU A 48 -44.36 -9.72 7.16
N ALA A 49 -43.33 -10.07 7.91
CA ALA A 49 -41.97 -9.97 7.40
C ALA A 49 -41.75 -11.07 6.37
N ARG A 50 -42.20 -12.30 6.68
CA ARG A 50 -42.03 -13.40 5.75
C ARG A 50 -42.63 -13.05 4.40
N GLN A 51 -43.70 -12.28 4.43
CA GLN A 51 -44.36 -11.82 3.21
C GLN A 51 -43.38 -10.86 2.53
N ILE A 52 -43.09 -9.76 3.23
CA ILE A 52 -42.17 -8.74 2.74
C ILE A 52 -40.99 -9.40 2.04
N PHE A 53 -40.37 -10.37 2.72
CA PHE A 53 -39.24 -11.07 2.14
C PHE A 53 -39.67 -11.71 0.84
N LYS A 54 -40.68 -12.57 0.93
CA LYS A 54 -41.22 -13.29 -0.22
C LYS A 54 -41.39 -12.43 -1.47
N GLU A 55 -41.94 -11.23 -1.29
CA GLU A 55 -42.21 -10.27 -2.38
C GLU A 55 -40.98 -9.74 -3.11
N ASN A 56 -39.90 -9.51 -2.39
CA ASN A 56 -38.70 -8.98 -3.00
C ASN A 56 -37.84 -10.05 -3.62
N GLY A 57 -38.35 -11.27 -3.67
CA GLY A 57 -37.62 -12.35 -4.29
C GLY A 57 -36.99 -13.38 -3.38
N CYS A 58 -37.45 -13.45 -2.13
CA CYS A 58 -36.88 -14.42 -1.21
C CYS A 58 -37.62 -15.74 -1.24
N GLU A 59 -36.85 -16.83 -1.34
CA GLU A 59 -37.44 -18.16 -1.32
C GLU A 59 -37.99 -18.29 0.08
N VAL A 60 -39.31 -18.39 0.21
CA VAL A 60 -39.88 -18.51 1.54
C VAL A 60 -40.69 -19.79 1.65
N ASN A 61 -40.20 -20.71 2.47
CA ASN A 61 -40.88 -21.97 2.71
C ASN A 61 -41.82 -21.68 3.86
N GLU A 62 -43.11 -21.63 3.56
CA GLU A 62 -44.11 -21.31 4.57
C GLU A 62 -44.33 -22.40 5.62
N LYS A 63 -44.02 -23.64 5.27
CA LYS A 63 -44.20 -24.76 6.19
C LYS A 63 -43.33 -24.63 7.44
N THR A 64 -42.14 -24.07 7.25
CA THR A 64 -41.18 -23.92 8.34
C THR A 64 -40.82 -22.47 8.63
N ASN A 65 -41.38 -21.57 7.82
CA ASN A 65 -41.13 -20.13 7.95
C ASN A 65 -39.70 -19.77 7.62
N VAL A 66 -38.94 -20.72 7.08
CA VAL A 66 -37.54 -20.47 6.74
C VAL A 66 -37.38 -19.70 5.43
N VAL A 67 -36.88 -18.47 5.58
CA VAL A 67 -36.62 -17.54 4.50
C VAL A 67 -35.15 -17.64 4.07
N LYS A 68 -34.89 -17.61 2.76
CA LYS A 68 -33.52 -17.67 2.28
C LYS A 68 -33.28 -16.33 1.60
N ILE A 69 -32.17 -15.68 1.92
CA ILE A 69 -31.88 -14.38 1.35
C ILE A 69 -30.79 -14.36 0.29
N PRO A 70 -31.16 -13.93 -0.92
CA PRO A 70 -30.25 -13.82 -2.06
C PRO A 70 -29.28 -12.66 -1.85
N GLU A 71 -28.03 -12.88 -2.21
CA GLU A 71 -27.00 -11.86 -2.03
C GLU A 71 -27.38 -10.48 -2.54
N TYR A 72 -28.00 -10.40 -3.71
CA TYR A 72 -28.36 -9.08 -4.24
C TYR A 72 -29.30 -8.30 -3.31
N LEU A 73 -30.01 -8.98 -2.44
CA LEU A 73 -30.89 -8.29 -1.52
C LEU A 73 -29.99 -7.75 -0.39
N VAL A 74 -29.05 -8.58 0.05
CA VAL A 74 -28.12 -8.16 1.10
C VAL A 74 -27.46 -6.91 0.58
N ARG A 75 -27.22 -6.88 -0.73
CA ARG A 75 -26.58 -5.74 -1.37
C ARG A 75 -27.50 -4.52 -1.45
N LYS A 76 -28.69 -4.71 -2.02
CA LYS A 76 -29.64 -3.61 -2.17
C LYS A 76 -29.83 -2.86 -0.87
N ALA A 77 -30.14 -3.60 0.19
CA ALA A 77 -30.36 -3.02 1.51
C ALA A 77 -29.16 -2.24 2.02
N LEU A 78 -27.99 -2.86 1.99
CA LEU A 78 -26.77 -2.21 2.45
C LEU A 78 -26.51 -0.90 1.73
N GLN A 79 -27.14 -0.76 0.56
CA GLN A 79 -27.02 0.45 -0.26
C GLN A 79 -28.17 1.42 0.04
N LEU A 80 -29.23 0.91 0.64
CA LEU A 80 -30.38 1.71 0.99
C LEU A 80 -30.28 2.32 2.39
N ALA A 81 -29.57 1.63 3.27
CA ALA A 81 -29.41 2.09 4.65
C ALA A 81 -28.55 3.34 4.67
N PRO A 82 -28.99 4.38 5.40
CA PRO A 82 -28.25 5.64 5.49
C PRO A 82 -26.88 5.35 6.11
N SER A 83 -25.86 6.08 5.66
CA SER A 83 -24.53 5.87 6.18
C SER A 83 -24.43 6.57 7.52
N ARG A 84 -25.33 7.51 7.74
CA ARG A 84 -25.32 8.26 8.97
C ARG A 84 -26.68 8.82 9.34
N PHE A 85 -26.90 8.96 10.64
CA PHE A 85 -28.12 9.52 11.18
C PHE A 85 -27.77 10.08 12.55
N VAL A 86 -28.57 11.00 13.06
CA VAL A 86 -28.25 11.58 14.36
C VAL A 86 -29.32 11.37 15.44
N LEU A 87 -28.86 11.04 16.64
CA LEU A 87 -29.76 10.85 17.78
C LEU A 87 -29.99 12.21 18.44
N TRP A 88 -31.23 12.49 18.83
CA TRP A 88 -31.56 13.75 19.47
C TRP A 88 -31.90 13.59 20.93
N GLY A 89 -31.37 14.49 21.75
CA GLY A 89 -31.66 14.47 23.17
C GLY A 89 -32.71 15.57 23.29
N ARG A 90 -33.30 15.76 24.46
CA ARG A 90 -34.28 16.83 24.56
C ARG A 90 -33.47 18.11 24.50
N ASP A 91 -32.21 18.00 24.92
CA ASP A 91 -31.27 19.10 24.89
C ASP A 91 -30.37 18.94 23.68
N LYS A 92 -30.62 19.75 22.66
CA LYS A 92 -29.84 19.72 21.43
C LYS A 92 -28.33 19.65 21.70
N LYS A 93 -27.94 19.89 22.96
CA LYS A 93 -26.53 19.86 23.34
C LYS A 93 -26.08 18.46 23.75
N PHE A 94 -26.86 17.46 23.40
CA PHE A 94 -26.52 16.06 23.71
C PHE A 94 -26.57 15.22 22.47
N ASN A 95 -27.12 15.79 21.40
CA ASN A 95 -27.25 15.09 20.14
C ASN A 95 -26.01 14.26 19.79
N THR A 96 -26.23 13.01 19.40
CA THR A 96 -25.11 12.16 19.05
C THR A 96 -25.19 11.61 17.63
N VAL A 97 -24.10 11.79 16.91
CA VAL A 97 -23.99 11.36 15.53
C VAL A 97 -23.55 9.91 15.45
N GLN A 98 -24.32 9.12 14.71
CA GLN A 98 -24.00 7.71 14.50
C GLN A 98 -23.78 7.59 13.02
N GLU A 99 -22.52 7.47 12.63
CA GLU A 99 -22.19 7.39 11.22
C GLU A 99 -20.98 6.52 10.96
N CYS A 100 -21.12 5.66 9.97
CA CYS A 100 -20.08 4.74 9.56
C CYS A 100 -18.70 5.36 9.78
N GLY A 101 -17.81 4.60 10.42
CA GLY A 101 -16.49 5.11 10.68
C GLY A 101 -16.02 4.79 12.08
N GLY A 102 -15.02 5.54 12.54
CA GLY A 102 -14.46 5.31 13.86
C GLY A 102 -14.78 6.38 14.89
N LYS A 103 -15.87 7.12 14.69
CA LYS A 103 -16.25 8.14 15.65
C LYS A 103 -16.88 7.37 16.80
N VAL A 104 -16.06 7.08 17.81
CA VAL A 104 -16.48 6.31 18.98
C VAL A 104 -17.36 7.06 19.97
N HIS A 105 -18.40 6.38 20.47
CA HIS A 105 -19.32 6.94 21.45
C HIS A 105 -19.61 5.90 22.51
N TRP A 106 -20.09 6.38 23.66
CA TRP A 106 -20.40 5.49 24.77
C TRP A 106 -21.84 5.65 25.27
N THR A 107 -22.35 4.59 25.88
CA THR A 107 -23.69 4.60 26.45
C THR A 107 -23.65 3.60 27.61
N CYS A 108 -24.59 3.73 28.55
CA CYS A 108 -24.64 2.83 29.68
C CYS A 108 -25.09 1.46 29.22
N PHE A 109 -25.04 0.51 30.14
CA PHE A 109 -25.45 -0.86 29.85
C PHE A 109 -26.96 -0.99 29.86
N GLY A 110 -27.46 -1.94 29.07
CA GLY A 110 -28.88 -2.17 29.01
C GLY A 110 -29.13 -3.61 28.61
N THR A 111 -29.88 -4.35 29.42
CA THR A 111 -30.46 -3.83 30.67
C THR A 111 -30.60 -4.94 31.70
N GLY A 112 -29.94 -4.75 32.83
CA GLY A 112 -29.95 -5.74 33.89
C GLY A 112 -31.26 -5.87 34.65
N VAL A 113 -31.36 -6.93 35.44
CA VAL A 113 -32.55 -7.21 36.24
C VAL A 113 -32.30 -6.87 37.69
N LYS A 114 -31.04 -6.69 38.05
CA LYS A 114 -30.70 -6.37 39.43
C LYS A 114 -29.86 -5.10 39.54
N VAL A 115 -29.82 -4.53 40.74
CA VAL A 115 -29.06 -3.31 41.00
C VAL A 115 -28.15 -3.53 42.20
N CYS A 116 -26.86 -3.31 41.98
CA CYS A 116 -25.85 -3.48 43.01
C CYS A 116 -25.58 -2.19 43.79
N LYS A 117 -26.27 -2.02 44.91
CA LYS A 117 -26.13 -0.85 45.76
C LYS A 117 -25.44 -1.18 47.09
N TYR A 118 -25.23 -0.15 47.91
CA TYR A 118 -24.57 -0.29 49.20
C TYR A 118 -25.59 -0.19 50.32
N GLN A 119 -25.58 -1.16 51.22
CA GLN A 119 -26.52 -1.17 52.34
C GLN A 119 -25.79 -1.02 53.67
N ASP A 120 -25.71 -2.11 54.44
CA ASP A 120 -25.05 -2.08 55.74
C ASP A 120 -23.53 -2.22 55.64
N GLY A 121 -22.87 -1.22 55.03
CA GLY A 121 -21.43 -1.26 54.90
C GLY A 121 -20.91 -1.98 53.67
N LYS A 122 -21.57 -3.06 53.29
CA LYS A 122 -21.18 -3.85 52.13
C LYS A 122 -22.06 -3.53 50.93
N TYR A 123 -21.82 -4.25 49.83
CA TYR A 123 -22.60 -4.06 48.61
C TYR A 123 -23.67 -5.13 48.55
N VAL A 124 -24.88 -4.72 48.20
CA VAL A 124 -26.01 -5.64 48.12
C VAL A 124 -26.65 -5.66 46.74
N THR A 125 -26.79 -6.84 46.17
CA THR A 125 -27.41 -6.97 44.86
C THR A 125 -28.87 -7.36 45.01
N VAL A 126 -29.76 -6.39 44.83
CA VAL A 126 -31.21 -6.61 44.94
C VAL A 126 -31.85 -6.34 43.59
N ASP A 127 -33.09 -6.78 43.41
CA ASP A 127 -33.79 -6.59 42.14
C ASP A 127 -34.15 -5.13 41.85
N SER A 128 -34.07 -4.79 40.57
CA SER A 128 -34.35 -3.43 40.13
C SER A 128 -35.83 -3.08 40.16
N VAL A 129 -36.09 -1.77 40.18
CA VAL A 129 -37.44 -1.26 40.20
C VAL A 129 -37.46 0.03 39.41
N GLU A 130 -38.60 0.35 38.80
CA GLU A 130 -38.72 1.57 38.01
C GLU A 130 -38.02 2.77 38.64
N LYS A 131 -38.02 2.82 39.98
CA LYS A 131 -37.37 3.94 40.66
C LYS A 131 -35.89 3.94 40.28
N ASP A 132 -35.26 2.76 40.36
CA ASP A 132 -33.84 2.61 40.01
C ASP A 132 -33.56 3.19 38.62
N ILE A 133 -34.39 2.82 37.65
CA ILE A 133 -34.26 3.33 36.30
C ILE A 133 -34.15 4.85 36.38
N ALA A 134 -35.01 5.45 37.18
CA ALA A 134 -35.01 6.89 37.37
C ALA A 134 -33.66 7.39 37.89
N ASP A 135 -33.11 6.70 38.88
CA ASP A 135 -31.83 7.10 39.47
C ASP A 135 -30.68 6.97 38.47
N ILE A 136 -30.66 5.87 37.72
CA ILE A 136 -29.60 5.67 36.75
C ILE A 136 -29.66 6.79 35.72
N ALA A 137 -30.88 7.08 35.25
CA ALA A 137 -31.10 8.12 34.26
C ALA A 137 -30.48 9.45 34.67
N LYS A 138 -30.76 9.88 35.90
CA LYS A 138 -30.23 11.13 36.44
C LYS A 138 -28.71 11.09 36.49
N LEU A 139 -28.17 9.97 36.97
CA LEU A 139 -26.74 9.76 37.11
C LEU A 139 -26.04 9.95 35.78
N CYS A 140 -26.57 9.29 34.75
CA CYS A 140 -26.01 9.37 33.41
C CYS A 140 -26.19 10.74 32.77
N ASP A 141 -27.21 11.49 33.18
CA ASP A 141 -27.43 12.81 32.61
C ASP A 141 -26.30 13.76 32.98
N TRP A 142 -25.50 13.33 33.95
CA TRP A 142 -24.38 14.10 34.46
C TRP A 142 -23.09 13.67 33.78
N ALA A 143 -22.84 12.36 33.77
CA ALA A 143 -21.65 11.80 33.14
C ALA A 143 -21.44 12.40 31.75
N GLU A 144 -20.27 12.97 31.53
CA GLU A 144 -19.98 13.56 30.23
C GLU A 144 -19.88 12.48 29.18
N ASN A 145 -18.90 11.60 29.33
CA ASN A 145 -18.64 10.51 28.38
C ASN A 145 -19.82 9.66 27.92
N ILE A 146 -20.94 9.74 28.64
CA ILE A 146 -22.14 8.99 28.25
C ILE A 146 -22.92 9.85 27.23
N ASP A 147 -22.64 9.63 25.95
CA ASP A 147 -23.29 10.38 24.88
C ASP A 147 -24.80 10.36 25.05
N TYR A 148 -25.37 9.15 25.18
CA TYR A 148 -26.79 8.99 25.38
C TYR A 148 -27.12 7.88 26.38
N PHE A 149 -28.38 7.83 26.78
CA PHE A 149 -28.87 6.88 27.77
C PHE A 149 -29.59 5.72 27.10
N SER A 150 -29.43 4.52 27.67
CA SER A 150 -30.06 3.32 27.17
C SER A 150 -30.70 2.64 28.39
N LEU A 151 -31.92 2.15 28.25
CA LEU A 151 -32.63 1.49 29.35
C LEU A 151 -31.68 0.58 30.14
N PRO A 152 -31.19 1.05 31.30
CA PRO A 152 -30.26 0.36 32.20
C PRO A 152 -30.79 -0.87 32.93
N VAL A 153 -31.96 -0.72 33.54
CA VAL A 153 -32.56 -1.83 34.27
C VAL A 153 -34.05 -1.93 33.99
N SER A 154 -34.70 -2.96 34.51
CA SER A 154 -36.12 -3.15 34.30
C SER A 154 -37.02 -2.77 35.46
N ALA A 155 -38.20 -2.24 35.13
CA ALA A 155 -39.19 -1.84 36.12
C ALA A 155 -39.95 -3.08 36.57
N ARG A 156 -39.22 -4.01 37.16
CA ARG A 156 -39.78 -5.28 37.62
C ARG A 156 -40.98 -5.15 38.57
N ASP A 157 -41.24 -3.95 39.05
CA ASP A 157 -42.37 -3.73 39.97
C ASP A 157 -43.65 -3.40 39.20
N ILE A 158 -43.49 -2.99 37.95
CA ILE A 158 -44.63 -2.66 37.09
C ILE A 158 -45.11 -3.94 36.43
N ALA A 159 -44.36 -5.01 36.62
CA ALA A 159 -44.71 -6.29 36.05
C ALA A 159 -46.07 -6.75 36.55
N GLY A 160 -47.00 -6.95 35.62
CA GLY A 160 -48.33 -7.37 36.01
C GLY A 160 -49.27 -6.20 36.25
N GLN A 161 -48.75 -5.11 36.81
CA GLN A 161 -49.57 -3.94 37.07
C GLN A 161 -49.95 -3.20 35.81
N GLY A 162 -49.13 -3.32 34.77
CA GLY A 162 -49.39 -2.65 33.51
C GLY A 162 -48.30 -2.93 32.50
N ALA A 163 -48.24 -2.13 31.43
CA ALA A 163 -47.22 -2.33 30.39
C ALA A 163 -45.91 -1.70 30.82
N GLN A 164 -45.03 -2.54 31.35
CA GLN A 164 -43.72 -2.12 31.83
C GLN A 164 -42.85 -1.46 30.77
N ASP A 165 -42.88 -1.97 29.54
CA ASP A 165 -42.07 -1.40 28.47
C ASP A 165 -42.43 0.06 28.18
N VAL A 166 -43.71 0.40 28.33
CA VAL A 166 -44.16 1.77 28.09
C VAL A 166 -43.74 2.65 29.26
N HIS A 167 -43.68 2.07 30.45
CA HIS A 167 -43.23 2.81 31.63
C HIS A 167 -41.74 3.03 31.38
N GLU A 168 -41.10 1.98 30.88
CA GLU A 168 -39.68 1.99 30.58
C GLU A 168 -39.30 2.97 29.49
N THR A 169 -40.30 3.67 28.98
CA THR A 169 -40.09 4.67 27.96
C THR A 169 -40.18 6.05 28.62
N LEU A 170 -41.31 6.32 29.28
CA LEU A 170 -41.52 7.62 29.93
C LEU A 170 -40.56 7.94 31.07
N THR A 171 -40.24 6.95 31.90
CA THR A 171 -39.31 7.21 33.01
C THR A 171 -38.00 7.75 32.46
N PRO A 172 -37.31 6.95 31.62
CA PRO A 172 -36.04 7.46 31.08
C PRO A 172 -36.17 8.83 30.43
N LEU A 173 -37.09 8.98 29.47
CA LEU A 173 -37.27 10.27 28.81
C LEU A 173 -37.51 11.39 29.81
N ALA A 174 -37.92 11.02 31.02
CA ALA A 174 -38.21 12.01 32.04
C ALA A 174 -37.08 12.35 33.01
N ASN A 175 -36.26 11.37 33.39
CA ASN A 175 -35.18 11.63 34.33
C ASN A 175 -33.88 12.10 33.69
N THR A 176 -33.83 12.10 32.36
CA THR A 176 -32.63 12.53 31.65
C THR A 176 -33.01 13.12 30.30
N ALA A 177 -32.36 14.21 29.93
CA ALA A 177 -32.63 14.89 28.67
C ALA A 177 -31.72 14.46 27.54
N LYS A 178 -31.03 13.33 27.72
CA LYS A 178 -30.15 12.82 26.68
C LYS A 178 -31.01 11.92 25.79
N HIS A 179 -30.40 11.24 24.82
CA HIS A 179 -31.18 10.37 23.94
C HIS A 179 -31.51 9.04 24.60
N PHE A 180 -32.69 8.52 24.30
CA PHE A 180 -33.10 7.25 24.91
C PHE A 180 -33.14 6.09 23.93
N HIS A 181 -32.32 5.10 24.21
CA HIS A 181 -32.26 3.91 23.40
C HIS A 181 -32.93 2.82 24.22
N HIS A 182 -34.05 2.33 23.72
CA HIS A 182 -34.78 1.28 24.42
C HIS A 182 -34.25 -0.11 24.08
N ILE A 183 -33.80 -0.82 25.11
CA ILE A 183 -33.26 -2.16 24.96
C ILE A 183 -34.35 -3.23 25.00
N ASP A 184 -35.48 -2.92 25.64
CA ASP A 184 -36.59 -3.88 25.77
C ASP A 184 -37.90 -3.50 25.11
N PRO A 185 -37.86 -2.95 23.88
CA PRO A 185 -39.14 -2.59 23.26
C PRO A 185 -40.02 -3.82 23.03
N VAL A 186 -41.32 -3.61 22.86
CA VAL A 186 -42.25 -4.71 22.60
C VAL A 186 -42.96 -4.45 21.30
N GLY A 187 -42.67 -5.29 20.31
CA GLY A 187 -43.26 -5.16 18.99
C GLY A 187 -44.66 -4.63 18.84
N GLU A 188 -45.59 -5.14 19.64
CA GLU A 188 -46.97 -4.69 19.55
C GLU A 188 -47.16 -3.26 20.07
N ASN A 189 -46.33 -2.86 21.03
CA ASN A 189 -46.44 -1.53 21.62
C ASN A 189 -45.65 -0.42 20.96
N VAL A 190 -44.89 -0.76 19.93
CA VAL A 190 -44.06 0.22 19.22
C VAL A 190 -44.80 1.55 18.98
N GLU A 191 -46.13 1.48 18.82
CA GLU A 191 -46.91 2.68 18.59
C GLU A 191 -46.97 3.56 19.83
N TYR A 192 -47.02 2.93 21.00
CA TYR A 192 -47.06 3.66 22.26
C TYR A 192 -45.86 4.57 22.41
N TYR A 193 -44.72 4.12 21.91
CA TYR A 193 -43.49 4.91 21.99
C TYR A 193 -43.64 6.06 21.00
N ARG A 194 -44.00 5.72 19.77
CA ARG A 194 -44.19 6.73 18.73
C ARG A 194 -44.98 7.94 19.20
N ASP A 195 -46.01 7.69 19.99
CA ASP A 195 -46.89 8.74 20.51
C ASP A 195 -46.33 9.52 21.67
N ILE A 196 -45.67 8.84 22.60
CA ILE A 196 -45.07 9.54 23.72
C ILE A 196 -44.13 10.57 23.13
N VAL A 197 -43.40 10.17 22.10
CA VAL A 197 -42.47 11.08 21.45
C VAL A 197 -43.26 12.16 20.71
N LYS A 198 -44.16 11.75 19.82
CA LYS A 198 -45.01 12.69 19.07
C LYS A 198 -45.70 13.64 20.05
N ALA A 199 -46.13 13.08 21.18
CA ALA A 199 -46.79 13.86 22.22
C ALA A 199 -45.80 14.94 22.64
N TYR A 200 -44.60 14.51 22.99
CA TYR A 200 -43.54 15.42 23.42
C TYR A 200 -43.37 16.59 22.47
N TYR A 201 -43.38 16.31 21.17
CA TYR A 201 -43.21 17.35 20.17
C TYR A 201 -44.49 18.14 19.90
N GLY A 202 -45.45 18.07 20.82
CA GLY A 202 -46.69 18.79 20.63
C GLY A 202 -47.55 18.21 19.53
N GLY A 203 -47.47 16.90 19.33
CA GLY A 203 -48.26 16.26 18.31
C GLY A 203 -47.62 16.27 16.94
N ASP A 204 -46.73 17.22 16.69
CA ASP A 204 -46.04 17.30 15.40
C ASP A 204 -45.20 16.06 15.21
N GLU A 205 -45.59 15.23 14.24
CA GLU A 205 -44.85 13.99 13.96
C GLU A 205 -43.66 14.28 13.06
N GLU A 206 -43.72 15.37 12.30
CA GLU A 206 -42.62 15.74 11.42
C GLU A 206 -41.40 15.90 12.34
N GLU A 207 -41.58 16.69 13.38
CA GLU A 207 -40.55 16.97 14.37
C GLU A 207 -40.09 15.71 15.11
N ALA A 208 -40.98 14.73 15.23
CA ALA A 208 -40.63 13.50 15.91
C ALA A 208 -39.75 12.66 15.00
N ARG A 209 -40.02 12.72 13.69
CA ARG A 209 -39.27 11.97 12.69
C ARG A 209 -37.94 12.64 12.35
N LYS A 210 -37.96 13.97 12.36
CA LYS A 210 -36.78 14.79 12.04
C LYS A 210 -35.80 14.88 13.21
N LYS A 211 -36.29 14.64 14.42
CA LYS A 211 -35.42 14.74 15.59
C LYS A 211 -35.70 13.63 16.59
N PRO A 212 -35.41 12.38 16.22
CA PRO A 212 -35.63 11.24 17.10
C PRO A 212 -35.06 11.37 18.51
N ILE A 213 -35.96 11.40 19.50
CA ILE A 213 -35.57 11.49 20.90
C ILE A 213 -35.61 10.08 21.48
N PHE A 214 -36.06 9.14 20.63
CA PHE A 214 -36.19 7.75 21.00
C PHE A 214 -35.65 6.86 19.89
N SER A 215 -35.03 5.77 20.29
CA SER A 215 -34.46 4.79 19.37
C SER A 215 -34.61 3.46 20.08
N MET A 216 -34.57 2.36 19.35
CA MET A 216 -34.72 1.07 20.01
C MET A 216 -33.89 -0.02 19.37
N LEU A 217 -33.65 -1.08 20.13
CA LEU A 217 -32.85 -2.21 19.70
C LEU A 217 -33.58 -3.55 19.80
N LEU A 218 -33.53 -4.33 18.72
CA LEU A 218 -34.17 -5.64 18.71
C LEU A 218 -33.07 -6.67 18.83
N CYS A 219 -33.37 -7.92 18.50
CA CYS A 219 -32.36 -8.96 18.62
C CYS A 219 -32.62 -10.22 17.81
N PRO A 220 -31.72 -10.52 16.86
CA PRO A 220 -31.94 -11.74 16.08
C PRO A 220 -31.76 -12.87 17.10
N THR A 221 -32.54 -13.93 16.97
CA THR A 221 -32.44 -15.04 17.91
C THR A 221 -31.44 -16.08 17.44
N SER A 222 -30.25 -16.07 18.03
CA SER A 222 -29.18 -17.00 17.67
C SER A 222 -29.59 -18.42 18.03
N PRO A 223 -29.36 -19.38 17.12
CA PRO A 223 -28.75 -19.18 15.79
C PRO A 223 -29.69 -19.16 14.56
N LEU A 224 -29.70 -18.04 13.85
CA LEU A 224 -30.49 -17.89 12.63
C LEU A 224 -32.02 -17.88 12.78
N GLU A 225 -32.53 -16.91 13.53
CA GLU A 225 -33.96 -16.78 13.77
C GLU A 225 -34.40 -15.33 14.01
N LEU A 226 -35.47 -14.90 13.36
CA LEU A 226 -35.99 -13.56 13.57
C LEU A 226 -37.32 -13.65 14.33
N SER A 227 -37.25 -13.53 15.65
CA SER A 227 -38.44 -13.61 16.49
C SER A 227 -39.45 -12.58 16.04
N VAL A 228 -40.73 -12.90 16.17
CA VAL A 228 -41.79 -11.98 15.78
C VAL A 228 -41.57 -10.65 16.50
N ASN A 229 -41.24 -10.73 17.78
CA ASN A 229 -41.00 -9.52 18.55
C ASN A 229 -39.99 -8.65 17.80
N ALA A 230 -38.89 -9.28 17.37
CA ALA A 230 -37.85 -8.56 16.64
C ALA A 230 -38.36 -8.08 15.28
N CYS A 231 -39.20 -8.88 14.63
CA CYS A 231 -39.73 -8.50 13.33
C CYS A 231 -40.59 -7.25 13.40
N GLN A 232 -41.43 -7.16 14.41
CA GLN A 232 -42.30 -6.02 14.57
C GLN A 232 -41.54 -4.76 14.91
N VAL A 233 -40.53 -4.91 15.75
CA VAL A 233 -39.71 -3.76 16.13
C VAL A 233 -39.10 -3.15 14.88
N ILE A 234 -38.56 -3.99 13.99
CA ILE A 234 -37.99 -3.51 12.75
C ILE A 234 -39.10 -2.86 11.95
N ILE A 235 -39.94 -3.70 11.36
CA ILE A 235 -41.06 -3.23 10.54
C ILE A 235 -41.74 -1.97 11.05
N LYS A 236 -41.99 -1.91 12.35
CA LYS A 236 -42.64 -0.74 12.92
C LYS A 236 -41.66 0.41 13.12
N GLY A 237 -40.42 0.08 13.45
CA GLY A 237 -39.43 1.11 13.65
C GLY A 237 -39.21 1.79 12.31
N ALA A 238 -38.94 0.97 11.30
CA ALA A 238 -38.69 1.45 9.93
C ALA A 238 -39.82 2.33 9.43
N ARG A 239 -41.04 1.89 9.68
CA ARG A 239 -42.20 2.64 9.25
C ARG A 239 -42.39 3.94 10.00
N PHE A 240 -42.51 3.88 11.32
CA PHE A 240 -42.68 5.10 12.09
C PHE A 240 -41.59 6.10 11.81
N GLY A 241 -40.33 5.67 11.97
CA GLY A 241 -39.20 6.54 11.74
C GLY A 241 -38.31 6.58 12.98
N ILE A 242 -38.07 5.40 13.54
CA ILE A 242 -37.25 5.24 14.73
C ILE A 242 -35.95 4.48 14.40
N PRO A 243 -34.81 4.95 14.93
CA PRO A 243 -33.56 4.26 14.66
C PRO A 243 -33.64 2.87 15.25
N VAL A 244 -33.43 1.86 14.41
CA VAL A 244 -33.49 0.49 14.86
C VAL A 244 -32.09 -0.13 14.93
N ASN A 245 -31.82 -0.78 16.06
CA ASN A 245 -30.53 -1.43 16.29
C ASN A 245 -30.66 -2.96 16.18
N VAL A 246 -30.21 -3.51 15.06
CA VAL A 246 -30.26 -4.96 14.88
C VAL A 246 -28.96 -5.47 15.53
N LEU A 247 -29.06 -5.85 16.80
CA LEU A 247 -27.92 -6.34 17.55
C LEU A 247 -28.01 -7.83 17.84
N SER A 248 -26.97 -8.58 17.52
CA SER A 248 -26.98 -10.03 17.75
C SER A 248 -26.48 -10.38 19.14
N MET A 249 -26.78 -11.60 19.58
CA MET A 249 -26.34 -12.05 20.90
C MET A 249 -25.98 -13.52 20.89
N ALA A 250 -25.20 -13.91 19.89
CA ALA A 250 -24.76 -15.27 19.77
C ALA A 250 -23.79 -15.59 20.90
N MET A 251 -23.35 -16.85 20.93
CA MET A 251 -22.40 -17.35 21.92
C MET A 251 -21.54 -18.43 21.29
N SER A 252 -20.25 -18.16 21.16
CA SER A 252 -19.36 -19.14 20.58
C SER A 252 -19.46 -20.42 21.41
N GLY A 253 -19.45 -21.57 20.76
CA GLY A 253 -19.55 -22.84 21.46
C GLY A 253 -20.98 -23.13 21.90
N GLY A 254 -21.90 -22.23 21.55
CA GLY A 254 -23.30 -22.39 21.93
C GLY A 254 -24.24 -22.25 20.75
N SER A 255 -24.42 -21.04 20.23
CA SER A 255 -25.30 -20.82 19.07
C SER A 255 -24.47 -20.43 17.83
N SER A 256 -23.17 -20.65 17.93
CA SER A 256 -22.22 -20.37 16.86
C SER A 256 -20.98 -21.20 17.19
N PRO A 257 -20.09 -21.42 16.20
CA PRO A 257 -18.88 -22.21 16.44
C PRO A 257 -18.05 -21.73 17.63
N VAL A 258 -17.09 -22.54 18.05
CA VAL A 258 -16.22 -22.16 19.15
C VAL A 258 -15.28 -21.07 18.62
N TYR A 259 -14.83 -21.24 17.37
CA TYR A 259 -13.94 -20.27 16.74
C TYR A 259 -14.62 -18.91 16.73
N LEU A 260 -13.87 -17.85 16.48
CA LEU A 260 -14.47 -16.52 16.45
C LEU A 260 -14.84 -16.13 15.02
N ALA A 261 -13.97 -16.47 14.06
CA ALA A 261 -14.24 -16.16 12.68
C ALA A 261 -15.64 -16.70 12.39
N GLY A 262 -15.88 -17.92 12.85
CA GLY A 262 -17.17 -18.56 12.64
C GLY A 262 -18.33 -17.87 13.34
N THR A 263 -18.10 -17.47 14.58
CA THR A 263 -19.15 -16.79 15.30
C THR A 263 -19.52 -15.50 14.58
N LEU A 264 -18.52 -14.83 13.99
CA LEU A 264 -18.79 -13.60 13.25
C LEU A 264 -19.72 -13.88 12.09
N VAL A 265 -19.54 -15.04 11.44
CA VAL A 265 -20.40 -15.39 10.32
C VAL A 265 -21.84 -15.55 10.77
N THR A 266 -22.05 -16.33 11.82
CA THR A 266 -23.39 -16.54 12.37
C THR A 266 -24.00 -15.18 12.69
N HIS A 267 -23.25 -14.35 13.42
CA HIS A 267 -23.71 -13.01 13.76
C HIS A 267 -24.07 -12.22 12.48
N ASN A 268 -23.09 -12.10 11.58
CA ASN A 268 -23.27 -11.36 10.35
C ASN A 268 -24.55 -11.80 9.63
N ALA A 269 -24.74 -13.11 9.54
CA ALA A 269 -25.94 -13.63 8.89
C ALA A 269 -27.18 -13.11 9.62
N GLU A 270 -27.22 -13.26 10.94
CA GLU A 270 -28.38 -12.82 11.71
C GLU A 270 -28.68 -11.33 11.61
N VAL A 271 -27.65 -10.52 11.81
CA VAL A 271 -27.81 -9.07 11.77
C VAL A 271 -28.25 -8.53 10.42
N LEU A 272 -27.61 -8.99 9.35
CA LEU A 272 -27.96 -8.52 8.01
C LEU A 272 -29.43 -8.82 7.68
N SER A 273 -29.90 -10.01 8.02
CA SER A 273 -31.28 -10.37 7.73
C SER A 273 -32.21 -9.31 8.28
N GLY A 274 -31.81 -8.69 9.39
CA GLY A 274 -32.63 -7.65 9.99
C GLY A 274 -32.65 -6.43 9.09
N ILE A 275 -31.46 -6.01 8.68
CA ILE A 275 -31.32 -4.83 7.83
C ILE A 275 -32.06 -5.04 6.51
N VAL A 276 -31.92 -6.23 5.93
CA VAL A 276 -32.62 -6.52 4.69
C VAL A 276 -34.09 -6.17 4.95
N LEU A 277 -34.63 -6.68 6.05
CA LEU A 277 -36.03 -6.41 6.39
C LEU A 277 -36.22 -4.90 6.52
N ALA A 278 -35.45 -4.28 7.40
CA ALA A 278 -35.57 -2.84 7.60
C ALA A 278 -35.68 -2.06 6.29
N GLN A 279 -34.72 -2.24 5.38
CA GLN A 279 -34.74 -1.50 4.12
C GLN A 279 -35.88 -1.92 3.19
N LEU A 280 -36.16 -3.22 3.11
CA LEU A 280 -37.24 -3.70 2.26
C LEU A 280 -38.60 -3.17 2.74
N THR A 281 -38.70 -2.90 4.03
CA THR A 281 -39.94 -2.38 4.62
C THR A 281 -40.08 -0.91 4.26
N VAL A 282 -39.04 -0.13 4.55
CA VAL A 282 -39.03 1.28 4.22
C VAL A 282 -37.61 1.56 3.76
N PRO A 283 -37.44 1.88 2.48
CA PRO A 283 -36.08 2.15 1.98
C PRO A 283 -35.47 3.38 2.64
N GLY A 284 -34.29 3.22 3.22
CA GLY A 284 -33.60 4.33 3.87
C GLY A 284 -33.82 4.39 5.36
N ALA A 285 -34.38 3.33 5.92
CA ALA A 285 -34.64 3.26 7.35
C ALA A 285 -33.32 3.34 8.09
N LYS A 286 -33.30 4.05 9.22
CA LYS A 286 -32.07 4.19 9.99
C LYS A 286 -31.77 2.88 10.69
N VAL A 287 -30.57 2.36 10.50
CA VAL A 287 -30.19 1.10 11.13
C VAL A 287 -28.82 1.10 11.78
N TRP A 288 -28.64 0.12 12.67
CA TRP A 288 -27.40 -0.04 13.40
C TRP A 288 -26.89 -1.47 13.24
N TYR A 289 -25.62 -1.62 12.86
CA TYR A 289 -25.01 -2.93 12.73
C TYR A 289 -24.57 -3.18 14.17
N GLY A 290 -25.28 -4.04 14.88
CA GLY A 290 -24.92 -4.26 16.27
C GLY A 290 -24.64 -5.68 16.70
N SER A 291 -23.90 -5.80 17.79
CA SER A 291 -23.58 -7.10 18.32
C SER A 291 -23.19 -6.99 19.79
N SER A 292 -23.27 -8.12 20.46
CA SER A 292 -22.92 -8.25 21.87
C SER A 292 -22.69 -9.74 22.03
N THR A 293 -22.40 -10.36 20.89
CA THR A 293 -22.10 -11.77 20.83
C THR A 293 -20.82 -11.92 21.64
N THR A 294 -20.67 -13.06 22.29
CA THR A 294 -19.48 -13.30 23.08
C THR A 294 -19.25 -14.81 23.08
N THR A 295 -18.12 -15.26 23.59
CA THR A 295 -17.84 -16.68 23.62
C THR A 295 -18.45 -17.28 24.87
N PHE A 296 -18.81 -18.56 24.79
CA PHE A 296 -19.35 -19.25 25.93
C PHE A 296 -18.15 -19.89 26.62
N ASP A 297 -18.22 -20.02 27.94
CA ASP A 297 -17.12 -20.63 28.67
C ASP A 297 -17.57 -22.07 28.90
N LEU A 298 -17.29 -22.92 27.92
CA LEU A 298 -17.65 -24.32 27.99
C LEU A 298 -17.30 -24.91 29.36
N LYS A 299 -16.28 -24.33 29.99
CA LYS A 299 -15.84 -24.81 31.30
C LYS A 299 -16.69 -24.35 32.48
N LYS A 300 -16.92 -23.05 32.59
CA LYS A 300 -17.72 -22.50 33.70
C LYS A 300 -19.24 -22.59 33.53
N GLY A 301 -19.70 -22.93 32.33
CA GLY A 301 -21.13 -23.02 32.10
C GLY A 301 -21.83 -21.68 31.98
N THR A 302 -21.04 -20.60 31.97
CA THR A 302 -21.57 -19.26 31.84
C THR A 302 -20.89 -18.58 30.65
N ALA A 303 -21.56 -17.61 30.04
CA ALA A 303 -20.99 -16.90 28.89
C ALA A 303 -20.38 -15.58 29.37
N PRO A 304 -19.08 -15.61 29.69
CA PRO A 304 -18.38 -14.41 30.17
C PRO A 304 -18.48 -13.26 29.20
N VAL A 305 -18.73 -12.08 29.73
CA VAL A 305 -18.85 -10.89 28.92
C VAL A 305 -17.77 -9.88 29.33
N GLY A 306 -16.71 -10.39 29.95
CA GLY A 306 -15.58 -9.56 30.38
C GLY A 306 -14.29 -10.14 29.83
N SER A 307 -14.45 -11.24 29.11
CA SER A 307 -13.36 -11.97 28.50
C SER A 307 -12.83 -11.22 27.28
N PRO A 308 -11.56 -11.47 26.94
CA PRO A 308 -10.96 -10.79 25.77
C PRO A 308 -11.80 -11.06 24.53
N GLU A 309 -12.37 -12.26 24.45
CA GLU A 309 -13.20 -12.63 23.31
C GLU A 309 -14.35 -11.65 23.10
N LEU A 310 -14.93 -11.15 24.17
CA LEU A 310 -16.01 -10.19 23.99
C LEU A 310 -15.42 -9.00 23.25
N GLY A 311 -14.36 -8.44 23.83
CA GLY A 311 -13.70 -7.30 23.25
C GLY A 311 -13.29 -7.55 21.81
N LEU A 312 -12.66 -8.70 21.57
CA LEU A 312 -12.23 -9.03 20.22
C LEU A 312 -13.39 -8.98 19.25
N ILE A 313 -14.50 -9.57 19.66
CA ILE A 313 -15.70 -9.63 18.83
C ILE A 313 -16.31 -8.29 18.49
N SER A 314 -16.44 -7.42 19.48
CA SER A 314 -17.02 -6.11 19.21
C SER A 314 -16.11 -5.39 18.24
N ALA A 315 -14.80 -5.46 18.48
CA ALA A 315 -13.83 -4.81 17.60
C ALA A 315 -14.02 -5.27 16.16
N ALA A 316 -14.23 -6.58 15.99
CA ALA A 316 -14.43 -7.19 14.68
C ALA A 316 -15.73 -6.73 14.07
N VAL A 317 -16.78 -6.71 14.87
CA VAL A 317 -18.07 -6.29 14.38
C VAL A 317 -18.00 -4.84 13.91
N ALA A 318 -17.28 -4.03 14.68
CA ALA A 318 -17.13 -2.62 14.36
C ALA A 318 -16.56 -2.54 12.95
N LYS A 319 -15.44 -3.20 12.72
CA LYS A 319 -14.80 -3.22 11.41
C LYS A 319 -15.79 -3.69 10.33
N LEU A 320 -16.54 -4.75 10.65
CA LEU A 320 -17.52 -5.27 9.69
C LEU A 320 -18.55 -4.21 9.32
N ALA A 321 -18.88 -3.34 10.28
CA ALA A 321 -19.83 -2.29 10.02
C ALA A 321 -19.21 -1.33 9.01
N GLN A 322 -17.97 -0.93 9.28
CA GLN A 322 -17.23 0.00 8.42
C GLN A 322 -17.12 -0.59 7.03
N PHE A 323 -17.03 -1.92 6.98
CA PHE A 323 -16.94 -2.65 5.72
C PHE A 323 -18.23 -2.44 4.92
N TYR A 324 -19.37 -2.62 5.58
CA TYR A 324 -20.67 -2.48 4.92
C TYR A 324 -21.25 -1.06 4.92
N GLY A 325 -20.47 -0.10 5.42
CA GLY A 325 -20.89 1.29 5.44
C GLY A 325 -21.97 1.67 6.44
N LEU A 326 -22.05 0.94 7.56
CA LEU A 326 -23.05 1.20 8.57
C LEU A 326 -22.48 1.56 9.93
N PRO A 327 -23.26 2.28 10.75
CA PRO A 327 -22.84 2.69 12.09
C PRO A 327 -22.87 1.43 12.96
N SER A 328 -21.99 1.33 13.95
CA SER A 328 -21.97 0.14 14.79
C SER A 328 -22.30 0.37 16.26
N TYR A 329 -23.04 -0.58 16.83
CA TYR A 329 -23.44 -0.55 18.22
C TYR A 329 -22.95 -1.89 18.72
N VAL A 330 -22.07 -1.88 19.72
CA VAL A 330 -21.51 -3.11 20.25
C VAL A 330 -21.24 -3.11 21.75
N ALA A 331 -21.02 -4.31 22.29
CA ALA A 331 -20.71 -4.48 23.70
C ALA A 331 -19.37 -3.83 23.97
N GLY A 332 -18.93 -3.88 25.22
CA GLY A 332 -17.66 -3.27 25.56
C GLY A 332 -17.83 -2.50 26.84
N SER A 333 -16.80 -2.53 27.69
CA SER A 333 -16.83 -1.86 28.97
C SER A 333 -17.76 -2.72 29.82
N LYS A 334 -17.64 -4.03 29.65
CA LYS A 334 -18.45 -5.00 30.38
C LYS A 334 -17.60 -5.91 31.26
N SER A 335 -18.04 -6.15 32.48
CA SER A 335 -17.30 -7.01 33.41
C SER A 335 -18.16 -8.19 33.89
N ASP A 336 -17.52 -9.21 34.43
CA ASP A 336 -18.22 -10.39 34.95
C ASP A 336 -18.14 -10.46 36.48
N ALA A 337 -17.19 -9.73 37.05
CA ALA A 337 -17.02 -9.69 38.50
C ALA A 337 -18.31 -9.24 39.16
N LYS A 338 -18.65 -9.88 40.27
CA LYS A 338 -19.87 -9.55 41.01
C LYS A 338 -19.68 -8.41 41.99
N VAL A 339 -18.92 -7.39 41.60
CA VAL A 339 -18.66 -6.23 42.46
C VAL A 339 -17.55 -5.40 41.83
N PRO A 340 -17.52 -4.09 42.11
CA PRO A 340 -16.48 -3.21 41.53
C PRO A 340 -15.09 -3.35 42.16
N ASP A 341 -14.39 -4.44 41.81
CA ASP A 341 -13.07 -4.72 42.34
C ASP A 341 -11.99 -4.58 41.27
N ASP A 342 -10.87 -5.28 41.50
CA ASP A 342 -9.72 -5.28 40.60
C ASP A 342 -10.17 -5.89 39.26
N GLN A 343 -10.82 -7.06 39.36
CA GLN A 343 -11.32 -7.74 38.17
C GLN A 343 -12.09 -6.71 37.35
N ALA A 344 -13.10 -6.11 37.98
CA ALA A 344 -13.93 -5.10 37.34
C ALA A 344 -13.15 -4.20 36.39
N GLY A 345 -12.26 -3.38 36.95
CA GLY A 345 -11.47 -2.46 36.16
C GLY A 345 -10.78 -3.06 34.95
N HIS A 346 -10.19 -4.24 35.14
CA HIS A 346 -9.50 -4.91 34.05
C HIS A 346 -10.44 -5.26 32.91
N GLU A 347 -11.47 -6.04 33.22
CA GLU A 347 -12.44 -6.46 32.22
C GLU A 347 -13.10 -5.26 31.53
N LYS A 348 -13.44 -4.25 32.33
CA LYS A 348 -14.04 -3.05 31.77
C LYS A 348 -13.17 -2.52 30.64
N THR A 349 -11.89 -2.34 30.95
CA THR A 349 -10.90 -1.84 30.00
C THR A 349 -10.63 -2.81 28.85
N MET A 350 -10.32 -4.06 29.20
CA MET A 350 -10.05 -5.09 28.21
C MET A 350 -11.13 -5.12 27.14
N THR A 351 -12.36 -4.84 27.50
CA THR A 351 -13.44 -4.89 26.54
C THR A 351 -13.87 -3.55 25.99
N THR A 352 -13.40 -2.47 26.58
CA THR A 352 -13.79 -1.17 26.08
C THR A 352 -12.67 -0.65 25.20
N LEU A 353 -11.45 -0.94 25.60
CA LEU A 353 -10.29 -0.49 24.86
C LEU A 353 -10.25 -1.02 23.45
N LEU A 354 -10.40 -2.34 23.31
CA LEU A 354 -10.37 -2.98 22.01
C LEU A 354 -11.38 -2.40 21.03
N PRO A 355 -12.68 -2.51 21.35
CA PRO A 355 -13.73 -2.00 20.47
C PRO A 355 -13.53 -0.52 20.14
N ALA A 356 -13.06 0.24 21.13
CA ALA A 356 -12.84 1.69 20.96
C ALA A 356 -11.80 1.98 19.89
N LEU A 357 -10.59 1.47 20.08
CA LEU A 357 -9.51 1.69 19.12
C LEU A 357 -9.92 1.16 17.75
N ALA A 358 -10.93 0.29 17.71
CA ALA A 358 -11.41 -0.30 16.47
C ALA A 358 -12.42 0.63 15.78
N GLY A 359 -12.94 1.60 16.52
CA GLY A 359 -13.89 2.53 15.91
C GLY A 359 -15.37 2.25 16.11
N ALA A 360 -15.70 1.34 17.01
CA ALA A 360 -17.10 1.04 17.26
C ALA A 360 -17.83 2.38 17.40
N ASN A 361 -18.91 2.55 16.65
CA ASN A 361 -19.65 3.80 16.69
C ASN A 361 -20.40 4.07 18.01
N THR A 362 -20.57 3.04 18.83
CA THR A 362 -21.24 3.17 20.13
C THR A 362 -20.98 1.97 21.04
N ILE A 363 -20.19 2.19 22.09
CA ILE A 363 -19.88 1.12 23.04
C ILE A 363 -20.86 1.19 24.20
N TYR A 364 -21.52 0.08 24.49
CA TYR A 364 -22.46 0.04 25.61
C TYR A 364 -22.07 -1.01 26.62
N GLY A 365 -22.32 -0.70 27.89
CA GLY A 365 -22.00 -1.61 28.97
C GLY A 365 -21.59 -0.84 30.21
N ALA A 366 -21.43 0.46 30.04
CA ALA A 366 -21.02 1.35 31.12
C ALA A 366 -21.79 1.14 32.43
N GLY A 367 -21.04 0.92 33.50
CA GLY A 367 -21.64 0.73 34.82
C GLY A 367 -22.35 -0.59 35.08
N MET A 368 -21.84 -1.67 34.50
CA MET A 368 -22.45 -2.97 34.67
C MET A 368 -21.60 -3.95 35.45
N LEU A 369 -22.24 -4.98 36.01
CA LEU A 369 -21.53 -6.01 36.77
C LEU A 369 -22.25 -7.35 36.65
N GLU A 370 -21.60 -8.41 37.13
CA GLU A 370 -22.18 -9.74 37.12
C GLU A 370 -22.72 -10.21 35.77
N LEU A 371 -21.82 -10.47 34.83
CA LEU A 371 -22.19 -10.94 33.50
C LEU A 371 -23.40 -10.27 32.84
N GLY A 372 -23.64 -9.01 33.16
CA GLY A 372 -24.76 -8.28 32.58
C GLY A 372 -26.08 -8.48 33.31
N MET A 373 -25.99 -8.86 34.58
CA MET A 373 -27.18 -9.12 35.40
C MET A 373 -27.51 -7.90 36.26
N THR A 374 -26.48 -7.34 36.88
CA THR A 374 -26.60 -6.19 37.79
C THR A 374 -25.98 -4.91 37.24
N PHE A 375 -26.58 -3.77 37.59
CA PHE A 375 -26.08 -2.47 37.16
C PHE A 375 -25.46 -1.83 38.40
N SER A 376 -24.24 -1.32 38.28
CA SER A 376 -23.56 -0.70 39.43
C SER A 376 -23.40 0.82 39.32
N MET A 377 -24.21 1.54 40.09
CA MET A 377 -24.16 3.00 40.08
C MET A 377 -22.73 3.48 40.20
N GLU A 378 -21.95 2.80 41.04
CA GLU A 378 -20.56 3.15 41.25
C GLU A 378 -19.71 2.85 40.03
N GLN A 379 -19.87 1.65 39.47
CA GLN A 379 -19.08 1.27 38.31
C GLN A 379 -19.41 2.15 37.11
N LEU A 380 -20.54 2.84 37.14
CA LEU A 380 -20.92 3.72 36.04
C LEU A 380 -20.05 4.98 36.05
N VAL A 381 -19.79 5.54 37.23
CA VAL A 381 -18.94 6.74 37.29
C VAL A 381 -17.49 6.34 37.04
N ILE A 382 -17.07 5.22 37.63
CA ILE A 382 -15.71 4.73 37.45
C ILE A 382 -15.46 4.52 35.95
N ASP A 383 -16.39 3.83 35.30
CA ASP A 383 -16.29 3.57 33.88
C ASP A 383 -16.23 4.89 33.13
N ASN A 384 -17.14 5.79 33.45
CA ASN A 384 -17.19 7.10 32.81
C ASN A 384 -15.82 7.76 32.80
N ASP A 385 -15.12 7.72 33.92
CA ASP A 385 -13.81 8.33 33.99
C ASP A 385 -12.87 7.52 33.11
N ILE A 386 -13.06 6.21 33.05
CA ILE A 386 -12.23 5.36 32.21
C ILE A 386 -12.35 5.85 30.79
N PHE A 387 -13.57 6.07 30.35
CA PHE A 387 -13.80 6.54 28.99
C PHE A 387 -12.94 7.77 28.68
N SER A 388 -12.59 8.53 29.70
CA SER A 388 -11.75 9.71 29.51
C SER A 388 -10.32 9.28 29.19
N MET A 389 -9.74 8.49 30.09
CA MET A 389 -8.39 7.99 29.92
C MET A 389 -8.27 7.28 28.60
N VAL A 390 -9.41 6.93 28.01
CA VAL A 390 -9.43 6.26 26.71
C VAL A 390 -9.40 7.33 25.64
N LYS A 391 -10.35 8.27 25.72
CA LYS A 391 -10.40 9.35 24.74
C LYS A 391 -9.00 9.96 24.59
N LYS A 392 -8.23 9.96 25.67
CA LYS A 392 -6.88 10.50 25.63
C LYS A 392 -5.97 9.53 24.90
N ALA A 393 -6.04 8.26 25.31
CA ALA A 393 -5.22 7.24 24.69
C ALA A 393 -5.47 7.24 23.18
N MET A 394 -6.70 7.50 22.77
CA MET A 394 -7.07 7.52 21.36
C MET A 394 -6.43 8.64 20.55
N GLN A 395 -5.77 9.58 21.24
CA GLN A 395 -5.11 10.70 20.58
C GLN A 395 -3.78 10.23 19.99
N GLY A 396 -3.25 9.15 20.57
CA GLY A 396 -1.99 8.59 20.11
C GLY A 396 -0.88 9.62 20.17
N ILE A 397 -0.12 9.70 19.08
CA ILE A 397 0.97 10.66 19.02
C ILE A 397 0.80 11.61 17.85
N PRO A 398 0.57 12.88 18.19
CA PRO A 398 0.40 13.93 17.18
C PRO A 398 1.81 14.39 16.86
N VAL A 399 2.24 14.09 15.65
CA VAL A 399 3.58 14.45 15.20
C VAL A 399 3.51 15.61 14.21
N SER A 400 3.93 16.77 14.68
CA SER A 400 3.96 17.98 13.86
C SER A 400 5.17 18.77 14.31
N GLU A 401 5.50 19.83 13.58
CA GLU A 401 6.65 20.64 13.93
C GLU A 401 6.52 21.13 15.37
N GLU A 402 5.32 21.49 15.78
CA GLU A 402 5.09 21.97 17.14
C GLU A 402 5.22 20.88 18.20
N THR A 403 4.57 19.74 17.98
CA THR A 403 4.63 18.66 18.95
C THR A 403 6.05 18.17 19.16
N LEU A 404 6.82 18.09 18.08
CA LEU A 404 8.21 17.67 18.21
C LEU A 404 8.91 18.67 19.11
N ALA A 405 8.53 19.94 18.95
CA ALA A 405 9.08 21.03 19.74
C ALA A 405 10.57 20.89 19.98
N VAL A 406 11.33 21.02 18.90
CA VAL A 406 12.79 20.90 19.01
C VAL A 406 13.38 22.10 19.74
N GLU A 407 12.90 23.30 19.42
CA GLU A 407 13.38 24.52 20.07
C GLU A 407 13.18 24.36 21.56
N SER A 408 11.97 23.96 21.92
CA SER A 408 11.58 23.75 23.31
C SER A 408 12.63 22.93 24.05
N ILE A 409 12.94 21.75 23.53
CA ILE A 409 13.95 20.88 24.14
C ILE A 409 15.26 21.64 24.21
N GLN A 410 15.48 22.47 23.19
CA GLN A 410 16.72 23.24 23.08
C GLN A 410 16.82 24.43 24.03
N LYS A 411 15.81 25.29 24.06
CA LYS A 411 15.88 26.43 24.96
C LYS A 411 16.11 25.91 26.38
N VAL A 412 15.43 24.82 26.73
CA VAL A 412 15.58 24.25 28.06
C VAL A 412 17.01 23.77 28.22
N GLY A 413 17.51 23.09 27.21
CA GLY A 413 18.88 22.60 27.25
C GLY A 413 19.11 21.40 28.13
N ILE A 414 20.39 21.03 28.24
CA ILE A 414 20.82 19.88 29.02
C ILE A 414 20.63 20.08 30.52
N GLY A 415 20.30 18.99 31.21
CA GLY A 415 20.10 19.03 32.66
C GLY A 415 19.18 20.10 33.22
N ASN A 416 18.02 20.30 32.60
CA ASN A 416 17.07 21.30 33.09
C ASN A 416 15.62 20.82 33.11
N ASN A 417 14.73 21.65 33.64
CA ASN A 417 13.32 21.30 33.72
C ASN A 417 12.44 22.18 32.81
N PHE A 418 11.39 21.59 32.27
CA PHE A 418 10.46 22.31 31.39
C PHE A 418 9.39 23.02 32.22
N LEU A 419 9.45 22.85 33.54
CA LEU A 419 8.48 23.42 34.49
C LEU A 419 7.97 24.85 34.27
N ALA A 420 8.86 25.84 34.30
CA ALA A 420 8.42 27.21 34.12
C ALA A 420 8.54 27.72 32.68
N LEU A 421 8.53 26.81 31.71
CA LEU A 421 8.63 27.22 30.31
C LEU A 421 7.26 27.62 29.78
N LYS A 422 7.21 28.74 29.06
CA LYS A 422 6.00 29.30 28.48
C LYS A 422 4.96 28.28 27.99
N GLN A 423 5.41 27.38 27.10
CA GLN A 423 4.55 26.36 26.52
C GLN A 423 3.95 25.39 27.54
N THR A 424 4.72 25.03 28.56
CA THR A 424 4.23 24.13 29.60
C THR A 424 2.99 24.68 30.29
N ARG A 425 2.95 26.00 30.44
CA ARG A 425 1.83 26.66 31.11
C ARG A 425 0.63 26.92 30.21
N GLN A 426 0.77 26.65 28.91
CA GLN A 426 -0.33 26.83 27.98
C GLN A 426 -1.01 25.48 27.77
N LEU A 427 -0.32 24.42 28.23
CA LEU A 427 -0.81 23.05 28.10
C LEU A 427 -1.14 22.43 29.46
N VAL A 428 -1.31 23.29 30.46
CA VAL A 428 -1.63 22.81 31.80
C VAL A 428 -2.79 21.83 31.81
N ASP A 429 -3.71 21.99 30.86
CA ASP A 429 -4.88 21.12 30.77
C ASP A 429 -4.77 20.08 29.66
N TYR A 430 -3.59 19.99 29.06
CA TYR A 430 -3.34 19.05 27.97
C TYR A 430 -3.37 17.59 28.45
N PRO A 431 -2.66 17.28 29.55
CA PRO A 431 -2.60 15.93 30.09
C PRO A 431 -3.93 15.35 30.54
N SER A 432 -3.93 14.05 30.79
CA SER A 432 -5.13 13.36 31.25
C SER A 432 -5.35 13.70 32.73
N ASN A 433 -6.54 14.19 33.06
CA ASN A 433 -6.83 14.54 34.44
C ASN A 433 -7.99 13.73 35.00
N PRO A 434 -7.71 12.49 35.43
CA PRO A 434 -8.71 11.57 35.99
C PRO A 434 -9.49 12.10 37.20
N MET A 435 -10.81 12.12 37.05
CA MET A 435 -11.72 12.61 38.09
C MET A 435 -11.83 11.71 39.32
N LEU A 436 -11.61 10.41 39.15
CA LEU A 436 -11.73 9.47 40.26
C LEU A 436 -10.41 8.79 40.58
N LEU A 437 -9.78 8.25 39.54
CA LEU A 437 -8.51 7.56 39.71
C LEU A 437 -7.58 8.46 40.51
N ASP A 438 -7.11 7.92 41.63
CA ASP A 438 -6.24 8.63 42.55
C ASP A 438 -4.78 8.60 42.13
N ARG A 439 -4.22 9.79 41.87
CA ARG A 439 -2.83 9.93 41.46
C ARG A 439 -2.02 10.72 42.48
N HIS A 440 -2.14 10.33 43.75
CA HIS A 440 -1.43 11.02 44.83
C HIS A 440 -0.40 10.13 45.47
N MET A 441 0.53 10.77 46.19
CA MET A 441 1.58 10.06 46.91
C MET A 441 0.84 9.22 47.95
N PHE A 442 1.51 8.27 48.58
CA PHE A 442 0.84 7.46 49.60
C PHE A 442 0.26 8.40 50.64
N GLY A 443 1.11 9.27 51.18
CA GLY A 443 0.70 10.22 52.19
C GLY A 443 -0.63 10.90 51.98
N ASP A 444 -0.70 11.80 51.01
CA ASP A 444 -1.91 12.55 50.70
C ASP A 444 -3.18 11.71 50.58
N TRP A 445 -3.02 10.45 50.19
CA TRP A 445 -4.15 9.54 50.02
C TRP A 445 -4.74 9.01 51.33
N ALA A 446 -3.89 8.50 52.21
CA ALA A 446 -4.31 7.96 53.50
C ALA A 446 -4.91 9.07 54.39
N ALA A 447 -4.44 10.30 54.16
CA ALA A 447 -4.92 11.45 54.90
C ALA A 447 -6.19 11.96 54.24
N ALA A 448 -6.91 11.05 53.61
CA ALA A 448 -8.15 11.36 52.93
C ALA A 448 -9.04 10.15 53.17
N GLY A 449 -8.58 9.28 54.05
CA GLY A 449 -9.33 8.08 54.39
C GLY A 449 -8.87 6.81 53.72
N SER A 450 -7.73 6.84 53.02
CA SER A 450 -7.22 5.65 52.34
C SER A 450 -8.36 4.94 51.60
N LYS A 451 -9.17 5.74 50.92
CA LYS A 451 -10.33 5.27 50.17
C LYS A 451 -9.96 4.62 48.83
N ASP A 452 -10.44 3.41 48.61
CA ASP A 452 -10.16 2.72 47.36
C ASP A 452 -11.14 3.28 46.31
N LEU A 453 -10.82 3.09 45.03
CA LEU A 453 -11.67 3.62 43.96
C LEU A 453 -13.15 3.33 44.16
N ALA A 454 -13.47 2.13 44.62
CA ALA A 454 -14.85 1.73 44.86
C ALA A 454 -15.59 2.79 45.66
N THR A 455 -15.23 2.91 46.92
CA THR A 455 -15.86 3.88 47.82
C THR A 455 -15.76 5.33 47.36
N VAL A 456 -14.61 5.71 46.81
CA VAL A 456 -14.42 7.09 46.32
C VAL A 456 -15.47 7.38 45.27
N ALA A 457 -15.80 6.36 44.50
CA ALA A 457 -16.81 6.45 43.44
C ALA A 457 -18.15 6.67 44.10
N HIS A 458 -18.49 5.74 44.98
CA HIS A 458 -19.74 5.77 45.72
C HIS A 458 -20.07 7.17 46.24
N GLU A 459 -19.07 7.87 46.75
CA GLU A 459 -19.30 9.21 47.27
C GLU A 459 -19.66 10.19 46.15
N LYS A 460 -19.00 10.09 44.99
CA LYS A 460 -19.31 11.00 43.89
C LYS A 460 -20.64 10.62 43.26
N VAL A 461 -21.11 9.40 43.57
CA VAL A 461 -22.38 8.93 43.05
C VAL A 461 -23.42 9.73 43.81
N GLU A 462 -23.33 9.65 45.13
CA GLU A 462 -24.24 10.35 46.03
C GLU A 462 -24.31 11.83 45.71
N ASP A 463 -23.15 12.48 45.61
CA ASP A 463 -23.10 13.91 45.31
C ASP A 463 -23.82 14.25 44.01
N VAL A 464 -23.60 13.43 42.99
CA VAL A 464 -24.22 13.66 41.71
C VAL A 464 -25.73 13.55 41.75
N LEU A 465 -26.24 12.54 42.47
CA LEU A 465 -27.69 12.33 42.57
C LEU A 465 -28.37 13.45 43.36
N LYS A 466 -27.90 13.68 44.59
CA LYS A 466 -28.50 14.71 45.41
C LYS A 466 -28.15 16.13 44.96
N ASN A 467 -27.32 16.27 43.93
CA ASN A 467 -26.96 17.61 43.47
C ASN A 467 -27.02 17.92 41.98
N HIS A 468 -27.21 16.90 41.13
CA HIS A 468 -27.28 17.16 39.70
C HIS A 468 -28.69 17.52 39.25
N GLN A 469 -28.79 18.57 38.43
CA GLN A 469 -30.06 19.04 37.90
C GLN A 469 -30.31 18.50 36.49
N VAL A 470 -31.56 18.16 36.19
CA VAL A 470 -31.91 17.62 34.88
C VAL A 470 -33.01 18.45 34.22
N THR A 471 -32.76 18.95 33.02
CA THR A 471 -33.77 19.75 32.32
C THR A 471 -35.09 19.00 32.33
N PRO A 472 -36.04 19.43 33.16
CA PRO A 472 -37.34 18.76 33.24
C PRO A 472 -38.20 18.91 31.99
N ILE A 473 -39.00 17.89 31.72
CA ILE A 473 -39.91 17.94 30.58
C ILE A 473 -41.01 18.91 30.99
N ASP A 474 -41.57 19.62 30.02
CA ASP A 474 -42.63 20.58 30.30
C ASP A 474 -43.84 19.95 30.99
N ALA A 475 -44.33 20.64 32.03
CA ALA A 475 -45.47 20.22 32.82
C ALA A 475 -46.63 19.76 31.96
N ASP A 476 -47.01 20.61 31.01
CA ASP A 476 -48.12 20.32 30.10
C ASP A 476 -47.81 19.08 29.29
N ILE A 477 -46.62 19.03 28.73
CA ILE A 477 -46.19 17.90 27.92
C ILE A 477 -46.15 16.60 28.70
N PHE A 478 -45.51 16.59 29.87
CA PHE A 478 -45.42 15.36 30.65
C PHE A 478 -46.76 14.67 30.87
N LYS A 479 -47.80 15.43 31.20
CA LYS A 479 -49.10 14.81 31.42
C LYS A 479 -49.64 14.21 30.11
N ASP A 480 -49.35 14.85 28.98
CA ASP A 480 -49.80 14.34 27.67
C ASP A 480 -49.16 12.98 27.43
N MET A 481 -47.86 12.92 27.70
CA MET A 481 -47.10 11.69 27.53
C MET A 481 -47.52 10.72 28.62
N GLN A 482 -47.62 11.22 29.84
CA GLN A 482 -48.02 10.43 31.01
C GLN A 482 -49.37 9.81 30.75
N ALA A 483 -50.15 10.45 29.88
CA ALA A 483 -51.48 9.97 29.49
C ALA A 483 -51.35 8.77 28.56
N ILE A 484 -50.34 8.79 27.70
CA ILE A 484 -50.09 7.71 26.76
C ILE A 484 -49.70 6.47 27.57
N VAL A 485 -49.01 6.70 28.68
CA VAL A 485 -48.59 5.59 29.54
C VAL A 485 -49.83 4.93 30.11
N ASP A 486 -50.76 5.73 30.62
CA ASP A 486 -51.99 5.23 31.21
C ASP A 486 -52.91 4.56 30.19
N LYS A 487 -53.13 5.20 29.06
CA LYS A 487 -53.97 4.63 27.99
C LYS A 487 -53.44 3.23 27.64
N ALA A 488 -52.21 2.96 28.06
CA ALA A 488 -51.55 1.68 27.80
C ALA A 488 -51.66 0.73 28.99
N ASP A 489 -51.50 1.25 30.20
CA ASP A 489 -51.60 0.41 31.38
C ASP A 489 -53.02 -0.15 31.50
N LYS A 490 -54.01 0.73 31.40
CA LYS A 490 -55.40 0.30 31.51
C LYS A 490 -55.69 -0.71 30.43
N ALA A 491 -55.24 -0.41 29.21
CA ALA A 491 -55.43 -1.28 28.07
C ALA A 491 -54.71 -2.62 28.23
N PHE A 492 -53.64 -2.64 29.04
CA PHE A 492 -52.89 -3.87 29.27
C PHE A 492 -53.72 -4.81 30.13
N ARG A 493 -54.24 -4.26 31.22
CA ARG A 493 -55.06 -5.00 32.15
C ARG A 493 -56.28 -5.57 31.45
N GLY A 494 -56.90 -4.77 30.58
CA GLY A 494 -58.04 -5.26 29.84
C GLY A 494 -57.67 -6.57 29.13
N MET A 495 -56.37 -6.87 29.15
CA MET A 495 -55.84 -8.08 28.52
C MET A 495 -56.27 -8.13 27.07
N ALA B 2 -9.80 17.82 -29.66
CA ALA B 2 -9.58 16.54 -30.41
C ALA B 2 -9.27 15.35 -29.48
N LYS B 3 -8.60 14.34 -30.02
CA LYS B 3 -8.24 13.16 -29.24
C LYS B 3 -7.43 13.58 -27.99
N ASN B 4 -7.35 12.70 -27.01
CA ASN B 4 -6.62 13.03 -25.79
C ASN B 4 -5.15 12.66 -25.89
N ASN B 5 -4.29 13.61 -25.53
CA ASN B 5 -2.86 13.37 -25.54
C ASN B 5 -2.30 14.11 -24.31
N ALA B 6 -2.96 13.88 -23.19
CA ALA B 6 -2.59 14.46 -21.89
C ALA B 6 -3.25 13.60 -20.83
N VAL B 7 -2.46 13.10 -19.88
CA VAL B 7 -2.98 12.24 -18.81
C VAL B 7 -2.32 12.41 -17.45
N ALA B 8 -3.11 12.29 -16.40
CA ALA B 8 -2.63 12.40 -15.03
C ALA B 8 -1.90 11.14 -14.61
N GLY B 9 -0.94 11.28 -13.70
CA GLY B 9 -0.20 10.14 -13.19
C GLY B 9 -1.05 8.89 -13.18
N PHE B 10 -0.53 7.84 -13.80
CA PHE B 10 -1.20 6.55 -13.94
C PHE B 10 -0.32 5.45 -13.30
N ASN B 11 -0.93 4.45 -12.69
CA ASN B 11 -0.17 3.36 -12.06
C ASN B 11 -0.25 2.10 -12.90
N ALA B 12 0.89 1.57 -13.33
CA ALA B 12 0.88 0.38 -14.16
C ALA B 12 1.67 -0.79 -13.60
N LEU B 13 1.50 -1.94 -14.25
CA LEU B 13 2.18 -3.18 -13.89
C LEU B 13 2.70 -3.84 -15.16
N ASN B 14 4.03 -3.88 -15.24
CA ASN B 14 4.72 -4.49 -16.39
C ASN B 14 5.10 -5.94 -16.15
N GLY B 15 4.69 -6.80 -17.09
CA GLY B 15 5.00 -8.21 -16.97
C GLY B 15 4.14 -8.79 -15.87
N VAL B 16 4.51 -9.96 -15.39
CA VAL B 16 3.74 -10.58 -14.33
C VAL B 16 4.52 -10.53 -13.04
N GLU B 17 3.80 -10.27 -11.96
CA GLU B 17 4.38 -10.17 -10.64
C GLU B 17 4.03 -11.41 -9.83
N LEU B 18 5.02 -11.95 -9.12
CA LEU B 18 4.79 -13.13 -8.30
C LEU B 18 5.37 -12.87 -6.93
N ASN B 19 4.55 -13.04 -5.90
CA ASN B 19 4.97 -12.82 -4.52
C ASN B 19 4.87 -14.09 -3.69
N LEU B 20 5.81 -14.27 -2.77
CA LEU B 20 5.82 -15.44 -1.90
C LEU B 20 5.88 -15.03 -0.43
N PHE B 21 6.32 -13.79 -0.15
CA PHE B 21 6.43 -13.30 1.23
C PHE B 21 5.99 -11.86 1.40
N THR B 22 5.78 -11.49 2.65
CA THR B 22 5.43 -10.13 3.04
C THR B 22 6.76 -9.70 3.63
N THR B 23 6.90 -8.42 3.92
CA THR B 23 8.17 -7.99 4.49
C THR B 23 8.37 -8.62 5.87
N ASP B 24 7.30 -8.63 6.67
CA ASP B 24 7.36 -9.22 8.00
C ASP B 24 7.90 -10.64 7.93
N GLU B 25 7.44 -11.41 6.93
CA GLU B 25 7.88 -12.78 6.77
C GLU B 25 9.30 -12.88 6.27
N LEU B 26 9.69 -12.00 5.36
CA LEU B 26 11.07 -12.07 4.88
C LEU B 26 11.95 -11.90 6.09
N LYS B 27 11.58 -10.97 6.97
CA LYS B 27 12.38 -10.73 8.16
C LYS B 27 12.46 -11.97 9.05
N ALA B 28 11.31 -12.61 9.29
CA ALA B 28 11.27 -13.80 10.12
C ALA B 28 12.36 -14.80 9.74
N ILE B 29 12.56 -14.96 8.44
CA ILE B 29 13.57 -15.86 7.92
C ILE B 29 14.98 -15.28 8.16
N HIS B 30 15.09 -13.96 8.09
CA HIS B 30 16.37 -13.30 8.32
C HIS B 30 16.82 -13.57 9.76
N TYR B 31 15.92 -13.31 10.72
CA TYR B 31 16.21 -13.52 12.12
C TYR B 31 16.55 -14.98 12.43
N ALA B 32 15.71 -15.89 11.96
CA ALA B 32 15.94 -17.31 12.18
C ALA B 32 17.33 -17.69 11.72
N THR B 33 17.81 -17.02 10.67
CA THR B 33 19.13 -17.31 10.15
C THR B 33 20.21 -16.76 11.07
N MET B 34 20.14 -15.47 11.38
CA MET B 34 21.11 -14.84 12.26
C MET B 34 21.29 -15.63 13.55
N GLU B 35 20.22 -16.23 14.02
CA GLU B 35 20.27 -17.03 15.25
C GLU B 35 21.08 -18.28 14.96
N VAL B 36 20.89 -18.84 13.78
CA VAL B 36 21.58 -20.05 13.39
C VAL B 36 23.07 -19.83 13.12
N LEU B 37 23.44 -18.68 12.60
CA LEU B 37 24.85 -18.40 12.35
C LEU B 37 25.61 -18.27 13.67
N MET B 38 24.89 -17.94 14.74
CA MET B 38 25.50 -17.79 16.06
C MET B 38 25.37 -19.08 16.86
N ASP B 39 24.51 -19.99 16.39
CA ASP B 39 24.31 -21.28 17.04
C ASP B 39 23.54 -22.23 16.13
N PRO B 40 24.16 -23.38 15.78
CA PRO B 40 25.49 -23.79 16.21
C PRO B 40 26.59 -22.98 15.54
N GLY B 41 26.20 -22.23 14.50
CA GLY B 41 27.19 -21.46 13.76
C GLY B 41 27.65 -22.38 12.65
N ILE B 42 28.37 -21.85 11.67
CA ILE B 42 28.84 -22.67 10.57
C ILE B 42 30.28 -23.15 10.76
N GLN B 43 30.55 -24.35 10.25
CA GLN B 43 31.87 -24.94 10.37
C GLN B 43 32.76 -24.65 9.16
N VAL B 44 33.85 -23.94 9.40
CA VAL B 44 34.82 -23.57 8.37
C VAL B 44 36.07 -24.44 8.50
N SER B 45 36.24 -25.36 7.55
CA SER B 45 37.36 -26.29 7.49
C SER B 45 38.68 -25.72 7.00
N ASP B 46 38.62 -24.85 6.00
CA ASP B 46 39.85 -24.23 5.51
C ASP B 46 40.30 -23.20 6.54
N PRO B 47 41.49 -23.41 7.12
CA PRO B 47 42.06 -22.52 8.12
C PRO B 47 42.28 -21.11 7.60
N GLU B 48 42.65 -20.98 6.33
CA GLU B 48 42.88 -19.64 5.79
C GLU B 48 41.63 -18.80 6.04
N ALA B 49 40.49 -19.30 5.59
CA ALA B 49 39.25 -18.58 5.79
C ALA B 49 38.96 -18.50 7.30
N ARG B 50 39.10 -19.63 7.98
CA ARG B 50 38.86 -19.68 9.41
C ARG B 50 39.56 -18.51 10.09
N GLN B 51 40.69 -18.09 9.51
CA GLN B 51 41.48 -16.98 10.04
C GLN B 51 40.86 -15.65 9.63
N ILE B 52 40.51 -15.52 8.35
CA ILE B 52 39.88 -14.29 7.88
C ILE B 52 38.65 -14.02 8.74
N PHE B 53 37.94 -15.08 9.13
CA PHE B 53 36.76 -14.92 9.97
C PHE B 53 37.18 -14.40 11.34
N LYS B 54 38.00 -15.19 12.03
CA LYS B 54 38.50 -14.86 13.35
C LYS B 54 38.92 -13.40 13.50
N GLU B 55 39.68 -12.92 12.52
CA GLU B 55 40.19 -11.55 12.50
C GLU B 55 39.14 -10.44 12.49
N ASN B 56 38.01 -10.69 11.84
CA ASN B 56 36.98 -9.68 11.71
C ASN B 56 35.89 -9.59 12.76
N GLY B 57 36.04 -10.32 13.84
CA GLY B 57 35.05 -10.26 14.91
C GLY B 57 34.38 -11.58 15.20
N CYS B 58 34.66 -12.60 14.39
CA CYS B 58 34.06 -13.90 14.57
C CYS B 58 34.67 -14.73 15.69
N GLU B 59 33.84 -15.58 16.31
CA GLU B 59 34.26 -16.49 17.36
C GLU B 59 34.56 -17.82 16.69
N VAL B 60 35.81 -18.26 16.76
CA VAL B 60 36.15 -19.52 16.11
C VAL B 60 36.69 -20.56 17.07
N ASN B 61 35.99 -21.68 17.16
CA ASN B 61 36.44 -22.77 18.02
C ASN B 61 37.42 -23.51 17.12
N GLU B 62 38.70 -23.31 17.34
CA GLU B 62 39.75 -23.91 16.51
C GLU B 62 39.86 -25.44 16.62
N LYS B 63 39.29 -26.03 17.66
CA LYS B 63 39.35 -27.48 17.84
C LYS B 63 38.16 -28.17 17.16
N THR B 64 37.17 -27.39 16.76
CA THR B 64 35.98 -27.91 16.09
C THR B 64 35.80 -27.22 14.74
N ASN B 65 36.64 -26.22 14.49
CA ASN B 65 36.62 -25.45 13.24
C ASN B 65 35.29 -24.73 13.02
N VAL B 66 34.56 -24.46 14.10
CA VAL B 66 33.28 -23.80 14.00
C VAL B 66 33.33 -22.29 14.24
N VAL B 67 32.91 -21.54 13.23
CA VAL B 67 32.88 -20.07 13.28
C VAL B 67 31.45 -19.62 13.57
N LYS B 68 31.32 -18.48 14.23
CA LYS B 68 30.00 -17.94 14.53
C LYS B 68 30.01 -16.54 13.95
N ILE B 69 29.18 -16.32 12.94
CA ILE B 69 29.14 -15.02 12.31
C ILE B 69 28.10 -14.12 12.97
N PRO B 70 28.54 -12.99 13.54
CA PRO B 70 27.64 -12.04 14.19
C PRO B 70 26.84 -11.33 13.11
N GLU B 71 25.58 -11.02 13.41
CA GLU B 71 24.75 -10.35 12.41
C GLU B 71 25.41 -9.11 11.82
N TYR B 72 26.11 -8.32 12.63
CA TYR B 72 26.74 -7.09 12.14
C TYR B 72 27.72 -7.31 10.99
N LEU B 73 28.29 -8.52 10.91
CA LEU B 73 29.22 -8.83 9.83
C LEU B 73 28.44 -9.11 8.56
N VAL B 74 27.32 -9.80 8.69
CA VAL B 74 26.50 -10.08 7.52
C VAL B 74 26.02 -8.74 6.97
N ARG B 75 25.63 -7.83 7.87
CA ARG B 75 25.16 -6.50 7.45
C ARG B 75 26.27 -5.74 6.74
N LYS B 76 27.50 -5.96 7.19
CA LYS B 76 28.65 -5.32 6.60
C LYS B 76 28.92 -5.94 5.23
N ALA B 77 28.98 -7.26 5.18
CA ALA B 77 29.26 -7.98 3.94
C ALA B 77 28.27 -7.64 2.84
N LEU B 78 27.02 -7.42 3.23
CA LEU B 78 25.98 -7.10 2.26
C LEU B 78 26.08 -5.68 1.74
N GLN B 79 26.66 -4.79 2.52
CA GLN B 79 26.78 -3.42 2.08
C GLN B 79 27.96 -3.30 1.11
N LEU B 80 28.97 -4.14 1.30
CA LEU B 80 30.15 -4.14 0.44
C LEU B 80 29.87 -4.78 -0.92
N ALA B 81 29.25 -5.95 -0.89
CA ALA B 81 28.92 -6.70 -2.08
C ALA B 81 28.17 -5.86 -3.13
N PRO B 82 28.68 -5.83 -4.38
CA PRO B 82 28.10 -5.08 -5.51
C PRO B 82 26.72 -5.59 -5.88
N SER B 83 25.78 -4.66 -6.05
CA SER B 83 24.42 -5.04 -6.42
C SER B 83 24.35 -5.54 -7.84
N ARG B 84 25.41 -5.30 -8.60
CA ARG B 84 25.46 -5.71 -10.00
C ARG B 84 26.88 -5.95 -10.50
N PHE B 85 26.95 -6.57 -11.67
CA PHE B 85 28.20 -6.85 -12.37
C PHE B 85 27.77 -7.56 -13.65
N VAL B 86 28.55 -7.42 -14.71
CA VAL B 86 28.19 -8.01 -15.98
C VAL B 86 29.18 -9.03 -16.53
N LEU B 87 28.69 -10.25 -16.74
CA LEU B 87 29.49 -11.34 -17.27
C LEU B 87 29.84 -11.09 -18.73
N TRP B 88 31.12 -11.18 -19.07
CA TRP B 88 31.55 -10.94 -20.45
C TRP B 88 31.76 -12.22 -21.22
N GLY B 89 31.74 -12.11 -22.54
CA GLY B 89 31.95 -13.25 -23.40
C GLY B 89 33.08 -12.90 -24.35
N ARG B 90 33.45 -13.82 -25.23
CA ARG B 90 34.51 -13.52 -26.19
C ARG B 90 33.88 -12.59 -27.22
N ASP B 91 32.58 -12.78 -27.43
CA ASP B 91 31.81 -11.94 -28.33
C ASP B 91 31.02 -11.02 -27.41
N LYS B 92 31.47 -9.77 -27.31
CA LYS B 92 30.82 -8.78 -26.47
C LYS B 92 29.30 -8.84 -26.60
N LYS B 93 28.83 -9.27 -27.77
CA LYS B 93 27.40 -9.37 -28.04
C LYS B 93 26.73 -10.44 -27.17
N PHE B 94 27.50 -11.08 -26.30
CA PHE B 94 26.95 -12.11 -25.43
C PHE B 94 26.99 -11.73 -23.97
N ASN B 95 27.45 -10.51 -23.70
CA ASN B 95 27.52 -10.02 -22.33
C ASN B 95 26.15 -10.22 -21.69
N THR B 96 26.17 -10.64 -20.43
CA THR B 96 24.95 -10.88 -19.68
C THR B 96 25.11 -10.20 -18.33
N VAL B 97 24.16 -9.35 -17.99
CA VAL B 97 24.23 -8.62 -16.73
C VAL B 97 23.56 -9.38 -15.59
N GLN B 98 24.20 -9.35 -14.42
CA GLN B 98 23.69 -10.02 -13.22
C GLN B 98 23.51 -8.94 -12.17
N GLU B 99 22.36 -8.29 -12.23
CA GLU B 99 22.02 -7.18 -11.37
C GLU B 99 20.82 -7.50 -10.47
N CYS B 100 20.94 -7.21 -9.18
CA CYS B 100 19.87 -7.45 -8.23
C CYS B 100 18.55 -6.94 -8.77
N GLY B 101 17.58 -7.83 -8.90
CA GLY B 101 16.29 -7.43 -9.42
C GLY B 101 15.56 -8.60 -10.04
N GLY B 102 14.92 -8.36 -11.18
CA GLY B 102 14.16 -9.40 -11.84
C GLY B 102 14.48 -9.65 -13.31
N LYS B 103 15.58 -9.07 -13.79
CA LYS B 103 15.98 -9.30 -15.18
C LYS B 103 16.42 -10.75 -15.30
N VAL B 104 15.51 -11.62 -15.73
CA VAL B 104 15.79 -13.04 -15.87
C VAL B 104 16.75 -13.41 -17.00
N HIS B 105 17.56 -14.44 -16.77
CA HIS B 105 18.51 -14.95 -17.76
C HIS B 105 18.57 -16.47 -17.65
N TRP B 106 18.92 -17.13 -18.74
CA TRP B 106 18.99 -18.59 -18.72
C TRP B 106 20.37 -19.15 -19.06
N THR B 107 20.63 -20.36 -18.55
CA THR B 107 21.88 -21.05 -18.79
C THR B 107 21.62 -22.54 -18.62
N CYS B 108 22.47 -23.36 -19.23
CA CYS B 108 22.33 -24.81 -19.17
C CYS B 108 22.67 -25.38 -17.79
N PHE B 109 22.42 -26.68 -17.63
CA PHE B 109 22.67 -27.38 -16.37
C PHE B 109 24.12 -27.79 -16.16
N GLY B 110 24.51 -27.79 -14.89
CA GLY B 110 25.85 -28.18 -14.52
C GLY B 110 25.82 -28.85 -13.15
N THR B 111 26.59 -29.92 -13.01
CA THR B 111 27.39 -30.43 -14.12
C THR B 111 27.31 -31.95 -14.12
N GLY B 112 26.46 -32.47 -14.99
CA GLY B 112 26.23 -33.91 -15.09
C GLY B 112 27.38 -34.79 -15.54
N VAL B 113 27.23 -36.10 -15.31
CA VAL B 113 28.23 -37.10 -15.67
C VAL B 113 27.88 -37.96 -16.87
N LYS B 114 26.58 -38.11 -17.16
CA LYS B 114 26.16 -38.92 -18.29
C LYS B 114 25.56 -38.06 -19.39
N VAL B 115 25.46 -38.63 -20.58
CA VAL B 115 24.90 -37.92 -21.73
C VAL B 115 23.81 -38.76 -22.40
N CYS B 116 22.70 -38.10 -22.72
CA CYS B 116 21.58 -38.74 -23.37
C CYS B 116 21.69 -38.43 -24.86
N LYS B 117 22.38 -39.29 -25.60
CA LYS B 117 22.55 -39.12 -27.03
C LYS B 117 21.79 -40.17 -27.82
N TYR B 118 21.15 -39.73 -28.91
CA TYR B 118 20.36 -40.58 -29.80
C TYR B 118 21.14 -41.75 -30.41
N GLN B 119 20.68 -42.97 -30.15
CA GLN B 119 21.36 -44.17 -30.66
C GLN B 119 20.70 -44.70 -31.93
N ASP B 120 20.31 -45.98 -31.90
CA ASP B 120 19.66 -46.63 -33.04
C ASP B 120 18.17 -46.41 -32.97
N GLY B 121 17.74 -45.17 -33.19
CA GLY B 121 16.34 -44.86 -33.11
C GLY B 121 16.03 -44.55 -31.66
N LYS B 122 16.55 -45.37 -30.76
CA LYS B 122 16.34 -45.18 -29.33
C LYS B 122 17.46 -44.35 -28.73
N TYR B 123 17.21 -43.83 -27.52
CA TYR B 123 18.18 -43.02 -26.81
C TYR B 123 18.99 -43.85 -25.83
N VAL B 124 20.31 -43.66 -25.83
CA VAL B 124 21.19 -44.40 -24.93
C VAL B 124 21.97 -43.46 -24.02
N THR B 125 21.73 -43.57 -22.72
CA THR B 125 22.41 -42.75 -21.74
C THR B 125 23.80 -43.34 -21.52
N VAL B 126 24.82 -42.56 -21.84
CA VAL B 126 26.21 -42.98 -21.71
C VAL B 126 27.00 -41.97 -20.88
N ASP B 127 28.17 -42.37 -20.40
CA ASP B 127 29.01 -41.49 -19.60
C ASP B 127 29.69 -40.43 -20.44
N SER B 128 29.81 -39.23 -19.88
CA SER B 128 30.38 -38.09 -20.58
C SER B 128 31.89 -38.04 -20.72
N VAL B 129 32.33 -37.60 -21.90
CA VAL B 129 33.75 -37.44 -22.18
C VAL B 129 33.94 -35.99 -22.63
N GLU B 130 35.19 -35.55 -22.77
CA GLU B 130 35.45 -34.17 -23.15
C GLU B 130 34.74 -33.73 -24.44
N LYS B 131 34.83 -34.53 -25.50
CA LYS B 131 34.19 -34.18 -26.75
C LYS B 131 32.74 -33.71 -26.55
N ASP B 132 32.01 -34.36 -25.65
CA ASP B 132 30.62 -34.00 -25.34
C ASP B 132 30.51 -32.53 -24.95
N ILE B 133 31.50 -32.03 -24.22
CA ILE B 133 31.52 -30.64 -23.80
C ILE B 133 31.66 -29.75 -25.03
N ALA B 134 32.49 -30.18 -25.97
CA ALA B 134 32.71 -29.42 -27.19
C ALA B 134 31.39 -29.13 -27.88
N ASP B 135 30.73 -30.20 -28.30
CA ASP B 135 29.46 -30.08 -28.98
C ASP B 135 28.45 -29.27 -28.16
N ILE B 136 28.26 -29.64 -26.90
CA ILE B 136 27.32 -28.91 -26.04
C ILE B 136 27.60 -27.41 -26.16
N ALA B 137 28.84 -27.02 -25.90
CA ALA B 137 29.25 -25.62 -25.98
C ALA B 137 28.76 -25.04 -27.30
N LYS B 138 28.98 -25.80 -28.37
CA LYS B 138 28.59 -25.42 -29.72
C LYS B 138 27.08 -25.22 -29.83
N LEU B 139 26.32 -26.26 -29.49
CA LEU B 139 24.86 -26.21 -29.54
C LEU B 139 24.37 -24.98 -28.79
N CYS B 140 24.88 -24.78 -27.59
CA CYS B 140 24.50 -23.64 -26.76
C CYS B 140 24.88 -22.28 -27.35
N ASP B 141 26.00 -22.24 -28.08
CA ASP B 141 26.49 -20.99 -28.69
C ASP B 141 25.43 -20.50 -29.65
N TRP B 142 24.62 -21.47 -30.09
CA TRP B 142 23.52 -21.23 -31.01
C TRP B 142 22.27 -20.80 -30.26
N ALA B 143 21.77 -21.67 -29.37
CA ALA B 143 20.57 -21.41 -28.58
C ALA B 143 20.51 -19.97 -28.04
N GLU B 144 19.63 -19.17 -28.65
CA GLU B 144 19.45 -17.77 -28.31
C GLU B 144 19.13 -17.46 -26.87
N ASN B 145 18.29 -18.28 -26.25
CA ASN B 145 17.88 -18.04 -24.88
C ASN B 145 18.89 -18.36 -23.79
N ILE B 146 19.95 -19.09 -24.16
CA ILE B 146 21.05 -19.45 -23.25
C ILE B 146 22.01 -18.24 -23.28
N ASP B 147 21.98 -17.43 -22.24
CA ASP B 147 22.83 -16.25 -22.17
C ASP B 147 24.32 -16.54 -22.06
N TYR B 148 24.70 -17.45 -21.16
CA TYR B 148 26.09 -17.82 -21.02
C TYR B 148 26.17 -19.33 -20.75
N PHE B 149 27.35 -19.89 -20.97
CA PHE B 149 27.59 -21.33 -20.84
C PHE B 149 28.06 -21.77 -19.45
N SER B 150 27.47 -22.84 -18.94
CA SER B 150 27.85 -23.42 -17.65
C SER B 150 28.35 -24.83 -17.94
N LEU B 151 29.40 -25.27 -17.25
CA LEU B 151 29.96 -26.61 -17.47
C LEU B 151 28.88 -27.70 -17.44
N PRO B 152 28.43 -28.14 -18.62
CA PRO B 152 27.40 -29.17 -18.81
C PRO B 152 27.71 -30.54 -18.23
N VAL B 153 28.83 -31.11 -18.67
CA VAL B 153 29.23 -32.42 -18.18
C VAL B 153 30.71 -32.42 -17.85
N SER B 154 31.18 -33.55 -17.32
CA SER B 154 32.57 -33.73 -16.95
C SER B 154 33.39 -34.36 -18.07
N ALA B 155 34.67 -33.99 -18.13
CA ALA B 155 35.57 -34.55 -19.13
C ALA B 155 36.18 -35.78 -18.46
N ARG B 156 35.32 -36.75 -18.18
CA ARG B 156 35.72 -37.97 -17.48
C ARG B 156 36.77 -38.83 -18.19
N ASP B 157 36.90 -38.70 -19.51
CA ASP B 157 37.89 -39.48 -20.23
C ASP B 157 39.28 -38.93 -19.90
N ILE B 158 39.30 -37.82 -19.17
CA ILE B 158 40.54 -37.16 -18.77
C ILE B 158 40.97 -37.53 -17.34
N ALA B 159 40.07 -38.15 -16.58
CA ALA B 159 40.37 -38.53 -15.19
C ALA B 159 41.62 -39.41 -15.06
N GLY B 160 42.37 -39.20 -13.98
CA GLY B 160 43.58 -39.96 -13.77
C GLY B 160 44.66 -39.46 -14.70
N GLN B 161 44.31 -39.25 -15.97
CA GLN B 161 45.24 -38.78 -16.99
C GLN B 161 45.76 -37.36 -16.83
N GLY B 162 44.96 -36.46 -16.27
CA GLY B 162 45.44 -35.09 -16.13
C GLY B 162 44.49 -34.20 -15.35
N ALA B 163 44.69 -32.89 -15.47
CA ALA B 163 43.87 -31.90 -14.79
C ALA B 163 42.50 -31.76 -15.44
N GLN B 164 41.56 -32.60 -15.03
CA GLN B 164 40.21 -32.58 -15.60
C GLN B 164 39.49 -31.26 -15.38
N ASP B 165 39.91 -30.50 -14.38
CA ASP B 165 39.26 -29.22 -14.12
C ASP B 165 39.78 -28.10 -15.00
N VAL B 166 40.99 -28.24 -15.53
CA VAL B 166 41.54 -27.21 -16.40
C VAL B 166 41.09 -27.43 -17.84
N HIS B 167 40.82 -28.69 -18.19
CA HIS B 167 40.33 -29.00 -19.53
C HIS B 167 38.92 -28.47 -19.55
N GLU B 168 38.22 -28.72 -18.45
CA GLU B 168 36.84 -28.27 -18.26
C GLU B 168 36.78 -26.75 -18.25
N THR B 169 37.91 -26.12 -18.55
CA THR B 169 38.00 -24.66 -18.60
C THR B 169 38.27 -24.20 -20.02
N LEU B 170 39.26 -24.81 -20.66
CA LEU B 170 39.62 -24.42 -22.01
C LEU B 170 38.69 -24.97 -23.07
N THR B 171 38.25 -26.22 -22.92
CA THR B 171 37.33 -26.81 -23.90
C THR B 171 36.12 -25.88 -24.08
N PRO B 172 35.51 -25.44 -22.96
CA PRO B 172 34.37 -24.55 -23.11
C PRO B 172 34.79 -23.23 -23.76
N LEU B 173 35.75 -22.54 -23.16
CA LEU B 173 36.24 -21.28 -23.69
C LEU B 173 36.58 -21.37 -25.17
N ALA B 174 36.87 -22.58 -25.63
CA ALA B 174 37.25 -22.80 -27.02
C ALA B 174 36.10 -23.17 -27.95
N ASN B 175 35.07 -23.82 -27.43
CA ASN B 175 33.96 -24.23 -28.26
C ASN B 175 32.74 -23.30 -28.25
N THR B 176 32.86 -22.19 -27.54
CA THR B 176 31.76 -21.23 -27.47
C THR B 176 32.36 -19.84 -27.30
N ALA B 177 31.56 -18.81 -27.61
CA ALA B 177 32.04 -17.45 -27.48
C ALA B 177 31.39 -16.75 -26.28
N LYS B 178 30.30 -17.32 -25.80
CA LYS B 178 29.58 -16.75 -24.66
C LYS B 178 30.42 -16.87 -23.39
N HIS B 179 29.98 -16.22 -22.33
CA HIS B 179 30.70 -16.26 -21.05
C HIS B 179 30.67 -17.67 -20.48
N PHE B 180 31.73 -18.04 -19.75
CA PHE B 180 31.81 -19.36 -19.16
C PHE B 180 31.67 -19.34 -17.65
N HIS B 181 31.03 -20.37 -17.12
CA HIS B 181 30.82 -20.50 -15.68
C HIS B 181 31.18 -21.92 -15.32
N HIS B 182 32.22 -22.06 -14.52
CA HIS B 182 32.68 -23.38 -14.10
C HIS B 182 31.94 -23.87 -12.85
N ILE B 183 31.24 -25.00 -13.00
CA ILE B 183 30.47 -25.60 -11.90
C ILE B 183 31.29 -26.58 -11.06
N ASP B 184 32.46 -26.96 -11.59
CA ASP B 184 33.34 -27.92 -10.96
C ASP B 184 34.75 -27.38 -10.78
N PRO B 185 34.91 -26.17 -10.20
CA PRO B 185 36.26 -25.63 -10.03
C PRO B 185 37.00 -26.26 -8.84
N VAL B 186 38.32 -26.33 -8.95
CA VAL B 186 39.17 -26.88 -7.87
C VAL B 186 39.97 -25.76 -7.23
N GLY B 187 39.76 -25.56 -5.93
CA GLY B 187 40.44 -24.50 -5.21
C GLY B 187 41.95 -24.35 -5.35
N GLU B 188 42.65 -25.45 -5.51
CA GLU B 188 44.09 -25.40 -5.64
C GLU B 188 44.52 -24.99 -7.05
N ASN B 189 43.56 -24.88 -7.97
CA ASN B 189 43.86 -24.53 -9.35
C ASN B 189 43.27 -23.24 -9.90
N VAL B 190 42.56 -22.49 -9.06
CA VAL B 190 41.96 -21.24 -9.51
C VAL B 190 42.95 -20.43 -10.32
N GLU B 191 44.22 -20.48 -9.93
CA GLU B 191 45.27 -19.75 -10.62
C GLU B 191 45.38 -20.16 -12.10
N TYR B 192 45.20 -21.44 -12.38
CA TYR B 192 45.28 -21.92 -13.75
C TYR B 192 44.19 -21.23 -14.53
N TYR B 193 43.01 -21.19 -13.92
CA TYR B 193 41.84 -20.57 -14.53
C TYR B 193 42.13 -19.11 -14.85
N ARG B 194 42.72 -18.41 -13.89
CA ARG B 194 43.09 -17.01 -14.08
C ARG B 194 44.11 -16.90 -15.20
N ASP B 195 45.20 -17.68 -15.08
CA ASP B 195 46.26 -17.68 -16.07
C ASP B 195 45.73 -17.89 -17.49
N ILE B 196 44.70 -18.73 -17.64
CA ILE B 196 44.11 -18.99 -18.94
C ILE B 196 43.39 -17.76 -19.50
N VAL B 197 42.73 -17.00 -18.63
CA VAL B 197 42.02 -15.81 -19.10
C VAL B 197 43.04 -14.72 -19.35
N LYS B 198 44.01 -14.62 -18.45
CA LYS B 198 45.07 -13.63 -18.57
C LYS B 198 45.67 -13.84 -19.95
N ALA B 199 45.76 -15.11 -20.35
CA ALA B 199 46.30 -15.49 -21.64
C ALA B 199 45.48 -14.91 -22.78
N TYR B 200 44.19 -15.28 -22.81
CA TYR B 200 43.26 -14.82 -23.84
C TYR B 200 43.41 -13.35 -24.19
N TYR B 201 43.59 -12.50 -23.18
CA TYR B 201 43.77 -11.06 -23.38
C TYR B 201 45.25 -10.73 -23.43
N GLY B 202 46.05 -11.65 -23.96
CA GLY B 202 47.48 -11.41 -24.05
C GLY B 202 48.13 -10.85 -22.80
N GLY B 203 48.13 -11.63 -21.73
CA GLY B 203 48.77 -11.22 -20.48
C GLY B 203 48.24 -10.08 -19.63
N ASP B 204 47.58 -9.10 -20.25
CA ASP B 204 47.06 -7.98 -19.48
C ASP B 204 45.97 -8.46 -18.52
N GLU B 205 46.32 -8.56 -17.23
CA GLU B 205 45.37 -9.00 -16.22
C GLU B 205 44.27 -7.94 -16.00
N GLU B 206 44.64 -6.66 -16.10
CA GLU B 206 43.67 -5.59 -15.92
C GLU B 206 42.51 -5.76 -16.89
N GLU B 207 42.78 -6.39 -18.01
CA GLU B 207 41.77 -6.63 -19.03
C GLU B 207 40.88 -7.80 -18.61
N ALA B 208 41.51 -8.85 -18.13
CA ALA B 208 40.78 -10.02 -17.69
C ALA B 208 39.88 -9.70 -16.50
N ARG B 209 40.36 -8.86 -15.59
CA ARG B 209 39.59 -8.49 -14.41
C ARG B 209 38.44 -7.52 -14.72
N LYS B 210 38.56 -6.77 -15.81
CA LYS B 210 37.52 -5.83 -16.23
C LYS B 210 36.45 -6.49 -17.10
N LYS B 211 36.81 -7.57 -17.77
CA LYS B 211 35.88 -8.30 -18.63
C LYS B 211 36.01 -9.82 -18.42
N PRO B 212 35.57 -10.31 -17.26
CA PRO B 212 35.65 -11.75 -16.96
C PRO B 212 34.87 -12.68 -17.88
N ILE B 213 35.58 -13.44 -18.71
CA ILE B 213 34.92 -14.39 -19.60
C ILE B 213 34.77 -15.67 -18.80
N PHE B 214 35.28 -15.63 -17.56
CA PHE B 214 35.23 -16.78 -16.69
C PHE B 214 34.78 -16.39 -15.27
N SER B 215 33.89 -17.20 -14.70
CA SER B 215 33.34 -17.06 -13.34
C SER B 215 33.09 -18.50 -12.86
N MET B 216 32.81 -18.70 -11.57
CA MET B 216 32.61 -20.06 -11.07
C MET B 216 31.68 -20.27 -9.87
N LEU B 217 31.26 -21.53 -9.69
CA LEU B 217 30.36 -21.93 -8.62
C LEU B 217 31.00 -22.81 -7.54
N LEU B 218 30.84 -22.40 -6.28
CA LEU B 218 31.36 -23.18 -5.15
C LEU B 218 30.07 -23.67 -4.50
N CYS B 219 30.15 -24.39 -3.39
CA CYS B 219 28.93 -24.89 -2.77
C CYS B 219 28.99 -25.20 -1.28
N PRO B 220 28.34 -24.39 -0.46
CA PRO B 220 28.37 -24.71 0.97
C PRO B 220 27.96 -26.18 1.10
N THR B 221 28.49 -26.87 2.10
CA THR B 221 28.15 -28.28 2.32
C THR B 221 27.05 -28.38 3.39
N SER B 222 25.83 -28.71 2.96
CA SER B 222 24.70 -28.81 3.91
C SER B 222 24.79 -30.02 4.85
N PRO B 223 24.51 -29.80 6.16
CA PRO B 223 24.13 -28.52 6.75
C PRO B 223 25.25 -27.76 7.45
N LEU B 224 25.18 -26.43 7.35
CA LEU B 224 26.13 -25.50 7.97
C LEU B 224 27.60 -25.92 7.93
N GLU B 225 28.17 -25.93 6.74
CA GLU B 225 29.58 -26.31 6.57
C GLU B 225 30.24 -25.65 5.36
N LEU B 226 31.33 -24.94 5.59
CA LEU B 226 32.04 -24.37 4.46
C LEU B 226 33.25 -25.26 4.27
N SER B 227 33.20 -26.11 3.23
CA SER B 227 34.30 -27.02 2.93
C SER B 227 35.57 -26.27 2.61
N VAL B 228 36.66 -27.01 2.44
CA VAL B 228 37.93 -26.39 2.13
C VAL B 228 37.97 -25.88 0.70
N ASN B 229 37.55 -26.70 -0.26
CA ASN B 229 37.53 -26.28 -1.66
C ASN B 229 36.67 -25.03 -1.75
N ALA B 230 35.50 -25.09 -1.14
CA ALA B 230 34.57 -23.99 -1.12
C ALA B 230 35.33 -22.73 -0.69
N CYS B 231 35.88 -22.78 0.51
CA CYS B 231 36.64 -21.66 1.05
C CYS B 231 37.71 -21.13 0.11
N GLN B 232 38.51 -22.03 -0.46
CA GLN B 232 39.56 -21.58 -1.36
C GLN B 232 38.99 -20.93 -2.60
N VAL B 233 38.00 -21.58 -3.22
CA VAL B 233 37.38 -21.02 -4.41
C VAL B 233 36.80 -19.63 -4.15
N ILE B 234 36.24 -19.44 -2.96
CA ILE B 234 35.70 -18.14 -2.58
C ILE B 234 36.86 -17.16 -2.53
N ILE B 235 37.82 -17.47 -1.65
CA ILE B 235 39.00 -16.65 -1.43
C ILE B 235 39.81 -16.27 -2.66
N LYS B 236 40.25 -17.27 -3.42
CA LYS B 236 41.05 -17.00 -4.60
C LYS B 236 40.27 -16.17 -5.59
N GLY B 237 39.02 -16.54 -5.83
CA GLY B 237 38.21 -15.76 -6.74
C GLY B 237 38.08 -14.31 -6.30
N ALA B 238 37.71 -14.10 -5.04
CA ALA B 238 37.55 -12.75 -4.52
C ALA B 238 38.76 -11.93 -4.89
N ARG B 239 39.93 -12.51 -4.68
CA ARG B 239 41.19 -11.84 -4.97
C ARG B 239 41.50 -11.74 -6.46
N PHE B 240 41.39 -12.86 -7.16
CA PHE B 240 41.67 -12.91 -8.60
C PHE B 240 40.72 -12.09 -9.46
N GLY B 241 39.63 -11.60 -8.87
CA GLY B 241 38.69 -10.81 -9.63
C GLY B 241 37.63 -11.64 -10.36
N ILE B 242 37.63 -12.93 -10.08
CA ILE B 242 36.67 -13.86 -10.67
C ILE B 242 35.35 -13.92 -9.90
N PRO B 243 34.23 -13.70 -10.60
CA PRO B 243 32.91 -13.73 -9.98
C PRO B 243 32.63 -15.12 -9.39
N VAL B 244 32.06 -15.15 -8.19
CA VAL B 244 31.78 -16.43 -7.54
C VAL B 244 30.31 -16.64 -7.21
N ASN B 245 29.85 -17.84 -7.50
CA ASN B 245 28.49 -18.23 -7.27
C ASN B 245 28.46 -19.03 -5.99
N VAL B 246 27.83 -18.51 -4.95
CA VAL B 246 27.72 -19.24 -3.70
C VAL B 246 26.38 -20.00 -3.72
N LEU B 247 26.40 -21.19 -4.31
CA LEU B 247 25.19 -22.01 -4.46
C LEU B 247 24.95 -23.01 -3.34
N SER B 248 23.77 -22.95 -2.72
CA SER B 248 23.42 -23.87 -1.64
C SER B 248 22.69 -25.04 -2.27
N MET B 249 22.84 -26.22 -1.70
CA MET B 249 22.15 -27.39 -2.22
C MET B 249 21.63 -28.25 -1.10
N ALA B 250 20.88 -27.64 -0.20
CA ALA B 250 20.34 -28.38 0.92
C ALA B 250 19.32 -29.41 0.42
N MET B 251 18.73 -30.13 1.37
CA MET B 251 17.74 -31.13 1.07
C MET B 251 16.73 -31.24 2.19
N SER B 252 15.57 -30.63 2.01
CA SER B 252 14.52 -30.69 3.00
C SER B 252 14.19 -32.16 3.28
N GLY B 253 14.36 -32.56 4.53
CA GLY B 253 14.12 -33.93 4.91
C GLY B 253 15.43 -34.70 4.90
N GLY B 254 16.47 -34.06 4.36
CA GLY B 254 17.79 -34.68 4.29
C GLY B 254 18.85 -33.95 5.09
N SER B 255 18.99 -32.64 4.85
CA SER B 255 19.97 -31.82 5.54
C SER B 255 19.37 -30.53 6.11
N SER B 256 18.08 -30.33 5.90
CA SER B 256 17.37 -29.17 6.42
C SER B 256 15.94 -29.63 6.69
N PRO B 257 15.19 -28.89 7.52
CA PRO B 257 13.81 -29.25 7.85
C PRO B 257 12.99 -29.74 6.66
N VAL B 258 11.90 -30.46 6.95
CA VAL B 258 11.06 -30.94 5.88
C VAL B 258 10.20 -29.78 5.36
N TYR B 259 10.19 -28.68 6.10
CA TYR B 259 9.43 -27.49 5.70
C TYR B 259 10.25 -26.61 4.77
N LEU B 260 9.64 -26.17 3.67
CA LEU B 260 10.30 -25.30 2.70
C LEU B 260 10.91 -24.07 3.38
N ALA B 261 10.12 -23.38 4.19
CA ALA B 261 10.58 -22.19 4.90
C ALA B 261 11.78 -22.43 5.81
N GLY B 262 11.79 -23.56 6.49
CA GLY B 262 12.91 -23.87 7.37
C GLY B 262 14.13 -24.24 6.56
N THR B 263 13.91 -24.84 5.39
CA THR B 263 15.00 -25.23 4.50
C THR B 263 15.73 -23.99 4.02
N LEU B 264 14.99 -22.88 3.92
CA LEU B 264 15.55 -21.61 3.47
C LEU B 264 16.49 -21.06 4.53
N VAL B 265 16.13 -21.24 5.79
CA VAL B 265 16.97 -20.78 6.88
C VAL B 265 18.32 -21.48 6.80
N THR B 266 18.31 -22.81 6.67
CA THR B 266 19.54 -23.56 6.54
C THR B 266 20.32 -22.99 5.36
N HIS B 267 19.66 -22.90 4.21
CA HIS B 267 20.22 -22.36 2.97
C HIS B 267 20.76 -20.92 3.15
N ASN B 268 19.94 -20.06 3.73
CA ASN B 268 20.28 -18.66 3.93
C ASN B 268 21.52 -18.47 4.80
N ALA B 269 21.73 -19.37 5.75
CA ALA B 269 22.87 -19.29 6.64
C ALA B 269 24.16 -19.67 5.92
N GLU B 270 24.07 -20.69 5.06
CA GLU B 270 25.20 -21.20 4.29
C GLU B 270 25.68 -20.26 3.18
N VAL B 271 24.74 -19.86 2.32
CA VAL B 271 25.07 -18.94 1.24
C VAL B 271 25.71 -17.72 1.89
N LEU B 272 24.93 -17.05 2.74
CA LEU B 272 25.40 -15.87 3.42
C LEU B 272 26.77 -16.05 4.06
N SER B 273 26.99 -17.16 4.77
CA SER B 273 28.28 -17.37 5.40
C SER B 273 29.37 -17.31 4.33
N GLY B 274 29.05 -17.85 3.15
CA GLY B 274 30.00 -17.83 2.05
C GLY B 274 30.17 -16.42 1.51
N ILE B 275 29.07 -15.69 1.38
CA ILE B 275 29.09 -14.32 0.89
C ILE B 275 29.88 -13.44 1.87
N VAL B 276 29.87 -13.80 3.14
CA VAL B 276 30.59 -13.07 4.17
C VAL B 276 32.10 -13.33 4.04
N LEU B 277 32.47 -14.59 3.80
CA LEU B 277 33.87 -14.94 3.65
C LEU B 277 34.42 -14.09 2.50
N ALA B 278 33.68 -14.09 1.39
CA ALA B 278 34.05 -13.36 0.20
C ALA B 278 34.28 -11.87 0.43
N GLN B 279 33.33 -11.22 1.09
CA GLN B 279 33.46 -9.79 1.33
C GLN B 279 34.57 -9.39 2.30
N LEU B 280 34.83 -10.22 3.31
CA LEU B 280 35.89 -9.93 4.27
C LEU B 280 37.21 -10.15 3.55
N THR B 281 37.24 -11.18 2.70
CA THR B 281 38.43 -11.50 1.91
C THR B 281 38.82 -10.34 1.01
N VAL B 282 37.84 -9.77 0.32
CA VAL B 282 38.04 -8.61 -0.55
C VAL B 282 36.71 -7.87 -0.68
N PRO B 283 36.65 -6.63 -0.20
CA PRO B 283 35.40 -5.88 -0.30
C PRO B 283 34.98 -5.62 -1.75
N GLY B 284 33.69 -5.61 -2.00
CA GLY B 284 33.20 -5.38 -3.34
C GLY B 284 33.27 -6.62 -4.22
N ALA B 285 33.90 -7.68 -3.74
CA ALA B 285 34.01 -8.91 -4.53
C ALA B 285 32.66 -9.32 -5.13
N LYS B 286 32.64 -9.59 -6.43
CA LYS B 286 31.42 -9.99 -7.12
C LYS B 286 30.96 -11.40 -6.68
N VAL B 287 29.71 -11.51 -6.23
CA VAL B 287 29.17 -12.82 -5.83
C VAL B 287 27.71 -13.02 -6.20
N TRP B 288 27.29 -14.27 -6.15
CA TRP B 288 25.93 -14.66 -6.46
C TRP B 288 25.29 -15.22 -5.20
N TYR B 289 23.99 -15.02 -5.05
CA TYR B 289 23.25 -15.57 -3.93
C TYR B 289 22.45 -16.63 -4.67
N GLY B 290 23.09 -17.77 -4.93
CA GLY B 290 22.45 -18.86 -5.67
C GLY B 290 21.97 -20.06 -4.87
N SER B 291 21.21 -20.94 -5.55
CA SER B 291 20.68 -22.14 -4.93
C SER B 291 20.33 -23.27 -5.91
N SER B 292 20.16 -24.45 -5.35
CA SER B 292 19.77 -25.65 -6.10
C SER B 292 19.21 -26.61 -5.07
N THR B 293 18.83 -26.02 -3.95
CA THR B 293 18.25 -26.72 -2.82
C THR B 293 16.90 -27.28 -3.23
N THR B 294 16.75 -28.59 -3.10
CA THR B 294 15.48 -29.20 -3.46
C THR B 294 14.93 -29.95 -2.26
N THR B 295 13.89 -30.72 -2.48
CA THR B 295 13.27 -31.48 -1.42
C THR B 295 13.60 -32.95 -1.60
N PHE B 296 13.80 -33.65 -0.50
CA PHE B 296 14.10 -35.06 -0.58
C PHE B 296 12.79 -35.84 -0.58
N ASP B 297 12.57 -36.66 -1.60
CA ASP B 297 11.36 -37.47 -1.68
C ASP B 297 11.61 -38.66 -0.77
N LEU B 298 11.09 -38.55 0.46
CA LEU B 298 11.26 -39.58 1.47
C LEU B 298 10.77 -40.94 1.00
N LYS B 299 9.72 -40.95 0.18
CA LYS B 299 9.13 -42.19 -0.33
C LYS B 299 9.95 -42.90 -1.41
N LYS B 300 9.98 -42.36 -2.62
CA LYS B 300 10.73 -42.99 -3.70
C LYS B 300 12.25 -43.00 -3.43
N GLY B 301 12.64 -42.46 -2.28
CA GLY B 301 14.04 -42.44 -1.88
C GLY B 301 15.04 -41.64 -2.70
N THR B 302 14.62 -40.52 -3.26
CA THR B 302 15.53 -39.69 -4.06
C THR B 302 15.37 -38.20 -3.79
N ALA B 303 16.10 -37.39 -4.55
CA ALA B 303 16.02 -35.93 -4.42
C ALA B 303 15.47 -35.36 -5.72
N PRO B 304 14.15 -35.43 -5.91
CA PRO B 304 13.52 -34.91 -7.13
C PRO B 304 13.79 -33.44 -7.34
N VAL B 305 14.16 -33.09 -8.56
CA VAL B 305 14.46 -31.71 -8.91
C VAL B 305 13.59 -31.21 -10.08
N GLY B 306 12.50 -31.92 -10.35
CA GLY B 306 11.56 -31.54 -11.39
C GLY B 306 10.22 -31.40 -10.69
N SER B 307 10.30 -31.32 -9.37
CA SER B 307 9.15 -31.21 -8.48
C SER B 307 8.76 -29.76 -8.29
N PRO B 308 7.56 -29.50 -7.74
CA PRO B 308 7.11 -28.14 -7.51
C PRO B 308 7.95 -27.47 -6.41
N GLU B 309 8.45 -28.27 -5.47
CA GLU B 309 9.27 -27.75 -4.38
C GLU B 309 10.50 -27.02 -4.89
N LEU B 310 11.21 -27.65 -5.83
CA LEU B 310 12.39 -27.02 -6.40
C LEU B 310 11.97 -25.66 -6.94
N GLY B 311 10.98 -25.69 -7.84
CA GLY B 311 10.47 -24.46 -8.44
C GLY B 311 10.20 -23.40 -7.39
N LEU B 312 9.49 -23.78 -6.33
CA LEU B 312 9.17 -22.88 -5.24
C LEU B 312 10.36 -22.25 -4.53
N ILE B 313 11.38 -23.05 -4.23
CA ILE B 313 12.56 -22.53 -3.53
C ILE B 313 13.38 -21.58 -4.38
N SER B 314 13.70 -22.02 -5.59
CA SER B 314 14.49 -21.21 -6.50
C SER B 314 13.92 -19.80 -6.54
N ALA B 315 12.60 -19.72 -6.73
CA ALA B 315 11.89 -18.45 -6.76
C ALA B 315 11.94 -17.81 -5.37
N ALA B 316 11.76 -18.62 -4.34
CA ALA B 316 11.80 -18.13 -2.97
C ALA B 316 13.14 -17.45 -2.76
N VAL B 317 14.19 -18.15 -3.15
CA VAL B 317 15.55 -17.63 -3.06
C VAL B 317 15.68 -16.39 -3.92
N ALA B 318 14.97 -16.37 -5.05
CA ALA B 318 14.99 -15.24 -5.95
C ALA B 318 14.52 -13.99 -5.18
N LYS B 319 13.64 -14.20 -4.22
CA LYS B 319 13.10 -13.10 -3.42
C LYS B 319 14.07 -12.77 -2.29
N LEU B 320 14.58 -13.79 -1.63
CA LEU B 320 15.53 -13.58 -0.54
C LEU B 320 16.74 -12.83 -1.11
N ALA B 321 17.15 -13.25 -2.31
CA ALA B 321 18.28 -12.62 -2.98
C ALA B 321 17.94 -11.17 -3.24
N GLN B 322 16.73 -10.93 -3.71
CA GLN B 322 16.27 -9.57 -3.99
C GLN B 322 16.29 -8.77 -2.71
N PHE B 323 15.76 -9.38 -1.66
CA PHE B 323 15.67 -8.78 -0.33
C PHE B 323 17.02 -8.36 0.24
N TYR B 324 18.06 -9.14 -0.08
CA TYR B 324 19.40 -8.85 0.40
C TYR B 324 20.19 -8.00 -0.61
N GLY B 325 19.50 -7.62 -1.70
CA GLY B 325 20.11 -6.80 -2.73
C GLY B 325 21.24 -7.38 -3.58
N LEU B 326 21.26 -8.70 -3.76
CA LEU B 326 22.32 -9.34 -4.53
C LEU B 326 21.74 -10.13 -5.70
N PRO B 327 22.55 -10.35 -6.75
CA PRO B 327 22.07 -11.12 -7.90
C PRO B 327 21.75 -12.54 -7.43
N SER B 328 20.94 -13.27 -8.19
CA SER B 328 20.58 -14.63 -7.79
C SER B 328 20.87 -15.58 -8.92
N TYR B 329 21.16 -16.83 -8.57
CA TYR B 329 21.47 -17.87 -9.55
C TYR B 329 20.82 -19.15 -9.03
N VAL B 330 19.53 -19.29 -9.29
CA VAL B 330 18.76 -20.44 -8.84
C VAL B 330 18.56 -21.50 -9.90
N ALA B 331 18.40 -22.74 -9.46
CA ALA B 331 18.19 -23.84 -10.38
C ALA B 331 16.72 -23.93 -10.76
N GLY B 332 16.49 -23.99 -12.07
CA GLY B 332 15.14 -24.10 -12.58
C GLY B 332 15.27 -24.69 -13.97
N SER B 333 14.16 -25.13 -14.54
CA SER B 333 14.22 -25.72 -15.86
C SER B 333 14.85 -27.10 -15.68
N LYS B 334 14.41 -27.82 -14.66
CA LYS B 334 14.94 -29.15 -14.37
C LYS B 334 13.89 -30.27 -14.43
N SER B 335 14.37 -31.50 -14.55
CA SER B 335 13.49 -32.65 -14.63
C SER B 335 14.11 -33.94 -14.09
N ASP B 336 13.27 -34.79 -13.50
CA ASP B 336 13.70 -36.06 -12.97
C ASP B 336 13.37 -37.16 -13.97
N ALA B 337 12.90 -36.76 -15.14
CA ALA B 337 12.55 -37.71 -16.19
C ALA B 337 13.82 -38.39 -16.69
N LYS B 338 13.67 -39.52 -17.36
CA LYS B 338 14.81 -40.25 -17.89
C LYS B 338 14.97 -40.13 -19.40
N VAL B 339 14.00 -39.49 -20.04
CA VAL B 339 14.03 -39.31 -21.48
C VAL B 339 13.10 -38.15 -21.81
N PRO B 340 13.47 -37.29 -22.77
CA PRO B 340 12.66 -36.12 -23.18
C PRO B 340 11.22 -36.46 -23.54
N ASP B 341 10.36 -36.59 -22.53
CA ASP B 341 8.96 -36.96 -22.76
C ASP B 341 7.96 -35.97 -22.15
N ASP B 342 6.71 -36.42 -22.07
CA ASP B 342 5.63 -35.61 -21.51
C ASP B 342 6.02 -35.12 -20.10
N GLN B 343 6.65 -36.01 -19.31
CA GLN B 343 7.08 -35.67 -17.95
C GLN B 343 8.10 -34.54 -17.94
N ALA B 344 9.15 -34.72 -18.73
CA ALA B 344 10.19 -33.71 -18.85
C ALA B 344 9.55 -32.35 -19.06
N GLY B 345 8.84 -32.21 -20.17
CA GLY B 345 8.18 -30.96 -20.50
C GLY B 345 7.36 -30.33 -19.38
N HIS B 346 6.80 -31.16 -18.52
CA HIS B 346 6.02 -30.64 -17.41
C HIS B 346 6.97 -30.14 -16.34
N GLU B 347 7.67 -31.07 -15.70
CA GLU B 347 8.60 -30.74 -14.64
C GLU B 347 9.53 -29.60 -15.03
N LYS B 348 9.80 -29.46 -16.32
CA LYS B 348 10.69 -28.41 -16.79
C LYS B 348 10.07 -27.04 -16.62
N THR B 349 8.82 -26.94 -17.06
CA THR B 349 8.07 -25.70 -17.00
C THR B 349 7.62 -25.35 -15.58
N MET B 350 7.43 -26.36 -14.75
CA MET B 350 7.01 -26.17 -13.36
C MET B 350 8.13 -25.61 -12.52
N THR B 351 9.36 -25.80 -12.99
CA THR B 351 10.52 -25.34 -12.25
C THR B 351 11.19 -24.12 -12.87
N THR B 352 10.86 -23.81 -14.12
CA THR B 352 11.47 -22.66 -14.79
C THR B 352 10.55 -21.44 -14.75
N LEU B 353 9.25 -21.69 -14.62
CA LEU B 353 8.28 -20.62 -14.61
C LEU B 353 8.20 -19.87 -13.29
N LEU B 354 8.22 -20.60 -12.18
CA LEU B 354 8.15 -19.96 -10.89
C LEU B 354 9.33 -19.01 -10.64
N PRO B 355 10.58 -19.51 -10.77
CA PRO B 355 11.74 -18.64 -10.53
C PRO B 355 11.74 -17.48 -11.52
N ALA B 356 11.37 -17.76 -12.76
CA ALA B 356 11.34 -16.74 -13.79
C ALA B 356 10.42 -15.59 -13.38
N LEU B 357 9.14 -15.90 -13.22
CA LEU B 357 8.16 -14.89 -12.84
C LEU B 357 8.52 -14.18 -11.54
N ALA B 358 9.42 -14.78 -10.78
CA ALA B 358 9.84 -14.22 -9.50
C ALA B 358 11.04 -13.29 -9.56
N GLY B 359 11.77 -13.31 -10.68
CA GLY B 359 12.94 -12.46 -10.81
C GLY B 359 14.27 -13.17 -10.56
N ALA B 360 14.38 -14.38 -11.11
CA ALA B 360 15.60 -15.16 -10.95
C ALA B 360 16.60 -14.58 -11.93
N ASN B 361 17.68 -14.01 -11.40
CA ASN B 361 18.72 -13.41 -12.23
C ASN B 361 19.39 -14.41 -13.19
N THR B 362 19.39 -15.68 -12.81
CA THR B 362 19.94 -16.74 -13.66
C THR B 362 19.31 -18.08 -13.30
N ILE B 363 18.62 -18.69 -14.26
CA ILE B 363 17.97 -19.96 -14.04
C ILE B 363 18.75 -21.05 -14.74
N TYR B 364 19.56 -21.75 -13.96
CA TYR B 364 20.39 -22.81 -14.50
C TYR B 364 19.66 -24.14 -14.42
N GLY B 365 19.66 -24.88 -15.52
CA GLY B 365 19.00 -26.17 -15.56
C GLY B 365 18.72 -26.68 -16.95
N ALA B 366 18.59 -25.77 -17.91
CA ALA B 366 18.30 -26.13 -19.29
C ALA B 366 19.02 -27.37 -19.78
N GLY B 367 18.31 -28.15 -20.61
CA GLY B 367 18.87 -29.35 -21.20
C GLY B 367 19.20 -30.52 -20.30
N MET B 368 18.82 -30.44 -19.02
CA MET B 368 19.13 -31.53 -18.11
C MET B 368 18.06 -32.61 -17.99
N LEU B 369 18.53 -33.85 -17.83
CA LEU B 369 17.64 -34.99 -17.69
C LEU B 369 18.13 -35.92 -16.59
N GLU B 370 17.27 -36.84 -16.17
CA GLU B 370 17.57 -37.81 -15.15
C GLU B 370 18.12 -37.24 -13.83
N LEU B 371 17.30 -36.48 -13.13
CA LEU B 371 17.64 -35.88 -11.85
C LEU B 371 18.99 -35.16 -11.68
N GLY B 372 19.55 -34.65 -12.77
CA GLY B 372 20.82 -33.95 -12.68
C GLY B 372 22.04 -34.85 -12.83
N MET B 373 21.92 -35.83 -13.70
CA MET B 373 22.99 -36.77 -13.94
C MET B 373 23.31 -36.75 -15.43
N THR B 374 22.28 -36.61 -16.24
CA THR B 374 22.39 -36.61 -17.69
C THR B 374 22.07 -35.26 -18.33
N PHE B 375 22.57 -35.06 -19.55
CA PHE B 375 22.35 -33.84 -20.33
C PHE B 375 21.86 -34.29 -21.70
N SER B 376 20.65 -33.88 -22.07
CA SER B 376 20.07 -34.28 -23.36
C SER B 376 20.07 -33.18 -24.42
N MET B 377 20.98 -33.29 -25.38
CA MET B 377 21.07 -32.30 -26.45
C MET B 377 19.68 -31.94 -26.96
N GLU B 378 18.83 -32.94 -27.09
CA GLU B 378 17.47 -32.76 -27.58
C GLU B 378 16.71 -31.90 -26.59
N GLN B 379 16.71 -32.31 -25.34
CA GLN B 379 16.01 -31.59 -24.28
C GLN B 379 16.50 -30.14 -24.18
N LEU B 380 17.75 -29.89 -24.53
CA LEU B 380 18.29 -28.54 -24.45
C LEU B 380 17.61 -27.57 -25.41
N VAL B 381 17.48 -27.97 -26.67
CA VAL B 381 16.84 -27.09 -27.65
C VAL B 381 15.36 -26.91 -27.31
N ILE B 382 14.73 -27.98 -26.82
CA ILE B 382 13.33 -27.92 -26.43
C ILE B 382 13.25 -26.88 -25.31
N ASP B 383 13.99 -27.12 -24.24
CA ASP B 383 14.06 -26.22 -23.09
C ASP B 383 14.30 -24.77 -23.53
N ASN B 384 15.08 -24.60 -24.59
CA ASN B 384 15.37 -23.26 -25.08
C ASN B 384 14.13 -22.63 -25.69
N ASP B 385 13.38 -23.40 -26.45
CA ASP B 385 12.18 -22.87 -27.08
C ASP B 385 11.19 -22.50 -26.00
N ILE B 386 11.17 -23.29 -24.92
CA ILE B 386 10.27 -22.99 -23.81
C ILE B 386 10.60 -21.62 -23.26
N PHE B 387 11.88 -21.37 -23.01
CA PHE B 387 12.28 -20.08 -22.47
C PHE B 387 11.73 -18.95 -23.32
N SER B 388 11.61 -19.18 -24.63
CA SER B 388 11.07 -18.17 -25.52
C SER B 388 9.60 -17.94 -25.22
N MET B 389 8.90 -19.03 -24.93
CA MET B 389 7.50 -18.95 -24.59
C MET B 389 7.33 -18.31 -23.21
N VAL B 390 8.30 -18.53 -22.34
CA VAL B 390 8.23 -17.95 -21.00
C VAL B 390 8.38 -16.45 -21.14
N LYS B 391 9.34 -16.05 -21.98
CA LYS B 391 9.60 -14.64 -22.22
C LYS B 391 8.35 -13.94 -22.73
N LYS B 392 7.53 -14.66 -23.48
CA LYS B 392 6.29 -14.09 -24.00
C LYS B 392 5.36 -13.82 -22.83
N ALA B 393 5.24 -14.81 -21.95
CA ALA B 393 4.38 -14.69 -20.79
C ALA B 393 4.84 -13.56 -19.88
N MET B 394 6.14 -13.49 -19.61
CA MET B 394 6.69 -12.46 -18.74
C MET B 394 6.37 -11.03 -19.21
N GLN B 395 5.70 -10.93 -20.35
CA GLN B 395 5.31 -9.64 -20.91
C GLN B 395 4.04 -9.21 -20.20
N GLY B 396 3.34 -10.18 -19.63
CA GLY B 396 2.10 -9.89 -18.94
C GLY B 396 1.14 -9.19 -19.88
N ILE B 397 0.24 -8.40 -19.32
CA ILE B 397 -0.70 -7.64 -20.13
C ILE B 397 -0.31 -6.17 -20.06
N PRO B 398 0.09 -5.62 -21.21
CA PRO B 398 0.49 -4.22 -21.32
C PRO B 398 -0.79 -3.40 -21.53
N VAL B 399 -1.21 -2.71 -20.48
CA VAL B 399 -2.41 -1.88 -20.56
C VAL B 399 -2.00 -0.46 -20.88
N SER B 400 -2.28 -0.06 -22.11
CA SER B 400 -1.94 1.27 -22.60
C SER B 400 -2.99 1.67 -23.62
N GLU B 401 -3.00 2.94 -23.99
CA GLU B 401 -3.96 3.38 -24.99
C GLU B 401 -3.90 2.50 -26.24
N GLU B 402 -2.72 2.47 -26.87
CA GLU B 402 -2.50 1.69 -28.08
C GLU B 402 -2.89 0.21 -27.99
N THR B 403 -2.60 -0.42 -26.85
CA THR B 403 -2.93 -1.84 -26.68
C THR B 403 -4.43 -2.11 -26.58
N LEU B 404 -5.15 -1.30 -25.81
CA LEU B 404 -6.60 -1.49 -25.69
C LEU B 404 -7.22 -1.46 -27.08
N ALA B 405 -6.58 -0.73 -27.99
CA ALA B 405 -7.01 -0.61 -29.37
C ALA B 405 -8.52 -0.55 -29.57
N VAL B 406 -9.17 0.48 -29.05
CA VAL B 406 -10.62 0.58 -29.23
C VAL B 406 -10.97 1.05 -30.63
N GLU B 407 -10.36 2.14 -31.09
CA GLU B 407 -10.62 2.64 -32.44
C GLU B 407 -10.52 1.44 -33.37
N SER B 408 -9.56 0.58 -33.06
CA SER B 408 -9.32 -0.63 -33.82
C SER B 408 -10.53 -1.56 -33.74
N ILE B 409 -10.94 -1.92 -32.53
CA ILE B 409 -12.09 -2.80 -32.34
C ILE B 409 -13.28 -2.31 -33.17
N GLN B 410 -13.54 -1.02 -33.10
CA GLN B 410 -14.65 -0.41 -33.82
C GLN B 410 -14.48 -0.44 -35.33
N LYS B 411 -13.40 0.16 -35.83
CA LYS B 411 -13.10 0.19 -37.26
C LYS B 411 -13.31 -1.18 -37.91
N VAL B 412 -13.25 -2.25 -37.11
CA VAL B 412 -13.45 -3.60 -37.62
C VAL B 412 -14.94 -3.93 -37.61
N GLY B 413 -15.62 -3.56 -36.52
CA GLY B 413 -17.04 -3.79 -36.40
C GLY B 413 -17.47 -5.19 -36.01
N ILE B 414 -18.78 -5.35 -35.85
CA ILE B 414 -19.40 -6.61 -35.47
C ILE B 414 -19.39 -7.68 -36.58
N GLY B 415 -18.86 -8.86 -36.27
CA GLY B 415 -18.82 -9.91 -37.27
C GLY B 415 -17.62 -9.90 -38.20
N ASN B 416 -16.92 -8.78 -38.28
CA ASN B 416 -15.75 -8.66 -39.15
C ASN B 416 -14.52 -9.25 -38.47
N ASN B 417 -13.46 -9.46 -39.24
CA ASN B 417 -12.22 -10.01 -38.68
C ASN B 417 -10.99 -9.16 -38.98
N PHE B 418 -10.17 -8.98 -37.94
CA PHE B 418 -8.97 -8.16 -37.99
C PHE B 418 -7.85 -8.63 -38.91
N LEU B 419 -7.96 -9.85 -39.44
CA LEU B 419 -6.93 -10.38 -40.33
C LEU B 419 -6.55 -9.42 -41.44
N ALA B 420 -7.47 -8.51 -41.77
CA ALA B 420 -7.24 -7.53 -42.84
C ALA B 420 -6.54 -6.28 -42.30
N LEU B 421 -7.20 -5.62 -41.34
CA LEU B 421 -6.70 -4.40 -40.71
C LEU B 421 -5.18 -4.27 -40.79
N LYS B 422 -4.72 -3.10 -41.22
CA LYS B 422 -3.29 -2.86 -41.36
C LYS B 422 -2.56 -3.10 -40.05
N GLN B 423 -3.09 -2.56 -38.97
CA GLN B 423 -2.48 -2.71 -37.64
C GLN B 423 -2.16 -4.17 -37.36
N THR B 424 -2.96 -5.07 -37.90
CA THR B 424 -2.75 -6.48 -37.71
C THR B 424 -1.52 -6.96 -38.46
N ARG B 425 -1.50 -6.77 -39.78
CA ARG B 425 -0.34 -7.19 -40.58
C ARG B 425 0.94 -6.68 -39.94
N GLN B 426 0.90 -5.41 -39.51
CA GLN B 426 2.04 -4.77 -38.87
C GLN B 426 2.57 -5.59 -37.68
N LEU B 427 1.66 -6.02 -36.81
CA LEU B 427 2.02 -6.81 -35.63
C LEU B 427 1.90 -8.30 -35.89
N VAL B 428 2.78 -8.83 -36.75
CA VAL B 428 2.72 -10.25 -37.06
C VAL B 428 3.80 -11.03 -36.33
N ASP B 429 4.81 -10.31 -35.85
CA ASP B 429 5.90 -10.95 -35.15
C ASP B 429 5.64 -10.81 -33.65
N TYR B 430 4.58 -10.08 -33.31
CA TYR B 430 4.20 -9.83 -31.92
C TYR B 430 3.91 -11.12 -31.16
N PRO B 431 2.98 -11.94 -31.68
CA PRO B 431 2.59 -13.21 -31.06
C PRO B 431 3.71 -14.23 -30.82
N SER B 432 3.49 -15.10 -29.84
CA SER B 432 4.44 -16.14 -29.50
C SER B 432 4.69 -17.04 -30.73
N ASN B 433 5.95 -17.06 -31.18
CA ASN B 433 6.34 -17.84 -32.35
C ASN B 433 7.42 -18.88 -32.03
N PRO B 434 7.02 -20.03 -31.47
CA PRO B 434 7.95 -21.12 -31.11
C PRO B 434 8.66 -21.74 -32.30
N MET B 435 9.96 -21.98 -32.12
CA MET B 435 10.80 -22.57 -33.16
C MET B 435 10.57 -24.07 -33.37
N LEU B 436 10.28 -24.78 -32.28
CA LEU B 436 10.07 -26.22 -32.34
C LEU B 436 8.65 -26.71 -32.00
N LEU B 437 7.94 -25.96 -31.17
CA LEU B 437 6.58 -26.34 -30.79
C LEU B 437 5.72 -26.37 -32.05
N ASP B 438 5.00 -27.46 -32.26
CA ASP B 438 4.15 -27.62 -33.44
C ASP B 438 2.73 -27.09 -33.23
N ARG B 439 2.33 -26.19 -34.11
CA ARG B 439 1.01 -25.61 -34.05
C ARG B 439 0.27 -25.83 -35.38
N HIS B 440 0.63 -26.90 -36.08
CA HIS B 440 0.01 -27.23 -37.36
C HIS B 440 -1.24 -28.05 -37.17
N MET B 441 -2.12 -27.99 -38.16
CA MET B 441 -3.35 -28.77 -38.11
C MET B 441 -2.91 -30.21 -38.34
N PHE B 442 -3.71 -31.17 -37.86
CA PHE B 442 -3.35 -32.57 -38.02
C PHE B 442 -2.93 -32.90 -39.45
N GLY B 443 -3.56 -32.26 -40.42
CA GLY B 443 -3.22 -32.50 -41.81
C GLY B 443 -1.75 -32.26 -42.08
N ASP B 444 -1.33 -31.01 -41.88
CA ASP B 444 0.05 -30.63 -42.11
C ASP B 444 1.04 -31.43 -41.27
N TRP B 445 0.71 -31.64 -40.00
CA TRP B 445 1.60 -32.40 -39.11
C TRP B 445 1.90 -33.79 -39.64
N ALA B 446 0.86 -34.50 -40.07
CA ALA B 446 1.00 -35.85 -40.61
C ALA B 446 1.85 -35.78 -41.86
N ALA B 447 1.51 -34.83 -42.72
CA ALA B 447 2.23 -34.61 -43.97
C ALA B 447 3.61 -34.01 -43.67
N ALA B 448 4.15 -34.35 -42.51
CA ALA B 448 5.46 -33.87 -42.10
C ALA B 448 6.20 -35.02 -41.45
N GLY B 449 5.46 -36.09 -41.14
CA GLY B 449 6.07 -37.26 -40.54
C GLY B 449 5.47 -37.71 -39.23
N SER B 450 4.47 -36.99 -38.74
CA SER B 450 3.82 -37.34 -37.49
C SER B 450 4.90 -37.59 -36.43
N LYS B 451 5.79 -36.61 -36.29
CA LYS B 451 6.91 -36.68 -35.35
C LYS B 451 6.63 -36.07 -33.99
N ASP B 452 7.16 -36.68 -32.93
CA ASP B 452 6.98 -36.13 -31.58
C ASP B 452 8.06 -35.06 -31.40
N LEU B 453 7.88 -34.22 -30.39
CA LEU B 453 8.84 -33.14 -30.16
C LEU B 453 10.29 -33.58 -30.06
N ALA B 454 10.53 -34.73 -29.43
CA ALA B 454 11.89 -35.25 -29.28
C ALA B 454 12.54 -35.31 -30.66
N THR B 455 11.86 -35.97 -31.60
CA THR B 455 12.33 -36.13 -32.97
C THR B 455 12.77 -34.79 -33.57
N VAL B 456 11.81 -33.89 -33.72
CA VAL B 456 12.03 -32.57 -34.28
C VAL B 456 13.21 -31.87 -33.61
N ALA B 457 13.34 -32.06 -32.31
CA ALA B 457 14.42 -31.46 -31.53
C ALA B 457 15.72 -32.06 -32.05
N HIS B 458 15.81 -33.38 -31.92
CA HIS B 458 16.95 -34.14 -32.36
C HIS B 458 17.44 -33.63 -33.71
N GLU B 459 16.52 -33.51 -34.67
CA GLU B 459 16.88 -33.03 -35.99
C GLU B 459 17.43 -31.62 -35.94
N LYS B 460 16.79 -30.75 -35.18
CA LYS B 460 17.27 -29.39 -35.07
C LYS B 460 18.67 -29.43 -34.47
N VAL B 461 18.90 -30.39 -33.57
CA VAL B 461 20.20 -30.54 -32.92
C VAL B 461 21.29 -30.87 -33.93
N GLU B 462 21.02 -31.85 -34.79
CA GLU B 462 21.97 -32.26 -35.81
C GLU B 462 22.26 -31.12 -36.79
N ASP B 463 21.22 -30.34 -37.10
CA ASP B 463 21.33 -29.20 -38.01
C ASP B 463 22.15 -28.07 -37.46
N VAL B 464 22.11 -27.91 -36.13
CA VAL B 464 22.86 -26.85 -35.47
C VAL B 464 24.31 -27.27 -35.34
N LEU B 465 24.52 -28.55 -35.06
CA LEU B 465 25.86 -29.10 -34.91
C LEU B 465 26.63 -29.08 -36.22
N LYS B 466 26.03 -29.68 -37.25
CA LYS B 466 26.66 -29.76 -38.55
C LYS B 466 26.80 -28.42 -39.27
N ASN B 467 26.30 -27.34 -38.68
CA ASN B 467 26.39 -26.05 -39.36
C ASN B 467 26.76 -24.81 -38.57
N HIS B 468 26.23 -24.63 -37.36
CA HIS B 468 26.54 -23.43 -36.60
C HIS B 468 28.05 -23.16 -36.55
N GLN B 469 28.41 -21.90 -36.79
CA GLN B 469 29.81 -21.49 -36.74
C GLN B 469 30.07 -20.62 -35.51
N VAL B 470 31.00 -21.10 -34.68
CA VAL B 470 31.37 -20.43 -33.44
C VAL B 470 32.59 -19.55 -33.62
N THR B 471 32.52 -18.31 -33.13
CA THR B 471 33.65 -17.37 -33.25
C THR B 471 34.87 -17.97 -32.58
N PRO B 472 35.79 -18.51 -33.39
CA PRO B 472 37.01 -19.13 -32.85
C PRO B 472 37.97 -18.14 -32.22
N ILE B 473 38.71 -18.62 -31.22
CA ILE B 473 39.69 -17.82 -30.52
C ILE B 473 40.88 -17.68 -31.44
N ASP B 474 41.64 -16.59 -31.30
CA ASP B 474 42.81 -16.42 -32.15
C ASP B 474 43.61 -17.71 -32.14
N ALA B 475 44.37 -17.95 -33.21
CA ALA B 475 45.18 -19.16 -33.34
C ALA B 475 46.31 -19.18 -32.30
N ASP B 476 47.10 -18.13 -32.29
CA ASP B 476 48.21 -18.03 -31.35
C ASP B 476 47.71 -18.06 -29.92
N ILE B 477 46.77 -17.17 -29.59
CA ILE B 477 46.22 -17.13 -28.25
C ILE B 477 45.90 -18.55 -27.78
N PHE B 478 45.13 -19.28 -28.55
CA PHE B 478 44.78 -20.62 -28.14
C PHE B 478 46.00 -21.49 -27.85
N LYS B 479 47.14 -21.18 -28.47
CA LYS B 479 48.34 -21.96 -28.22
C LYS B 479 48.81 -21.71 -26.78
N ASP B 480 48.70 -20.46 -26.35
CA ASP B 480 49.12 -20.08 -25.01
C ASP B 480 48.15 -20.63 -23.98
N MET B 481 46.86 -20.44 -24.21
CA MET B 481 45.86 -20.93 -23.29
C MET B 481 46.11 -22.43 -23.19
N GLN B 482 46.31 -23.06 -24.34
CA GLN B 482 46.59 -24.48 -24.42
C GLN B 482 47.77 -24.82 -23.52
N ALA B 483 48.83 -24.00 -23.62
CA ALA B 483 50.03 -24.18 -22.83
C ALA B 483 49.67 -24.40 -21.37
N ILE B 484 49.00 -23.43 -20.78
CA ILE B 484 48.60 -23.50 -19.38
C ILE B 484 47.96 -24.84 -19.06
N VAL B 485 47.07 -25.32 -19.92
CA VAL B 485 46.41 -26.60 -19.68
C VAL B 485 47.46 -27.69 -19.54
N ASP B 486 48.47 -27.64 -20.40
CA ASP B 486 49.53 -28.62 -20.36
C ASP B 486 50.32 -28.55 -19.05
N LYS B 487 50.86 -27.38 -18.70
CA LYS B 487 51.59 -27.24 -17.45
C LYS B 487 50.75 -27.87 -16.34
N ALA B 488 49.44 -27.62 -16.40
CA ALA B 488 48.49 -28.12 -15.43
C ALA B 488 48.44 -29.64 -15.42
N ASP B 489 48.48 -30.23 -16.61
CA ASP B 489 48.42 -31.68 -16.74
C ASP B 489 49.71 -32.38 -16.34
N LYS B 490 50.84 -31.87 -16.84
CA LYS B 490 52.13 -32.48 -16.51
C LYS B 490 52.38 -32.35 -15.02
N ALA B 491 51.96 -31.22 -14.45
CA ALA B 491 52.12 -30.99 -13.02
C ALA B 491 51.24 -31.99 -12.27
N PHE B 492 50.10 -32.33 -12.85
CA PHE B 492 49.22 -33.30 -12.22
C PHE B 492 49.90 -34.65 -12.24
N ARG B 493 50.29 -35.12 -13.43
CA ARG B 493 50.94 -36.42 -13.56
C ARG B 493 52.15 -36.52 -12.65
N GLY B 494 52.80 -35.37 -12.40
CA GLY B 494 53.93 -35.36 -11.50
C GLY B 494 53.37 -35.57 -10.11
N MET B 495 52.19 -36.20 -10.07
CA MET B 495 51.41 -36.53 -8.87
C MET B 495 51.75 -35.68 -7.64
N ALA C 2 23.58 -12.89 -23.87
CA ALA C 2 23.35 -11.59 -24.56
C ALA C 2 22.56 -10.61 -23.70
N LYS C 3 22.32 -9.43 -24.26
CA LYS C 3 21.57 -8.38 -23.58
C LYS C 3 20.28 -8.97 -23.02
N ASN C 4 19.83 -8.49 -21.86
CA ASN C 4 18.61 -9.02 -21.27
C ASN C 4 17.38 -8.64 -22.06
N ASN C 5 16.39 -9.52 -22.01
CA ASN C 5 15.13 -9.31 -22.68
C ASN C 5 14.06 -10.05 -21.91
N ALA C 6 14.12 -9.98 -20.59
CA ALA C 6 13.13 -10.63 -19.71
C ALA C 6 13.11 -9.94 -18.34
N VAL C 7 11.92 -9.63 -17.84
CA VAL C 7 11.79 -8.98 -16.53
C VAL C 7 10.50 -9.35 -15.80
N ALA C 8 10.65 -9.57 -14.49
CA ALA C 8 9.53 -9.95 -13.63
C ALA C 8 8.61 -8.79 -13.30
N GLY C 9 7.77 -9.00 -12.27
CA GLY C 9 6.84 -7.98 -11.84
C GLY C 9 7.57 -6.68 -11.70
N PHE C 10 6.95 -5.60 -12.17
CA PHE C 10 7.58 -4.28 -12.15
C PHE C 10 6.51 -3.21 -11.99
N ASN C 11 6.57 -2.45 -10.90
CA ASN C 11 5.58 -1.39 -10.69
C ASN C 11 6.09 -0.07 -11.24
N ALA C 12 5.35 0.49 -12.20
CA ALA C 12 5.76 1.75 -12.82
C ALA C 12 4.83 2.91 -12.48
N LEU C 13 5.26 4.12 -12.85
CA LEU C 13 4.48 5.34 -12.64
C LEU C 13 4.61 6.23 -13.89
N ASN C 14 3.55 6.17 -14.69
CA ASN C 14 3.48 6.92 -15.94
C ASN C 14 2.75 8.22 -15.76
N GLY C 15 3.48 9.31 -15.93
CA GLY C 15 2.86 10.62 -15.78
C GLY C 15 3.26 11.16 -14.44
N VAL C 16 2.54 12.19 -14.01
CA VAL C 16 2.82 12.81 -12.73
C VAL C 16 1.60 12.64 -11.86
N GLU C 17 1.76 11.89 -10.78
CA GLU C 17 0.65 11.63 -9.87
C GLU C 17 0.57 12.71 -8.81
N LEU C 18 -0.52 13.45 -8.78
CA LEU C 18 -0.69 14.49 -7.77
C LEU C 18 -1.88 14.15 -6.87
N ASN C 19 -1.62 14.05 -5.57
CA ASN C 19 -2.65 13.70 -4.57
C ASN C 19 -3.04 14.79 -3.57
N LEU C 20 -4.33 14.86 -3.27
CA LEU C 20 -4.88 15.84 -2.34
C LEU C 20 -5.54 15.20 -1.11
N PHE C 21 -6.17 14.04 -1.27
CA PHE C 21 -6.84 13.38 -0.16
C PHE C 21 -6.47 11.92 -0.01
N THR C 22 -7.02 11.31 1.04
CA THR C 22 -6.86 9.90 1.33
C THR C 22 -8.30 9.41 1.36
N THR C 23 -8.51 8.10 1.27
CA THR C 23 -9.87 7.59 1.29
C THR C 23 -10.63 8.07 2.54
N ASP C 24 -10.05 7.80 3.71
CA ASP C 24 -10.68 8.20 4.97
C ASP C 24 -11.16 9.64 4.90
N GLU C 25 -10.38 10.51 4.26
CA GLU C 25 -10.75 11.92 4.15
C GLU C 25 -11.81 12.13 3.09
N LEU C 26 -11.76 11.36 2.02
CA LEU C 26 -12.77 11.49 0.99
C LEU C 26 -14.11 11.17 1.60
N LYS C 27 -14.18 10.07 2.34
CA LYS C 27 -15.41 9.67 2.99
C LYS C 27 -15.93 10.82 3.87
N ALA C 28 -15.05 11.39 4.69
CA ALA C 28 -15.38 12.51 5.58
C ALA C 28 -16.14 13.62 4.86
N ILE C 29 -15.58 14.06 3.75
CA ILE C 29 -16.18 15.09 2.92
C ILE C 29 -17.59 14.67 2.54
N HIS C 30 -17.69 13.44 2.05
CA HIS C 30 -18.94 12.83 1.60
C HIS C 30 -20.06 12.90 2.65
N TYR C 31 -19.78 12.41 3.86
CA TYR C 31 -20.77 12.43 4.92
C TYR C 31 -21.26 13.85 5.17
N ALA C 32 -20.35 14.81 5.29
CA ALA C 32 -20.76 16.18 5.50
C ALA C 32 -21.76 16.49 4.39
N THR C 33 -21.37 16.21 3.15
CA THR C 33 -22.24 16.46 2.03
C THR C 33 -23.62 15.84 2.20
N MET C 34 -23.69 14.61 2.72
CA MET C 34 -24.97 13.94 2.93
C MET C 34 -25.66 14.52 4.16
N GLU C 35 -24.90 14.63 5.24
CA GLU C 35 -25.37 15.19 6.50
C GLU C 35 -26.02 16.55 6.27
N VAL C 36 -25.54 17.24 5.24
CA VAL C 36 -26.07 18.54 4.87
C VAL C 36 -27.27 18.35 3.95
N LEU C 37 -27.18 17.38 3.05
CA LEU C 37 -28.26 17.09 2.11
C LEU C 37 -29.56 16.72 2.82
N MET C 38 -29.48 16.50 4.13
CA MET C 38 -30.66 16.18 4.91
C MET C 38 -31.01 17.33 5.83
N ASP C 39 -30.12 18.31 5.87
CA ASP C 39 -30.32 19.48 6.69
C ASP C 39 -29.22 20.50 6.42
N PRO C 40 -29.60 21.71 5.96
CA PRO C 40 -30.97 22.16 5.70
C PRO C 40 -31.63 21.44 4.54
N GLY C 41 -30.82 21.15 3.51
CA GLY C 41 -31.34 20.49 2.34
C GLY C 41 -31.03 21.38 1.15
N ILE C 42 -31.89 21.37 0.14
CA ILE C 42 -31.66 22.20 -1.04
C ILE C 42 -32.98 22.72 -1.59
N GLN C 43 -32.99 24.01 -1.89
CA GLN C 43 -34.17 24.65 -2.43
C GLN C 43 -34.29 24.41 -3.93
N VAL C 44 -35.41 23.82 -4.32
CA VAL C 44 -35.70 23.52 -5.72
C VAL C 44 -36.92 24.34 -6.13
N SER C 45 -36.69 25.47 -6.78
CA SER C 45 -37.78 26.34 -7.22
C SER C 45 -38.67 25.71 -8.29
N ASP C 46 -38.06 24.98 -9.22
CA ASP C 46 -38.83 24.34 -10.29
C ASP C 46 -39.80 23.30 -9.74
N PRO C 47 -41.10 23.56 -9.91
CA PRO C 47 -42.16 22.66 -9.45
C PRO C 47 -42.10 21.29 -10.12
N GLU C 48 -41.66 21.26 -11.38
CA GLU C 48 -41.55 19.99 -12.09
C GLU C 48 -40.41 19.18 -11.48
N ALA C 49 -39.36 19.90 -11.07
CA ALA C 49 -38.21 19.26 -10.44
C ALA C 49 -38.72 18.70 -9.12
N ARG C 50 -39.24 19.60 -8.28
CA ARG C 50 -39.76 19.19 -6.98
C ARG C 50 -40.65 17.95 -7.05
N GLN C 51 -41.34 17.75 -8.17
CA GLN C 51 -42.19 16.59 -8.33
C GLN C 51 -41.31 15.38 -8.51
N ILE C 52 -40.37 15.49 -9.43
CA ILE C 52 -39.42 14.41 -9.73
C ILE C 52 -38.71 13.93 -8.47
N PHE C 53 -38.33 14.87 -7.61
CA PHE C 53 -37.66 14.55 -6.35
C PHE C 53 -38.65 13.87 -5.40
N LYS C 54 -39.80 14.51 -5.24
CA LYS C 54 -40.86 13.99 -4.38
C LYS C 54 -41.19 12.57 -4.84
N GLU C 55 -41.37 12.42 -6.16
CA GLU C 55 -41.69 11.14 -6.77
C GLU C 55 -40.79 9.98 -6.34
N ASN C 56 -39.52 10.28 -6.04
CA ASN C 56 -38.57 9.24 -5.66
C ASN C 56 -38.30 9.03 -4.17
N GLY C 57 -38.85 9.88 -3.31
CA GLY C 57 -38.65 9.68 -1.88
C GLY C 57 -38.01 10.78 -1.09
N CYS C 58 -38.04 12.01 -1.61
CA CYS C 58 -37.45 13.13 -0.90
C CYS C 58 -38.52 13.80 -0.06
N GLU C 59 -38.09 14.67 0.84
CA GLU C 59 -39.03 15.41 1.70
C GLU C 59 -39.22 16.78 1.07
N VAL C 60 -40.13 16.86 0.10
CA VAL C 60 -40.36 18.12 -0.57
C VAL C 60 -41.36 19.00 0.19
N ASN C 61 -40.83 19.90 1.02
CA ASN C 61 -41.67 20.82 1.78
C ASN C 61 -42.27 21.78 0.76
N GLU C 62 -43.47 21.46 0.30
CA GLU C 62 -44.13 22.26 -0.72
C GLU C 62 -44.29 23.75 -0.44
N LYS C 63 -44.22 24.13 0.83
CA LYS C 63 -44.37 25.54 1.21
C LYS C 63 -43.07 26.35 1.17
N THR C 64 -41.92 25.67 1.28
CA THR C 64 -40.63 26.38 1.24
C THR C 64 -39.82 25.98 0.02
N ASN C 65 -40.18 24.83 -0.56
CA ASN C 65 -39.50 24.30 -1.74
C ASN C 65 -38.22 23.54 -1.37
N VAL C 66 -37.91 23.49 -0.07
CA VAL C 66 -36.72 22.81 0.39
C VAL C 66 -36.84 21.29 0.28
N VAL C 67 -36.09 20.70 -0.65
CA VAL C 67 -36.07 19.26 -0.84
C VAL C 67 -34.98 18.67 0.07
N LYS C 68 -35.17 17.43 0.50
CA LYS C 68 -34.20 16.76 1.35
C LYS C 68 -33.90 15.42 0.68
N ILE C 69 -32.64 15.28 0.24
CA ILE C 69 -32.23 14.09 -0.47
C ILE C 69 -31.43 13.05 0.32
N PRO C 70 -31.98 11.84 0.44
CA PRO C 70 -31.41 10.69 1.14
C PRO C 70 -30.20 10.08 0.41
N GLU C 71 -29.15 9.79 1.17
CA GLU C 71 -27.93 9.23 0.60
C GLU C 71 -28.21 8.15 -0.42
N TYR C 72 -29.22 7.32 -0.17
CA TYR C 72 -29.54 6.25 -1.11
C TYR C 72 -29.93 6.75 -2.49
N LEU C 73 -30.38 7.99 -2.59
CA LEU C 73 -30.77 8.54 -3.88
C LEU C 73 -29.54 9.11 -4.59
N VAL C 74 -28.50 9.39 -3.81
CA VAL C 74 -27.25 9.90 -4.37
C VAL C 74 -26.55 8.64 -4.88
N ARG C 75 -26.77 7.54 -4.17
CA ARG C 75 -26.18 6.27 -4.55
C ARG C 75 -26.73 5.74 -5.87
N LYS C 76 -28.05 5.82 -6.06
CA LYS C 76 -28.66 5.34 -7.29
C LYS C 76 -28.30 6.29 -8.43
N ALA C 77 -28.25 7.58 -8.10
CA ALA C 77 -27.93 8.60 -9.08
C ALA C 77 -26.59 8.29 -9.70
N LEU C 78 -25.58 8.18 -8.84
CA LEU C 78 -24.21 7.88 -9.24
C LEU C 78 -23.97 6.52 -9.88
N GLN C 79 -24.93 5.60 -9.75
CA GLN C 79 -24.76 4.29 -10.36
C GLN C 79 -25.46 4.28 -11.72
N LEU C 80 -26.15 5.36 -12.02
CA LEU C 80 -26.86 5.50 -13.28
C LEU C 80 -26.06 6.34 -14.26
N ALA C 81 -25.58 7.49 -13.80
CA ALA C 81 -24.82 8.39 -14.63
C ALA C 81 -23.64 7.68 -15.28
N PRO C 82 -23.59 7.71 -16.62
CA PRO C 82 -22.51 7.06 -17.35
C PRO C 82 -21.15 7.61 -16.94
N SER C 83 -20.20 6.71 -16.69
CA SER C 83 -18.87 7.09 -16.27
C SER C 83 -18.11 7.74 -17.42
N ARG C 84 -18.61 7.57 -18.64
CA ARG C 84 -17.94 8.13 -19.80
C ARG C 84 -18.90 8.40 -20.95
N PHE C 85 -18.62 9.44 -21.70
CA PHE C 85 -19.44 9.78 -22.86
C PHE C 85 -18.61 10.65 -23.79
N VAL C 86 -18.82 10.47 -25.10
CA VAL C 86 -18.06 11.21 -26.10
C VAL C 86 -18.69 12.52 -26.62
N LEU C 87 -17.85 13.53 -26.79
CA LEU C 87 -18.27 14.82 -27.31
C LEU C 87 -17.91 14.77 -28.79
N TRP C 88 -18.78 15.32 -29.63
CA TRP C 88 -18.52 15.31 -31.05
C TRP C 88 -18.43 16.69 -31.66
N GLY C 89 -17.46 16.87 -32.54
CA GLY C 89 -17.31 18.14 -33.22
C GLY C 89 -17.92 17.83 -34.59
N ARG C 90 -18.31 18.84 -35.33
CA ARG C 90 -18.88 18.59 -36.65
C ARG C 90 -17.82 17.82 -37.42
N ASP C 91 -16.56 18.08 -37.07
CA ASP C 91 -15.42 17.39 -37.69
C ASP C 91 -15.00 16.25 -36.77
N LYS C 92 -15.29 15.02 -37.19
CA LYS C 92 -14.96 13.83 -36.39
C LYS C 92 -13.59 13.91 -35.72
N LYS C 93 -12.63 14.57 -36.36
CA LYS C 93 -11.28 14.69 -35.82
C LYS C 93 -11.15 15.61 -34.59
N PHE C 94 -12.25 16.17 -34.13
CA PHE C 94 -12.22 17.04 -32.95
C PHE C 94 -12.92 16.37 -31.76
N ASN C 95 -13.47 15.17 -32.00
CA ASN C 95 -14.16 14.42 -30.96
C ASN C 95 -13.34 14.51 -29.68
N THR C 96 -14.03 14.62 -28.54
CA THR C 96 -13.33 14.71 -27.27
C THR C 96 -13.97 13.84 -26.20
N VAL C 97 -13.25 12.79 -25.83
CA VAL C 97 -13.73 11.84 -24.82
C VAL C 97 -13.73 12.38 -23.40
N GLN C 98 -14.90 12.33 -22.78
CA GLN C 98 -15.03 12.76 -21.40
C GLN C 98 -15.33 11.48 -20.63
N GLU C 99 -14.34 11.08 -19.84
CA GLU C 99 -14.43 9.85 -19.10
C GLU C 99 -13.78 9.94 -17.73
N CYS C 100 -14.48 9.41 -16.72
CA CYS C 100 -13.99 9.41 -15.35
C CYS C 100 -12.56 8.89 -15.35
N GLY C 101 -11.63 9.74 -14.95
CA GLY C 101 -10.25 9.33 -14.95
C GLY C 101 -9.33 10.52 -14.92
N GLY C 102 -8.22 10.41 -15.63
CA GLY C 102 -7.25 11.49 -15.65
C GLY C 102 -7.01 12.05 -17.03
N LYS C 103 -7.76 11.57 -18.01
CA LYS C 103 -7.61 12.07 -19.36
C LYS C 103 -8.04 13.52 -19.35
N VAL C 104 -7.05 14.42 -19.34
CA VAL C 104 -7.30 15.86 -19.31
C VAL C 104 -7.49 16.50 -20.68
N HIS C 105 -8.33 17.53 -20.73
CA HIS C 105 -8.62 18.29 -21.95
C HIS C 105 -8.87 19.76 -21.59
N TRP C 106 -8.64 20.66 -22.53
CA TRP C 106 -8.84 22.09 -22.28
C TRP C 106 -9.88 22.73 -23.20
N THR C 107 -10.59 23.72 -22.67
CA THR C 107 -11.60 24.46 -23.44
C THR C 107 -11.54 25.92 -23.02
N CYS C 108 -11.68 26.82 -23.99
CA CYS C 108 -11.63 28.25 -23.71
C CYS C 108 -12.56 28.68 -22.58
N PHE C 109 -12.28 29.88 -22.07
CA PHE C 109 -13.04 30.49 -20.99
C PHE C 109 -14.50 30.77 -21.37
N GLY C 110 -15.32 31.05 -20.36
CA GLY C 110 -16.73 31.34 -20.60
C GLY C 110 -17.49 31.66 -19.32
N THR C 111 -18.35 32.66 -19.38
CA THR C 111 -18.56 33.45 -20.59
C THR C 111 -18.64 34.95 -20.22
N GLY C 112 -17.60 35.69 -20.62
CA GLY C 112 -17.53 37.11 -20.32
C GLY C 112 -18.41 38.02 -21.14
N VAL C 113 -18.27 39.32 -20.92
CA VAL C 113 -19.06 40.34 -21.60
C VAL C 113 -18.21 41.40 -22.30
N LYS C 114 -16.88 41.30 -22.17
CA LYS C 114 -15.99 42.27 -22.79
C LYS C 114 -14.83 41.60 -23.51
N VAL C 115 -14.41 42.18 -24.63
CA VAL C 115 -13.30 41.65 -25.41
C VAL C 115 -12.11 42.60 -25.40
N CYS C 116 -10.93 42.06 -25.15
CA CYS C 116 -9.68 42.83 -25.09
C CYS C 116 -9.01 42.86 -26.46
N LYS C 117 -9.48 43.74 -27.35
CA LYS C 117 -8.92 43.85 -28.69
C LYS C 117 -8.00 45.07 -28.84
N TYR C 118 -7.56 45.33 -30.08
CA TYR C 118 -6.65 46.44 -30.36
C TYR C 118 -7.38 47.72 -30.73
N GLN C 119 -6.60 48.79 -30.94
CA GLN C 119 -7.17 50.09 -31.31
C GLN C 119 -6.09 51.01 -31.89
N ASP C 120 -5.39 51.72 -31.02
CA ASP C 120 -4.32 52.62 -31.45
C ASP C 120 -3.01 52.27 -30.80
N GLY C 121 -2.35 51.23 -31.31
CA GLY C 121 -1.08 50.80 -30.77
C GLY C 121 -1.23 50.10 -29.44
N LYS C 122 -2.43 50.15 -28.86
CA LYS C 122 -2.70 49.52 -27.57
C LYS C 122 -3.97 48.67 -27.57
N TYR C 123 -4.18 47.94 -26.48
CA TYR C 123 -5.35 47.08 -26.33
C TYR C 123 -6.45 47.82 -25.58
N VAL C 124 -7.69 47.61 -26.01
CA VAL C 124 -8.85 48.24 -25.41
C VAL C 124 -9.94 47.23 -25.02
N THR C 125 -10.72 47.57 -24.01
CA THR C 125 -11.79 46.71 -23.52
C THR C 125 -13.17 47.12 -24.07
N VAL C 126 -13.58 46.48 -25.16
CA VAL C 126 -14.89 46.77 -25.75
C VAL C 126 -15.92 45.91 -25.05
N ASP C 127 -17.17 45.98 -25.49
CA ASP C 127 -18.22 45.16 -24.90
C ASP C 127 -18.62 44.13 -25.95
N SER C 128 -18.57 42.86 -25.56
CA SER C 128 -18.88 41.73 -26.42
C SER C 128 -20.06 41.89 -27.38
N VAL C 129 -19.96 41.20 -28.51
CA VAL C 129 -21.00 41.22 -29.53
C VAL C 129 -21.17 39.81 -30.11
N GLU C 130 -21.91 39.68 -31.20
CA GLU C 130 -22.13 38.36 -31.81
C GLU C 130 -21.14 38.09 -32.96
N LYS C 131 -20.43 39.12 -33.38
CA LYS C 131 -19.44 38.98 -34.44
C LYS C 131 -18.15 38.58 -33.74
N ASP C 132 -18.06 38.87 -32.44
CA ASP C 132 -16.90 38.50 -31.63
C ASP C 132 -16.88 36.99 -31.49
N ILE C 133 -18.00 36.42 -31.07
CA ILE C 133 -18.13 34.98 -30.91
C ILE C 133 -17.71 34.27 -32.20
N ALA C 134 -18.06 34.84 -33.34
CA ALA C 134 -17.70 34.25 -34.63
C ALA C 134 -16.20 34.29 -34.90
N ASP C 135 -15.45 34.99 -34.06
CA ASP C 135 -13.99 35.09 -34.22
C ASP C 135 -13.31 34.21 -33.18
N ILE C 136 -13.77 34.34 -31.93
CA ILE C 136 -13.24 33.54 -30.82
C ILE C 136 -13.33 32.08 -31.25
N ALA C 137 -14.43 31.73 -31.92
CA ALA C 137 -14.66 30.38 -32.40
C ALA C 137 -13.66 30.03 -33.49
N LYS C 138 -13.33 31.02 -34.33
CA LYS C 138 -12.39 30.78 -35.42
C LYS C 138 -11.00 30.49 -34.87
N LEU C 139 -10.62 31.18 -33.81
CA LEU C 139 -9.31 31.01 -33.21
C LEU C 139 -9.22 29.63 -32.55
N CYS C 140 -10.16 29.36 -31.66
CA CYS C 140 -10.22 28.09 -30.93
C CYS C 140 -10.27 26.87 -31.85
N ASP C 141 -10.77 27.04 -33.07
CA ASP C 141 -10.85 25.94 -34.02
C ASP C 141 -9.39 25.60 -34.39
N TRP C 142 -8.55 26.63 -34.39
CA TRP C 142 -7.13 26.52 -34.72
C TRP C 142 -6.29 26.12 -33.51
N ALA C 143 -6.65 26.63 -32.33
CA ALA C 143 -5.95 26.32 -31.09
C ALA C 143 -5.98 24.80 -30.84
N GLU C 144 -4.83 24.15 -31.02
CA GLU C 144 -4.74 22.71 -30.85
C GLU C 144 -4.85 22.14 -29.45
N ASN C 145 -5.06 22.98 -28.44
CA ASN C 145 -5.20 22.46 -27.09
C ASN C 145 -6.55 22.80 -26.50
N ILE C 146 -7.46 23.22 -27.38
CA ILE C 146 -8.82 23.58 -27.02
C ILE C 146 -9.71 22.50 -27.64
N ASP C 147 -9.69 21.31 -27.02
CA ASP C 147 -10.43 20.14 -27.50
C ASP C 147 -11.87 20.43 -27.98
N TYR C 148 -12.56 21.35 -27.31
CA TYR C 148 -13.91 21.74 -27.72
C TYR C 148 -14.24 23.17 -27.30
N PHE C 149 -15.24 23.75 -27.97
CA PHE C 149 -15.63 25.16 -27.78
C PHE C 149 -16.72 25.55 -26.76
N SER C 150 -16.33 26.36 -25.76
CA SER C 150 -17.26 26.86 -24.74
C SER C 150 -17.54 28.32 -25.05
N LEU C 151 -18.78 28.76 -24.85
CA LEU C 151 -19.14 30.15 -25.14
C LEU C 151 -18.20 31.18 -24.50
N PRO C 152 -17.43 31.89 -25.34
CA PRO C 152 -16.47 32.92 -24.88
C PRO C 152 -17.08 34.16 -24.24
N VAL C 153 -17.85 34.91 -25.02
CA VAL C 153 -18.50 36.13 -24.54
C VAL C 153 -19.94 36.22 -25.06
N SER C 154 -20.79 36.90 -24.30
CA SER C 154 -22.21 37.06 -24.64
C SER C 154 -22.50 38.02 -25.79
N ALA C 155 -23.34 37.58 -26.73
CA ALA C 155 -23.71 38.42 -27.86
C ALA C 155 -24.67 39.46 -27.30
N ARG C 156 -24.12 40.58 -26.85
CA ARG C 156 -24.90 41.65 -26.25
C ARG C 156 -25.83 42.41 -27.21
N ASP C 157 -25.36 42.62 -28.43
CA ASP C 157 -26.14 43.32 -29.45
C ASP C 157 -27.38 42.51 -29.86
N ILE C 158 -27.80 41.59 -28.98
CA ILE C 158 -28.97 40.76 -29.26
C ILE C 158 -29.89 40.73 -28.04
N ALA C 159 -29.48 41.39 -26.96
CA ALA C 159 -30.29 41.43 -25.75
C ALA C 159 -31.52 42.29 -26.00
N GLY C 160 -32.70 41.75 -25.74
CA GLY C 160 -33.91 42.50 -25.96
C GLY C 160 -34.17 42.71 -27.45
N GLN C 161 -33.24 42.26 -28.27
CA GLN C 161 -33.35 42.38 -29.73
C GLN C 161 -33.92 41.08 -30.25
N GLY C 162 -33.43 39.97 -29.70
CA GLY C 162 -33.89 38.65 -30.09
C GLY C 162 -33.41 37.62 -29.10
N ALA C 163 -33.57 36.34 -29.43
CA ALA C 163 -33.14 35.28 -28.54
C ALA C 163 -31.61 35.28 -28.52
N GLN C 164 -31.02 35.99 -27.56
CA GLN C 164 -29.57 36.08 -27.44
C GLN C 164 -28.91 34.70 -27.40
N ASP C 165 -29.57 33.76 -26.74
CA ASP C 165 -29.05 32.40 -26.61
C ASP C 165 -29.08 31.58 -27.91
N VAL C 166 -30.24 31.52 -28.56
CA VAL C 166 -30.37 30.77 -29.79
C VAL C 166 -29.38 31.34 -30.82
N HIS C 167 -29.12 32.64 -30.71
CA HIS C 167 -28.17 33.30 -31.59
C HIS C 167 -26.81 32.80 -31.15
N GLU C 168 -26.61 32.78 -29.83
CA GLU C 168 -25.37 32.32 -29.22
C GLU C 168 -25.18 30.82 -29.36
N THR C 169 -25.95 30.21 -30.24
CA THR C 169 -25.85 28.78 -30.47
C THR C 169 -25.43 28.55 -31.92
N LEU C 170 -26.22 29.07 -32.85
CA LEU C 170 -25.93 28.91 -34.26
C LEU C 170 -24.61 29.56 -34.66
N THR C 171 -24.31 30.72 -34.06
CA THR C 171 -23.07 31.43 -34.35
C THR C 171 -21.83 30.58 -34.06
N PRO C 172 -21.71 30.04 -32.83
CA PRO C 172 -20.55 29.23 -32.53
C PRO C 172 -20.47 28.01 -33.45
N LEU C 173 -21.46 27.14 -33.39
CA LEU C 173 -21.50 25.93 -34.22
C LEU C 173 -21.07 26.23 -35.65
N ALA C 174 -21.44 27.43 -36.12
CA ALA C 174 -21.15 27.87 -37.47
C ALA C 174 -19.68 28.19 -37.69
N ASN C 175 -19.06 28.84 -36.71
CA ASN C 175 -17.65 29.23 -36.82
C ASN C 175 -16.62 28.33 -36.13
N THR C 176 -16.81 27.02 -36.22
CA THR C 176 -15.90 26.05 -35.64
C THR C 176 -16.46 24.63 -35.74
N ALA C 177 -15.68 23.74 -36.36
CA ALA C 177 -16.12 22.36 -36.50
C ALA C 177 -16.16 21.70 -35.13
N LYS C 178 -15.33 22.18 -34.22
CA LYS C 178 -15.26 21.63 -32.87
C LYS C 178 -16.60 21.61 -32.17
N HIS C 179 -16.68 20.86 -31.08
CA HIS C 179 -17.88 20.74 -30.26
C HIS C 179 -18.23 22.08 -29.63
N PHE C 180 -19.48 22.24 -29.20
CA PHE C 180 -19.90 23.49 -28.59
C PHE C 180 -20.54 23.28 -27.21
N HIS C 181 -19.93 23.88 -26.19
CA HIS C 181 -20.44 23.79 -24.84
C HIS C 181 -21.07 25.15 -24.54
N HIS C 182 -22.40 25.16 -24.46
CA HIS C 182 -23.13 26.40 -24.22
C HIS C 182 -23.18 26.76 -22.73
N ILE C 183 -22.47 27.84 -22.38
CA ILE C 183 -22.39 28.30 -21.00
C ILE C 183 -23.67 28.90 -20.45
N ASP C 184 -24.28 29.83 -21.18
CA ASP C 184 -25.51 30.44 -20.70
C ASP C 184 -26.73 30.11 -21.55
N PRO C 185 -27.25 28.88 -21.42
CA PRO C 185 -28.43 28.47 -22.18
C PRO C 185 -29.71 28.78 -21.39
N VAL C 186 -30.84 28.83 -22.09
CA VAL C 186 -32.11 29.12 -21.45
C VAL C 186 -32.99 27.88 -21.35
N GLY C 187 -33.49 27.62 -20.14
CA GLY C 187 -34.33 26.47 -19.88
C GLY C 187 -35.54 26.37 -20.77
N GLU C 188 -36.12 27.51 -21.14
CA GLU C 188 -37.29 27.53 -21.99
C GLU C 188 -36.97 27.39 -23.48
N ASN C 189 -35.69 27.42 -23.83
CA ASN C 189 -35.33 27.31 -25.24
C ASN C 189 -34.50 26.10 -25.58
N VAL C 190 -34.27 25.24 -24.58
CA VAL C 190 -33.49 24.03 -24.79
C VAL C 190 -33.99 23.24 -26.01
N GLU C 191 -35.27 23.41 -26.33
CA GLU C 191 -35.87 22.72 -27.46
C GLU C 191 -35.39 23.36 -28.76
N TYR C 192 -35.14 24.67 -28.71
CA TYR C 192 -34.65 25.39 -29.89
C TYR C 192 -33.32 24.79 -30.27
N TYR C 193 -32.41 24.75 -29.31
CA TYR C 193 -31.08 24.18 -29.52
C TYR C 193 -31.25 22.77 -30.09
N ARG C 194 -31.93 21.90 -29.35
CA ARG C 194 -32.17 20.53 -29.79
C ARG C 194 -32.49 20.47 -31.28
N ASP C 195 -33.34 21.39 -31.72
CA ASP C 195 -33.74 21.45 -33.12
C ASP C 195 -32.64 21.96 -34.03
N ILE C 196 -31.91 22.99 -33.59
CA ILE C 196 -30.81 23.54 -34.38
C ILE C 196 -29.83 22.41 -34.68
N VAL C 197 -29.79 21.43 -33.79
CA VAL C 197 -28.91 20.28 -33.96
C VAL C 197 -29.56 19.24 -34.85
N LYS C 198 -30.80 18.87 -34.53
CA LYS C 198 -31.51 17.89 -35.33
C LYS C 198 -31.43 18.31 -36.79
N ALA C 199 -31.20 19.59 -37.00
CA ALA C 199 -31.07 20.15 -38.34
C ALA C 199 -29.76 19.74 -38.99
N TYR C 200 -28.64 20.07 -38.34
CA TYR C 200 -27.32 19.72 -38.85
C TYR C 200 -27.24 18.26 -39.30
N TYR C 201 -28.02 17.40 -38.65
CA TYR C 201 -28.02 15.99 -38.99
C TYR C 201 -29.13 15.59 -39.96
N GLY C 202 -29.84 16.58 -40.49
CA GLY C 202 -30.91 16.32 -41.44
C GLY C 202 -32.20 15.78 -40.86
N GLY C 203 -32.68 16.43 -39.80
CA GLY C 203 -33.92 16.00 -39.17
C GLY C 203 -33.84 14.62 -38.53
N ASP C 204 -32.62 14.16 -38.25
CA ASP C 204 -32.40 12.86 -37.64
C ASP C 204 -32.03 13.05 -36.16
N GLU C 205 -33.02 12.92 -35.27
CA GLU C 205 -32.77 13.11 -33.85
C GLU C 205 -31.94 11.97 -33.24
N GLU C 206 -31.55 11.00 -34.06
CA GLU C 206 -30.73 9.89 -33.58
C GLU C 206 -29.27 10.29 -33.71
N GLU C 207 -28.92 10.82 -34.88
CA GLU C 207 -27.55 11.26 -35.13
C GLU C 207 -27.28 12.44 -34.21
N ALA C 208 -28.34 13.06 -33.70
CA ALA C 208 -28.20 14.20 -32.80
C ALA C 208 -27.88 13.69 -31.40
N ARG C 209 -28.29 12.46 -31.13
CA ARG C 209 -28.03 11.81 -29.85
C ARG C 209 -26.75 11.02 -30.01
N LYS C 210 -26.70 10.21 -31.06
CA LYS C 210 -25.56 9.37 -31.36
C LYS C 210 -24.33 10.20 -31.72
N LYS C 211 -24.43 11.53 -31.55
CA LYS C 211 -23.32 12.44 -31.88
C LYS C 211 -23.49 13.85 -31.32
N PRO C 212 -23.57 13.98 -29.99
CA PRO C 212 -23.74 15.31 -29.39
C PRO C 212 -22.70 16.33 -29.83
N ILE C 213 -23.09 17.21 -30.74
CA ILE C 213 -22.17 18.24 -31.22
C ILE C 213 -22.43 19.48 -30.36
N PHE C 214 -23.36 19.34 -29.43
CA PHE C 214 -23.71 20.43 -28.55
C PHE C 214 -24.03 19.90 -27.15
N SER C 215 -23.53 20.58 -26.14
CA SER C 215 -23.75 20.22 -24.75
C SER C 215 -23.94 21.54 -24.04
N MET C 216 -24.44 21.51 -22.81
CA MET C 216 -24.67 22.74 -22.09
C MET C 216 -24.26 22.71 -20.62
N LEU C 217 -24.21 23.90 -20.03
CA LEU C 217 -23.81 24.09 -18.63
C LEU C 217 -24.93 24.73 -17.81
N LEU C 218 -24.82 24.67 -16.49
CA LEU C 218 -25.79 25.26 -15.56
C LEU C 218 -25.13 25.34 -14.19
N CYS C 219 -25.55 26.29 -13.35
CA CYS C 219 -24.94 26.44 -12.03
C CYS C 219 -25.90 26.48 -10.86
N PRO C 220 -25.85 25.48 -9.98
CA PRO C 220 -26.77 25.52 -8.83
C PRO C 220 -26.45 26.84 -8.13
N THR C 221 -27.46 27.50 -7.58
CA THR C 221 -27.24 28.77 -6.91
C THR C 221 -26.79 28.63 -5.45
N SER C 222 -25.53 28.92 -5.19
CA SER C 222 -24.94 28.81 -3.85
C SER C 222 -25.52 29.84 -2.89
N PRO C 223 -25.77 29.43 -1.64
CA PRO C 223 -25.53 28.07 -1.18
C PRO C 223 -26.79 27.21 -1.07
N LEU C 224 -26.72 26.00 -1.63
CA LEU C 224 -27.79 25.01 -1.56
C LEU C 224 -29.15 25.34 -2.23
N GLU C 225 -29.10 25.99 -3.39
CA GLU C 225 -30.31 26.33 -4.16
C GLU C 225 -30.22 25.84 -5.59
N LEU C 226 -31.38 25.54 -6.17
CA LEU C 226 -31.43 25.09 -7.57
C LEU C 226 -32.40 26.00 -8.32
N SER C 227 -31.84 27.03 -8.96
CA SER C 227 -32.66 27.98 -9.72
C SER C 227 -33.60 27.22 -10.63
N VAL C 228 -34.68 27.87 -11.03
CA VAL C 228 -35.65 27.23 -11.89
C VAL C 228 -35.06 26.97 -13.27
N ASN C 229 -34.29 27.95 -13.78
CA ASN C 229 -33.68 27.78 -15.08
C ASN C 229 -32.80 26.54 -15.08
N ALA C 230 -32.09 26.34 -13.98
CA ALA C 230 -31.19 25.20 -13.85
C ALA C 230 -31.94 23.88 -14.00
N CYS C 231 -32.94 23.67 -13.16
CA CYS C 231 -33.71 22.43 -13.19
C CYS C 231 -34.29 22.11 -14.57
N GLN C 232 -34.58 23.13 -15.37
CA GLN C 232 -35.11 22.88 -16.70
C GLN C 232 -34.00 22.55 -17.68
N VAL C 233 -32.85 23.20 -17.50
CA VAL C 233 -31.69 22.94 -18.35
C VAL C 233 -31.32 21.48 -18.16
N ILE C 234 -31.46 21.00 -16.93
CA ILE C 234 -31.16 19.61 -16.58
C ILE C 234 -32.23 18.68 -17.14
N ILE C 235 -33.45 18.80 -16.59
CA ILE C 235 -34.58 17.98 -16.99
C ILE C 235 -34.71 17.84 -18.52
N LYS C 236 -34.56 18.95 -19.23
CA LYS C 236 -34.65 18.90 -20.69
C LYS C 236 -33.38 18.27 -21.25
N GLY C 237 -32.23 18.73 -20.78
CA GLY C 237 -30.96 18.18 -21.24
C GLY C 237 -30.99 16.66 -21.13
N ALA C 238 -31.52 16.17 -20.03
CA ALA C 238 -31.59 14.73 -19.81
C ALA C 238 -32.53 14.11 -20.83
N ARG C 239 -33.75 14.63 -20.86
CA ARG C 239 -34.79 14.15 -21.75
C ARG C 239 -34.42 14.15 -23.23
N PHE C 240 -33.69 15.18 -23.67
CA PHE C 240 -33.28 15.26 -25.07
C PHE C 240 -32.01 14.45 -25.31
N GLY C 241 -31.31 14.10 -24.24
CA GLY C 241 -30.09 13.33 -24.37
C GLY C 241 -28.87 14.21 -24.62
N ILE C 242 -28.98 15.47 -24.21
CA ILE C 242 -27.90 16.42 -24.37
C ILE C 242 -27.02 16.49 -23.12
N PRO C 243 -25.69 16.41 -23.29
CA PRO C 243 -24.74 16.46 -22.18
C PRO C 243 -24.94 17.71 -21.33
N VAL C 244 -25.22 17.49 -20.05
CA VAL C 244 -25.43 18.58 -19.11
C VAL C 244 -24.29 18.64 -18.10
N ASN C 245 -23.76 19.83 -17.90
CA ASN C 245 -22.66 20.04 -16.96
C ASN C 245 -23.15 20.77 -15.71
N VAL C 246 -23.16 20.07 -14.56
CA VAL C 246 -23.61 20.70 -13.32
C VAL C 246 -22.43 21.31 -12.55
N LEU C 247 -22.08 22.55 -12.89
CA LEU C 247 -20.96 23.25 -12.25
C LEU C 247 -21.35 24.18 -11.08
N SER C 248 -20.69 24.03 -9.94
CA SER C 248 -20.99 24.86 -8.78
C SER C 248 -20.36 26.24 -8.90
N MET C 249 -20.85 27.19 -8.09
CA MET C 249 -20.35 28.56 -8.09
C MET C 249 -20.17 29.16 -6.69
N ALA C 250 -19.96 28.31 -5.70
CA ALA C 250 -19.78 28.80 -4.33
C ALA C 250 -18.55 29.70 -4.20
N MET C 251 -18.42 30.35 -3.05
CA MET C 251 -17.30 31.23 -2.77
C MET C 251 -16.96 31.20 -1.31
N SER C 252 -15.86 30.55 -0.98
CA SER C 252 -15.40 30.44 0.40
C SER C 252 -15.35 31.81 1.05
N GLY C 253 -16.06 31.98 2.16
CA GLY C 253 -16.08 33.24 2.86
C GLY C 253 -17.25 34.11 2.39
N GLY C 254 -18.00 33.58 1.44
CA GLY C 254 -19.15 34.30 0.90
C GLY C 254 -20.40 33.45 0.89
N SER C 255 -20.40 32.36 0.10
CA SER C 255 -21.55 31.46 0.01
C SER C 255 -21.19 30.08 0.56
N SER C 256 -19.94 29.92 0.97
CA SER C 256 -19.45 28.67 1.54
C SER C 256 -18.42 28.97 2.63
N PRO C 257 -18.17 28.02 3.55
CA PRO C 257 -17.19 28.29 4.61
C PRO C 257 -15.87 28.84 4.06
N VAL C 258 -15.23 29.69 4.84
CA VAL C 258 -13.96 30.28 4.43
C VAL C 258 -12.99 29.15 4.14
N TYR C 259 -13.12 28.04 4.86
CA TYR C 259 -12.26 26.87 4.67
C TYR C 259 -12.59 26.18 3.34
N LEU C 260 -11.60 25.49 2.77
CA LEU C 260 -11.79 24.78 1.51
C LEU C 260 -12.58 23.49 1.70
N ALA C 261 -12.19 22.72 2.72
CA ALA C 261 -12.88 21.46 3.01
C ALA C 261 -14.37 21.72 3.11
N GLY C 262 -14.72 22.79 3.83
CA GLY C 262 -16.12 23.13 3.97
C GLY C 262 -16.69 23.54 2.63
N THR C 263 -15.95 24.35 1.88
CA THR C 263 -16.38 24.84 0.59
C THR C 263 -16.66 23.69 -0.38
N LEU C 264 -15.89 22.61 -0.23
CA LEU C 264 -16.05 21.43 -1.08
C LEU C 264 -17.36 20.71 -0.73
N VAL C 265 -17.70 20.70 0.55
CA VAL C 265 -18.93 20.08 1.01
C VAL C 265 -20.10 20.81 0.34
N THR C 266 -20.14 22.13 0.52
CA THR C 266 -21.17 22.97 -0.07
C THR C 266 -21.26 22.72 -1.57
N HIS C 267 -20.10 22.75 -2.23
CA HIS C 267 -20.05 22.47 -3.67
C HIS C 267 -20.59 21.06 -3.95
N ASN C 268 -20.08 20.08 -3.20
CA ASN C 268 -20.51 18.69 -3.38
C ASN C 268 -22.03 18.62 -3.28
N ALA C 269 -22.57 19.22 -2.22
CA ALA C 269 -24.01 19.25 -1.97
C ALA C 269 -24.79 19.70 -3.21
N GLU C 270 -24.49 20.90 -3.69
CA GLU C 270 -25.18 21.45 -4.84
C GLU C 270 -24.98 20.61 -6.10
N VAL C 271 -23.72 20.41 -6.49
CA VAL C 271 -23.43 19.65 -7.70
C VAL C 271 -24.07 18.28 -7.74
N LEU C 272 -24.08 17.58 -6.61
CA LEU C 272 -24.69 16.25 -6.57
C LEU C 272 -26.18 16.31 -6.82
N SER C 273 -26.89 17.09 -6.00
CA SER C 273 -28.33 17.23 -6.15
C SER C 273 -28.70 17.42 -7.62
N GLY C 274 -27.96 18.28 -8.30
CA GLY C 274 -28.23 18.53 -9.71
C GLY C 274 -28.02 17.27 -10.53
N ILE C 275 -27.14 16.39 -10.04
CA ILE C 275 -26.84 15.14 -10.71
C ILE C 275 -27.95 14.13 -10.43
N VAL C 276 -28.44 14.13 -9.20
CA VAL C 276 -29.53 13.24 -8.82
C VAL C 276 -30.78 13.64 -9.60
N LEU C 277 -31.03 14.95 -9.68
CA LEU C 277 -32.19 15.48 -10.40
C LEU C 277 -32.12 15.11 -11.88
N ALA C 278 -30.90 15.09 -12.43
CA ALA C 278 -30.69 14.74 -13.82
C ALA C 278 -31.02 13.27 -14.04
N GLN C 279 -30.39 12.41 -13.26
CA GLN C 279 -30.61 10.97 -13.38
C GLN C 279 -32.06 10.56 -13.16
N LEU C 280 -32.64 10.99 -12.05
CA LEU C 280 -34.02 10.62 -11.76
C LEU C 280 -34.91 10.97 -12.95
N THR C 281 -34.45 11.90 -13.77
CA THR C 281 -35.17 12.35 -14.96
C THR C 281 -35.05 11.36 -16.11
N VAL C 282 -33.83 10.93 -16.41
CA VAL C 282 -33.56 9.98 -17.47
C VAL C 282 -32.32 9.18 -17.10
N PRO C 283 -32.50 8.03 -16.41
CA PRO C 283 -31.37 7.20 -16.02
C PRO C 283 -30.37 7.07 -17.16
N GLY C 284 -29.11 7.37 -16.87
CA GLY C 284 -28.07 7.29 -17.88
C GLY C 284 -27.83 8.61 -18.58
N ALA C 285 -28.46 9.67 -18.11
CA ALA C 285 -28.28 10.97 -18.73
C ALA C 285 -26.82 11.35 -18.57
N LYS C 286 -26.24 11.90 -19.64
CA LYS C 286 -24.84 12.32 -19.62
C LYS C 286 -24.62 13.54 -18.72
N VAL C 287 -23.94 13.37 -17.59
CA VAL C 287 -23.67 14.50 -16.71
C VAL C 287 -22.18 14.76 -16.46
N TRP C 288 -21.91 15.84 -15.73
CA TRP C 288 -20.56 16.27 -15.39
C TRP C 288 -20.53 16.65 -13.92
N TYR C 289 -19.35 16.58 -13.32
CA TYR C 289 -19.15 16.97 -11.92
C TYR C 289 -18.26 18.18 -12.13
N GLY C 290 -18.86 19.35 -12.31
CA GLY C 290 -18.08 20.54 -12.56
C GLY C 290 -17.98 21.52 -11.41
N SER C 291 -17.14 22.53 -11.59
CA SER C 291 -16.94 23.53 -10.57
C SER C 291 -16.10 24.70 -11.03
N SER C 292 -16.53 25.89 -10.60
CA SER C 292 -15.81 27.11 -10.91
C SER C 292 -15.63 27.76 -9.55
N THR C 293 -15.97 27.01 -8.50
CA THR C 293 -15.85 27.49 -7.12
C THR C 293 -14.49 28.08 -6.84
N THR C 294 -14.50 29.24 -6.19
CA THR C 294 -13.28 29.94 -5.84
C THR C 294 -13.48 30.61 -4.48
N THR C 295 -12.51 31.40 -4.06
CA THR C 295 -12.58 32.08 -2.78
C THR C 295 -12.89 33.56 -2.96
N PHE C 296 -13.66 34.11 -2.02
CA PHE C 296 -13.99 35.53 -2.06
C PHE C 296 -12.81 36.23 -1.39
N ASP C 297 -12.12 37.10 -2.11
CA ASP C 297 -10.97 37.81 -1.54
C ASP C 297 -11.39 38.69 -0.37
N LEU C 298 -11.26 38.14 0.83
CA LEU C 298 -11.62 38.86 2.04
C LEU C 298 -10.59 39.95 2.32
N LYS C 299 -10.25 40.72 1.30
CA LYS C 299 -9.28 41.82 1.41
C LYS C 299 -9.26 42.72 0.18
N LYS C 300 -10.09 42.41 -0.82
CA LYS C 300 -10.15 43.22 -2.05
C LYS C 300 -11.61 43.32 -2.49
N GLY C 301 -12.49 42.68 -1.73
CA GLY C 301 -13.91 42.69 -2.04
C GLY C 301 -14.22 42.18 -3.44
N THR C 302 -13.64 41.04 -3.80
CA THR C 302 -13.88 40.43 -5.11
C THR C 302 -13.65 38.93 -5.10
N ALA C 303 -13.73 38.31 -6.27
CA ALA C 303 -13.54 36.88 -6.40
C ALA C 303 -12.28 36.55 -7.19
N PRO C 304 -11.13 36.44 -6.51
CA PRO C 304 -9.89 36.12 -7.20
C PRO C 304 -9.99 34.71 -7.78
N VAL C 305 -9.81 34.62 -9.10
CA VAL C 305 -9.92 33.35 -9.80
C VAL C 305 -8.61 32.92 -10.48
N GLY C 306 -7.52 33.61 -10.17
CA GLY C 306 -6.23 33.27 -10.74
C GLY C 306 -5.33 32.94 -9.57
N SER C 307 -5.98 32.77 -8.42
CA SER C 307 -5.32 32.47 -7.16
C SER C 307 -5.03 30.99 -6.97
N PRO C 308 -4.15 30.67 -6.00
CA PRO C 308 -3.84 29.26 -5.75
C PRO C 308 -5.07 28.59 -5.14
N GLU C 309 -5.89 29.39 -4.44
CA GLU C 309 -7.11 28.89 -3.82
C GLU C 309 -7.98 28.20 -4.84
N LEU C 310 -8.17 28.87 -5.98
CA LEU C 310 -8.98 28.28 -7.03
C LEU C 310 -8.31 27.00 -7.45
N GLY C 311 -7.04 27.11 -7.87
CA GLY C 311 -6.28 25.95 -8.29
C GLY C 311 -6.55 24.71 -7.47
N LEU C 312 -6.40 24.83 -6.15
CA LEU C 312 -6.64 23.72 -5.23
C LEU C 312 -8.08 23.20 -5.29
N ILE C 313 -9.06 24.10 -5.40
CA ILE C 313 -10.45 23.68 -5.45
C ILE C 313 -10.80 22.90 -6.71
N SER C 314 -10.34 23.38 -7.86
CA SER C 314 -10.59 22.69 -9.12
C SER C 314 -9.93 21.32 -9.07
N ALA C 315 -8.72 21.26 -8.53
CA ALA C 315 -7.98 20.01 -8.41
C ALA C 315 -8.66 19.05 -7.44
N ALA C 316 -9.23 19.59 -6.37
CA ALA C 316 -9.93 18.76 -5.38
C ALA C 316 -11.21 18.21 -5.99
N VAL C 317 -11.93 19.06 -6.71
CA VAL C 317 -13.16 18.65 -7.36
C VAL C 317 -12.86 17.52 -8.34
N ALA C 318 -11.77 17.66 -9.09
CA ALA C 318 -11.35 16.65 -10.08
C ALA C 318 -11.14 15.29 -9.42
N LYS C 319 -10.81 15.31 -8.14
CA LYS C 319 -10.60 14.10 -7.37
C LYS C 319 -11.96 13.56 -6.87
N LEU C 320 -12.75 14.42 -6.24
CA LEU C 320 -14.07 14.01 -5.74
C LEU C 320 -14.80 13.41 -6.95
N ALA C 321 -14.50 13.94 -8.13
CA ALA C 321 -15.11 13.49 -9.37
C ALA C 321 -14.68 12.07 -9.70
N GLN C 322 -13.37 11.84 -9.64
CA GLN C 322 -12.82 10.52 -9.92
C GLN C 322 -13.25 9.57 -8.81
N PHE C 323 -13.50 10.13 -7.63
CA PHE C 323 -13.92 9.37 -6.47
C PHE C 323 -15.31 8.78 -6.70
N TYR C 324 -16.31 9.64 -6.89
CA TYR C 324 -17.65 9.13 -7.11
C TYR C 324 -17.68 8.29 -8.39
N GLY C 325 -17.12 8.80 -9.49
CA GLY C 325 -17.08 8.06 -10.73
C GLY C 325 -17.62 8.79 -11.95
N LEU C 326 -17.51 10.11 -11.94
CA LEU C 326 -18.01 10.93 -13.05
C LEU C 326 -16.90 11.78 -13.65
N PRO C 327 -17.11 12.26 -14.89
CA PRO C 327 -16.17 13.10 -15.64
C PRO C 327 -16.13 14.50 -15.03
N SER C 328 -14.95 15.11 -14.98
CA SER C 328 -14.85 16.45 -14.39
C SER C 328 -14.75 17.58 -15.39
N TYR C 329 -15.16 18.76 -14.94
CA TYR C 329 -15.10 19.98 -15.72
C TYR C 329 -14.83 21.07 -14.69
N VAL C 330 -13.56 21.43 -14.52
CA VAL C 330 -13.17 22.42 -13.52
C VAL C 330 -12.56 23.71 -14.06
N ALA C 331 -12.70 24.77 -13.26
CA ALA C 331 -12.20 26.08 -13.62
C ALA C 331 -10.68 26.15 -13.48
N GLY C 332 -9.99 26.10 -14.62
CA GLY C 332 -8.54 26.17 -14.60
C GLY C 332 -8.02 27.10 -15.68
N SER C 333 -6.77 27.55 -15.54
CA SER C 333 -6.18 28.45 -16.53
C SER C 333 -6.87 29.80 -16.57
N LYS C 334 -7.05 30.40 -15.39
CA LYS C 334 -7.70 31.69 -15.27
C LYS C 334 -6.73 32.69 -14.64
N SER C 335 -7.14 33.95 -14.59
CA SER C 335 -6.32 35.00 -14.00
C SER C 335 -7.12 36.26 -13.76
N ASP C 336 -6.76 36.99 -12.71
CA ASP C 336 -7.43 38.23 -12.36
C ASP C 336 -6.63 39.40 -12.89
N ALA C 337 -5.77 39.11 -13.86
CA ALA C 337 -4.94 40.12 -14.49
C ALA C 337 -5.72 40.85 -15.58
N LYS C 338 -5.61 42.18 -15.57
CA LYS C 338 -6.28 43.04 -16.53
C LYS C 338 -5.53 43.15 -17.85
N VAL C 339 -4.29 42.66 -17.87
CA VAL C 339 -3.47 42.72 -19.07
C VAL C 339 -2.53 41.50 -19.19
N PRO C 340 -2.36 40.95 -20.43
CA PRO C 340 -1.48 39.80 -20.59
C PRO C 340 -0.03 40.14 -20.27
N ASP C 341 0.26 40.28 -18.97
CA ASP C 341 1.59 40.62 -18.50
C ASP C 341 2.21 39.50 -17.68
N ASP C 342 3.25 39.85 -16.92
CA ASP C 342 3.98 38.90 -16.08
C ASP C 342 3.01 38.14 -15.18
N GLN C 343 1.98 38.81 -14.71
CA GLN C 343 0.99 38.18 -13.85
C GLN C 343 0.18 37.11 -14.57
N ALA C 344 -0.33 37.46 -15.74
CA ALA C 344 -1.12 36.52 -16.55
C ALA C 344 -0.46 35.15 -16.57
N GLY C 345 0.84 35.13 -16.88
CA GLY C 345 1.56 33.88 -16.91
C GLY C 345 1.41 33.11 -15.61
N HIS C 346 1.98 33.66 -14.53
CA HIS C 346 1.89 33.01 -13.23
C HIS C 346 0.49 32.50 -12.88
N GLU C 347 -0.47 33.42 -12.88
CA GLU C 347 -1.85 33.07 -12.56
C GLU C 347 -2.41 31.97 -13.44
N LYS C 348 -2.31 32.15 -14.75
CA LYS C 348 -2.81 31.16 -15.68
C LYS C 348 -2.16 29.82 -15.36
N THR C 349 -0.83 29.81 -15.26
CA THR C 349 -0.06 28.59 -14.98
C THR C 349 -0.38 27.92 -13.65
N MET C 350 -0.48 28.71 -12.60
CA MET C 350 -0.79 28.19 -11.28
C MET C 350 -2.13 27.45 -11.28
N THR C 351 -3.15 28.11 -11.84
CA THR C 351 -4.49 27.54 -11.88
C THR C 351 -4.75 26.40 -12.88
N THR C 352 -4.01 26.35 -13.97
CA THR C 352 -4.23 25.29 -14.95
C THR C 352 -3.47 24.03 -14.54
N LEU C 353 -2.29 24.24 -13.95
CA LEU C 353 -1.43 23.15 -13.53
C LEU C 353 -2.14 22.16 -12.63
N LEU C 354 -2.48 22.62 -11.42
CA LEU C 354 -3.15 21.77 -10.43
C LEU C 354 -4.23 20.81 -10.97
N PRO C 355 -5.23 21.32 -11.71
CA PRO C 355 -6.23 20.38 -12.20
C PRO C 355 -5.64 19.46 -13.27
N ALA C 356 -4.76 20.02 -14.10
CA ALA C 356 -4.12 19.25 -15.15
C ALA C 356 -3.44 18.03 -14.56
N LEU C 357 -2.73 18.26 -13.45
CA LEU C 357 -2.00 17.20 -12.76
C LEU C 357 -2.87 16.35 -11.86
N ALA C 358 -4.01 16.89 -11.44
CA ALA C 358 -4.92 16.14 -10.59
C ALA C 358 -5.67 15.17 -11.47
N GLY C 359 -5.90 15.60 -12.72
CA GLY C 359 -6.61 14.76 -13.67
C GLY C 359 -7.96 15.31 -14.11
N ALA C 360 -8.11 16.63 -14.09
CA ALA C 360 -9.36 17.26 -14.52
C ALA C 360 -9.64 16.79 -15.95
N ASN C 361 -10.82 16.23 -16.18
CA ASN C 361 -11.17 15.73 -17.51
C ASN C 361 -11.40 16.83 -18.54
N THR C 362 -11.50 18.07 -18.07
CA THR C 362 -11.68 19.24 -18.92
C THR C 362 -11.38 20.49 -18.11
N ILE C 363 -10.41 21.27 -18.55
CA ILE C 363 -10.06 22.48 -17.84
C ILE C 363 -10.46 23.66 -18.70
N TYR C 364 -11.18 24.62 -18.10
CA TYR C 364 -11.63 25.79 -18.86
C TYR C 364 -11.28 27.13 -18.23
N GLY C 365 -10.94 28.08 -19.10
CA GLY C 365 -10.59 29.41 -18.65
C GLY C 365 -9.60 30.03 -19.61
N ALA C 366 -9.22 29.28 -20.63
CA ALA C 366 -8.26 29.75 -21.62
C ALA C 366 -8.78 30.98 -22.36
N GLY C 367 -7.98 32.04 -22.38
CA GLY C 367 -8.38 33.26 -23.06
C GLY C 367 -8.84 34.33 -22.10
N MET C 368 -9.32 33.91 -20.93
CA MET C 368 -9.80 34.85 -19.94
C MET C 368 -8.78 35.91 -19.55
N LEU C 369 -9.21 36.82 -18.69
CA LEU C 369 -8.44 37.93 -18.17
C LEU C 369 -9.43 38.79 -17.41
N GLU C 370 -8.93 39.64 -16.52
CA GLU C 370 -9.82 40.53 -15.78
C GLU C 370 -10.90 39.73 -15.04
N LEU C 371 -10.45 38.88 -14.11
CA LEU C 371 -11.30 38.03 -13.29
C LEU C 371 -12.47 37.32 -13.99
N GLY C 372 -12.61 37.52 -15.30
CA GLY C 372 -13.68 36.86 -16.02
C GLY C 372 -14.60 37.79 -16.77
N MET C 373 -14.16 39.04 -16.96
CA MET C 373 -14.98 40.00 -17.66
C MET C 373 -14.51 40.22 -19.09
N THR C 374 -13.24 39.93 -19.34
CA THR C 374 -12.65 40.12 -20.65
C THR C 374 -12.09 38.82 -21.22
N PHE C 375 -12.03 38.73 -22.55
CA PHE C 375 -11.49 37.56 -23.22
C PHE C 375 -10.44 38.02 -24.23
N SER C 376 -9.18 38.01 -23.83
CA SER C 376 -8.10 38.43 -24.73
C SER C 376 -7.78 37.34 -25.73
N MET C 377 -7.99 37.62 -27.01
CA MET C 377 -7.68 36.61 -28.03
C MET C 377 -6.19 36.33 -27.95
N GLU C 378 -5.45 37.33 -27.46
CA GLU C 378 -4.00 37.24 -27.32
C GLU C 378 -3.58 36.28 -26.20
N GLN C 379 -4.30 36.31 -25.09
CA GLN C 379 -3.98 35.43 -23.97
C GLN C 379 -4.38 34.01 -24.33
N LEU C 380 -5.50 33.85 -25.04
CA LEU C 380 -5.97 32.54 -25.47
C LEU C 380 -4.83 31.76 -26.09
N VAL C 381 -4.20 32.32 -27.13
CA VAL C 381 -3.11 31.67 -27.83
C VAL C 381 -1.92 31.42 -26.90
N ILE C 382 -1.66 32.35 -26.00
CA ILE C 382 -0.57 32.17 -25.05
C ILE C 382 -0.92 30.93 -24.24
N ASP C 383 -2.10 30.95 -23.61
CA ASP C 383 -2.56 29.83 -22.81
C ASP C 383 -2.48 28.52 -23.58
N ASN C 384 -2.77 28.59 -24.88
CA ASN C 384 -2.73 27.39 -25.72
C ASN C 384 -1.31 26.87 -25.88
N ASP C 385 -0.34 27.78 -25.89
CA ASP C 385 1.05 27.37 -26.01
C ASP C 385 1.47 26.88 -24.63
N ILE C 386 0.87 27.47 -23.60
CA ILE C 386 1.17 27.07 -22.23
C ILE C 386 0.72 25.60 -22.05
N PHE C 387 -0.53 25.32 -22.37
CA PHE C 387 -1.05 23.96 -22.25
C PHE C 387 -0.08 22.95 -22.87
N SER C 388 0.51 23.31 -24.00
CA SER C 388 1.45 22.43 -24.67
C SER C 388 2.60 22.11 -23.72
N MET C 389 3.22 23.14 -23.14
CA MET C 389 4.31 22.92 -22.20
C MET C 389 3.83 21.99 -21.10
N VAL C 390 2.66 22.30 -20.55
CA VAL C 390 2.07 21.49 -19.49
C VAL C 390 2.03 20.02 -19.86
N LYS C 391 1.70 19.74 -21.12
CA LYS C 391 1.63 18.37 -21.58
C LYS C 391 2.96 17.63 -21.50
N LYS C 392 4.04 18.26 -21.92
CA LYS C 392 5.35 17.61 -21.84
C LYS C 392 5.60 17.27 -20.38
N ALA C 393 5.18 18.19 -19.52
CA ALA C 393 5.37 18.01 -18.11
C ALA C 393 4.63 16.76 -17.62
N MET C 394 3.35 16.66 -17.94
CA MET C 394 2.54 15.51 -17.52
C MET C 394 3.07 14.15 -17.99
N GLN C 395 4.16 14.18 -18.76
CA GLN C 395 4.79 12.97 -19.24
C GLN C 395 5.78 12.53 -18.15
N GLY C 396 6.02 13.42 -17.19
CA GLY C 396 6.93 13.15 -16.10
C GLY C 396 8.16 12.43 -16.57
N ILE C 397 8.62 11.45 -15.80
CA ILE C 397 9.78 10.67 -16.21
C ILE C 397 9.40 9.23 -16.51
N PRO C 398 9.61 8.83 -17.77
CA PRO C 398 9.32 7.48 -18.26
C PRO C 398 10.57 6.67 -18.03
N VAL C 399 10.57 5.86 -16.98
CA VAL C 399 11.73 5.03 -16.67
C VAL C 399 11.62 3.64 -17.30
N SER C 400 12.46 3.41 -18.31
CA SER C 400 12.53 2.15 -19.03
C SER C 400 13.99 1.84 -19.33
N GLU C 401 14.27 0.61 -19.77
CA GLU C 401 15.64 0.25 -20.08
C GLU C 401 16.21 1.10 -21.20
N GLU C 402 15.35 1.61 -22.08
CA GLU C 402 15.83 2.45 -23.17
C GLU C 402 15.99 3.89 -22.73
N THR C 403 14.98 4.42 -22.05
CA THR C 403 15.03 5.81 -21.61
C THR C 403 16.17 6.06 -20.64
N LEU C 404 16.59 5.01 -19.93
CA LEU C 404 17.71 5.16 -19.00
C LEU C 404 19.00 5.27 -19.79
N ALA C 405 18.93 4.89 -21.07
CA ALA C 405 20.07 4.98 -22.00
C ALA C 405 21.46 4.70 -21.43
N VAL C 406 21.63 3.61 -20.70
CA VAL C 406 22.95 3.30 -20.15
C VAL C 406 24.06 3.15 -21.21
N GLU C 407 23.79 2.33 -22.23
CA GLU C 407 24.78 2.11 -23.29
C GLU C 407 25.09 3.42 -23.99
N SER C 408 24.08 4.28 -24.07
CA SER C 408 24.24 5.57 -24.74
C SER C 408 25.28 6.39 -23.98
N ILE C 409 25.11 6.47 -22.67
CA ILE C 409 26.02 7.22 -21.82
C ILE C 409 27.44 6.72 -22.04
N GLN C 410 27.55 5.43 -22.34
CA GLN C 410 28.85 4.81 -22.55
C GLN C 410 29.49 5.01 -23.92
N LYS C 411 28.73 4.90 -25.01
CA LYS C 411 29.35 5.12 -26.30
C LYS C 411 29.87 6.55 -26.37
N VAL C 412 29.16 7.50 -25.76
CA VAL C 412 29.60 8.89 -25.76
C VAL C 412 30.71 9.03 -24.73
N GLY C 413 30.57 8.30 -23.63
CA GLY C 413 31.58 8.33 -22.58
C GLY C 413 31.87 9.63 -21.89
N ILE C 414 33.08 9.70 -21.34
CA ILE C 414 33.58 10.85 -20.59
C ILE C 414 33.94 12.10 -21.39
N GLY C 415 33.23 13.19 -21.10
CA GLY C 415 33.50 14.45 -21.76
C GLY C 415 33.27 14.50 -23.25
N ASN C 416 32.03 14.31 -23.68
CA ASN C 416 31.68 14.36 -25.09
C ASN C 416 30.21 14.70 -25.20
N ASN C 417 29.67 14.76 -26.42
CA ASN C 417 28.27 15.11 -26.59
C ASN C 417 27.44 14.03 -27.27
N PHE C 418 26.13 14.26 -27.34
CA PHE C 418 25.21 13.32 -27.95
C PHE C 418 24.67 13.83 -29.27
N LEU C 419 25.04 15.05 -29.64
CA LEU C 419 24.59 15.66 -30.89
C LEU C 419 24.79 14.69 -32.03
N ALA C 420 25.92 13.99 -31.97
CA ALA C 420 26.28 13.02 -32.99
C ALA C 420 25.36 11.81 -32.92
N LEU C 421 25.42 11.11 -31.79
CA LEU C 421 24.62 9.91 -31.52
C LEU C 421 23.37 9.71 -32.39
N LYS C 422 23.21 8.51 -32.92
CA LYS C 422 22.07 8.20 -33.77
C LYS C 422 20.76 8.40 -33.01
N GLN C 423 20.65 7.76 -31.85
CA GLN C 423 19.45 7.85 -31.04
C GLN C 423 19.03 9.30 -30.83
N THR C 424 19.99 10.20 -30.62
CA THR C 424 19.68 11.61 -30.39
C THR C 424 19.16 12.34 -31.62
N ARG C 425 19.67 11.98 -32.80
CA ARG C 425 19.26 12.62 -34.04
C ARG C 425 17.82 12.25 -34.36
N GLN C 426 17.39 11.11 -33.81
CA GLN C 426 16.04 10.60 -34.00
C GLN C 426 15.04 11.35 -33.13
N LEU C 427 15.46 11.66 -31.90
CA LEU C 427 14.61 12.35 -30.93
C LEU C 427 14.71 13.87 -31.04
N VAL C 428 14.69 14.40 -32.26
CA VAL C 428 14.79 15.85 -32.42
C VAL C 428 13.49 16.57 -32.07
N ASP C 429 12.37 15.86 -32.20
CA ASP C 429 11.05 16.42 -31.90
C ASP C 429 10.48 15.83 -30.60
N TYR C 430 11.35 15.47 -29.69
CA TYR C 430 10.93 14.88 -28.42
C TYR C 430 10.87 15.97 -27.36
N PRO C 431 11.93 16.79 -27.26
CA PRO C 431 11.94 17.85 -26.26
C PRO C 431 10.84 18.86 -26.52
N SER C 432 10.32 19.46 -25.44
CA SER C 432 9.26 20.45 -25.55
C SER C 432 9.69 21.57 -26.49
N ASN C 433 8.82 21.87 -27.44
CA ASN C 433 9.09 22.93 -28.42
C ASN C 433 7.91 23.89 -28.41
N PRO C 434 8.04 25.02 -27.69
CA PRO C 434 6.96 26.01 -27.62
C PRO C 434 6.72 26.75 -28.94
N MET C 435 5.48 27.16 -29.16
CA MET C 435 5.10 27.87 -30.39
C MET C 435 5.36 29.35 -30.26
N LEU C 436 5.10 29.89 -29.07
CA LEU C 436 5.28 31.31 -28.82
C LEU C 436 6.48 31.63 -27.93
N LEU C 437 6.56 30.97 -26.77
CA LEU C 437 7.66 31.19 -25.83
C LEU C 437 9.03 31.29 -26.51
N ASP C 438 9.75 32.38 -26.23
CA ASP C 438 11.07 32.59 -26.84
C ASP C 438 12.17 31.89 -26.05
N ARG C 439 13.11 31.27 -26.78
CA ARG C 439 14.22 30.56 -26.14
C ARG C 439 15.55 30.91 -26.81
N HIS C 440 15.59 32.03 -27.50
CA HIS C 440 16.79 32.49 -28.19
C HIS C 440 17.68 33.34 -27.28
N MET C 441 18.80 33.79 -27.85
CA MET C 441 19.76 34.63 -27.12
C MET C 441 19.21 36.06 -27.15
N PHE C 442 19.87 36.97 -26.45
CA PHE C 442 19.44 38.38 -26.42
C PHE C 442 19.61 38.97 -27.82
N GLY C 443 20.68 38.56 -28.49
CA GLY C 443 20.95 39.03 -29.83
C GLY C 443 19.82 38.66 -30.78
N ASP C 444 19.70 37.37 -31.06
CA ASP C 444 18.66 36.86 -31.96
C ASP C 444 17.30 37.52 -31.70
N TRP C 445 16.89 37.52 -30.44
CA TRP C 445 15.63 38.10 -30.02
C TRP C 445 15.52 39.60 -30.26
N ALA C 446 16.60 40.32 -30.00
CA ALA C 446 16.64 41.76 -30.17
C ALA C 446 16.51 42.15 -31.65
N ALA C 447 17.20 41.41 -32.50
CA ALA C 447 17.18 41.66 -33.93
C ALA C 447 15.85 41.21 -34.53
N ALA C 448 14.88 40.96 -33.66
CA ALA C 448 13.55 40.53 -34.08
C ALA C 448 12.60 41.70 -33.82
N GLY C 449 13.07 42.62 -33.01
CA GLY C 449 12.28 43.79 -32.68
C GLY C 449 12.19 43.91 -31.17
N SER C 450 12.68 42.88 -30.49
CA SER C 450 12.65 42.86 -29.02
C SER C 450 11.18 42.78 -28.60
N LYS C 451 10.43 41.90 -29.26
CA LYS C 451 9.01 41.73 -28.99
C LYS C 451 8.69 40.90 -27.75
N ASP C 452 7.81 41.44 -26.91
CA ASP C 452 7.40 40.75 -25.69
C ASP C 452 6.31 39.75 -26.09
N LEU C 453 6.10 38.73 -25.26
CA LEU C 453 5.10 37.70 -25.55
C LEU C 453 3.72 38.22 -25.93
N ALA C 454 3.29 39.32 -25.31
CA ALA C 454 1.99 39.88 -25.62
C ALA C 454 1.98 40.25 -27.10
N THR C 455 2.91 41.13 -27.49
CA THR C 455 3.06 41.57 -28.88
C THR C 455 3.25 40.40 -29.84
N VAL C 456 4.08 39.45 -29.44
CA VAL C 456 4.35 38.27 -30.25
C VAL C 456 3.10 37.41 -30.38
N ALA C 457 2.39 37.22 -29.25
CA ALA C 457 1.18 36.42 -29.23
C ALA C 457 0.10 37.10 -30.05
N HIS C 458 0.18 38.43 -30.11
CA HIS C 458 -0.77 39.24 -30.87
C HIS C 458 -0.64 39.02 -32.38
N GLU C 459 0.59 39.08 -32.87
CA GLU C 459 0.86 38.90 -34.29
C GLU C 459 0.44 37.51 -34.74
N LYS C 460 0.37 36.59 -33.78
CA LYS C 460 -0.03 35.23 -34.07
C LYS C 460 -1.54 35.20 -34.31
N VAL C 461 -2.26 35.98 -33.52
CA VAL C 461 -3.71 36.04 -33.64
C VAL C 461 -4.04 36.47 -35.07
N GLU C 462 -3.54 37.65 -35.45
CA GLU C 462 -3.75 38.20 -36.79
C GLU C 462 -3.54 37.12 -37.85
N ASP C 463 -2.39 36.45 -37.77
CA ASP C 463 -2.06 35.39 -38.71
C ASP C 463 -3.16 34.32 -38.77
N VAL C 464 -3.68 33.94 -37.61
CA VAL C 464 -4.72 32.93 -37.52
C VAL C 464 -6.07 33.36 -38.08
N LEU C 465 -6.53 34.54 -37.65
CA LEU C 465 -7.80 35.07 -38.11
C LEU C 465 -7.78 35.32 -39.61
N LYS C 466 -6.69 35.88 -40.09
CA LYS C 466 -6.54 36.20 -41.50
C LYS C 466 -6.33 34.98 -42.41
N ASN C 467 -5.91 33.85 -41.86
CA ASN C 467 -5.67 32.68 -42.72
C ASN C 467 -6.26 31.32 -42.32
N HIS C 468 -6.91 31.22 -41.17
CA HIS C 468 -7.46 29.93 -40.76
C HIS C 468 -8.72 29.55 -41.52
N GLN C 469 -8.67 28.37 -42.15
CA GLN C 469 -9.78 27.84 -42.93
C GLN C 469 -10.69 26.94 -42.08
N VAL C 470 -11.80 27.51 -41.60
CA VAL C 470 -12.76 26.76 -40.80
C VAL C 470 -13.70 25.95 -41.68
N THR C 471 -13.81 24.65 -41.40
CA THR C 471 -14.69 23.76 -42.17
C THR C 471 -16.14 24.27 -42.07
N PRO C 472 -16.69 24.77 -43.19
CA PRO C 472 -18.05 25.32 -43.32
C PRO C 472 -19.21 24.33 -43.26
N ILE C 473 -20.28 24.72 -42.58
CA ILE C 473 -21.48 23.89 -42.47
C ILE C 473 -22.07 23.76 -43.86
N ASP C 474 -22.84 22.71 -44.11
CA ASP C 474 -23.45 22.54 -45.42
C ASP C 474 -24.29 23.76 -45.78
N ALA C 475 -24.26 24.14 -47.05
CA ALA C 475 -24.99 25.31 -47.55
C ALA C 475 -26.43 25.40 -47.06
N ASP C 476 -27.22 24.37 -47.39
CA ASP C 476 -28.62 24.31 -47.01
C ASP C 476 -28.77 24.05 -45.52
N ILE C 477 -28.10 23.00 -45.04
CA ILE C 477 -28.15 22.64 -43.64
C ILE C 477 -28.05 23.90 -42.80
N PHE C 478 -27.17 24.80 -43.20
CA PHE C 478 -26.97 26.05 -42.48
C PHE C 478 -28.18 26.96 -42.53
N LYS C 479 -28.81 27.05 -43.69
CA LYS C 479 -29.98 27.89 -43.86
C LYS C 479 -31.14 27.32 -43.06
N ASP C 480 -31.17 26.00 -42.90
CA ASP C 480 -32.21 25.35 -42.13
C ASP C 480 -32.10 25.78 -40.67
N MET C 481 -30.92 25.58 -40.10
CA MET C 481 -30.67 25.96 -38.71
C MET C 481 -30.88 27.46 -38.55
N GLN C 482 -30.40 28.20 -39.55
CA GLN C 482 -30.54 29.66 -39.57
C GLN C 482 -31.99 30.02 -39.26
N ALA C 483 -32.92 29.20 -39.75
CA ALA C 483 -34.34 29.40 -39.54
C ALA C 483 -34.75 29.21 -38.09
N ILE C 484 -34.21 28.15 -37.48
CA ILE C 484 -34.51 27.84 -36.09
C ILE C 484 -34.20 29.07 -35.23
N VAL C 485 -33.17 29.81 -35.64
CA VAL C 485 -32.79 31.02 -34.93
C VAL C 485 -33.81 32.09 -35.27
N ASP C 486 -34.16 32.20 -36.56
CA ASP C 486 -35.14 33.17 -37.00
C ASP C 486 -36.47 32.96 -36.30
N LYS C 487 -37.05 31.78 -36.44
CA LYS C 487 -38.32 31.47 -35.78
C LYS C 487 -38.22 31.79 -34.30
N ALA C 488 -37.08 31.49 -33.71
CA ALA C 488 -36.83 31.75 -32.29
C ALA C 488 -36.96 33.23 -31.99
N ASP C 489 -36.30 34.05 -32.81
CA ASP C 489 -36.34 35.51 -32.65
C ASP C 489 -37.75 36.01 -32.83
N LYS C 490 -38.49 35.37 -33.73
CA LYS C 490 -39.87 35.75 -34.00
C LYS C 490 -40.64 35.69 -32.69
N ALA C 491 -40.76 34.47 -32.16
CA ALA C 491 -41.45 34.25 -30.90
C ALA C 491 -40.99 35.29 -29.87
N PHE C 492 -39.72 35.66 -29.93
CA PHE C 492 -39.17 36.64 -29.00
C PHE C 492 -39.98 37.93 -29.05
N ARG C 493 -39.89 38.63 -30.18
CA ARG C 493 -40.61 39.88 -30.34
C ARG C 493 -42.07 39.75 -29.94
N GLY C 494 -42.59 38.53 -29.96
CA GLY C 494 -43.97 38.32 -29.57
C GLY C 494 -44.26 38.78 -28.15
N ALA D 2 -23.07 14.49 23.68
CA ALA D 2 -22.80 15.69 22.81
C ALA D 2 -22.04 15.30 21.55
N LYS D 3 -21.34 16.26 20.95
CA LYS D 3 -20.58 15.97 19.75
C LYS D 3 -19.41 15.08 20.14
N ASN D 4 -19.13 14.09 19.29
CA ASN D 4 -18.04 13.17 19.52
C ASN D 4 -16.73 13.91 19.66
N ASN D 5 -15.80 13.31 20.41
CA ASN D 5 -14.47 13.86 20.63
C ASN D 5 -13.57 12.67 20.93
N ALA D 6 -13.94 11.54 20.33
CA ALA D 6 -13.20 10.29 20.47
C ALA D 6 -13.19 9.64 19.10
N VAL D 7 -12.02 9.55 18.48
CA VAL D 7 -11.89 8.97 17.14
C VAL D 7 -10.79 7.93 17.02
N ALA D 8 -11.02 6.98 16.12
CA ALA D 8 -10.06 5.92 15.89
C ALA D 8 -9.08 6.35 14.81
N GLY D 9 -7.95 5.66 14.73
CA GLY D 9 -6.94 5.95 13.72
C GLY D 9 -7.53 6.48 12.43
N PHE D 10 -6.95 7.57 11.94
CA PHE D 10 -7.41 8.25 10.74
C PHE D 10 -6.17 8.58 9.89
N ASN D 11 -6.14 8.10 8.65
CA ASN D 11 -4.99 8.36 7.77
C ASN D 11 -5.22 9.65 7.00
N ALA D 12 -4.27 10.59 7.09
CA ALA D 12 -4.44 11.86 6.39
C ALA D 12 -3.31 12.30 5.47
N LEU D 13 -3.60 13.32 4.67
CA LEU D 13 -2.63 13.89 3.73
C LEU D 13 -2.55 15.40 3.98
N ASN D 14 -1.40 15.80 4.52
CA ASN D 14 -1.11 17.18 4.85
C ASN D 14 -0.27 17.83 3.76
N GLY D 15 -0.92 18.69 2.96
CA GLY D 15 -0.22 19.35 1.88
C GLY D 15 -0.54 18.70 0.57
N VAL D 16 0.42 18.64 -0.35
CA VAL D 16 0.18 18.03 -1.63
C VAL D 16 1.31 17.09 -2.01
N GLU D 17 0.96 15.83 -2.31
CA GLU D 17 1.95 14.85 -2.70
C GLU D 17 2.06 14.75 -4.21
N LEU D 18 3.29 14.84 -4.71
CA LEU D 18 3.54 14.78 -6.13
C LEU D 18 4.51 13.64 -6.38
N ASN D 19 4.02 12.58 -7.03
CA ASN D 19 4.83 11.40 -7.30
C ASN D 19 5.35 11.28 -8.74
N LEU D 20 6.65 11.04 -8.86
CA LEU D 20 7.30 10.88 -10.15
C LEU D 20 7.86 9.49 -10.36
N PHE D 21 8.14 8.78 -9.28
CA PHE D 21 8.70 7.44 -9.38
C PHE D 21 8.14 6.40 -8.39
N THR D 22 8.49 5.14 -8.66
CA THR D 22 8.13 4.02 -7.81
C THR D 22 9.51 3.57 -7.31
N THR D 23 9.58 2.67 -6.34
CA THR D 23 10.88 2.26 -5.87
C THR D 23 11.60 1.48 -6.95
N ASP D 24 10.87 0.58 -7.60
CA ASP D 24 11.45 -0.21 -8.66
C ASP D 24 12.07 0.69 -9.72
N GLU D 25 11.51 1.88 -9.89
CA GLU D 25 12.03 2.82 -10.88
C GLU D 25 13.18 3.58 -10.25
N LEU D 26 12.99 4.04 -9.03
CA LEU D 26 14.05 4.76 -8.33
C LEU D 26 15.31 3.90 -8.36
N LYS D 27 15.17 2.64 -7.95
CA LYS D 27 16.28 1.68 -7.91
C LYS D 27 16.95 1.49 -9.26
N ALA D 28 16.16 1.39 -10.32
CA ALA D 28 16.74 1.20 -11.65
C ALA D 28 17.69 2.34 -11.95
N ILE D 29 17.22 3.57 -11.76
CA ILE D 29 18.05 4.74 -11.99
C ILE D 29 19.35 4.60 -11.21
N HIS D 30 19.25 4.07 -10.00
CA HIS D 30 20.41 3.84 -9.14
C HIS D 30 21.37 2.87 -9.83
N TYR D 31 20.90 1.64 -10.06
CA TYR D 31 21.69 0.60 -10.71
C TYR D 31 22.41 1.09 -11.94
N ALA D 32 21.69 1.78 -12.83
CA ALA D 32 22.27 2.30 -14.06
C ALA D 32 23.44 3.24 -13.75
N THR D 33 23.32 3.98 -12.65
CA THR D 33 24.37 4.91 -12.28
C THR D 33 25.57 4.14 -11.70
N MET D 34 25.30 3.11 -10.91
CA MET D 34 26.35 2.30 -10.30
C MET D 34 27.17 1.65 -11.40
N GLU D 35 26.51 1.37 -12.51
CA GLU D 35 27.13 0.75 -13.67
C GLU D 35 28.03 1.82 -14.31
N VAL D 36 27.44 2.97 -14.61
CA VAL D 36 28.17 4.06 -15.22
C VAL D 36 29.37 4.49 -14.36
N LEU D 37 29.23 4.42 -13.05
CA LEU D 37 30.31 4.79 -12.13
C LEU D 37 31.51 3.88 -12.25
N MET D 38 31.29 2.69 -12.84
CA MET D 38 32.34 1.70 -13.02
C MET D 38 32.88 1.63 -14.45
N ASP D 39 32.06 2.06 -15.40
CA ASP D 39 32.43 2.11 -16.81
C ASP D 39 31.54 3.16 -17.44
N PRO D 40 32.13 4.28 -17.89
CA PRO D 40 33.56 4.59 -17.84
C PRO D 40 34.14 5.02 -16.51
N GLY D 41 33.30 5.55 -15.62
CA GLY D 41 33.81 6.03 -14.34
C GLY D 41 33.88 7.54 -14.45
N ILE D 42 34.57 8.21 -13.54
CA ILE D 42 34.65 9.66 -13.64
C ILE D 42 36.07 10.12 -13.84
N GLN D 43 36.24 11.21 -14.58
CA GLN D 43 37.55 11.77 -14.79
C GLN D 43 37.81 12.78 -13.69
N VAL D 44 38.63 12.39 -12.70
CA VAL D 44 38.98 13.25 -11.57
C VAL D 44 40.33 13.89 -11.87
N SER D 45 40.30 15.14 -12.29
CA SER D 45 41.51 15.88 -12.65
C SER D 45 42.47 16.17 -11.51
N ASP D 46 41.99 16.77 -10.42
CA ASP D 46 42.87 17.06 -9.28
C ASP D 46 43.51 15.79 -8.72
N PRO D 47 44.85 15.82 -8.53
CA PRO D 47 45.57 14.66 -8.01
C PRO D 47 45.29 14.32 -6.54
N GLU D 48 45.24 15.33 -5.68
CA GLU D 48 44.98 15.06 -4.27
C GLU D 48 43.72 14.20 -4.09
N ALA D 49 42.63 14.66 -4.72
CA ALA D 49 41.35 13.96 -4.65
C ALA D 49 41.52 12.53 -5.15
N ARG D 50 42.16 12.39 -6.30
CA ARG D 50 42.40 11.07 -6.88
C ARG D 50 43.15 10.20 -5.88
N GLN D 51 43.94 10.82 -5.01
CA GLN D 51 44.68 10.08 -3.99
C GLN D 51 43.72 9.53 -2.95
N ILE D 52 42.80 10.36 -2.50
CA ILE D 52 41.81 9.96 -1.50
C ILE D 52 40.94 8.83 -2.05
N PHE D 53 40.52 8.96 -3.31
CA PHE D 53 39.70 7.94 -3.95
C PHE D 53 40.41 6.59 -3.88
N LYS D 54 41.66 6.54 -4.31
CA LYS D 54 42.44 5.32 -4.30
C LYS D 54 42.53 4.72 -2.90
N GLU D 55 43.13 5.45 -1.96
CA GLU D 55 43.26 4.99 -0.58
C GLU D 55 42.03 4.21 -0.13
N ASN D 56 40.86 4.82 -0.35
CA ASN D 56 39.59 4.22 0.05
C ASN D 56 39.04 3.04 -0.75
N GLY D 57 39.78 2.55 -1.73
CA GLY D 57 39.30 1.38 -2.46
C GLY D 57 38.95 1.50 -3.93
N CYS D 58 39.06 2.69 -4.49
CA CYS D 58 38.74 2.88 -5.90
C CYS D 58 39.81 2.34 -6.82
N GLU D 59 39.56 2.52 -8.12
CA GLU D 59 40.49 2.09 -9.16
C GLU D 59 40.79 3.30 -10.01
N VAL D 60 41.91 3.97 -9.72
CA VAL D 60 42.28 5.16 -10.46
C VAL D 60 43.35 4.88 -11.51
N ASN D 61 43.06 5.28 -12.74
CA ASN D 61 43.97 5.12 -13.87
C ASN D 61 44.78 6.41 -13.96
N GLU D 62 45.99 6.38 -13.42
CA GLU D 62 46.86 7.55 -13.37
C GLU D 62 47.23 8.24 -14.67
N LYS D 63 47.25 7.50 -15.78
CA LYS D 63 47.60 8.12 -17.06
C LYS D 63 46.42 8.94 -17.61
N THR D 64 45.20 8.46 -17.41
CA THR D 64 44.01 9.16 -17.91
C THR D 64 43.14 9.82 -16.84
N ASN D 65 43.63 9.86 -15.61
CA ASN D 65 42.92 10.48 -14.48
C ASN D 65 41.49 9.96 -14.34
N VAL D 66 41.26 8.70 -14.71
CA VAL D 66 39.93 8.14 -14.61
C VAL D 66 39.72 7.22 -13.43
N VAL D 67 38.83 7.63 -12.53
CA VAL D 67 38.50 6.87 -11.34
C VAL D 67 37.25 6.04 -11.55
N LYS D 68 37.22 4.87 -10.92
CA LYS D 68 36.06 4.00 -10.98
C LYS D 68 35.58 3.82 -9.54
N ILE D 69 34.40 4.34 -9.24
CA ILE D 69 33.85 4.25 -7.91
C ILE D 69 32.95 3.03 -7.71
N PRO D 70 33.37 2.11 -6.83
CA PRO D 70 32.65 0.88 -6.51
C PRO D 70 31.41 1.23 -5.68
N GLU D 71 30.30 0.57 -5.97
CA GLU D 71 29.06 0.86 -5.26
C GLU D 71 29.19 0.87 -3.75
N TYR D 72 30.04 -0.01 -3.20
CA TYR D 72 30.17 -0.05 -1.75
C TYR D 72 30.64 1.27 -1.16
N LEU D 73 31.34 2.08 -1.95
CA LEU D 73 31.81 3.38 -1.48
C LEU D 73 30.67 4.37 -1.61
N VAL D 74 29.94 4.30 -2.72
CA VAL D 74 28.78 5.15 -2.92
C VAL D 74 27.93 4.89 -1.69
N ARG D 75 27.70 3.62 -1.40
CA ARG D 75 26.91 3.27 -0.22
C ARG D 75 27.51 3.91 1.03
N LYS D 76 28.73 3.53 1.40
CA LYS D 76 29.39 4.07 2.59
C LYS D 76 29.36 5.59 2.63
N ALA D 77 29.68 6.22 1.51
CA ALA D 77 29.66 7.67 1.44
C ALA D 77 28.32 8.18 1.93
N LEU D 78 27.25 7.60 1.35
CA LEU D 78 25.88 7.96 1.67
C LEU D 78 25.44 7.77 3.10
N GLN D 79 26.22 7.00 3.85
CA GLN D 79 25.91 6.74 5.25
C GLN D 79 26.58 7.74 6.17
N LEU D 80 27.69 8.30 5.71
CA LEU D 80 28.43 9.28 6.48
C LEU D 80 27.72 10.63 6.45
N ALA D 81 27.35 11.06 5.26
CA ALA D 81 26.67 12.34 5.05
C ALA D 81 25.53 12.57 6.02
N PRO D 82 25.39 13.80 6.53
CA PRO D 82 24.31 14.08 7.46
C PRO D 82 23.01 14.23 6.67
N SER D 83 21.91 13.83 7.26
CA SER D 83 20.62 13.96 6.57
C SER D 83 20.09 15.36 6.79
N ARG D 84 20.86 16.18 7.53
CA ARG D 84 20.44 17.55 7.79
C ARG D 84 21.51 18.40 8.47
N PHE D 85 21.50 19.69 8.12
CA PHE D 85 22.40 20.69 8.68
C PHE D 85 21.65 22.02 8.60
N VAL D 86 22.14 23.04 9.27
CA VAL D 86 21.42 24.30 9.23
C VAL D 86 22.23 25.51 8.77
N LEU D 87 21.68 26.23 7.80
CA LEU D 87 22.33 27.42 7.27
C LEU D 87 22.12 28.55 8.27
N TRP D 88 23.19 29.25 8.62
CA TRP D 88 23.08 30.34 9.57
C TRP D 88 23.17 31.70 8.89
N GLY D 89 22.64 32.71 9.57
CA GLY D 89 22.70 34.05 9.05
C GLY D 89 23.33 34.94 10.10
N ARG D 90 23.44 36.23 9.81
CA ARG D 90 24.02 37.14 10.78
C ARG D 90 22.87 37.50 11.72
N ASP D 91 21.65 37.30 11.24
CA ASP D 91 20.44 37.51 12.02
C ASP D 91 19.83 36.11 12.10
N LYS D 92 19.89 35.49 13.27
CA LYS D 92 19.37 34.13 13.46
C LYS D 92 17.97 33.94 12.89
N LYS D 93 17.17 35.00 12.89
CA LYS D 93 15.82 34.92 12.34
C LYS D 93 15.82 34.44 10.90
N PHE D 94 16.91 34.68 10.18
CA PHE D 94 17.02 34.29 8.78
C PHE D 94 17.53 32.88 8.57
N ASN D 95 17.98 32.23 9.65
CA ASN D 95 18.49 30.86 9.53
C ASN D 95 17.59 30.01 8.62
N THR D 96 18.17 29.02 7.97
CA THR D 96 17.42 28.14 7.09
C THR D 96 17.88 26.72 7.27
N VAL D 97 16.93 25.80 7.39
CA VAL D 97 17.26 24.40 7.59
C VAL D 97 17.29 23.64 6.26
N GLN D 98 18.20 22.69 6.15
CA GLN D 98 18.30 21.87 4.94
C GLN D 98 18.32 20.44 5.44
N GLU D 99 17.21 19.74 5.24
CA GLU D 99 17.09 18.39 5.74
C GLU D 99 16.28 17.52 4.81
N CYS D 100 16.75 16.28 4.63
CA CYS D 100 16.10 15.31 3.77
C CYS D 100 14.62 15.29 4.04
N GLY D 101 13.87 15.88 3.12
CA GLY D 101 12.44 15.92 3.29
C GLY D 101 11.84 16.72 2.18
N GLY D 102 10.67 17.28 2.45
CA GLY D 102 9.98 18.09 1.46
C GLY D 102 9.76 19.48 1.97
N LYS D 103 10.57 19.86 2.95
CA LYS D 103 10.50 21.20 3.52
C LYS D 103 11.18 22.12 2.51
N VAL D 104 10.36 22.81 1.72
CA VAL D 104 10.83 23.70 0.68
C VAL D 104 11.31 25.09 1.14
N HIS D 105 12.43 25.53 0.55
CA HIS D 105 13.03 26.83 0.82
C HIS D 105 13.47 27.42 -0.52
N TRP D 106 13.43 28.74 -0.64
CA TRP D 106 13.80 29.40 -1.89
C TRP D 106 14.99 30.34 -1.74
N THR D 107 15.81 30.41 -2.79
CA THR D 107 16.97 31.30 -2.82
C THR D 107 17.04 31.93 -4.21
N CYS D 108 17.69 33.08 -4.31
CA CYS D 108 17.78 33.77 -5.59
C CYS D 108 18.68 33.04 -6.58
N PHE D 109 18.66 33.55 -7.81
CA PHE D 109 19.45 33.02 -8.91
C PHE D 109 20.96 33.13 -8.65
N GLY D 110 21.76 32.50 -9.51
CA GLY D 110 23.20 32.53 -9.38
C GLY D 110 23.83 31.62 -10.43
N THR D 111 24.78 32.14 -11.21
CA THR D 111 25.24 33.52 -11.08
C THR D 111 25.27 34.22 -12.44
N GLY D 112 24.57 35.34 -12.53
CA GLY D 112 24.49 36.08 -13.78
C GLY D 112 25.62 37.08 -14.00
N VAL D 113 25.63 37.68 -15.18
CA VAL D 113 26.66 38.64 -15.54
C VAL D 113 26.13 40.02 -15.88
N LYS D 114 24.84 40.10 -16.18
CA LYS D 114 24.25 41.39 -16.52
C LYS D 114 23.11 41.74 -15.56
N VAL D 115 22.72 43.00 -15.56
CA VAL D 115 21.65 43.47 -14.71
C VAL D 115 20.58 44.23 -15.50
N CYS D 116 19.32 43.96 -15.19
CA CYS D 116 18.19 44.58 -15.87
C CYS D 116 17.74 45.84 -15.14
N LYS D 117 18.49 46.93 -15.28
CA LYS D 117 18.16 48.19 -14.62
C LYS D 117 17.34 49.14 -15.52
N TYR D 118 16.58 50.03 -14.89
CA TYR D 118 15.75 50.96 -15.64
C TYR D 118 16.48 52.23 -16.06
N GLN D 119 16.49 52.46 -17.38
CA GLN D 119 17.13 53.63 -17.94
C GLN D 119 16.10 54.63 -18.41
N ASP D 120 16.34 55.22 -19.59
CA ASP D 120 15.43 56.20 -20.15
C ASP D 120 14.12 55.60 -20.66
N GLY D 121 13.21 55.32 -19.73
CA GLY D 121 11.92 54.78 -20.11
C GLY D 121 11.90 53.29 -20.43
N LYS D 122 13.05 52.74 -20.79
CA LYS D 122 13.14 51.32 -21.12
C LYS D 122 14.18 50.59 -20.27
N TYR D 123 13.85 49.39 -19.82
CA TYR D 123 14.77 48.59 -19.01
C TYR D 123 15.96 48.24 -19.89
N VAL D 124 17.16 48.36 -19.35
CA VAL D 124 18.36 48.04 -20.13
C VAL D 124 19.24 46.96 -19.53
N THR D 125 19.72 46.07 -20.38
CA THR D 125 20.60 45.00 -19.95
C THR D 125 22.00 45.58 -19.89
N VAL D 126 22.59 45.53 -18.70
CA VAL D 126 23.94 46.08 -18.53
C VAL D 126 24.85 45.08 -17.83
N ASP D 127 26.16 45.28 -17.97
CA ASP D 127 27.14 44.39 -17.36
C ASP D 127 27.26 44.59 -15.85
N SER D 128 27.20 43.48 -15.11
CA SER D 128 27.26 43.49 -13.66
C SER D 128 28.58 43.99 -13.05
N VAL D 129 28.51 44.36 -11.77
CA VAL D 129 29.65 44.86 -11.01
C VAL D 129 29.45 44.55 -9.53
N GLU D 130 30.56 44.57 -8.77
CA GLU D 130 30.52 44.29 -7.34
C GLU D 130 29.44 45.09 -6.62
N LYS D 131 29.08 46.23 -7.19
CA LYS D 131 28.07 47.09 -6.59
C LYS D 131 26.68 46.53 -6.87
N ASP D 132 26.46 46.05 -8.08
CA ASP D 132 25.16 45.49 -8.43
C ASP D 132 24.84 44.38 -7.41
N ILE D 133 25.88 43.69 -6.96
CA ILE D 133 25.74 42.61 -5.98
C ILE D 133 25.18 43.14 -4.67
N ALA D 134 25.64 44.32 -4.26
CA ALA D 134 25.21 44.95 -3.02
C ALA D 134 23.74 45.35 -3.06
N ASP D 135 23.27 45.72 -4.23
CA ASP D 135 21.88 46.11 -4.39
C ASP D 135 20.98 44.89 -4.32
N ILE D 136 21.31 43.86 -5.10
CA ILE D 136 20.54 42.61 -5.09
C ILE D 136 20.46 42.14 -3.64
N ALA D 137 21.63 41.92 -3.05
CA ALA D 137 21.74 41.46 -1.66
C ALA D 137 20.83 42.24 -0.72
N LYS D 138 20.75 43.55 -0.91
CA LYS D 138 19.91 44.37 -0.06
C LYS D 138 18.45 43.99 -0.30
N LEU D 139 18.07 43.90 -1.57
CA LEU D 139 16.72 43.55 -1.97
C LEU D 139 16.27 42.19 -1.45
N CYS D 140 17.13 41.19 -1.59
CA CYS D 140 16.81 39.84 -1.15
C CYS D 140 16.79 39.72 0.37
N ASP D 141 17.34 40.72 1.03
CA ASP D 141 17.38 40.71 2.49
C ASP D 141 16.00 41.14 2.99
N TRP D 142 15.22 41.71 2.08
CA TRP D 142 13.87 42.18 2.37
C TRP D 142 12.81 41.20 1.90
N ALA D 143 13.11 40.47 0.83
CA ALA D 143 12.18 39.49 0.28
C ALA D 143 12.06 38.30 1.23
N GLU D 144 10.90 38.21 1.89
CA GLU D 144 10.64 37.16 2.85
C GLU D 144 10.89 35.74 2.35
N ASN D 145 10.26 35.38 1.24
CA ASN D 145 10.41 34.05 0.67
C ASN D 145 11.82 33.67 0.21
N ILE D 146 12.73 34.62 0.22
CA ILE D 146 14.11 34.36 -0.16
C ILE D 146 14.85 34.04 1.15
N ASP D 147 14.81 32.77 1.56
CA ASP D 147 15.45 32.30 2.81
C ASP D 147 16.90 32.76 3.00
N TYR D 148 17.73 32.48 2.00
CA TYR D 148 19.12 32.86 2.04
C TYR D 148 19.58 33.36 0.67
N PHE D 149 20.75 33.98 0.66
CA PHE D 149 21.32 34.60 -0.54
C PHE D 149 22.38 33.80 -1.28
N SER D 150 22.24 33.76 -2.60
CA SER D 150 23.19 33.07 -3.47
C SER D 150 23.75 34.09 -4.45
N LEU D 151 25.08 34.13 -4.58
CA LEU D 151 25.75 35.07 -5.47
C LEU D 151 24.95 35.26 -6.77
N PRO D 152 24.22 36.40 -6.89
CA PRO D 152 23.39 36.77 -8.03
C PRO D 152 24.12 37.11 -9.33
N VAL D 153 25.05 38.05 -9.29
CA VAL D 153 25.82 38.42 -10.47
C VAL D 153 27.28 38.41 -10.12
N SER D 154 28.13 38.55 -11.12
CA SER D 154 29.57 38.55 -10.92
C SER D 154 30.14 39.97 -10.79
N ALA D 155 31.18 40.09 -9.97
CA ALA D 155 31.85 41.38 -9.78
C ALA D 155 32.87 41.48 -10.92
N ARG D 156 32.33 41.54 -12.14
CA ARG D 156 33.15 41.63 -13.34
C ARG D 156 34.21 42.73 -13.23
N ASP D 157 33.83 43.88 -12.66
CA ASP D 157 34.76 45.00 -12.49
C ASP D 157 35.95 44.70 -11.56
N ILE D 158 36.03 43.49 -11.02
CA ILE D 158 37.13 43.12 -10.15
C ILE D 158 37.94 42.07 -10.90
N ALA D 159 37.58 41.86 -12.16
CA ALA D 159 38.27 40.90 -13.00
C ALA D 159 39.69 41.41 -13.26
N GLY D 160 40.69 40.56 -13.01
CA GLY D 160 42.06 40.98 -13.23
C GLY D 160 42.25 42.31 -12.53
N GLN D 161 42.14 42.27 -11.20
CA GLN D 161 42.27 43.45 -10.36
C GLN D 161 42.64 42.91 -9.00
N GLY D 162 41.97 41.83 -8.63
CA GLY D 162 42.21 41.21 -7.34
C GLY D 162 41.41 39.93 -7.20
N ALA D 163 41.20 39.51 -5.97
CA ALA D 163 40.44 38.30 -5.68
C ALA D 163 38.94 38.55 -5.88
N GLN D 164 38.50 38.53 -7.14
CA GLN D 164 37.09 38.75 -7.45
C GLN D 164 36.21 37.82 -6.63
N ASP D 165 36.67 36.59 -6.45
CA ASP D 165 35.92 35.58 -5.70
C ASP D 165 35.93 35.85 -4.19
N VAL D 166 37.03 36.39 -3.68
CA VAL D 166 37.14 36.71 -2.26
C VAL D 166 36.44 38.06 -2.05
N HIS D 167 36.03 38.66 -3.17
CA HIS D 167 35.32 39.92 -3.14
C HIS D 167 33.85 39.57 -3.03
N GLU D 168 33.43 38.65 -3.89
CA GLU D 168 32.05 38.17 -3.96
C GLU D 168 31.68 37.45 -2.68
N THR D 169 32.51 37.59 -1.66
CA THR D 169 32.26 36.96 -0.38
C THR D 169 31.88 38.01 0.68
N LEU D 170 32.75 39.01 0.85
CA LEU D 170 32.50 40.05 1.83
C LEU D 170 31.36 40.99 1.42
N THR D 171 31.22 41.24 0.12
CA THR D 171 30.13 42.10 -0.32
C THR D 171 28.81 41.50 0.15
N PRO D 172 28.51 40.25 -0.26
CA PRO D 172 27.26 39.61 0.16
C PRO D 172 27.09 39.55 1.69
N LEU D 173 28.10 39.05 2.40
CA LEU D 173 28.01 38.96 3.85
C LEU D 173 27.61 40.29 4.51
N ALA D 174 28.01 41.40 3.89
CA ALA D 174 27.71 42.72 4.43
C ALA D 174 26.39 43.35 4.04
N ASN D 175 25.98 43.18 2.78
CA ASN D 175 24.73 43.76 2.30
C ASN D 175 23.49 42.90 2.56
N THR D 176 23.57 42.03 3.56
CA THR D 176 22.45 41.18 3.91
C THR D 176 22.82 40.36 5.14
N ALA D 177 21.81 39.91 5.88
CA ALA D 177 22.05 39.12 7.07
C ALA D 177 21.62 37.67 6.89
N LYS D 178 21.03 37.37 5.73
CA LYS D 178 20.59 36.01 5.41
C LYS D 178 21.80 35.23 4.93
N HIS D 179 21.84 33.92 5.25
CA HIS D 179 22.95 33.04 4.85
C HIS D 179 23.45 33.27 3.42
N PHE D 180 24.76 33.12 3.21
CA PHE D 180 25.34 33.32 1.88
C PHE D 180 25.84 32.05 1.23
N HIS D 181 25.37 31.82 0.01
CA HIS D 181 25.76 30.65 -0.77
C HIS D 181 26.59 31.07 -1.98
N HIS D 182 27.91 30.90 -1.88
CA HIS D 182 28.78 31.31 -2.96
C HIS D 182 28.75 30.34 -4.14
N ILE D 183 28.23 30.82 -5.27
CA ILE D 183 28.14 30.02 -6.48
C ILE D 183 29.47 29.92 -7.26
N ASP D 184 30.35 30.92 -7.11
CA ASP D 184 31.63 30.92 -7.84
C ASP D 184 32.89 30.80 -7.01
N PRO D 185 32.99 29.76 -6.15
CA PRO D 185 34.18 29.61 -5.33
C PRO D 185 35.44 29.24 -6.12
N VAL D 186 36.59 29.35 -5.48
CA VAL D 186 37.88 29.01 -6.09
C VAL D 186 38.69 28.14 -5.11
N GLY D 187 38.93 26.89 -5.51
CA GLY D 187 39.66 25.95 -4.68
C GLY D 187 40.87 26.46 -3.93
N GLU D 188 41.62 27.39 -4.52
CA GLU D 188 42.81 27.92 -3.87
C GLU D 188 42.53 29.05 -2.90
N ASN D 189 41.35 29.64 -2.99
CA ASN D 189 41.03 30.75 -2.12
C ASN D 189 40.01 30.38 -1.05
N VAL D 190 39.76 29.09 -0.88
CA VAL D 190 38.79 28.62 0.10
C VAL D 190 39.18 29.04 1.51
N GLU D 191 40.48 29.08 1.80
CA GLU D 191 40.97 29.49 3.12
C GLU D 191 40.50 30.91 3.41
N TYR D 192 40.48 31.73 2.36
CA TYR D 192 40.05 33.11 2.47
C TYR D 192 38.61 33.18 3.01
N TYR D 193 37.76 32.25 2.57
CA TYR D 193 36.38 32.23 3.04
C TYR D 193 36.39 31.74 4.49
N ARG D 194 37.23 30.74 4.77
CA ARG D 194 37.31 30.21 6.12
C ARG D 194 37.69 31.35 7.06
N ASP D 195 38.70 32.11 6.65
CA ASP D 195 39.18 33.24 7.45
C ASP D 195 38.13 34.33 7.62
N ILE D 196 37.57 34.81 6.52
CA ILE D 196 36.57 35.85 6.56
C ILE D 196 35.47 35.52 7.55
N VAL D 197 35.09 34.25 7.62
CA VAL D 197 34.05 33.84 8.55
C VAL D 197 34.63 33.78 9.96
N LYS D 198 35.74 33.07 10.14
CA LYS D 198 36.36 32.99 11.45
C LYS D 198 36.51 34.42 11.98
N ALA D 199 36.49 35.38 11.07
CA ALA D 199 36.62 36.79 11.41
C ALA D 199 35.32 37.34 12.00
N TYR D 200 34.20 36.94 11.40
CA TYR D 200 32.89 37.39 11.87
C TYR D 200 32.74 36.96 13.33
N TYR D 201 33.12 35.72 13.61
CA TYR D 201 33.05 35.17 14.95
C TYR D 201 34.36 35.41 15.69
N GLY D 202 34.95 36.58 15.43
CA GLY D 202 36.19 36.98 16.06
C GLY D 202 37.22 35.92 16.44
N GLY D 203 38.07 35.57 15.49
CA GLY D 203 39.11 34.59 15.74
C GLY D 203 38.69 33.21 16.23
N ASP D 204 37.40 33.01 16.45
CA ASP D 204 36.91 31.71 16.91
C ASP D 204 36.47 30.88 15.72
N GLU D 205 37.10 29.72 15.53
CA GLU D 205 36.74 28.87 14.40
C GLU D 205 35.59 27.96 14.79
N GLU D 206 35.73 27.28 15.93
CA GLU D 206 34.69 26.36 16.40
C GLU D 206 33.29 26.90 16.19
N GLU D 207 33.12 28.20 16.48
CA GLU D 207 31.84 28.89 16.35
C GLU D 207 31.36 29.02 14.91
N ALA D 208 32.30 29.27 14.01
CA ALA D 208 31.98 29.42 12.60
C ALA D 208 31.69 28.06 11.96
N ARG D 209 32.08 26.99 12.64
CA ARG D 209 31.85 25.63 12.16
C ARG D 209 30.45 25.23 12.62
N LYS D 210 30.07 25.71 13.80
CA LYS D 210 28.77 25.43 14.40
C LYS D 210 27.70 26.25 13.71
N LYS D 211 27.92 27.56 13.65
CA LYS D 211 26.99 28.49 13.01
C LYS D 211 27.59 28.99 11.69
N PRO D 212 27.58 28.13 10.65
CA PRO D 212 28.13 28.53 9.35
C PRO D 212 27.20 29.48 8.60
N ILE D 213 27.77 30.57 8.08
CA ILE D 213 27.01 31.57 7.35
C ILE D 213 27.41 31.61 5.88
N PHE D 214 28.41 30.81 5.55
CA PHE D 214 28.90 30.76 4.18
C PHE D 214 28.98 29.32 3.72
N SER D 215 28.32 29.04 2.61
CA SER D 215 28.31 27.72 2.00
C SER D 215 28.64 27.95 0.52
N MET D 216 29.12 26.92 -0.17
CA MET D 216 29.47 27.11 -1.57
C MET D 216 28.97 26.03 -2.52
N LEU D 217 29.07 26.32 -3.83
CA LEU D 217 28.61 25.43 -4.89
C LEU D 217 29.71 25.05 -5.89
N LEU D 218 29.78 23.77 -6.24
CA LEU D 218 30.76 23.26 -7.19
C LEU D 218 30.00 22.58 -8.32
N CYS D 219 30.63 22.42 -9.48
CA CYS D 219 29.93 21.80 -10.59
C CYS D 219 30.68 20.69 -11.32
N PRO D 220 30.15 19.47 -11.26
CA PRO D 220 30.82 18.37 -11.95
C PRO D 220 30.76 18.73 -13.43
N THR D 221 31.91 18.72 -14.10
CA THR D 221 31.96 19.06 -15.51
C THR D 221 31.35 17.93 -16.33
N SER D 222 30.18 18.20 -16.93
CA SER D 222 29.44 17.22 -17.72
C SER D 222 29.96 17.00 -19.13
N PRO D 223 30.05 15.73 -19.58
CA PRO D 223 29.69 14.52 -18.81
C PRO D 223 30.82 13.78 -18.09
N LEU D 224 30.53 13.30 -16.89
CA LEU D 224 31.46 12.51 -16.09
C LEU D 224 32.87 13.02 -15.77
N GLU D 225 32.98 14.24 -15.27
CA GLU D 225 34.30 14.77 -14.92
C GLU D 225 34.24 15.62 -13.66
N LEU D 226 35.33 15.60 -12.90
CA LEU D 226 35.44 16.43 -11.71
C LEU D 226 36.61 17.39 -11.93
N SER D 227 36.30 18.66 -12.13
CA SER D 227 37.33 19.66 -12.34
C SER D 227 38.19 19.82 -11.09
N VAL D 228 39.42 20.28 -11.29
CA VAL D 228 40.33 20.47 -10.16
C VAL D 228 39.73 21.53 -9.24
N ASN D 229 39.10 22.54 -9.83
CA ASN D 229 38.50 23.59 -9.04
C ASN D 229 37.47 22.97 -8.12
N ALA D 230 36.63 22.09 -8.67
CA ALA D 230 35.59 21.43 -7.89
C ALA D 230 36.15 20.53 -6.79
N CYS D 231 37.16 19.73 -7.12
CA CYS D 231 37.75 18.81 -6.16
C CYS D 231 38.27 19.53 -4.91
N GLN D 232 38.86 20.70 -5.09
CA GLN D 232 39.40 21.49 -3.97
C GLN D 232 38.29 22.18 -3.19
N VAL D 233 37.20 22.53 -3.88
CA VAL D 233 36.06 23.18 -3.26
C VAL D 233 35.44 22.18 -2.27
N ILE D 234 35.34 20.93 -2.72
CA ILE D 234 34.79 19.85 -1.90
C ILE D 234 35.70 19.52 -0.72
N ILE D 235 36.95 19.17 -1.03
CA ILE D 235 37.93 18.81 -0.02
C ILE D 235 38.07 19.92 1.03
N LYS D 236 38.26 21.15 0.56
CA LYS D 236 38.40 22.26 1.49
C LYS D 236 37.07 22.50 2.15
N GLY D 237 36.00 22.36 1.38
CA GLY D 237 34.68 22.56 1.96
C GLY D 237 34.50 21.62 3.13
N ALA D 238 34.85 20.35 2.92
CA ALA D 238 34.70 19.33 3.94
C ALA D 238 35.56 19.56 5.17
N ARG D 239 36.87 19.55 4.98
CA ARG D 239 37.79 19.74 6.10
C ARG D 239 37.53 20.96 6.99
N PHE D 240 37.27 22.12 6.38
CA PHE D 240 36.98 23.35 7.15
C PHE D 240 35.64 23.36 7.86
N GLY D 241 34.59 22.93 7.17
CA GLY D 241 33.28 22.90 7.77
C GLY D 241 32.31 23.77 7.00
N ILE D 242 32.54 23.89 5.70
CA ILE D 242 31.66 24.69 4.85
C ILE D 242 30.75 23.77 4.04
N PRO D 243 29.43 23.95 4.18
CA PRO D 243 28.48 23.13 3.44
C PRO D 243 28.83 23.17 1.97
N VAL D 244 28.76 22.04 1.31
CA VAL D 244 29.10 22.00 -0.10
C VAL D 244 27.96 21.46 -0.95
N ASN D 245 27.55 22.25 -1.93
CA ASN D 245 26.50 21.89 -2.87
C ASN D 245 27.14 21.29 -4.12
N VAL D 246 26.93 19.99 -4.33
CA VAL D 246 27.47 19.29 -5.50
C VAL D 246 26.34 19.21 -6.52
N LEU D 247 26.08 20.35 -7.13
CA LEU D 247 25.04 20.53 -8.13
C LEU D 247 25.58 20.20 -9.52
N SER D 248 24.70 19.82 -10.44
CA SER D 248 25.13 19.46 -11.79
C SER D 248 24.47 20.25 -12.92
N MET D 249 25.19 20.38 -14.02
CA MET D 249 24.70 21.10 -15.20
C MET D 249 24.91 20.19 -16.40
N ALA D 250 23.95 19.32 -16.67
CA ALA D 250 24.04 18.42 -17.81
C ALA D 250 22.92 18.85 -18.75
N MET D 251 23.01 18.44 -20.02
CA MET D 251 22.01 18.81 -21.00
C MET D 251 21.58 17.68 -21.93
N SER D 252 20.32 17.29 -21.82
CA SER D 252 19.79 16.23 -22.66
C SER D 252 20.09 16.61 -24.09
N GLY D 253 20.52 15.64 -24.90
CA GLY D 253 20.85 15.91 -26.28
C GLY D 253 22.19 16.62 -26.36
N GLY D 254 22.67 17.08 -25.21
CA GLY D 254 23.96 17.77 -25.14
C GLY D 254 25.05 16.94 -24.47
N SER D 255 25.07 16.91 -23.14
CA SER D 255 26.08 16.16 -22.40
C SER D 255 25.51 14.90 -21.72
N SER D 256 24.19 14.72 -21.83
CA SER D 256 23.51 13.57 -21.26
C SER D 256 22.47 13.11 -22.27
N PRO D 257 21.91 11.91 -22.09
CA PRO D 257 20.92 11.46 -23.06
C PRO D 257 19.74 12.44 -23.26
N VAL D 258 19.11 12.33 -24.41
CA VAL D 258 17.97 13.17 -24.74
C VAL D 258 16.83 12.81 -23.79
N TYR D 259 16.79 11.55 -23.40
CA TYR D 259 15.76 11.07 -22.49
C TYR D 259 16.00 11.63 -21.09
N LEU D 260 14.92 11.96 -20.39
CA LEU D 260 15.03 12.52 -19.06
C LEU D 260 15.63 11.50 -18.10
N ALA D 261 15.22 10.24 -18.25
CA ALA D 261 15.69 9.15 -17.39
C ALA D 261 17.19 8.91 -17.46
N GLY D 262 17.74 8.79 -18.67
CA GLY D 262 19.16 8.56 -18.81
C GLY D 262 19.90 9.78 -18.27
N THR D 263 19.37 10.95 -18.57
CA THR D 263 19.96 12.19 -18.11
C THR D 263 20.16 12.10 -16.61
N LEU D 264 19.09 11.78 -15.88
CA LEU D 264 19.18 11.67 -14.43
C LEU D 264 20.37 10.81 -14.04
N VAL D 265 20.59 9.74 -14.79
CA VAL D 265 21.72 8.86 -14.49
C VAL D 265 23.03 9.64 -14.60
N THR D 266 23.26 10.23 -15.77
CA THR D 266 24.46 11.01 -16.00
C THR D 266 24.64 12.03 -14.89
N HIS D 267 23.54 12.52 -14.36
CA HIS D 267 23.57 13.50 -13.30
C HIS D 267 23.91 12.83 -11.97
N ASN D 268 23.14 11.79 -11.65
CA ASN D 268 23.32 11.04 -10.40
C ASN D 268 24.79 10.66 -10.26
N ALA D 269 25.36 10.11 -11.32
CA ALA D 269 26.75 9.68 -11.33
C ALA D 269 27.72 10.81 -10.98
N GLU D 270 27.57 11.95 -11.65
CA GLU D 270 28.44 13.09 -11.40
C GLU D 270 28.29 13.62 -9.99
N VAL D 271 27.06 13.90 -9.58
CA VAL D 271 26.81 14.42 -8.25
C VAL D 271 27.19 13.45 -7.14
N LEU D 272 26.99 12.15 -7.39
CA LEU D 272 27.34 11.14 -6.39
C LEU D 272 28.85 11.01 -6.24
N SER D 273 29.60 11.24 -7.31
CA SER D 273 31.06 11.15 -7.21
C SER D 273 31.56 12.33 -6.38
N GLY D 274 30.87 13.46 -6.47
CA GLY D 274 31.26 14.61 -5.70
C GLY D 274 31.03 14.31 -4.22
N ILE D 275 29.81 13.88 -3.89
CA ILE D 275 29.44 13.55 -2.52
C ILE D 275 30.38 12.48 -1.95
N VAL D 276 30.72 11.49 -2.77
CA VAL D 276 31.63 10.44 -2.33
C VAL D 276 32.97 11.06 -1.96
N LEU D 277 33.55 11.84 -2.88
CA LEU D 277 34.83 12.47 -2.62
C LEU D 277 34.79 13.25 -1.31
N ALA D 278 33.65 13.87 -1.02
CA ALA D 278 33.51 14.65 0.20
C ALA D 278 33.61 13.82 1.47
N GLN D 279 32.81 12.77 1.58
CA GLN D 279 32.79 11.92 2.76
C GLN D 279 34.10 11.15 2.97
N LEU D 280 34.86 10.95 1.89
CA LEU D 280 36.13 10.25 2.01
C LEU D 280 37.19 11.20 2.55
N THR D 281 36.91 12.50 2.44
CA THR D 281 37.84 13.50 2.95
C THR D 281 37.54 13.69 4.42
N VAL D 282 36.27 13.96 4.73
CA VAL D 282 35.83 14.17 6.10
C VAL D 282 34.43 13.59 6.33
N PRO D 283 34.34 12.43 6.98
CA PRO D 283 33.04 11.83 7.24
C PRO D 283 32.11 12.75 8.02
N GLY D 284 30.88 12.89 7.54
CA GLY D 284 29.90 13.74 8.18
C GLY D 284 29.93 15.13 7.58
N ALA D 285 30.59 15.25 6.44
CA ALA D 285 30.68 16.54 5.76
C ALA D 285 29.30 16.91 5.31
N LYS D 286 28.92 18.17 5.54
CA LYS D 286 27.62 18.63 5.13
C LYS D 286 27.61 18.75 3.61
N VAL D 287 26.69 18.04 2.97
CA VAL D 287 26.59 18.09 1.52
C VAL D 287 25.17 18.30 1.00
N TRP D 288 25.09 18.62 -0.28
CA TRP D 288 23.82 18.87 -0.95
C TRP D 288 23.72 18.08 -2.24
N TYR D 289 22.71 17.23 -2.35
CA TYR D 289 22.52 16.50 -3.58
C TYR D 289 21.79 17.53 -4.43
N GLY D 290 22.49 18.12 -5.40
CA GLY D 290 21.86 19.16 -6.20
C GLY D 290 21.92 19.07 -7.70
N SER D 291 21.14 19.92 -8.36
CA SER D 291 21.12 19.93 -9.82
C SER D 291 20.46 21.17 -10.45
N SER D 292 20.97 21.53 -11.62
CA SER D 292 20.47 22.66 -12.39
C SER D 292 20.44 22.16 -13.83
N THR D 293 20.56 20.86 -13.96
CA THR D 293 20.54 20.19 -15.26
C THR D 293 19.24 20.55 -15.97
N THR D 294 19.28 20.55 -17.29
CA THR D 294 18.11 20.88 -18.09
C THR D 294 18.26 20.18 -19.46
N THR D 295 17.65 20.75 -20.50
CA THR D 295 17.78 20.14 -21.81
C THR D 295 18.36 21.13 -22.80
N PHE D 296 19.05 20.61 -23.81
CA PHE D 296 19.63 21.47 -24.85
C PHE D 296 18.62 21.61 -25.96
N ASP D 297 18.28 22.86 -26.29
CA ASP D 297 17.33 23.11 -27.36
C ASP D 297 17.97 22.64 -28.65
N LEU D 298 17.63 21.41 -29.04
CA LEU D 298 18.15 20.80 -30.27
C LEU D 298 17.70 21.61 -31.49
N LYS D 299 17.60 22.92 -31.32
CA LYS D 299 17.17 23.82 -32.39
C LYS D 299 17.71 25.24 -32.17
N LYS D 300 16.98 26.03 -31.39
CA LYS D 300 17.33 27.41 -31.08
C LYS D 300 18.82 27.63 -30.80
N GLY D 301 19.46 26.67 -30.15
CA GLY D 301 20.88 26.80 -29.83
C GLY D 301 21.11 27.38 -28.45
N THR D 302 20.27 26.99 -27.49
CA THR D 302 20.39 27.48 -26.12
C THR D 302 20.06 26.39 -25.10
N ALA D 303 20.23 26.73 -23.81
CA ALA D 303 19.96 25.81 -22.71
C ALA D 303 18.66 26.23 -22.02
N PRO D 304 17.51 26.05 -22.70
CA PRO D 304 16.23 26.44 -22.11
C PRO D 304 16.12 26.05 -20.64
N VAL D 305 16.05 27.05 -19.77
CA VAL D 305 15.97 26.81 -18.34
C VAL D 305 14.62 27.30 -17.78
N GLY D 306 13.61 27.34 -18.62
CA GLY D 306 12.29 27.76 -18.19
C GLY D 306 11.22 26.88 -18.81
N SER D 307 11.64 25.67 -19.17
CA SER D 307 10.75 24.69 -19.80
C SER D 307 10.42 23.58 -18.81
N PRO D 308 9.29 22.88 -19.03
CA PRO D 308 8.86 21.78 -18.16
C PRO D 308 9.97 20.81 -17.79
N GLU D 309 10.89 20.55 -18.73
CA GLU D 309 12.00 19.65 -18.48
C GLU D 309 12.83 20.10 -17.30
N LEU D 310 13.23 21.37 -17.27
CA LEU D 310 14.00 21.83 -16.14
C LEU D 310 13.18 21.55 -14.90
N GLY D 311 11.87 21.76 -15.00
CA GLY D 311 10.99 21.53 -13.88
C GLY D 311 10.93 20.07 -13.46
N LEU D 312 10.62 19.21 -14.42
CA LEU D 312 10.54 17.79 -14.13
C LEU D 312 11.84 17.25 -13.55
N ILE D 313 12.98 17.67 -14.08
CA ILE D 313 14.24 17.15 -13.57
C ILE D 313 14.50 17.56 -12.14
N SER D 314 14.38 18.85 -11.86
CA SER D 314 14.63 19.33 -10.52
C SER D 314 13.63 18.64 -9.60
N ALA D 315 12.44 18.41 -10.12
CA ALA D 315 11.40 17.73 -9.38
C ALA D 315 11.97 16.36 -9.04
N ALA D 316 12.40 15.65 -10.08
CA ALA D 316 12.99 14.31 -9.96
C ALA D 316 14.24 14.28 -9.06
N VAL D 317 15.15 15.22 -9.31
CA VAL D 317 16.38 15.31 -8.53
C VAL D 317 16.05 15.32 -7.05
N ALA D 318 15.00 16.04 -6.69
CA ALA D 318 14.57 16.10 -5.29
C ALA D 318 14.18 14.70 -4.82
N LYS D 319 13.31 14.03 -5.58
CA LYS D 319 12.86 12.69 -5.26
C LYS D 319 14.02 11.72 -5.14
N LEU D 320 15.09 11.96 -5.88
CA LEU D 320 16.28 11.11 -5.80
C LEU D 320 17.05 11.42 -4.50
N ALA D 321 17.02 12.69 -4.09
CA ALA D 321 17.71 13.14 -2.89
C ALA D 321 17.00 12.63 -1.64
N GLN D 322 15.68 12.50 -1.77
CA GLN D 322 14.85 12.02 -0.68
C GLN D 322 15.10 10.52 -0.55
N PHE D 323 15.42 9.90 -1.69
CA PHE D 323 15.72 8.47 -1.79
C PHE D 323 17.11 8.14 -1.25
N TYR D 324 18.01 9.10 -1.32
CA TYR D 324 19.37 8.88 -0.86
C TYR D 324 19.58 9.44 0.52
N GLY D 325 18.57 10.12 1.05
CA GLY D 325 18.65 10.66 2.39
C GLY D 325 19.40 11.98 2.53
N LEU D 326 19.52 12.69 1.42
CA LEU D 326 20.24 13.97 1.42
C LEU D 326 19.33 15.18 1.14
N PRO D 327 19.81 16.39 1.48
CA PRO D 327 19.06 17.63 1.25
C PRO D 327 19.20 18.03 -0.21
N SER D 328 18.14 18.56 -0.81
CA SER D 328 18.20 18.93 -2.21
C SER D 328 18.19 20.43 -2.45
N TYR D 329 18.99 20.82 -3.42
CA TYR D 329 19.10 22.21 -3.84
C TYR D 329 18.97 22.03 -5.34
N VAL D 330 17.89 22.54 -5.93
CA VAL D 330 17.70 22.37 -7.36
C VAL D 330 17.26 23.64 -8.09
N ALA D 331 17.42 23.62 -9.41
CA ALA D 331 17.03 24.74 -10.25
C ALA D 331 15.50 24.88 -10.17
N GLY D 332 15.03 26.10 -10.02
CA GLY D 332 13.60 26.32 -9.95
C GLY D 332 13.26 27.79 -10.03
N SER D 333 12.13 28.10 -10.66
CA SER D 333 11.68 29.48 -10.80
C SER D 333 12.59 30.22 -11.78
N LYS D 334 12.91 29.57 -12.89
CA LYS D 334 13.77 30.17 -13.90
C LYS D 334 13.02 30.42 -15.21
N SER D 335 13.50 31.36 -16.01
CA SER D 335 12.86 31.67 -17.28
C SER D 335 13.86 31.99 -18.37
N ASP D 336 13.44 31.82 -19.63
CA ASP D 336 14.29 32.10 -20.77
C ASP D 336 13.83 33.41 -21.38
N ALA D 337 12.87 34.04 -20.73
CA ALA D 337 12.33 35.30 -21.21
C ALA D 337 13.35 36.44 -21.07
N LYS D 338 13.49 37.21 -22.14
CA LYS D 338 14.42 38.33 -22.13
C LYS D 338 13.71 39.58 -21.63
N VAL D 339 12.74 39.40 -20.74
CA VAL D 339 11.98 40.53 -20.17
C VAL D 339 10.89 40.05 -19.22
N PRO D 340 10.52 40.88 -18.21
CA PRO D 340 9.47 40.49 -17.27
C PRO D 340 8.06 40.62 -17.87
N ASP D 341 7.68 39.67 -18.72
CA ASP D 341 6.39 39.67 -19.38
C ASP D 341 5.58 38.41 -19.10
N ASP D 342 4.56 38.15 -19.92
CA ASP D 342 3.68 36.99 -19.74
C ASP D 342 4.49 35.69 -19.64
N GLN D 343 5.38 35.45 -20.61
CA GLN D 343 6.20 34.25 -20.60
C GLN D 343 6.87 34.13 -19.24
N ALA D 344 7.78 35.05 -18.95
CA ALA D 344 8.50 35.07 -17.69
C ALA D 344 7.67 34.52 -16.52
N GLY D 345 6.53 35.15 -16.28
CA GLY D 345 5.67 34.72 -15.19
C GLY D 345 5.32 33.24 -15.25
N HIS D 346 5.01 32.77 -16.46
CA HIS D 346 4.65 31.38 -16.67
C HIS D 346 5.82 30.45 -16.34
N GLU D 347 6.86 30.49 -17.16
CA GLU D 347 8.04 29.66 -16.99
C GLU D 347 8.51 29.65 -15.54
N LYS D 348 8.41 30.79 -14.87
CA LYS D 348 8.79 30.90 -13.48
C LYS D 348 7.90 29.99 -12.64
N THR D 349 6.59 30.17 -12.81
CA THR D 349 5.58 29.39 -12.09
C THR D 349 5.61 27.91 -12.44
N MET D 350 5.95 27.61 -13.69
CA MET D 350 6.03 26.24 -14.18
C MET D 350 7.22 25.48 -13.59
N THR D 351 8.37 26.13 -13.54
CA THR D 351 9.57 25.48 -13.04
C THR D 351 9.73 25.52 -11.52
N THR D 352 8.84 26.22 -10.84
CA THR D 352 8.97 26.28 -9.38
C THR D 352 7.96 25.36 -8.72
N LEU D 353 6.73 25.38 -9.22
CA LEU D 353 5.67 24.57 -8.63
C LEU D 353 5.96 23.07 -8.66
N LEU D 354 6.57 22.58 -9.72
CA LEU D 354 6.87 21.17 -9.80
C LEU D 354 7.87 20.79 -8.70
N PRO D 355 9.07 21.40 -8.70
CA PRO D 355 10.06 21.09 -7.67
C PRO D 355 9.56 21.31 -6.24
N ALA D 356 8.69 22.29 -6.06
CA ALA D 356 8.17 22.60 -4.74
C ALA D 356 7.23 21.50 -4.27
N LEU D 357 6.26 21.15 -5.10
CA LEU D 357 5.30 20.11 -4.75
C LEU D 357 6.02 18.79 -4.60
N ALA D 358 7.14 18.65 -5.30
CA ALA D 358 7.92 17.43 -5.21
C ALA D 358 8.74 17.47 -3.93
N GLY D 359 8.90 18.66 -3.36
CA GLY D 359 9.62 18.81 -2.10
C GLY D 359 11.08 19.20 -2.15
N ALA D 360 11.45 20.06 -3.09
CA ALA D 360 12.83 20.51 -3.22
C ALA D 360 13.22 21.34 -1.99
N ASN D 361 14.11 20.80 -1.18
CA ASN D 361 14.57 21.44 0.04
C ASN D 361 15.10 22.87 -0.16
N THR D 362 15.30 23.26 -1.42
CA THR D 362 15.78 24.59 -1.80
C THR D 362 15.73 24.77 -3.30
N ILE D 363 14.95 25.75 -3.74
CA ILE D 363 14.77 26.04 -5.17
C ILE D 363 15.45 27.38 -5.49
N TYR D 364 16.35 27.39 -6.46
CA TYR D 364 17.01 28.63 -6.80
C TYR D 364 16.72 29.10 -8.23
N GLY D 365 16.61 30.42 -8.39
CA GLY D 365 16.31 31.00 -9.69
C GLY D 365 15.57 32.32 -9.60
N ALA D 366 15.06 32.64 -8.42
CA ALA D 366 14.32 33.87 -8.20
C ALA D 366 15.06 35.10 -8.70
N GLY D 367 14.34 35.92 -9.47
CA GLY D 367 14.91 37.14 -10.01
C GLY D 367 15.69 36.99 -11.31
N MET D 368 15.85 35.76 -11.77
CA MET D 368 16.60 35.50 -12.98
C MET D 368 15.81 35.71 -14.29
N LEU D 369 16.54 35.98 -15.37
CA LEU D 369 15.96 36.17 -16.70
C LEU D 369 17.02 35.87 -17.77
N GLU D 370 16.59 35.83 -19.03
CA GLU D 370 17.47 35.56 -20.16
C GLU D 370 18.27 34.26 -20.02
N LEU D 371 17.57 33.18 -19.70
CA LEU D 371 18.16 31.85 -19.52
C LEU D 371 19.35 31.82 -18.55
N GLY D 372 19.33 32.75 -17.58
CA GLY D 372 20.39 32.83 -16.58
C GLY D 372 21.50 33.80 -16.93
N MET D 373 21.19 34.76 -17.79
CA MET D 373 22.17 35.74 -18.21
C MET D 373 22.00 37.06 -17.47
N THR D 374 20.76 37.54 -17.43
CA THR D 374 20.42 38.79 -16.76
C THR D 374 19.67 38.55 -15.46
N PHE D 375 19.85 39.47 -14.52
CA PHE D 375 19.16 39.39 -13.23
C PHE D 375 18.30 40.64 -13.14
N SER D 376 16.98 40.45 -12.99
CA SER D 376 16.05 41.57 -12.88
C SER D 376 15.54 41.69 -11.44
N MET D 377 15.62 42.89 -10.89
CA MET D 377 15.16 43.09 -9.52
C MET D 377 13.64 43.14 -9.50
N GLU D 378 13.04 43.54 -10.60
CA GLU D 378 11.59 43.60 -10.68
C GLU D 378 11.12 42.16 -10.70
N GLN D 379 11.76 41.36 -11.55
CA GLN D 379 11.43 39.95 -11.70
C GLN D 379 11.60 39.21 -10.38
N LEU D 380 12.54 39.66 -9.56
CA LEU D 380 12.79 39.03 -8.26
C LEU D 380 11.55 39.19 -7.38
N VAL D 381 11.31 40.41 -6.91
CA VAL D 381 10.17 40.71 -6.06
C VAL D 381 8.88 40.08 -6.59
N ILE D 382 8.83 39.89 -7.91
CA ILE D 382 7.66 39.25 -8.53
C ILE D 382 7.68 37.79 -8.16
N ASP D 383 8.83 37.16 -8.40
CA ASP D 383 9.02 35.75 -8.08
C ASP D 383 8.77 35.58 -6.58
N ASN D 384 9.41 36.42 -5.79
CA ASN D 384 9.28 36.39 -4.33
C ASN D 384 7.83 36.38 -3.89
N ASP D 385 6.94 36.84 -4.77
CA ASP D 385 5.53 36.86 -4.43
C ASP D 385 4.94 35.55 -4.94
N ILE D 386 5.34 35.14 -6.14
CA ILE D 386 4.83 33.90 -6.72
C ILE D 386 4.96 32.77 -5.72
N PHE D 387 6.05 32.81 -4.95
CA PHE D 387 6.31 31.79 -3.94
C PHE D 387 5.26 31.77 -2.85
N SER D 388 4.79 32.95 -2.45
CA SER D 388 3.76 33.00 -1.43
C SER D 388 2.57 32.23 -1.94
N MET D 389 2.19 32.49 -3.19
CA MET D 389 1.06 31.76 -3.77
C MET D 389 1.32 30.26 -3.61
N VAL D 390 2.52 29.82 -4.00
CA VAL D 390 2.86 28.42 -3.90
C VAL D 390 2.68 27.93 -2.47
N LYS D 391 3.35 28.59 -1.53
CA LYS D 391 3.23 28.19 -0.12
C LYS D 391 1.78 27.99 0.32
N LYS D 392 0.85 28.66 -0.35
CA LYS D 392 -0.58 28.51 -0.03
C LYS D 392 -1.07 27.23 -0.70
N ALA D 393 -0.78 27.10 -1.99
CA ALA D 393 -1.18 25.94 -2.75
C ALA D 393 -0.64 24.70 -2.05
N MET D 394 0.57 24.80 -1.54
CA MET D 394 1.22 23.70 -0.84
C MET D 394 0.42 23.32 0.40
N GLN D 395 -0.45 24.22 0.82
CA GLN D 395 -1.31 23.98 1.97
C GLN D 395 -2.29 22.87 1.57
N GLY D 396 -2.48 22.72 0.26
CA GLY D 396 -3.40 21.71 -0.24
C GLY D 396 -4.75 21.82 0.42
N ILE D 397 -5.23 20.71 0.97
CA ILE D 397 -6.52 20.71 1.63
C ILE D 397 -6.54 19.97 2.96
N PRO D 398 -6.75 20.76 4.02
CA PRO D 398 -6.84 20.33 5.41
C PRO D 398 -8.25 19.86 5.68
N VAL D 399 -8.42 18.55 5.78
CA VAL D 399 -9.73 17.99 6.03
C VAL D 399 -9.80 17.52 7.48
N SER D 400 -10.61 18.24 8.28
CA SER D 400 -10.81 17.92 9.70
C SER D 400 -12.28 18.21 9.99
N GLU D 401 -12.79 17.71 11.10
CA GLU D 401 -14.18 17.98 11.39
C GLU D 401 -14.40 19.48 11.40
N GLU D 402 -13.40 20.22 11.89
CA GLU D 402 -13.52 21.68 11.91
C GLU D 402 -13.53 22.29 10.52
N THR D 403 -12.43 22.13 9.79
CA THR D 403 -12.32 22.68 8.44
C THR D 403 -13.50 22.25 7.57
N LEU D 404 -14.09 21.10 7.87
CA LEU D 404 -15.26 20.64 7.11
C LEU D 404 -16.35 21.69 7.32
N ALA D 405 -16.41 22.21 8.55
CA ALA D 405 -17.37 23.24 8.95
C ALA D 405 -18.82 22.94 8.56
N VAL D 406 -19.34 21.80 9.01
CA VAL D 406 -20.70 21.44 8.66
C VAL D 406 -21.74 22.34 9.34
N GLU D 407 -21.59 22.53 10.66
CA GLU D 407 -22.51 23.38 11.41
C GLU D 407 -22.51 24.74 10.75
N SER D 408 -21.31 25.26 10.52
CA SER D 408 -21.11 26.55 9.87
C SER D 408 -22.00 26.63 8.62
N ILE D 409 -21.93 25.61 7.76
CA ILE D 409 -22.72 25.54 6.54
C ILE D 409 -24.22 25.64 6.86
N GLN D 410 -24.62 24.94 7.93
CA GLN D 410 -26.00 24.90 8.38
C GLN D 410 -26.50 26.21 9.00
N LYS D 411 -25.70 26.79 9.90
CA LYS D 411 -26.08 28.05 10.53
C LYS D 411 -26.46 29.04 9.44
N VAL D 412 -25.58 29.17 8.43
CA VAL D 412 -25.82 30.08 7.31
C VAL D 412 -27.12 29.72 6.61
N GLY D 413 -27.47 28.44 6.66
CA GLY D 413 -28.69 28.00 6.01
C GLY D 413 -28.62 28.06 4.51
N ILE D 414 -29.75 27.83 3.86
CA ILE D 414 -29.84 27.83 2.41
C ILE D 414 -30.04 29.23 1.86
N GLY D 415 -29.07 29.70 1.08
CA GLY D 415 -29.17 31.02 0.48
C GLY D 415 -28.83 32.20 1.37
N ASN D 416 -27.58 32.29 1.80
CA ASN D 416 -27.12 33.38 2.65
C ASN D 416 -25.62 33.53 2.49
N ASN D 417 -25.00 34.28 3.38
CA ASN D 417 -23.56 34.45 3.31
C ASN D 417 -22.88 34.28 4.66
N PHE D 418 -21.61 33.91 4.61
CA PHE D 418 -20.84 33.68 5.83
C PHE D 418 -20.19 34.97 6.31
N LEU D 419 -20.36 36.03 5.52
CA LEU D 419 -19.79 37.35 5.83
C LEU D 419 -19.88 37.77 7.30
N ALA D 420 -21.11 37.86 7.80
CA ALA D 420 -21.35 38.26 9.18
C ALA D 420 -20.73 37.29 10.19
N LEU D 421 -20.98 36.00 9.97
CA LEU D 421 -20.49 34.95 10.84
C LEU D 421 -19.15 35.22 11.51
N LYS D 422 -19.05 34.77 12.76
CA LYS D 422 -17.87 34.94 13.60
C LYS D 422 -16.65 34.27 12.98
N GLN D 423 -16.75 32.97 12.74
CA GLN D 423 -15.65 32.20 12.16
C GLN D 423 -15.01 32.91 10.97
N THR D 424 -15.85 33.38 10.03
CA THR D 424 -15.37 34.07 8.84
C THR D 424 -14.46 35.24 9.17
N ARG D 425 -14.75 35.90 10.30
CA ARG D 425 -13.96 37.05 10.73
C ARG D 425 -12.61 36.64 11.30
N GLN D 426 -12.57 35.50 11.99
CA GLN D 426 -11.33 35.02 12.58
C GLN D 426 -10.37 34.50 11.51
N LEU D 427 -10.90 34.22 10.32
CA LEU D 427 -10.09 33.72 9.22
C LEU D 427 -9.92 34.78 8.14
N VAL D 428 -9.66 36.02 8.55
CA VAL D 428 -9.49 37.11 7.59
C VAL D 428 -8.21 36.97 6.80
N ASP D 429 -7.18 36.43 7.45
CA ASP D 429 -5.88 36.25 6.84
C ASP D 429 -5.68 34.88 6.22
N TYR D 430 -6.51 33.92 6.64
CA TYR D 430 -6.39 32.56 6.14
C TYR D 430 -6.26 32.51 4.62
N PRO D 431 -6.96 33.38 3.90
CA PRO D 431 -6.82 33.34 2.45
C PRO D 431 -5.51 33.94 1.96
N SER D 432 -5.10 33.55 0.76
CA SER D 432 -3.87 34.03 0.15
C SER D 432 -4.02 35.50 -0.21
N ASN D 433 -3.05 36.31 0.20
CA ASN D 433 -3.10 37.74 -0.06
C ASN D 433 -1.81 38.25 -0.74
N PRO D 434 -1.70 38.03 -2.06
CA PRO D 434 -0.53 38.44 -2.86
C PRO D 434 -0.11 39.89 -2.67
N MET D 435 1.20 40.10 -2.57
CA MET D 435 1.74 41.44 -2.37
C MET D 435 1.67 42.29 -3.63
N LEU D 436 1.97 41.69 -4.78
CA LEU D 436 1.97 42.43 -6.05
C LEU D 436 0.87 42.05 -7.03
N LEU D 437 0.30 40.85 -6.92
CA LEU D 437 -0.76 40.48 -7.86
C LEU D 437 -2.00 41.36 -7.67
N ASP D 438 -2.59 41.79 -8.79
CA ASP D 438 -3.75 42.69 -8.77
C ASP D 438 -5.13 42.02 -8.83
N ARG D 439 -5.82 42.00 -7.69
CA ARG D 439 -7.16 41.42 -7.61
C ARG D 439 -8.19 42.52 -7.41
N HIS D 440 -8.23 43.47 -8.33
CA HIS D 440 -9.16 44.60 -8.26
C HIS D 440 -10.08 44.69 -9.47
N MET D 441 -11.09 45.55 -9.38
CA MET D 441 -12.03 45.76 -10.47
C MET D 441 -11.27 46.53 -11.54
N PHE D 442 -11.87 46.69 -12.73
CA PHE D 442 -11.19 47.44 -13.78
C PHE D 442 -11.03 48.87 -13.32
N GLY D 443 -12.01 49.35 -12.54
CA GLY D 443 -11.95 50.71 -12.03
C GLY D 443 -10.76 50.92 -11.10
N ASP D 444 -10.78 50.24 -9.95
CA ASP D 444 -9.71 50.35 -8.96
C ASP D 444 -8.33 50.36 -9.62
N TRP D 445 -8.10 49.41 -10.52
CA TRP D 445 -6.84 49.28 -11.24
C TRP D 445 -6.59 50.51 -12.11
N ALA D 446 -7.56 50.82 -12.97
CA ALA D 446 -7.45 51.97 -13.85
C ALA D 446 -7.25 53.24 -13.02
N ALA D 447 -8.12 53.44 -12.03
CA ALA D 447 -8.04 54.61 -11.15
C ALA D 447 -6.83 54.44 -10.22
N ALA D 448 -5.77 53.88 -10.76
CA ALA D 448 -4.55 53.66 -9.99
C ALA D 448 -3.36 53.64 -10.95
N GLY D 449 -3.64 53.89 -12.22
CA GLY D 449 -2.58 53.93 -13.21
C GLY D 449 -2.56 52.83 -14.24
N SER D 450 -3.53 51.91 -14.17
CA SER D 450 -3.59 50.80 -15.14
C SER D 450 -2.17 50.34 -15.46
N LYS D 451 -1.42 49.97 -14.42
CA LYS D 451 -0.04 49.54 -14.56
C LYS D 451 0.10 48.02 -14.61
N ASP D 452 0.96 47.54 -15.50
CA ASP D 452 1.22 46.12 -15.62
C ASP D 452 2.07 45.73 -14.41
N LEU D 453 2.27 44.43 -14.21
CA LEU D 453 3.04 43.95 -13.09
C LEU D 453 4.48 44.42 -13.07
N ALA D 454 5.11 44.54 -14.24
CA ALA D 454 6.50 44.99 -14.29
C ALA D 454 6.58 46.33 -13.57
N THR D 455 5.71 47.26 -14.00
CA THR D 455 5.66 48.59 -13.40
C THR D 455 5.33 48.50 -11.93
N VAL D 456 4.24 47.81 -11.62
CA VAL D 456 3.81 47.65 -10.23
C VAL D 456 4.99 47.14 -9.40
N ALA D 457 5.72 46.19 -9.96
CA ALA D 457 6.87 45.62 -9.28
C ALA D 457 8.02 46.62 -9.22
N HIS D 458 8.30 47.27 -10.36
CA HIS D 458 9.38 48.24 -10.43
C HIS D 458 9.25 49.31 -9.36
N GLU D 459 8.04 49.80 -9.17
CA GLU D 459 7.80 50.81 -8.15
C GLU D 459 8.20 50.22 -6.80
N LYS D 460 8.07 48.91 -6.67
CA LYS D 460 8.42 48.25 -5.43
C LYS D 460 9.92 48.15 -5.27
N VAL D 461 10.61 47.93 -6.39
CA VAL D 461 12.06 47.81 -6.38
C VAL D 461 12.70 49.06 -5.78
N GLU D 462 12.26 50.22 -6.25
CA GLU D 462 12.79 51.50 -5.75
C GLU D 462 12.59 51.60 -4.23
N ASP D 463 11.32 51.55 -3.82
CA ASP D 463 10.93 51.65 -2.41
C ASP D 463 11.79 50.83 -1.46
N VAL D 464 11.87 49.53 -1.71
CA VAL D 464 12.65 48.64 -0.87
C VAL D 464 14.07 49.17 -0.71
N LEU D 465 14.75 49.38 -1.83
CA LEU D 465 16.12 49.87 -1.82
C LEU D 465 16.27 51.15 -1.02
N LYS D 466 15.39 52.10 -1.26
CA LYS D 466 15.41 53.38 -0.57
C LYS D 466 15.15 53.31 0.94
N ASN D 467 14.64 52.19 1.44
CA ASN D 467 14.35 52.12 2.88
C ASN D 467 14.53 50.83 3.66
N HIS D 468 14.80 49.70 3.00
CA HIS D 468 14.97 48.49 3.78
C HIS D 468 16.13 48.62 4.73
N GLN D 469 16.00 48.04 5.93
CA GLN D 469 17.04 48.10 6.95
C GLN D 469 17.78 46.78 7.14
N VAL D 470 18.97 46.70 6.57
CA VAL D 470 19.79 45.49 6.65
C VAL D 470 20.73 45.53 7.85
N THR D 471 20.54 44.60 8.77
CA THR D 471 21.38 44.51 9.96
C THR D 471 22.86 44.53 9.54
N PRO D 472 23.56 45.64 9.81
CA PRO D 472 24.97 45.78 9.45
C PRO D 472 25.93 45.04 10.37
N ILE D 473 27.06 44.65 9.79
CA ILE D 473 28.10 43.91 10.49
C ILE D 473 28.77 44.83 11.51
N ASP D 474 29.22 44.26 12.62
CA ASP D 474 29.89 45.03 13.66
C ASP D 474 31.00 45.93 13.12
N ALA D 475 31.07 47.14 13.68
CA ALA D 475 32.05 48.15 13.33
C ALA D 475 33.46 47.61 13.06
N ASP D 476 34.09 47.07 14.11
CA ASP D 476 35.43 46.53 14.03
C ASP D 476 35.49 45.23 13.22
N ILE D 477 34.69 44.25 13.63
CA ILE D 477 34.64 42.97 12.95
C ILE D 477 34.77 43.14 11.44
N PHE D 478 33.96 44.04 10.89
CA PHE D 478 33.97 44.27 9.46
C PHE D 478 35.36 44.58 8.93
N LYS D 479 36.06 45.47 9.62
CA LYS D 479 37.40 45.84 9.20
C LYS D 479 38.34 44.64 9.29
N ASP D 480 38.01 43.68 10.15
CA ASP D 480 38.82 42.47 10.32
C ASP D 480 38.61 41.59 9.09
N MET D 481 37.36 41.51 8.66
CA MET D 481 36.98 40.72 7.51
C MET D 481 37.56 41.36 6.26
N GLN D 482 37.29 42.64 6.07
CA GLN D 482 37.79 43.39 4.93
C GLN D 482 39.31 43.21 4.82
N ALA D 483 39.94 42.91 5.95
CA ALA D 483 41.37 42.72 6.00
C ALA D 483 41.75 41.57 5.10
N ILE D 484 41.04 40.46 5.27
CA ILE D 484 41.29 39.26 4.49
C ILE D 484 41.04 39.49 3.00
N VAL D 485 40.12 40.39 2.68
CA VAL D 485 39.84 40.68 1.28
C VAL D 485 41.03 41.40 0.66
N ASP D 486 41.51 42.44 1.34
CA ASP D 486 42.66 43.20 0.85
C ASP D 486 43.87 42.26 0.74
N LYS D 487 44.05 41.39 1.73
CA LYS D 487 45.17 40.45 1.72
C LYS D 487 45.04 39.54 0.48
N ALA D 488 43.80 39.21 0.13
CA ALA D 488 43.53 38.35 -1.02
C ALA D 488 43.84 39.05 -2.34
N ASP D 489 43.55 40.34 -2.42
CA ASP D 489 43.81 41.10 -3.63
C ASP D 489 45.32 41.29 -3.76
N LYS D 490 45.95 41.60 -2.63
CA LYS D 490 47.40 41.78 -2.58
C LYS D 490 48.04 40.54 -3.15
N ALA D 491 47.78 39.42 -2.49
CA ALA D 491 48.31 38.13 -2.92
C ALA D 491 48.14 37.98 -4.44
N PHE D 492 46.94 38.24 -4.92
CA PHE D 492 46.59 38.11 -6.35
C PHE D 492 47.43 38.94 -7.31
N ARG D 493 47.53 40.24 -7.03
CA ARG D 493 48.29 41.15 -7.89
C ARG D 493 49.76 40.77 -7.90
N GLY D 494 50.23 40.14 -6.83
CA GLY D 494 51.60 39.69 -6.79
C GLY D 494 51.66 38.39 -7.59
N MET D 495 51.19 38.45 -8.85
CA MET D 495 51.14 37.32 -9.78
C MET D 495 52.07 36.17 -9.37
N ALA E 2 9.82 -17.90 28.85
CA ALA E 2 9.90 -19.13 28.02
C ALA E 2 9.66 -18.88 26.52
N LYS E 3 9.35 -19.96 25.80
CA LYS E 3 9.10 -19.88 24.37
C LYS E 3 7.99 -18.87 24.18
N ASN E 4 8.23 -17.86 23.35
CA ASN E 4 7.23 -16.83 23.09
C ASN E 4 5.89 -17.42 22.69
N ASN E 5 4.83 -16.67 22.96
CA ASN E 5 3.48 -17.08 22.61
C ASN E 5 2.58 -15.85 22.75
N ALA E 6 3.06 -14.75 22.18
CA ALA E 6 2.35 -13.47 22.19
C ALA E 6 2.98 -12.57 21.13
N VAL E 7 2.44 -12.62 19.90
CA VAL E 7 2.97 -11.83 18.80
C VAL E 7 1.99 -10.76 18.32
N ALA E 8 2.51 -9.57 18.04
CA ALA E 8 1.68 -8.48 17.59
C ALA E 8 1.20 -8.72 16.18
N GLY E 9 0.43 -7.76 15.66
CA GLY E 9 -0.07 -7.87 14.30
C GLY E 9 1.09 -8.33 13.45
N PHE E 10 0.80 -9.18 12.48
CA PHE E 10 1.83 -9.74 11.62
C PHE E 10 1.23 -10.08 10.26
N ASN E 11 1.60 -9.30 9.23
CA ASN E 11 1.10 -9.49 7.87
C ASN E 11 1.75 -10.71 7.22
N ALA E 12 0.94 -11.55 6.58
CA ALA E 12 1.45 -12.77 5.96
C ALA E 12 0.89 -13.03 4.57
N LEU E 13 1.55 -13.93 3.84
CA LEU E 13 1.13 -14.32 2.50
C LEU E 13 0.97 -15.84 2.45
N ASN E 14 -0.28 -16.24 2.29
CA ASN E 14 -0.65 -17.64 2.25
C ASN E 14 -0.82 -18.16 0.84
N GLY E 15 0.22 -18.85 0.35
CA GLY E 15 0.19 -19.40 -0.99
C GLY E 15 0.98 -18.51 -1.92
N VAL E 16 0.76 -18.65 -3.22
CA VAL E 16 1.48 -17.81 -4.17
C VAL E 16 0.50 -16.88 -4.85
N GLU E 17 0.81 -15.59 -4.77
CA GLU E 17 0.03 -14.51 -5.33
C GLU E 17 0.60 -14.10 -6.70
N LEU E 18 -0.24 -14.04 -7.72
CA LEU E 18 0.23 -13.64 -9.06
C LEU E 18 -0.54 -12.43 -9.51
N ASN E 19 0.18 -11.34 -9.77
CA ASN E 19 -0.44 -10.08 -10.19
C ASN E 19 -0.23 -9.68 -11.64
N LEU E 20 -1.33 -9.29 -12.27
CA LEU E 20 -1.31 -8.86 -13.65
C LEU E 20 -1.73 -7.41 -13.86
N PHE E 21 -2.66 -6.92 -13.04
CA PHE E 21 -3.16 -5.55 -13.20
C PHE E 21 -3.16 -4.67 -11.95
N THR E 22 -3.02 -3.37 -12.16
CA THR E 22 -3.11 -2.42 -11.06
C THR E 22 -4.59 -2.09 -11.15
N THR E 23 -5.10 -1.36 -10.17
CA THR E 23 -6.51 -1.03 -10.22
C THR E 23 -6.85 -0.10 -11.37
N ASP E 24 -6.05 0.95 -11.57
CA ASP E 24 -6.29 1.87 -12.66
C ASP E 24 -6.51 1.06 -13.94
N GLU E 25 -5.56 0.17 -14.23
CA GLU E 25 -5.62 -0.66 -15.42
C GLU E 25 -6.90 -1.51 -15.48
N LEU E 26 -7.35 -1.98 -14.33
CA LEU E 26 -8.58 -2.77 -14.29
C LEU E 26 -9.67 -1.86 -14.83
N LYS E 27 -9.70 -0.63 -14.32
CA LYS E 27 -10.69 0.34 -14.74
C LYS E 27 -10.53 0.65 -16.22
N ALA E 28 -9.29 0.86 -16.65
CA ALA E 28 -8.99 1.17 -18.06
C ALA E 28 -9.75 0.24 -18.98
N ILE E 29 -9.60 -1.06 -18.71
CA ILE E 29 -10.25 -2.12 -19.46
C ILE E 29 -11.77 -2.08 -19.33
N HIS E 30 -12.26 -1.55 -18.20
CA HIS E 30 -13.70 -1.46 -17.98
C HIS E 30 -14.35 -0.37 -18.81
N TYR E 31 -13.68 0.77 -18.94
CA TYR E 31 -14.20 1.86 -19.74
C TYR E 31 -14.26 1.44 -21.20
N ALA E 32 -13.12 1.00 -21.73
CA ALA E 32 -13.06 0.57 -23.12
C ALA E 32 -14.18 -0.42 -23.44
N THR E 33 -14.52 -1.27 -22.47
CA THR E 33 -15.58 -2.25 -22.68
C THR E 33 -16.94 -1.56 -22.70
N MET E 34 -17.14 -0.57 -21.84
CA MET E 34 -18.41 0.14 -21.80
C MET E 34 -18.52 0.95 -23.10
N GLU E 35 -17.40 1.54 -23.50
CA GLU E 35 -17.33 2.33 -24.72
C GLU E 35 -17.64 1.43 -25.89
N VAL E 36 -17.10 0.21 -25.84
CA VAL E 36 -17.35 -0.76 -26.90
C VAL E 36 -18.81 -1.23 -26.90
N LEU E 37 -19.45 -1.20 -25.74
CA LEU E 37 -20.85 -1.63 -25.65
C LEU E 37 -21.81 -0.61 -26.24
N MET E 38 -21.43 0.66 -26.24
CA MET E 38 -22.28 1.70 -26.81
C MET E 38 -21.97 1.93 -28.28
N ASP E 39 -20.87 1.32 -28.75
CA ASP E 39 -20.45 1.44 -30.14
C ASP E 39 -19.37 0.42 -30.47
N PRO E 40 -19.66 -0.51 -31.39
CA PRO E 40 -20.89 -0.67 -32.15
C PRO E 40 -21.98 -1.39 -31.37
N GLY E 41 -21.66 -1.76 -30.14
CA GLY E 41 -22.63 -2.49 -29.34
C GLY E 41 -22.62 -3.94 -29.80
N ILE E 42 -23.58 -4.72 -29.33
CA ILE E 42 -23.62 -6.12 -29.70
C ILE E 42 -24.85 -6.51 -30.53
N GLN E 43 -24.67 -7.55 -31.35
CA GLN E 43 -25.75 -8.04 -32.19
C GLN E 43 -26.48 -9.20 -31.51
N VAL E 44 -27.74 -8.99 -31.15
CA VAL E 44 -28.52 -10.04 -30.48
C VAL E 44 -29.55 -10.65 -31.43
N SER E 45 -29.11 -11.63 -32.22
CA SER E 45 -29.97 -12.29 -33.20
C SER E 45 -31.32 -12.77 -32.70
N ASP E 46 -31.36 -13.41 -31.53
CA ASP E 46 -32.63 -13.90 -30.99
C ASP E 46 -33.55 -12.75 -30.60
N PRO E 47 -34.76 -12.72 -31.18
CA PRO E 47 -35.73 -11.65 -30.88
C PRO E 47 -36.07 -11.55 -29.40
N GLU E 48 -36.38 -12.69 -28.78
CA GLU E 48 -36.72 -12.68 -27.37
C GLU E 48 -35.72 -11.87 -26.55
N ALA E 49 -34.44 -12.20 -26.67
CA ALA E 49 -33.41 -11.48 -25.93
C ALA E 49 -33.46 -10.01 -26.32
N ARG E 50 -33.42 -9.73 -27.62
CA ARG E 50 -33.46 -8.36 -28.12
C ARG E 50 -34.58 -7.57 -27.45
N GLN E 51 -35.65 -8.27 -27.08
CA GLN E 51 -36.77 -7.63 -26.41
C GLN E 51 -36.37 -7.40 -24.96
N ILE E 52 -35.90 -8.46 -24.32
CA ILE E 52 -35.46 -8.41 -22.93
C ILE E 52 -34.54 -7.20 -22.72
N PHE E 53 -33.68 -6.97 -23.70
CA PHE E 53 -32.77 -5.84 -23.66
C PHE E 53 -33.57 -4.57 -23.83
N LYS E 54 -34.33 -4.51 -24.91
CA LYS E 54 -35.18 -3.37 -25.23
C LYS E 54 -36.03 -2.95 -24.03
N GLU E 55 -36.76 -3.90 -23.47
CA GLU E 55 -37.64 -3.67 -22.33
C GLU E 55 -36.95 -2.97 -21.18
N ASN E 56 -35.63 -3.13 -21.06
CA ASN E 56 -34.89 -2.55 -19.95
C ASN E 56 -34.12 -1.24 -20.20
N GLY E 57 -34.11 -0.76 -21.44
CA GLY E 57 -33.41 0.48 -21.71
C GLY E 57 -32.41 0.47 -22.85
N CYS E 58 -32.11 -0.71 -23.36
CA CYS E 58 -31.14 -0.81 -24.45
C CYS E 58 -31.70 -0.26 -25.75
N GLU E 59 -30.85 0.42 -26.50
CA GLU E 59 -31.25 0.97 -27.79
C GLU E 59 -31.10 -0.20 -28.78
N VAL E 60 -32.22 -0.74 -29.22
CA VAL E 60 -32.19 -1.86 -30.13
C VAL E 60 -32.62 -1.47 -31.55
N ASN E 61 -31.63 -1.17 -32.39
CA ASN E 61 -31.89 -0.83 -33.79
C ASN E 61 -32.40 -2.13 -34.40
N GLU E 62 -33.70 -2.36 -34.27
CA GLU E 62 -34.34 -3.59 -34.76
C GLU E 62 -33.95 -4.13 -36.13
N LYS E 63 -33.53 -3.27 -37.06
CA LYS E 63 -33.14 -3.75 -38.37
C LYS E 63 -31.83 -4.50 -38.28
N THR E 64 -30.85 -3.88 -37.64
CA THR E 64 -29.50 -4.42 -37.47
C THR E 64 -29.38 -5.48 -36.37
N ASN E 65 -30.40 -5.60 -35.53
CA ASN E 65 -30.39 -6.55 -34.42
C ASN E 65 -29.28 -6.16 -33.45
N VAL E 66 -28.68 -5.01 -33.72
CA VAL E 66 -27.61 -4.45 -32.90
C VAL E 66 -28.18 -3.76 -31.66
N VAL E 67 -27.82 -4.27 -30.48
CA VAL E 67 -28.28 -3.70 -29.22
C VAL E 67 -27.14 -2.93 -28.56
N LYS E 68 -27.45 -1.76 -28.01
CA LYS E 68 -26.43 -0.98 -27.34
C LYS E 68 -26.72 -0.98 -25.85
N ILE E 69 -25.81 -1.58 -25.08
CA ILE E 69 -26.00 -1.69 -23.63
C ILE E 69 -25.37 -0.58 -22.80
N PRO E 70 -26.20 0.17 -22.05
CA PRO E 70 -25.72 1.26 -21.20
C PRO E 70 -24.99 0.69 -19.99
N GLU E 71 -24.02 1.44 -19.48
CA GLU E 71 -23.24 0.99 -18.35
C GLU E 71 -24.10 0.71 -17.13
N TYR E 72 -25.14 1.51 -16.91
CA TYR E 72 -25.98 1.32 -15.74
C TYR E 72 -26.60 -0.06 -15.63
N LEU E 73 -26.72 -0.76 -16.76
CA LEU E 73 -27.29 -2.11 -16.74
C LEU E 73 -26.17 -3.09 -16.40
N VAL E 74 -25.00 -2.87 -16.98
CA VAL E 74 -23.84 -3.71 -16.73
C VAL E 74 -23.64 -3.71 -15.24
N ARG E 75 -23.72 -2.53 -14.64
CA ARG E 75 -23.59 -2.39 -13.20
C ARG E 75 -24.73 -3.14 -12.52
N LYS E 76 -25.96 -2.89 -12.96
CA LYS E 76 -27.10 -3.54 -12.37
C LYS E 76 -26.94 -5.06 -12.44
N ALA E 77 -26.60 -5.55 -13.62
CA ALA E 77 -26.42 -6.98 -13.81
C ALA E 77 -25.44 -7.55 -12.78
N LEU E 78 -24.21 -7.03 -12.78
CA LEU E 78 -23.13 -7.47 -11.89
C LEU E 78 -23.53 -7.43 -10.41
N GLN E 79 -24.47 -6.56 -10.10
CA GLN E 79 -24.97 -6.39 -8.73
C GLN E 79 -26.04 -7.43 -8.38
N LEU E 80 -26.67 -8.00 -9.40
CA LEU E 80 -27.71 -8.98 -9.17
C LEU E 80 -27.16 -10.39 -9.10
N ALA E 81 -26.13 -10.66 -9.89
CA ALA E 81 -25.54 -11.98 -9.92
C ALA E 81 -24.94 -12.38 -8.57
N PRO E 82 -25.12 -13.66 -8.18
CA PRO E 82 -24.58 -14.17 -6.92
C PRO E 82 -23.07 -14.33 -7.04
N SER E 83 -22.35 -13.87 -6.02
CA SER E 83 -20.90 -13.96 -6.05
C SER E 83 -20.49 -15.38 -5.74
N ARG E 84 -21.40 -16.33 -5.90
CA ARG E 84 -21.08 -17.71 -5.57
C ARG E 84 -22.26 -18.66 -5.80
N PHE E 85 -21.94 -19.95 -5.89
CA PHE E 85 -22.92 -21.02 -6.05
C PHE E 85 -22.18 -22.35 -6.10
N VAL E 86 -22.81 -23.39 -5.60
CA VAL E 86 -22.20 -24.71 -5.55
C VAL E 86 -22.72 -25.68 -6.61
N LEU E 87 -21.81 -26.46 -7.15
CA LEU E 87 -22.13 -27.45 -8.15
C LEU E 87 -22.31 -28.76 -7.42
N TRP E 88 -23.32 -29.54 -7.81
CA TRP E 88 -23.55 -30.80 -7.16
C TRP E 88 -23.35 -31.97 -8.08
N GLY E 89 -22.89 -33.07 -7.51
CA GLY E 89 -22.70 -34.29 -8.28
C GLY E 89 -23.77 -35.21 -7.74
N ARG E 90 -24.04 -36.31 -8.43
CA ARG E 90 -25.06 -37.24 -7.94
C ARG E 90 -24.63 -37.80 -6.60
N ASP E 91 -23.40 -37.47 -6.22
CA ASP E 91 -22.83 -37.90 -4.95
C ASP E 91 -22.26 -36.63 -4.33
N LYS E 92 -22.89 -36.16 -3.26
CA LYS E 92 -22.48 -34.94 -2.58
C LYS E 92 -20.97 -34.73 -2.42
N LYS E 93 -20.21 -35.81 -2.22
CA LYS E 93 -18.78 -35.65 -2.04
C LYS E 93 -18.04 -35.01 -3.22
N PHE E 94 -18.54 -35.24 -4.43
CA PHE E 94 -17.88 -34.67 -5.61
C PHE E 94 -18.42 -33.26 -5.89
N ASN E 95 -19.05 -32.65 -4.90
CA ASN E 95 -19.57 -31.31 -5.08
C ASN E 95 -18.43 -30.36 -5.38
N THR E 96 -18.75 -29.12 -5.74
CA THR E 96 -17.73 -28.14 -6.06
C THR E 96 -18.25 -26.73 -5.81
N VAL E 97 -17.33 -25.81 -5.56
CA VAL E 97 -17.74 -24.43 -5.30
C VAL E 97 -17.19 -23.47 -6.33
N GLN E 98 -18.09 -22.68 -6.93
CA GLN E 98 -17.72 -21.68 -7.91
C GLN E 98 -18.01 -20.35 -7.24
N GLU E 99 -17.01 -19.86 -6.50
CA GLU E 99 -17.12 -18.63 -5.73
C GLU E 99 -16.12 -17.59 -6.20
N CYS E 100 -16.52 -16.33 -6.17
CA CYS E 100 -15.64 -15.25 -6.58
C CYS E 100 -14.41 -15.27 -5.67
N GLY E 101 -13.25 -15.58 -6.24
CA GLY E 101 -12.04 -15.63 -5.46
C GLY E 101 -10.97 -16.51 -6.05
N GLY E 102 -10.01 -16.92 -5.22
CA GLY E 102 -8.91 -17.74 -5.70
C GLY E 102 -9.05 -19.24 -5.52
N LYS E 103 -10.25 -19.70 -5.18
CA LYS E 103 -10.48 -21.12 -5.01
C LYS E 103 -10.50 -21.81 -6.37
N VAL E 104 -9.35 -22.39 -6.73
CA VAL E 104 -9.16 -23.07 -8.01
C VAL E 104 -9.70 -24.49 -8.08
N HIS E 105 -10.27 -24.84 -9.24
CA HIS E 105 -10.82 -26.16 -9.51
C HIS E 105 -10.54 -26.56 -10.96
N TRP E 106 -10.35 -27.84 -11.21
CA TRP E 106 -10.07 -28.32 -12.56
C TRP E 106 -11.15 -29.24 -13.13
N THR E 107 -11.26 -29.27 -14.46
CA THR E 107 -12.22 -30.12 -15.15
C THR E 107 -11.72 -30.43 -16.56
N CYS E 108 -12.05 -31.62 -17.06
CA CYS E 108 -11.62 -32.07 -18.39
C CYS E 108 -11.99 -31.09 -19.51
N PHE E 109 -11.47 -31.38 -20.70
CA PHE E 109 -11.70 -30.56 -21.88
C PHE E 109 -13.07 -30.74 -22.53
N GLY E 110 -13.52 -29.72 -23.23
CA GLY E 110 -14.80 -29.75 -23.91
C GLY E 110 -14.87 -28.71 -25.02
N THR E 111 -15.28 -29.13 -26.20
CA THR E 111 -15.64 -30.53 -26.44
C THR E 111 -15.17 -30.99 -27.81
N GLY E 112 -14.23 -31.93 -27.80
CA GLY E 112 -13.67 -32.46 -29.03
C GLY E 112 -14.50 -33.49 -29.78
N VAL E 113 -14.04 -33.84 -30.98
CA VAL E 113 -14.73 -34.80 -31.84
C VAL E 113 -13.84 -35.94 -32.34
N LYS E 114 -12.74 -36.17 -31.63
CA LYS E 114 -11.81 -37.26 -31.97
C LYS E 114 -11.17 -37.77 -30.69
N VAL E 115 -10.83 -39.05 -30.67
CA VAL E 115 -10.22 -39.64 -29.49
C VAL E 115 -8.84 -40.22 -29.81
N CYS E 116 -7.83 -39.75 -29.08
CA CYS E 116 -6.47 -40.21 -29.26
C CYS E 116 -6.28 -41.55 -28.55
N LYS E 117 -7.03 -42.58 -28.96
CA LYS E 117 -6.93 -43.90 -28.34
C LYS E 117 -5.79 -44.76 -28.93
N TYR E 118 -5.24 -45.63 -28.07
CA TYR E 118 -4.12 -46.51 -28.43
C TYR E 118 -4.48 -47.70 -29.32
N GLN E 119 -4.03 -47.64 -30.58
CA GLN E 119 -4.30 -48.69 -31.57
C GLN E 119 -3.42 -49.91 -31.35
N ASP E 120 -2.26 -49.90 -32.01
CA ASP E 120 -1.28 -50.98 -31.90
C ASP E 120 0.11 -50.37 -31.82
N GLY E 121 0.70 -50.40 -30.63
CA GLY E 121 2.02 -49.82 -30.46
C GLY E 121 1.91 -48.31 -30.45
N LYS E 122 1.37 -47.75 -31.54
CA LYS E 122 1.21 -46.30 -31.67
C LYS E 122 -0.18 -45.87 -31.24
N TYR E 123 -0.43 -44.57 -31.35
CA TYR E 123 -1.72 -44.00 -30.99
C TYR E 123 -2.45 -43.55 -32.26
N VAL E 124 -3.75 -43.82 -32.30
CA VAL E 124 -4.58 -43.45 -33.43
C VAL E 124 -5.72 -42.53 -33.00
N THR E 125 -5.97 -41.51 -33.80
CA THR E 125 -7.03 -40.56 -33.53
C THR E 125 -8.28 -40.95 -34.33
N VAL E 126 -9.14 -41.74 -33.71
CA VAL E 126 -10.36 -42.17 -34.37
C VAL E 126 -11.51 -41.27 -33.88
N ASP E 127 -12.44 -40.93 -34.77
CA ASP E 127 -13.55 -40.05 -34.40
C ASP E 127 -14.23 -40.50 -33.12
N SER E 128 -14.94 -39.58 -32.47
CA SER E 128 -15.62 -39.87 -31.22
C SER E 128 -17.02 -40.43 -31.41
N VAL E 129 -17.57 -40.97 -30.34
CA VAL E 129 -18.91 -41.56 -30.34
C VAL E 129 -19.42 -41.65 -28.90
N GLU E 130 -20.73 -41.52 -28.72
CA GLU E 130 -21.34 -41.57 -27.39
C GLU E 130 -20.75 -42.66 -26.50
N LYS E 131 -20.22 -43.73 -27.10
CA LYS E 131 -19.64 -44.80 -26.31
C LYS E 131 -18.42 -44.24 -25.57
N ASP E 132 -17.60 -43.46 -26.29
CA ASP E 132 -16.40 -42.86 -25.70
C ASP E 132 -16.77 -41.97 -24.50
N ILE E 133 -17.74 -41.08 -24.69
CA ILE E 133 -18.16 -40.20 -23.61
C ILE E 133 -18.29 -40.98 -22.31
N ALA E 134 -18.89 -42.17 -22.40
CA ALA E 134 -19.09 -43.03 -21.25
C ALA E 134 -17.81 -43.33 -20.51
N ASP E 135 -16.84 -43.89 -21.24
CA ASP E 135 -15.55 -44.24 -20.67
C ASP E 135 -14.87 -43.01 -20.05
N ILE E 136 -14.79 -41.93 -20.83
CA ILE E 136 -14.20 -40.68 -20.37
C ILE E 136 -14.78 -40.29 -19.02
N ALA E 137 -16.11 -40.24 -18.93
CA ALA E 137 -16.78 -39.89 -17.69
C ALA E 137 -16.32 -40.79 -16.56
N LYS E 138 -16.04 -42.05 -16.89
CA LYS E 138 -15.59 -43.00 -15.89
C LYS E 138 -14.20 -42.64 -15.43
N LEU E 139 -13.29 -42.49 -16.37
CA LEU E 139 -11.90 -42.17 -16.07
C LEU E 139 -11.86 -40.91 -15.21
N CYS E 140 -12.71 -39.94 -15.53
CA CYS E 140 -12.75 -38.70 -14.77
C CYS E 140 -13.41 -38.86 -13.40
N ASP E 141 -14.24 -39.89 -13.25
CA ASP E 141 -14.92 -40.15 -11.99
C ASP E 141 -13.83 -40.58 -11.00
N TRP E 142 -12.76 -41.09 -11.57
CA TRP E 142 -11.62 -41.57 -10.81
C TRP E 142 -10.77 -40.38 -10.39
N ALA E 143 -10.16 -39.72 -11.37
CA ALA E 143 -9.30 -38.54 -11.16
C ALA E 143 -9.79 -37.57 -10.08
N GLU E 144 -9.08 -37.55 -8.95
CA GLU E 144 -9.45 -36.70 -7.81
C GLU E 144 -9.26 -35.21 -8.02
N ASN E 145 -8.45 -34.80 -8.97
CA ASN E 145 -8.27 -33.38 -9.18
C ASN E 145 -9.20 -32.89 -10.29
N ILE E 146 -10.12 -33.77 -10.69
CA ILE E 146 -11.13 -33.47 -11.70
C ILE E 146 -12.47 -33.30 -10.98
N ASP E 147 -12.71 -32.10 -10.46
CA ASP E 147 -13.91 -31.73 -9.69
C ASP E 147 -15.23 -32.14 -10.33
N TYR E 148 -15.45 -31.70 -11.57
CA TYR E 148 -16.65 -32.06 -12.30
C TYR E 148 -16.37 -32.41 -13.75
N PHE E 149 -17.29 -33.17 -14.33
CA PHE E 149 -17.19 -33.66 -15.68
C PHE E 149 -17.84 -32.67 -16.65
N SER E 150 -17.15 -32.38 -17.74
CA SER E 150 -17.67 -31.50 -18.79
C SER E 150 -17.67 -32.31 -20.08
N LEU E 151 -18.59 -32.05 -20.99
CA LEU E 151 -18.66 -32.82 -22.23
C LEU E 151 -17.33 -32.86 -22.99
N PRO E 152 -16.60 -33.97 -22.88
CA PRO E 152 -15.29 -34.16 -23.53
C PRO E 152 -15.33 -34.34 -25.04
N VAL E 153 -16.21 -35.21 -25.52
CA VAL E 153 -16.32 -35.47 -26.95
C VAL E 153 -17.76 -35.51 -27.43
N SER E 154 -17.97 -35.21 -28.71
CA SER E 154 -19.31 -35.21 -29.30
C SER E 154 -19.77 -36.64 -29.55
N ALA E 155 -21.07 -36.86 -29.39
CA ALA E 155 -21.65 -38.18 -29.63
C ALA E 155 -21.89 -38.26 -31.14
N ARG E 156 -20.79 -38.29 -31.90
CA ARG E 156 -20.85 -38.33 -33.35
C ARG E 156 -21.89 -39.29 -33.92
N ASP E 157 -21.82 -40.55 -33.51
CA ASP E 157 -22.75 -41.55 -33.99
C ASP E 157 -24.23 -41.12 -33.95
N ILE E 158 -24.62 -40.37 -32.93
CA ILE E 158 -26.00 -39.92 -32.79
C ILE E 158 -26.36 -38.83 -33.81
N ALA E 159 -25.43 -38.49 -34.69
CA ALA E 159 -25.66 -37.47 -35.70
C ALA E 159 -26.92 -37.76 -36.52
N GLY E 160 -27.79 -36.76 -36.63
CA GLY E 160 -29.03 -36.91 -37.39
C GLY E 160 -29.74 -38.23 -37.16
N GLN E 161 -29.72 -38.71 -35.92
CA GLN E 161 -30.38 -39.98 -35.58
C GLN E 161 -31.25 -39.82 -34.35
N GLY E 162 -31.04 -38.72 -33.63
CA GLY E 162 -31.81 -38.44 -32.44
C GLY E 162 -31.25 -37.20 -31.78
N ALA E 163 -31.73 -36.88 -30.58
CA ALA E 163 -31.26 -35.71 -29.86
C ALA E 163 -29.85 -35.95 -29.30
N GLN E 164 -28.84 -35.79 -30.15
CA GLN E 164 -27.47 -36.01 -29.76
C GLN E 164 -27.10 -35.27 -28.48
N ASP E 165 -27.57 -34.04 -28.35
CA ASP E 165 -27.28 -33.21 -27.19
C ASP E 165 -27.99 -33.73 -25.94
N VAL E 166 -29.08 -34.46 -26.13
CA VAL E 166 -29.79 -35.02 -25.00
C VAL E 166 -29.07 -36.31 -24.61
N HIS E 167 -28.49 -36.99 -25.59
CA HIS E 167 -27.75 -38.19 -25.30
C HIS E 167 -26.54 -37.71 -24.48
N GLU E 168 -25.90 -36.66 -25.00
CA GLU E 168 -24.74 -36.05 -24.37
C GLU E 168 -25.07 -35.52 -22.97
N THR E 169 -26.27 -35.83 -22.49
CA THR E 169 -26.68 -35.38 -21.16
C THR E 169 -26.80 -36.53 -20.18
N LEU E 170 -27.41 -37.64 -20.60
CA LEU E 170 -27.57 -38.77 -19.70
C LEU E 170 -26.33 -39.65 -19.66
N THR E 171 -25.75 -39.95 -20.83
CA THR E 171 -24.56 -40.78 -20.86
C THR E 171 -23.59 -40.26 -19.81
N PRO E 172 -23.31 -38.94 -19.82
CA PRO E 172 -22.39 -38.38 -18.82
C PRO E 172 -22.99 -38.53 -17.42
N LEU E 173 -24.15 -37.92 -17.21
CA LEU E 173 -24.82 -37.99 -15.91
C LEU E 173 -24.82 -39.38 -15.29
N ALA E 174 -24.87 -40.40 -16.12
CA ALA E 174 -24.89 -41.77 -15.61
C ALA E 174 -23.49 -42.28 -15.29
N ASN E 175 -22.63 -42.31 -16.32
CA ASN E 175 -21.26 -42.81 -16.20
C ASN E 175 -20.32 -42.10 -15.21
N THR E 176 -20.85 -41.16 -14.43
CA THR E 176 -20.06 -40.44 -13.43
C THR E 176 -20.96 -39.83 -12.37
N ALA E 177 -20.50 -39.84 -11.12
CA ALA E 177 -21.28 -39.28 -10.03
C ALA E 177 -20.95 -37.80 -9.79
N LYS E 178 -20.11 -37.24 -10.66
CA LYS E 178 -19.68 -35.84 -10.55
C LYS E 178 -20.52 -34.89 -11.42
N HIS E 179 -20.84 -33.72 -10.88
CA HIS E 179 -21.63 -32.70 -11.57
C HIS E 179 -21.32 -32.64 -13.06
N PHE E 180 -22.35 -32.37 -13.87
CA PHE E 180 -22.16 -32.27 -15.32
C PHE E 180 -22.29 -30.86 -15.86
N HIS E 181 -21.40 -30.53 -16.79
CA HIS E 181 -21.36 -29.21 -17.43
C HIS E 181 -21.38 -29.47 -18.93
N HIS E 182 -22.57 -29.36 -19.53
CA HIS E 182 -22.74 -29.60 -20.95
C HIS E 182 -22.13 -28.47 -21.77
N ILE E 183 -20.96 -28.75 -22.35
CA ILE E 183 -20.23 -27.77 -23.15
C ILE E 183 -20.99 -27.39 -24.42
N ASP E 184 -21.66 -28.35 -25.03
CA ASP E 184 -22.40 -28.13 -26.27
C ASP E 184 -23.91 -28.37 -26.10
N PRO E 185 -24.61 -27.49 -25.39
CA PRO E 185 -26.05 -27.63 -25.18
C PRO E 185 -26.85 -27.01 -26.31
N VAL E 186 -28.09 -27.45 -26.48
CA VAL E 186 -28.94 -26.91 -27.53
C VAL E 186 -30.07 -26.06 -26.95
N GLY E 187 -30.01 -24.77 -27.25
CA GLY E 187 -30.99 -23.83 -26.76
C GLY E 187 -32.41 -24.33 -26.70
N GLU E 188 -32.91 -24.86 -27.81
CA GLU E 188 -34.27 -25.36 -27.86
C GLU E 188 -34.57 -26.48 -26.86
N ASN E 189 -33.56 -27.30 -26.56
CA ASN E 189 -33.78 -28.43 -25.66
C ASN E 189 -33.41 -28.25 -24.20
N VAL E 190 -33.10 -27.03 -23.79
CA VAL E 190 -32.75 -26.81 -22.39
C VAL E 190 -33.83 -27.46 -21.54
N GLU E 191 -35.05 -27.48 -22.06
CA GLU E 191 -36.16 -28.10 -21.34
C GLU E 191 -35.78 -29.56 -21.06
N TYR E 192 -35.57 -30.33 -22.12
CA TYR E 192 -35.20 -31.74 -21.99
C TYR E 192 -34.24 -31.97 -20.84
N TYR E 193 -33.21 -31.11 -20.73
CA TYR E 193 -32.21 -31.23 -19.70
C TYR E 193 -32.82 -31.04 -18.31
N ARG E 194 -33.59 -29.97 -18.15
CA ARG E 194 -34.23 -29.70 -16.86
C ARG E 194 -34.96 -30.95 -16.40
N ASP E 195 -35.70 -31.53 -17.33
CA ASP E 195 -36.49 -32.74 -17.08
C ASP E 195 -35.60 -33.89 -16.62
N ILE E 196 -34.71 -34.32 -17.49
CA ILE E 196 -33.80 -35.43 -17.15
C ILE E 196 -33.30 -35.26 -15.73
N VAL E 197 -33.04 -34.01 -15.34
CA VAL E 197 -32.53 -33.74 -13.98
C VAL E 197 -33.64 -33.83 -12.96
N LYS E 198 -34.78 -33.21 -13.26
CA LYS E 198 -35.92 -33.24 -12.35
C LYS E 198 -36.33 -34.69 -12.10
N ALA E 199 -35.93 -35.56 -13.03
CA ALA E 199 -36.21 -36.98 -12.93
C ALA E 199 -35.37 -37.61 -11.81
N TYR E 200 -34.06 -37.41 -11.89
CA TYR E 200 -33.13 -37.94 -10.91
C TYR E 200 -33.59 -37.65 -9.48
N TYR E 201 -34.36 -36.57 -9.34
CA TYR E 201 -34.88 -36.12 -8.05
C TYR E 201 -36.31 -36.55 -7.79
N GLY E 202 -36.92 -37.20 -8.77
CA GLY E 202 -38.28 -37.64 -8.61
C GLY E 202 -39.26 -36.49 -8.75
N GLY E 203 -39.29 -35.90 -9.95
CA GLY E 203 -40.21 -34.81 -10.22
C GLY E 203 -40.16 -33.65 -9.24
N ASP E 204 -39.21 -33.66 -8.32
CA ASP E 204 -39.10 -32.57 -7.36
C ASP E 204 -38.22 -31.49 -7.98
N GLU E 205 -38.83 -30.53 -8.68
CA GLU E 205 -38.06 -29.47 -9.31
C GLU E 205 -37.21 -28.75 -8.27
N GLU E 206 -37.86 -28.22 -7.24
CA GLU E 206 -37.16 -27.51 -6.17
C GLU E 206 -35.82 -28.17 -5.84
N GLU E 207 -35.82 -29.48 -5.63
CA GLU E 207 -34.59 -30.20 -5.32
C GLU E 207 -33.55 -30.02 -6.41
N ALA E 208 -33.92 -30.31 -7.65
CA ALA E 208 -33.00 -30.18 -8.78
C ALA E 208 -32.42 -28.77 -8.90
N ARG E 209 -33.13 -27.79 -8.33
CA ARG E 209 -32.70 -26.40 -8.37
C ARG E 209 -31.83 -26.04 -7.17
N LYS E 210 -32.04 -26.76 -6.07
CA LYS E 210 -31.29 -26.56 -4.84
C LYS E 210 -29.97 -27.34 -4.92
N LYS E 211 -30.01 -28.46 -5.63
CA LYS E 211 -28.84 -29.33 -5.78
C LYS E 211 -28.53 -29.56 -7.26
N PRO E 212 -28.36 -28.48 -8.04
CA PRO E 212 -28.07 -28.64 -9.47
C PRO E 212 -26.94 -29.60 -9.84
N ILE E 213 -27.30 -30.71 -10.48
CA ILE E 213 -26.31 -31.68 -10.93
C ILE E 213 -26.07 -31.43 -12.41
N PHE E 214 -26.55 -30.28 -12.89
CA PHE E 214 -26.39 -29.91 -14.29
C PHE E 214 -26.27 -28.40 -14.49
N SER E 215 -25.42 -28.03 -15.44
CA SER E 215 -25.18 -26.64 -15.82
C SER E 215 -24.58 -26.70 -17.21
N MET E 216 -24.71 -25.62 -17.97
CA MET E 216 -24.19 -25.65 -19.32
C MET E 216 -23.45 -24.38 -19.70
N LEU E 217 -22.67 -24.49 -20.79
CA LEU E 217 -21.85 -23.42 -21.31
C LEU E 217 -22.37 -22.90 -22.65
N LEU E 218 -22.10 -21.62 -22.93
CA LEU E 218 -22.52 -21.02 -24.19
C LEU E 218 -21.47 -19.98 -24.59
N CYS E 219 -21.34 -19.70 -25.89
CA CYS E 219 -20.33 -18.76 -26.38
C CYS E 219 -20.76 -17.52 -27.16
N PRO E 220 -20.21 -16.35 -26.78
CA PRO E 220 -20.60 -15.15 -27.53
C PRO E 220 -19.78 -15.19 -28.82
N THR E 221 -20.42 -14.99 -29.97
CA THR E 221 -19.70 -15.02 -31.24
C THR E 221 -18.82 -13.78 -31.41
N SER E 222 -17.51 -14.01 -31.54
CA SER E 222 -16.59 -12.90 -31.68
C SER E 222 -16.46 -12.50 -33.15
N PRO E 223 -16.42 -11.18 -33.42
CA PRO E 223 -16.49 -10.13 -32.41
C PRO E 223 -17.89 -9.54 -32.20
N LEU E 224 -18.24 -9.34 -30.93
CA LEU E 224 -19.51 -8.73 -30.55
C LEU E 224 -20.77 -9.35 -31.15
N GLU E 225 -21.11 -10.56 -30.72
CA GLU E 225 -22.31 -11.22 -31.22
C GLU E 225 -22.89 -12.25 -30.25
N LEU E 226 -24.21 -12.27 -30.17
CA LEU E 226 -24.91 -13.22 -29.32
C LEU E 226 -25.89 -14.01 -30.18
N SER E 227 -25.40 -15.13 -30.72
CA SER E 227 -26.18 -16.00 -31.57
C SER E 227 -27.56 -16.25 -31.00
N VAL E 228 -28.42 -16.84 -31.82
CA VAL E 228 -29.76 -17.13 -31.37
C VAL E 228 -29.67 -18.19 -30.26
N ASN E 229 -28.96 -19.28 -30.53
CA ASN E 229 -28.83 -20.35 -29.56
C ASN E 229 -28.31 -19.86 -28.20
N ALA E 230 -27.26 -19.05 -28.23
CA ALA E 230 -26.67 -18.52 -27.01
C ALA E 230 -27.74 -17.86 -26.15
N CYS E 231 -28.42 -16.88 -26.72
CA CYS E 231 -29.47 -16.15 -26.02
C CYS E 231 -30.49 -17.09 -25.40
N GLN E 232 -30.82 -18.17 -26.09
CA GLN E 232 -31.81 -19.10 -25.56
C GLN E 232 -31.33 -19.93 -24.37
N VAL E 233 -30.09 -20.41 -24.42
CA VAL E 233 -29.56 -21.20 -23.31
C VAL E 233 -29.54 -20.30 -22.08
N ILE E 234 -28.97 -19.12 -22.23
CA ILE E 234 -28.88 -18.16 -21.14
C ILE E 234 -30.25 -17.92 -20.54
N ILE E 235 -31.18 -17.50 -21.40
CA ILE E 235 -32.55 -17.22 -20.99
C ILE E 235 -33.21 -18.42 -20.34
N LYS E 236 -33.30 -19.53 -21.07
CA LYS E 236 -33.91 -20.75 -20.55
C LYS E 236 -33.19 -21.20 -19.29
N GLY E 237 -31.86 -21.15 -19.33
CA GLY E 237 -31.06 -21.57 -18.18
C GLY E 237 -31.37 -20.70 -16.97
N ALA E 238 -31.37 -19.39 -17.17
CA ALA E 238 -31.64 -18.45 -16.07
C ALA E 238 -32.99 -18.78 -15.45
N ARG E 239 -33.93 -19.20 -16.29
CA ARG E 239 -35.27 -19.53 -15.84
C ARG E 239 -35.40 -20.87 -15.12
N PHE E 240 -34.75 -21.90 -15.62
CA PHE E 240 -34.85 -23.22 -14.99
C PHE E 240 -33.92 -23.42 -13.78
N GLY E 241 -33.20 -22.38 -13.37
CA GLY E 241 -32.30 -22.51 -12.23
C GLY E 241 -31.05 -23.30 -12.51
N ILE E 242 -30.71 -23.41 -13.79
CA ILE E 242 -29.53 -24.13 -14.25
C ILE E 242 -28.39 -23.13 -14.44
N PRO E 243 -27.27 -23.34 -13.72
CA PRO E 243 -26.12 -22.45 -13.83
C PRO E 243 -25.62 -22.33 -15.27
N VAL E 244 -25.32 -21.10 -15.70
CA VAL E 244 -24.86 -20.86 -17.05
C VAL E 244 -23.44 -20.29 -17.14
N ASN E 245 -22.66 -20.82 -18.06
CA ASN E 245 -21.27 -20.40 -18.27
C ASN E 245 -21.15 -19.52 -19.51
N VAL E 246 -21.03 -18.21 -19.30
CA VAL E 246 -20.91 -17.27 -20.41
C VAL E 246 -19.43 -17.22 -20.80
N LEU E 247 -19.02 -18.12 -21.68
CA LEU E 247 -17.63 -18.20 -22.10
C LEU E 247 -17.36 -17.65 -23.49
N SER E 248 -16.25 -16.93 -23.65
CA SER E 248 -15.90 -16.34 -24.93
C SER E 248 -14.75 -17.12 -25.56
N MET E 249 -14.47 -16.84 -26.83
CA MET E 249 -13.38 -17.49 -27.56
C MET E 249 -12.85 -16.64 -28.70
N ALA E 250 -12.49 -15.40 -28.39
CA ALA E 250 -11.94 -14.52 -29.40
C ALA E 250 -10.55 -15.00 -29.79
N MET E 251 -9.99 -14.39 -30.82
CA MET E 251 -8.65 -14.74 -31.28
C MET E 251 -7.83 -13.49 -31.44
N SER E 252 -6.72 -13.42 -30.71
CA SER E 252 -5.86 -12.25 -30.79
C SER E 252 -5.44 -12.20 -32.23
N GLY E 253 -5.88 -11.16 -32.94
CA GLY E 253 -5.55 -11.02 -34.35
C GLY E 253 -6.69 -11.54 -35.21
N GLY E 254 -7.42 -12.53 -34.72
CA GLY E 254 -8.53 -13.08 -35.48
C GLY E 254 -9.80 -12.26 -35.37
N SER E 255 -10.45 -12.32 -34.21
CA SER E 255 -11.70 -11.59 -33.97
C SER E 255 -11.60 -10.46 -32.94
N SER E 256 -10.36 -10.10 -32.58
CA SER E 256 -10.09 -9.05 -31.61
C SER E 256 -8.71 -8.52 -31.93
N PRO E 257 -8.30 -7.39 -31.32
CA PRO E 257 -6.97 -6.83 -31.59
C PRO E 257 -5.82 -7.83 -31.33
N VAL E 258 -4.71 -7.65 -32.03
CA VAL E 258 -3.55 -8.52 -31.86
C VAL E 258 -2.99 -8.35 -30.46
N TYR E 259 -3.22 -7.18 -29.86
CA TYR E 259 -2.75 -6.90 -28.52
C TYR E 259 -3.63 -7.63 -27.50
N LEU E 260 -3.02 -8.06 -26.39
CA LEU E 260 -3.76 -8.77 -25.34
C LEU E 260 -4.79 -7.85 -24.66
N ALA E 261 -4.39 -6.61 -24.39
CA ALA E 261 -5.27 -5.65 -23.76
C ALA E 261 -6.58 -5.54 -24.57
N GLY E 262 -6.45 -5.28 -25.86
CA GLY E 262 -7.62 -5.16 -26.72
C GLY E 262 -8.49 -6.41 -26.74
N THR E 263 -7.86 -7.58 -26.75
CA THR E 263 -8.59 -8.84 -26.78
C THR E 263 -9.51 -8.97 -25.56
N LEU E 264 -8.99 -8.63 -24.38
CA LEU E 264 -9.78 -8.72 -23.16
C LEU E 264 -11.02 -7.84 -23.24
N VAL E 265 -10.93 -6.74 -23.98
CA VAL E 265 -12.05 -5.81 -24.14
C VAL E 265 -13.16 -6.46 -24.94
N THR E 266 -12.81 -6.92 -26.13
CA THR E 266 -13.73 -7.60 -27.02
C THR E 266 -14.40 -8.70 -26.19
N HIS E 267 -13.57 -9.49 -25.55
CA HIS E 267 -14.01 -10.56 -24.66
C HIS E 267 -14.94 -10.01 -23.59
N ASN E 268 -14.47 -9.00 -22.87
CA ASN E 268 -15.24 -8.40 -21.80
C ASN E 268 -16.62 -7.96 -22.26
N ALA E 269 -16.67 -7.22 -23.37
CA ALA E 269 -17.95 -6.76 -23.89
C ALA E 269 -18.86 -7.97 -24.11
N GLU E 270 -18.36 -8.95 -24.86
CA GLU E 270 -19.12 -10.15 -25.17
C GLU E 270 -19.66 -10.85 -23.93
N VAL E 271 -18.78 -11.46 -23.16
CA VAL E 271 -19.19 -12.15 -21.94
C VAL E 271 -20.23 -11.35 -21.16
N LEU E 272 -19.87 -10.13 -20.80
CA LEU E 272 -20.75 -9.25 -20.05
C LEU E 272 -22.17 -9.20 -20.58
N SER E 273 -22.34 -8.69 -21.80
CA SER E 273 -23.65 -8.58 -22.39
C SER E 273 -24.46 -9.87 -22.19
N GLY E 274 -23.80 -11.01 -22.35
CA GLY E 274 -24.51 -12.26 -22.17
C GLY E 274 -24.99 -12.32 -20.74
N ILE E 275 -24.14 -11.89 -19.81
CA ILE E 275 -24.46 -11.89 -18.39
C ILE E 275 -25.56 -10.88 -18.10
N VAL E 276 -25.42 -9.66 -18.59
CA VAL E 276 -26.44 -8.64 -18.40
C VAL E 276 -27.76 -9.21 -18.89
N LEU E 277 -27.70 -10.00 -19.95
CA LEU E 277 -28.89 -10.64 -20.54
C LEU E 277 -29.50 -11.65 -19.57
N ALA E 278 -28.67 -12.48 -18.96
CA ALA E 278 -29.15 -13.48 -18.01
C ALA E 278 -29.69 -12.82 -16.75
N GLN E 279 -29.05 -11.74 -16.32
CA GLN E 279 -29.49 -11.04 -15.11
C GLN E 279 -30.82 -10.31 -15.30
N LEU E 280 -31.11 -9.92 -16.54
CA LEU E 280 -32.37 -9.25 -16.86
C LEU E 280 -33.45 -10.34 -16.94
N THR E 281 -33.12 -11.44 -17.61
CA THR E 281 -34.04 -12.56 -17.75
C THR E 281 -34.49 -13.03 -16.36
N VAL E 282 -33.56 -13.13 -15.43
CA VAL E 282 -33.86 -13.55 -14.06
C VAL E 282 -32.86 -12.95 -13.10
N PRO E 283 -33.31 -12.08 -12.18
CA PRO E 283 -32.37 -11.48 -11.23
C PRO E 283 -31.75 -12.52 -10.30
N GLY E 284 -30.42 -12.53 -10.24
CA GLY E 284 -29.72 -13.46 -9.38
C GLY E 284 -29.43 -14.81 -10.00
N ALA E 285 -29.38 -14.87 -11.32
CA ALA E 285 -29.11 -16.13 -11.99
C ALA E 285 -27.64 -16.49 -11.80
N LYS E 286 -27.37 -17.78 -11.63
CA LYS E 286 -26.00 -18.28 -11.44
C LYS E 286 -25.25 -18.25 -12.77
N VAL E 287 -24.43 -17.23 -12.99
CA VAL E 287 -23.67 -17.12 -14.24
C VAL E 287 -22.18 -17.27 -13.98
N TRP E 288 -21.44 -17.52 -15.05
CA TRP E 288 -19.98 -17.66 -14.99
C TRP E 288 -19.38 -16.62 -15.91
N TYR E 289 -18.28 -16.01 -15.49
CA TYR E 289 -17.59 -15.04 -16.32
C TYR E 289 -16.48 -15.91 -16.91
N GLY E 290 -16.79 -16.62 -18.00
CA GLY E 290 -15.82 -17.51 -18.60
C GLY E 290 -15.01 -17.09 -19.82
N SER E 291 -14.05 -17.93 -20.18
CA SER E 291 -13.21 -17.64 -21.32
C SER E 291 -12.29 -18.77 -21.75
N SER E 292 -12.01 -18.77 -23.03
CA SER E 292 -11.13 -19.74 -23.67
C SER E 292 -10.55 -18.96 -24.83
N THR E 293 -10.47 -17.65 -24.65
CA THR E 293 -9.92 -16.77 -25.66
C THR E 293 -8.43 -16.95 -25.64
N THR E 294 -7.82 -17.07 -26.81
CA THR E 294 -6.39 -17.24 -26.93
C THR E 294 -5.92 -16.35 -28.07
N THR E 295 -4.67 -16.49 -28.49
CA THR E 295 -4.17 -15.69 -29.57
C THR E 295 -4.15 -16.51 -30.86
N PHE E 296 -4.14 -15.80 -31.99
CA PHE E 296 -4.09 -16.44 -33.30
C PHE E 296 -2.62 -16.44 -33.69
N ASP E 297 -2.24 -17.27 -34.65
CA ASP E 297 -0.85 -17.31 -35.09
C ASP E 297 -0.78 -16.73 -36.50
N LEU E 298 -0.50 -15.44 -36.59
CA LEU E 298 -0.45 -14.76 -37.88
C LEU E 298 0.60 -15.29 -38.85
N LYS E 299 1.14 -16.47 -38.54
CA LYS E 299 2.12 -17.11 -39.39
C LYS E 299 1.70 -18.54 -39.63
N LYS E 300 1.65 -19.35 -38.57
CA LYS E 300 1.24 -20.75 -38.69
C LYS E 300 -0.26 -20.90 -38.99
N GLY E 301 -0.93 -19.78 -39.25
CA GLY E 301 -2.35 -19.79 -39.59
C GLY E 301 -3.35 -20.47 -38.66
N THR E 302 -2.96 -20.73 -37.42
CA THR E 302 -3.87 -21.35 -36.45
C THR E 302 -3.93 -20.56 -35.13
N ALA E 303 -4.66 -21.08 -34.15
CA ALA E 303 -4.76 -20.42 -32.84
C ALA E 303 -4.25 -21.37 -31.79
N PRO E 304 -2.97 -21.26 -31.46
CA PRO E 304 -2.39 -22.15 -30.44
C PRO E 304 -3.13 -21.97 -29.13
N VAL E 305 -3.49 -23.10 -28.52
CA VAL E 305 -4.21 -23.07 -27.26
C VAL E 305 -3.35 -23.73 -26.18
N GLY E 306 -2.04 -23.76 -26.42
CA GLY E 306 -1.11 -24.32 -25.47
C GLY E 306 -0.02 -23.27 -25.36
N SER E 307 -0.32 -22.13 -25.98
CA SER E 307 0.59 -20.99 -26.04
C SER E 307 0.63 -20.18 -24.76
N PRO E 308 1.61 -19.28 -24.65
CA PRO E 308 1.72 -18.45 -23.45
C PRO E 308 0.57 -17.45 -23.40
N GLU E 309 -0.05 -17.20 -24.56
CA GLU E 309 -1.17 -16.26 -24.61
C GLU E 309 -2.46 -16.82 -24.03
N LEU E 310 -2.70 -18.12 -24.19
CA LEU E 310 -3.90 -18.69 -23.59
C LEU E 310 -3.72 -18.57 -22.08
N GLY E 311 -2.54 -19.00 -21.62
CA GLY E 311 -2.22 -18.94 -20.21
C GLY E 311 -2.39 -17.57 -19.61
N LEU E 312 -1.93 -16.55 -20.33
CA LEU E 312 -2.03 -15.17 -19.87
C LEU E 312 -3.47 -14.69 -19.86
N ILE E 313 -4.17 -14.87 -20.97
CA ILE E 313 -5.54 -14.41 -21.06
C ILE E 313 -6.40 -15.06 -19.99
N SER E 314 -6.45 -16.39 -19.97
CA SER E 314 -7.26 -17.08 -18.97
C SER E 314 -6.97 -16.53 -17.58
N ALA E 315 -5.69 -16.25 -17.32
CA ALA E 315 -5.24 -15.71 -16.03
C ALA E 315 -5.74 -14.28 -15.86
N ALA E 316 -5.67 -13.51 -16.94
CA ALA E 316 -6.12 -12.11 -16.94
C ALA E 316 -7.64 -12.04 -16.79
N VAL E 317 -8.31 -13.12 -17.14
CA VAL E 317 -9.77 -13.17 -17.03
C VAL E 317 -10.13 -13.53 -15.59
N ALA E 318 -9.30 -14.37 -14.97
CA ALA E 318 -9.52 -14.77 -13.60
C ALA E 318 -9.52 -13.50 -12.76
N LYS E 319 -8.53 -12.66 -12.99
CA LYS E 319 -8.43 -11.40 -12.25
C LYS E 319 -9.61 -10.51 -12.61
N LEU E 320 -9.99 -10.48 -13.88
CA LEU E 320 -11.13 -9.67 -14.32
C LEU E 320 -12.39 -10.13 -13.59
N ALA E 321 -12.65 -11.43 -13.64
CA ALA E 321 -13.81 -12.00 -12.98
C ALA E 321 -13.84 -11.59 -11.52
N GLN E 322 -12.67 -11.56 -10.90
CA GLN E 322 -12.51 -11.18 -9.49
C GLN E 322 -12.86 -9.70 -9.26
N PHE E 323 -12.61 -8.89 -10.29
CA PHE E 323 -12.86 -7.46 -10.28
C PHE E 323 -14.35 -7.17 -10.27
N TYR E 324 -15.10 -7.97 -11.02
CA TYR E 324 -16.55 -7.78 -11.12
C TYR E 324 -17.32 -8.54 -10.08
N GLY E 325 -16.64 -9.41 -9.34
CA GLY E 325 -17.29 -10.18 -8.30
C GLY E 325 -18.04 -11.36 -8.87
N LEU E 326 -17.39 -12.06 -9.79
CA LEU E 326 -17.98 -13.21 -10.46
C LEU E 326 -17.02 -14.39 -10.65
N PRO E 327 -17.52 -15.63 -10.52
CA PRO E 327 -16.71 -16.83 -10.70
C PRO E 327 -16.10 -16.91 -12.10
N SER E 328 -14.90 -17.48 -12.19
CA SER E 328 -14.20 -17.60 -13.45
C SER E 328 -14.05 -19.04 -13.91
N TYR E 329 -14.29 -19.25 -15.19
CA TYR E 329 -14.20 -20.55 -15.83
C TYR E 329 -13.32 -20.27 -17.05
N VAL E 330 -12.01 -20.42 -16.90
CA VAL E 330 -11.11 -20.15 -18.01
C VAL E 330 -10.43 -21.39 -18.56
N ALA E 331 -9.99 -21.29 -19.82
CA ALA E 331 -9.31 -22.38 -20.49
C ALA E 331 -7.94 -22.58 -19.85
N GLY E 332 -7.54 -23.83 -19.66
CA GLY E 332 -6.25 -24.09 -19.05
C GLY E 332 -5.89 -25.55 -19.06
N SER E 333 -4.60 -25.83 -19.26
CA SER E 333 -4.11 -27.20 -19.32
C SER E 333 -4.45 -27.76 -20.70
N LYS E 334 -4.13 -26.99 -21.73
CA LYS E 334 -4.38 -27.39 -23.11
C LYS E 334 -3.06 -27.41 -23.85
N SER E 335 -3.04 -28.12 -24.97
CA SER E 335 -1.83 -28.19 -25.78
C SER E 335 -2.23 -28.20 -27.24
N ASP E 336 -1.28 -27.97 -28.12
CA ASP E 336 -1.53 -27.98 -29.55
C ASP E 336 -0.80 -29.19 -30.14
N ALA E 337 -0.17 -29.94 -29.24
CA ALA E 337 0.56 -31.14 -29.63
C ALA E 337 -0.43 -32.20 -30.11
N LYS E 338 -0.04 -32.95 -31.12
CA LYS E 338 -0.90 -33.99 -31.69
C LYS E 338 -0.78 -35.33 -30.98
N VAL E 339 0.00 -35.37 -29.91
CA VAL E 339 0.21 -36.59 -29.14
C VAL E 339 0.94 -36.23 -27.83
N PRO E 340 0.63 -36.92 -26.72
CA PRO E 340 1.23 -36.70 -25.39
C PRO E 340 2.75 -36.72 -25.32
N ASP E 341 3.38 -35.70 -25.89
CA ASP E 341 4.83 -35.60 -25.91
C ASP E 341 5.37 -34.49 -25.02
N ASP E 342 6.67 -34.27 -25.16
CA ASP E 342 7.39 -33.23 -24.43
C ASP E 342 6.56 -31.94 -24.55
N GLN E 343 6.24 -31.57 -25.79
CA GLN E 343 5.45 -30.38 -26.05
C GLN E 343 4.17 -30.35 -25.26
N ALA E 344 3.43 -31.45 -25.31
CA ALA E 344 2.18 -31.53 -24.58
C ALA E 344 2.44 -31.13 -23.14
N GLY E 345 3.22 -31.96 -22.44
CA GLY E 345 3.54 -31.71 -21.05
C GLY E 345 3.87 -30.27 -20.71
N HIS E 346 4.66 -29.65 -21.56
CA HIS E 346 5.04 -28.26 -21.37
C HIS E 346 3.81 -27.36 -21.48
N GLU E 347 3.25 -27.27 -22.68
CA GLU E 347 2.09 -26.42 -22.93
C GLU E 347 1.01 -26.60 -21.89
N LYS E 348 0.68 -27.85 -21.56
CA LYS E 348 -0.34 -28.12 -20.55
C LYS E 348 -0.02 -27.31 -19.29
N THR E 349 1.21 -27.46 -18.80
CA THR E 349 1.67 -26.76 -17.58
C THR E 349 1.69 -25.24 -17.76
N MET E 350 2.21 -24.80 -18.89
CA MET E 350 2.31 -23.37 -19.20
C MET E 350 0.95 -22.68 -19.30
N THR E 351 -0.11 -23.46 -19.43
CA THR E 351 -1.45 -22.89 -19.54
C THR E 351 -2.38 -23.24 -18.37
N THR E 352 -1.86 -23.95 -17.38
CA THR E 352 -2.66 -24.30 -16.21
C THR E 352 -2.10 -23.61 -14.99
N LEU E 353 -0.80 -23.33 -15.06
CA LEU E 353 -0.10 -22.70 -13.97
C LEU E 353 -0.52 -21.24 -13.86
N LEU E 354 -0.29 -20.48 -14.94
CA LEU E 354 -0.67 -19.08 -14.98
C LEU E 354 -2.08 -18.88 -14.38
N PRO E 355 -3.12 -19.55 -14.93
CA PRO E 355 -4.46 -19.36 -14.35
C PRO E 355 -4.54 -19.72 -12.86
N ALA E 356 -4.18 -20.95 -12.52
CA ALA E 356 -4.23 -21.42 -11.13
C ALA E 356 -3.69 -20.41 -10.13
N LEU E 357 -2.46 -19.97 -10.36
CA LEU E 357 -1.83 -19.01 -9.48
C LEU E 357 -2.64 -17.74 -9.41
N ALA E 358 -3.20 -17.35 -10.56
CA ALA E 358 -4.02 -16.14 -10.64
C ALA E 358 -5.38 -16.29 -9.97
N GLY E 359 -5.71 -17.51 -9.54
CA GLY E 359 -6.97 -17.75 -8.86
C GLY E 359 -8.15 -18.16 -9.72
N ALA E 360 -7.88 -18.84 -10.82
CA ALA E 360 -8.95 -19.29 -11.70
C ALA E 360 -9.88 -20.18 -10.91
N ASN E 361 -11.18 -19.90 -10.95
CA ASN E 361 -12.15 -20.70 -10.20
C ASN E 361 -12.37 -22.08 -10.79
N THR E 362 -12.10 -22.20 -12.09
CA THR E 362 -12.23 -23.47 -12.81
C THR E 362 -11.41 -23.41 -14.09
N ILE E 363 -10.37 -24.24 -14.16
CA ILE E 363 -9.51 -24.29 -15.32
C ILE E 363 -9.86 -25.55 -16.10
N TYR E 364 -10.40 -25.37 -17.31
CA TYR E 364 -10.78 -26.52 -18.11
C TYR E 364 -9.85 -26.76 -19.32
N GLY E 365 -9.54 -28.02 -19.57
CA GLY E 365 -8.68 -28.40 -20.68
C GLY E 365 -7.95 -29.72 -20.50
N ALA E 366 -8.25 -30.42 -19.40
CA ALA E 366 -7.61 -31.70 -19.09
C ALA E 366 -7.88 -32.80 -20.10
N GLY E 367 -6.83 -33.52 -20.48
CA GLY E 367 -6.97 -34.61 -21.42
C GLY E 367 -6.99 -34.17 -22.88
N MET E 368 -7.16 -32.87 -23.10
CA MET E 368 -7.21 -32.35 -24.46
C MET E 368 -5.88 -32.44 -25.17
N LEU E 369 -5.92 -32.27 -26.49
CA LEU E 369 -4.73 -32.30 -27.34
C LEU E 369 -5.11 -31.83 -28.73
N GLU E 370 -4.11 -31.42 -29.52
CA GLU E 370 -4.36 -30.98 -30.88
C GLU E 370 -5.32 -29.79 -30.97
N LEU E 371 -4.95 -28.70 -30.32
CA LEU E 371 -5.76 -27.47 -30.32
C LEU E 371 -7.24 -27.67 -30.08
N GLY E 372 -7.61 -28.62 -29.23
CA GLY E 372 -9.01 -28.84 -28.92
C GLY E 372 -9.83 -29.78 -29.79
N MET E 373 -9.17 -30.51 -30.69
CA MET E 373 -9.85 -31.43 -31.59
C MET E 373 -9.99 -32.83 -30.99
N THR E 374 -8.97 -33.26 -30.26
CA THR E 374 -8.94 -34.60 -29.67
C THR E 374 -8.85 -34.64 -28.14
N PHE E 375 -9.29 -35.76 -27.58
CA PHE E 375 -9.26 -36.02 -26.15
C PHE E 375 -8.40 -37.28 -25.96
N SER E 376 -7.50 -37.26 -25.00
CA SER E 376 -6.62 -38.40 -24.77
C SER E 376 -6.56 -38.89 -23.34
N MET E 377 -7.27 -39.99 -23.07
CA MET E 377 -7.32 -40.57 -21.73
C MET E 377 -5.93 -40.67 -21.11
N GLU E 378 -4.92 -40.83 -21.95
CA GLU E 378 -3.56 -40.93 -21.45
C GLU E 378 -3.16 -39.56 -20.90
N GLN E 379 -3.43 -38.52 -21.66
CA GLN E 379 -3.10 -37.18 -21.24
C GLN E 379 -3.90 -36.86 -19.98
N LEU E 380 -5.19 -37.22 -19.99
CA LEU E 380 -6.05 -36.96 -18.85
C LEU E 380 -5.40 -37.36 -17.53
N VAL E 381 -5.04 -38.63 -17.39
CA VAL E 381 -4.41 -39.10 -16.15
C VAL E 381 -3.11 -38.35 -15.90
N ILE E 382 -2.39 -38.04 -16.97
CA ILE E 382 -1.15 -37.28 -16.82
C ILE E 382 -1.55 -35.94 -16.26
N ASP E 383 -2.31 -35.18 -17.05
CA ASP E 383 -2.78 -33.87 -16.64
C ASP E 383 -3.28 -33.90 -15.19
N ASN E 384 -4.12 -34.87 -14.85
CA ASN E 384 -4.63 -34.95 -13.49
C ASN E 384 -3.49 -34.93 -12.48
N ASP E 385 -2.42 -35.66 -12.79
CA ASP E 385 -1.26 -35.72 -11.90
C ASP E 385 -0.52 -34.37 -11.87
N ILE E 386 -0.46 -33.70 -13.02
CA ILE E 386 0.20 -32.41 -13.07
C ILE E 386 -0.45 -31.49 -12.06
N PHE E 387 -1.77 -31.49 -12.05
CA PHE E 387 -2.52 -30.66 -11.12
C PHE E 387 -2.13 -30.87 -9.67
N SER E 388 -1.80 -32.11 -9.30
CA SER E 388 -1.39 -32.39 -7.92
C SER E 388 -0.16 -31.57 -7.61
N MET E 389 0.76 -31.51 -8.57
CA MET E 389 1.99 -30.75 -8.43
C MET E 389 1.69 -29.25 -8.33
N VAL E 390 0.66 -28.81 -9.07
CA VAL E 390 0.27 -27.41 -9.08
C VAL E 390 -0.32 -27.03 -7.72
N LYS E 391 -0.76 -28.05 -6.96
CA LYS E 391 -1.36 -27.80 -5.66
C LYS E 391 -0.32 -27.61 -4.59
N LYS E 392 0.79 -28.32 -4.70
CA LYS E 392 1.87 -28.17 -3.72
C LYS E 392 2.42 -26.79 -3.97
N ALA E 393 2.55 -26.46 -5.24
CA ALA E 393 3.06 -25.17 -5.68
C ALA E 393 2.22 -24.03 -5.13
N MET E 394 0.91 -24.22 -5.04
CA MET E 394 0.02 -23.18 -4.54
C MET E 394 0.03 -23.04 -3.01
N GLN E 395 0.91 -23.79 -2.37
CA GLN E 395 1.06 -23.74 -0.93
C GLN E 395 2.09 -22.63 -0.66
N GLY E 396 2.90 -22.35 -1.68
CA GLY E 396 3.93 -21.33 -1.55
C GLY E 396 4.82 -21.60 -0.36
N ILE E 397 5.24 -20.54 0.32
CA ILE E 397 6.06 -20.71 1.49
C ILE E 397 5.31 -20.33 2.75
N PRO E 398 5.05 -21.36 3.56
CA PRO E 398 4.35 -21.19 4.84
C PRO E 398 5.41 -20.74 5.82
N VAL E 399 5.35 -19.48 6.19
CA VAL E 399 6.33 -18.89 7.11
C VAL E 399 5.81 -18.75 8.54
N SER E 400 6.28 -19.64 9.42
CA SER E 400 5.88 -19.64 10.84
C SER E 400 6.96 -20.26 11.74
N GLU E 401 6.90 -19.98 13.04
CA GLU E 401 7.86 -20.52 13.99
C GLU E 401 8.05 -22.03 13.83
N GLU E 402 6.95 -22.75 13.60
CA GLU E 402 7.01 -24.20 13.44
C GLU E 402 7.69 -24.58 12.12
N THR E 403 7.40 -23.85 11.06
CA THR E 403 7.96 -24.11 9.73
C THR E 403 9.42 -23.68 9.58
N LEU E 404 9.80 -22.57 10.21
CA LEU E 404 11.19 -22.10 10.16
C LEU E 404 11.99 -23.16 10.91
N ALA E 405 11.33 -23.75 11.90
CA ALA E 405 11.87 -24.83 12.73
C ALA E 405 13.35 -24.75 13.01
N VAL E 406 13.75 -23.76 13.78
CA VAL E 406 15.14 -23.60 14.12
C VAL E 406 15.65 -24.63 15.14
N GLU E 407 14.86 -24.89 16.18
CA GLU E 407 15.24 -25.86 17.18
C GLU E 407 15.51 -27.17 16.47
N SER E 408 14.87 -27.32 15.32
CA SER E 408 15.03 -28.50 14.49
C SER E 408 16.43 -28.44 13.86
N ILE E 409 16.74 -27.34 13.17
CA ILE E 409 18.04 -27.18 12.52
C ILE E 409 19.15 -27.31 13.55
N GLN E 410 18.87 -26.87 14.77
CA GLN E 410 19.82 -26.91 15.88
C GLN E 410 19.98 -28.31 16.44
N LYS E 411 18.87 -28.90 16.86
CA LYS E 411 18.88 -30.26 17.39
C LYS E 411 19.70 -31.13 16.45
N VAL E 412 19.38 -31.13 15.15
CA VAL E 412 20.13 -31.93 14.19
C VAL E 412 21.59 -31.53 14.27
N GLY E 413 21.85 -30.24 14.06
CA GLY E 413 23.22 -29.73 14.14
C GLY E 413 24.02 -29.77 12.86
N ILE E 414 25.21 -29.19 12.94
CA ILE E 414 26.12 -29.14 11.80
C ILE E 414 26.39 -30.50 11.18
N GLY E 415 26.46 -30.53 9.85
CA GLY E 415 26.75 -31.74 9.11
C GLY E 415 26.05 -33.05 9.43
N ASN E 416 24.74 -33.01 9.64
CA ASN E 416 23.98 -34.22 9.94
C ASN E 416 22.76 -34.39 9.04
N ASN E 417 21.91 -35.37 9.35
CA ASN E 417 20.74 -35.58 8.52
C ASN E 417 19.44 -35.57 9.32
N PHE E 418 18.42 -34.98 8.72
CA PHE E 418 17.11 -34.89 9.34
C PHE E 418 16.27 -36.14 9.08
N LEU E 419 16.76 -37.01 8.20
CA LEU E 419 16.04 -38.25 7.85
C LEU E 419 15.66 -39.06 9.09
N ALA E 420 16.45 -38.93 10.14
CA ALA E 420 16.22 -39.64 11.38
C ALA E 420 15.07 -39.01 12.17
N LEU E 421 15.36 -37.89 12.83
CA LEU E 421 14.41 -37.11 13.66
C LEU E 421 12.92 -37.44 13.52
N LYS E 422 12.21 -37.43 14.65
CA LYS E 422 10.78 -37.75 14.67
C LYS E 422 9.94 -36.80 13.84
N GLN E 423 10.17 -35.49 13.99
CA GLN E 423 9.41 -34.51 13.24
C GLN E 423 9.46 -34.86 11.75
N THR E 424 10.65 -35.16 11.27
CA THR E 424 10.87 -35.51 9.87
C THR E 424 9.99 -36.69 9.45
N ARG E 425 9.90 -37.70 10.30
CA ARG E 425 9.10 -38.88 9.99
C ARG E 425 7.62 -38.54 9.91
N GLN E 426 7.19 -37.65 10.79
CA GLN E 426 5.79 -37.24 10.82
C GLN E 426 5.35 -36.57 9.52
N LEU E 427 6.23 -35.78 8.92
CA LEU E 427 5.91 -35.09 7.68
C LEU E 427 6.25 -35.90 6.45
N VAL E 428 6.11 -37.23 6.55
CA VAL E 428 6.42 -38.10 5.42
C VAL E 428 5.47 -37.92 4.24
N ASP E 429 4.22 -37.58 4.53
CA ASP E 429 3.23 -37.37 3.47
C ASP E 429 3.35 -35.94 2.92
N TYR E 430 3.96 -35.06 3.71
CA TYR E 430 4.15 -33.65 3.37
C TYR E 430 4.73 -33.38 1.98
N PRO E 431 5.96 -33.82 1.72
CA PRO E 431 6.51 -33.55 0.39
C PRO E 431 5.56 -33.93 -0.73
N SER E 432 5.76 -33.33 -1.90
CA SER E 432 4.93 -33.59 -3.06
C SER E 432 5.14 -35.01 -3.56
N ASN E 433 4.06 -35.76 -3.72
CA ASN E 433 4.19 -37.13 -4.20
C ASN E 433 3.36 -37.42 -5.45
N PRO E 434 3.94 -37.21 -6.64
CA PRO E 434 3.24 -37.47 -7.90
C PRO E 434 2.71 -38.90 -7.98
N MET E 435 1.93 -39.19 -9.02
CA MET E 435 1.36 -40.51 -9.19
C MET E 435 2.01 -41.24 -10.36
N LEU E 436 2.42 -40.48 -11.38
CA LEU E 436 3.03 -41.09 -12.57
C LEU E 436 4.41 -40.54 -12.88
N LEU E 437 4.76 -39.38 -12.32
CA LEU E 437 6.07 -38.80 -12.58
C LEU E 437 7.17 -39.70 -12.02
N ASP E 438 8.10 -40.11 -12.87
CA ASP E 438 9.17 -41.00 -12.41
C ASP E 438 10.33 -40.30 -11.73
N ARG E 439 10.43 -40.50 -10.42
CA ARG E 439 11.49 -39.92 -9.62
C ARG E 439 12.51 -40.99 -9.23
N HIS E 440 12.52 -42.09 -9.98
CA HIS E 440 13.44 -43.19 -9.73
C HIS E 440 14.76 -43.02 -10.46
N MET E 441 15.81 -43.64 -9.92
CA MET E 441 17.12 -43.58 -10.53
C MET E 441 16.99 -44.33 -11.83
N PHE E 442 17.89 -44.08 -12.77
CA PHE E 442 17.83 -44.77 -14.06
C PHE E 442 17.76 -46.28 -13.85
N GLY E 443 18.35 -46.76 -12.77
CA GLY E 443 18.33 -48.19 -12.49
C GLY E 443 16.92 -48.75 -12.52
N ASP E 444 16.20 -48.54 -11.42
CA ASP E 444 14.82 -49.02 -11.27
C ASP E 444 13.98 -48.78 -12.53
N TRP E 445 14.04 -47.56 -13.04
CA TRP E 445 13.29 -47.18 -14.24
C TRP E 445 13.51 -48.14 -15.39
N ALA E 446 14.78 -48.32 -15.75
CA ALA E 446 15.18 -49.21 -16.84
C ALA E 446 14.69 -50.64 -16.61
N ALA E 447 14.87 -51.12 -15.39
CA ALA E 447 14.47 -52.47 -15.00
C ALA E 447 12.97 -52.60 -14.75
N ALA E 448 12.20 -51.63 -15.24
CA ALA E 448 10.75 -51.64 -15.07
C ALA E 448 10.09 -51.49 -16.43
N GLY E 449 10.93 -51.43 -17.47
CA GLY E 449 10.43 -51.30 -18.83
C GLY E 449 11.04 -50.12 -19.57
N SER E 450 11.41 -49.08 -18.82
CA SER E 450 11.97 -47.87 -19.42
C SER E 450 10.84 -47.30 -20.24
N LYS E 451 9.70 -47.08 -19.58
CA LYS E 451 8.50 -46.57 -20.22
C LYS E 451 8.31 -45.07 -20.04
N ASP E 452 8.08 -44.36 -21.15
CA ASP E 452 7.87 -42.92 -21.10
C ASP E 452 6.51 -42.64 -20.46
N LEU E 453 6.43 -41.55 -19.70
CA LEU E 453 5.19 -41.17 -19.02
C LEU E 453 3.95 -41.48 -19.88
N ALA E 454 4.08 -41.26 -21.18
CA ALA E 454 2.98 -41.51 -22.10
C ALA E 454 2.39 -42.88 -21.84
N THR E 455 3.18 -43.91 -22.09
CA THR E 455 2.71 -45.29 -21.88
C THR E 455 2.31 -45.54 -20.43
N VAL E 456 3.20 -45.20 -19.50
CA VAL E 456 2.93 -45.36 -18.06
C VAL E 456 1.52 -44.95 -17.68
N ALA E 457 1.01 -43.91 -18.34
CA ALA E 457 -0.33 -43.40 -18.07
C ALA E 457 -1.33 -44.38 -18.66
N HIS E 458 -1.14 -44.71 -19.94
CA HIS E 458 -2.01 -45.64 -20.64
C HIS E 458 -2.33 -46.83 -19.75
N GLU E 459 -1.28 -47.41 -19.18
CA GLU E 459 -1.43 -48.57 -18.33
C GLU E 459 -2.30 -48.26 -17.13
N LYS E 460 -2.30 -46.99 -16.71
CA LYS E 460 -3.11 -46.55 -15.59
C LYS E 460 -4.54 -46.40 -16.08
N VAL E 461 -4.68 -45.86 -17.29
CA VAL E 461 -5.97 -45.67 -17.91
C VAL E 461 -6.69 -47.00 -17.91
N GLU E 462 -5.99 -48.03 -18.40
CA GLU E 462 -6.54 -49.37 -18.46
C GLU E 462 -6.98 -49.85 -17.08
N ASP E 463 -6.06 -49.80 -16.11
CA ASP E 463 -6.35 -50.22 -14.75
C ASP E 463 -7.62 -49.54 -14.22
N VAL E 464 -7.81 -48.28 -14.58
CA VAL E 464 -8.98 -47.53 -14.14
C VAL E 464 -10.23 -47.94 -14.89
N LEU E 465 -10.21 -47.78 -16.21
CA LEU E 465 -11.36 -48.12 -17.04
C LEU E 465 -11.87 -49.53 -16.77
N LYS E 466 -11.07 -50.33 -16.07
CA LYS E 466 -11.44 -51.70 -15.77
C LYS E 466 -11.95 -51.89 -14.35
N ASN E 467 -11.20 -51.44 -13.36
CA ASN E 467 -11.60 -51.66 -11.98
C ASN E 467 -12.21 -50.51 -11.18
N HIS E 468 -12.53 -49.40 -11.83
CA HIS E 468 -13.13 -48.29 -11.11
C HIS E 468 -14.64 -48.43 -11.09
N GLN E 469 -15.24 -48.17 -9.93
CA GLN E 469 -16.68 -48.27 -9.78
C GLN E 469 -17.33 -46.90 -9.70
N VAL E 470 -18.32 -46.67 -10.55
CA VAL E 470 -19.04 -45.40 -10.54
C VAL E 470 -20.27 -45.65 -9.65
N THR E 471 -20.89 -44.59 -9.16
CA THR E 471 -22.06 -44.74 -8.31
C THR E 471 -23.31 -44.63 -9.18
N PRO E 472 -23.85 -45.79 -9.61
CA PRO E 472 -25.04 -45.88 -10.47
C PRO E 472 -26.29 -45.19 -9.94
N ILE E 473 -27.16 -44.80 -10.89
CA ILE E 473 -28.42 -44.13 -10.59
C ILE E 473 -29.51 -45.15 -10.24
N ASP E 474 -30.37 -44.83 -9.28
CA ASP E 474 -31.41 -45.76 -8.89
C ASP E 474 -32.01 -46.40 -10.14
N ALA E 475 -32.23 -47.71 -10.08
CA ALA E 475 -32.77 -48.45 -11.21
C ALA E 475 -34.05 -47.81 -11.74
N ASP E 476 -34.99 -47.55 -10.84
CA ASP E 476 -36.27 -46.92 -11.19
C ASP E 476 -36.04 -45.63 -11.95
N ILE E 477 -35.28 -44.73 -11.33
CA ILE E 477 -34.96 -43.41 -11.89
C ILE E 477 -34.30 -43.41 -13.27
N PHE E 478 -33.25 -44.21 -13.45
CA PHE E 478 -32.56 -44.25 -14.74
C PHE E 478 -33.53 -44.37 -15.90
N LYS E 479 -34.59 -45.14 -15.69
CA LYS E 479 -35.59 -45.33 -16.73
C LYS E 479 -36.34 -44.03 -16.96
N ASP E 480 -36.68 -43.35 -15.86
CA ASP E 480 -37.39 -42.08 -15.95
C ASP E 480 -36.62 -41.13 -16.87
N MET E 481 -35.30 -41.15 -16.76
CA MET E 481 -34.44 -40.28 -17.56
C MET E 481 -34.27 -40.86 -18.96
N GLN E 482 -33.86 -42.12 -19.04
CA GLN E 482 -33.66 -42.78 -20.33
C GLN E 482 -34.91 -42.54 -21.17
N ALA E 483 -36.05 -42.48 -20.49
CA ALA E 483 -37.34 -42.22 -21.13
C ALA E 483 -37.26 -40.88 -21.86
N ILE E 484 -37.13 -39.82 -21.07
CA ILE E 484 -37.05 -38.45 -21.59
C ILE E 484 -36.12 -38.36 -22.80
N VAL E 485 -35.07 -39.17 -22.80
CA VAL E 485 -34.12 -39.19 -23.89
C VAL E 485 -34.80 -39.70 -25.16
N ASP E 486 -35.58 -40.77 -25.01
CA ASP E 486 -36.29 -41.35 -26.13
C ASP E 486 -37.35 -40.39 -26.66
N LYS E 487 -38.02 -39.71 -25.74
CA LYS E 487 -39.04 -38.73 -26.11
C LYS E 487 -38.37 -37.70 -27.02
N ALA E 488 -37.07 -37.52 -26.81
CA ALA E 488 -36.28 -36.57 -27.58
C ALA E 488 -35.86 -37.17 -28.92
N ASP E 489 -35.41 -38.42 -28.90
CA ASP E 489 -35.01 -39.09 -30.13
C ASP E 489 -36.19 -39.13 -31.08
N LYS E 490 -37.28 -39.72 -30.61
CA LYS E 490 -38.50 -39.84 -31.41
C LYS E 490 -38.85 -38.46 -31.96
N ALA E 491 -38.97 -37.49 -31.05
CA ALA E 491 -39.28 -36.13 -31.44
C ALA E 491 -38.35 -35.64 -32.54
N PHE E 492 -37.05 -35.83 -32.37
CA PHE E 492 -36.11 -35.40 -33.41
C PHE E 492 -36.51 -36.06 -34.72
N ARG E 493 -36.62 -37.38 -34.70
CA ARG E 493 -37.00 -38.13 -35.90
C ARG E 493 -38.19 -37.48 -36.58
N GLY E 494 -39.04 -36.81 -35.81
CA GLY E 494 -40.18 -36.14 -36.39
C GLY E 494 -39.73 -34.88 -37.11
N MET E 495 -38.59 -34.97 -37.81
CA MET E 495 -38.02 -33.85 -38.56
C MET E 495 -38.87 -33.49 -39.77
N ALA F 2 -14.79 -31.97 -6.20
CA ALA F 2 -14.90 -32.21 -4.72
C ALA F 2 -14.66 -30.93 -3.90
N LYS F 3 -14.22 -31.11 -2.66
CA LYS F 3 -13.94 -29.97 -1.77
C LYS F 3 -12.60 -29.37 -2.16
N ASN F 4 -12.56 -28.05 -2.31
CA ASN F 4 -11.33 -27.36 -2.71
C ASN F 4 -10.18 -27.49 -1.72
N ASN F 5 -8.97 -27.41 -2.27
CA ASN F 5 -7.74 -27.49 -1.49
C ASN F 5 -6.62 -26.81 -2.29
N ALA F 6 -7.02 -25.84 -3.12
CA ALA F 6 -6.10 -25.09 -3.96
C ALA F 6 -6.53 -23.62 -4.02
N VAL F 7 -5.83 -22.75 -3.30
CA VAL F 7 -6.19 -21.34 -3.30
C VAL F 7 -5.04 -20.40 -3.64
N ALA F 8 -5.29 -19.51 -4.59
CA ALA F 8 -4.30 -18.56 -5.03
C ALA F 8 -3.89 -17.64 -3.89
N GLY F 9 -2.92 -16.77 -4.18
CA GLY F 9 -2.40 -15.81 -3.22
C GLY F 9 -3.49 -15.34 -2.29
N PHE F 10 -3.15 -15.18 -1.02
CA PHE F 10 -4.10 -14.77 0.01
C PHE F 10 -3.40 -13.91 1.07
N ASN F 11 -3.91 -12.71 1.32
CA ASN F 11 -3.33 -11.83 2.34
C ASN F 11 -4.07 -12.01 3.65
N ALA F 12 -3.34 -12.25 4.73
CA ALA F 12 -4.00 -12.46 5.99
C ALA F 12 -3.34 -11.68 7.10
N LEU F 13 -4.11 -11.36 8.13
CA LEU F 13 -3.59 -10.66 9.29
C LEU F 13 -3.76 -11.58 10.50
N ASN F 14 -2.59 -12.00 10.98
CA ASN F 14 -2.51 -12.87 12.13
C ASN F 14 -2.37 -12.00 13.36
N GLY F 15 -3.41 -12.03 14.19
CA GLY F 15 -3.39 -11.27 15.41
C GLY F 15 -3.97 -9.88 15.26
N VAL F 16 -3.57 -9.01 16.14
CA VAL F 16 -4.05 -7.65 16.14
C VAL F 16 -2.89 -6.72 15.86
N GLU F 17 -3.11 -5.74 14.99
CA GLU F 17 -2.08 -4.76 14.64
C GLU F 17 -2.46 -3.38 15.14
N LEU F 18 -1.51 -2.73 15.83
CA LEU F 18 -1.74 -1.40 16.38
C LEU F 18 -0.70 -0.49 15.77
N ASN F 19 -1.17 0.58 15.12
CA ASN F 19 -0.27 1.53 14.47
C ASN F 19 -0.32 2.87 15.16
N LEU F 20 0.72 3.69 14.96
CA LEU F 20 0.81 5.00 15.60
C LEU F 20 1.44 6.06 14.72
N PHE F 21 2.42 5.66 13.90
CA PHE F 21 3.13 6.58 13.02
C PHE F 21 3.16 6.07 11.59
N THR F 22 3.48 6.96 10.66
CA THR F 22 3.64 6.60 9.26
C THR F 22 5.17 6.59 9.16
N THR F 23 5.72 6.35 7.98
CA THR F 23 7.17 6.36 7.88
C THR F 23 7.63 7.80 7.92
N ASP F 24 6.89 8.68 7.25
CA ASP F 24 7.20 10.09 7.22
C ASP F 24 7.29 10.65 8.65
N GLU F 25 6.45 10.11 9.53
CA GLU F 25 6.42 10.54 10.93
C GLU F 25 7.58 9.94 11.71
N LEU F 26 8.02 8.76 11.32
CA LEU F 26 9.15 8.16 12.00
C LEU F 26 10.31 9.05 11.61
N LYS F 27 10.54 9.18 10.31
CA LYS F 27 11.63 10.02 9.83
C LYS F 27 11.59 11.36 10.56
N ALA F 28 10.41 11.92 10.74
CA ALA F 28 10.29 13.20 11.44
C ALA F 28 10.88 13.14 12.85
N ILE F 29 10.39 12.20 13.65
CA ILE F 29 10.85 12.02 15.04
C ILE F 29 12.35 11.77 15.07
N HIS F 30 12.84 11.07 14.05
CA HIS F 30 14.25 10.75 13.96
C HIS F 30 15.09 11.99 13.81
N TYR F 31 14.83 12.74 12.74
CA TYR F 31 15.58 13.97 12.47
C TYR F 31 15.70 14.86 13.70
N ALA F 32 14.58 15.12 14.37
CA ALA F 32 14.61 15.97 15.55
C ALA F 32 15.57 15.42 16.60
N THR F 33 15.79 14.11 16.59
CA THR F 33 16.70 13.46 17.53
C THR F 33 18.14 13.63 17.05
N MET F 34 18.32 13.67 15.73
CA MET F 34 19.64 13.85 15.14
C MET F 34 20.00 15.33 15.09
N GLU F 35 19.00 16.16 15.41
CA GLU F 35 19.15 17.61 15.43
C GLU F 35 19.59 17.91 16.85
N VAL F 36 18.85 17.34 17.80
CA VAL F 36 19.15 17.52 19.20
C VAL F 36 20.48 16.85 19.54
N LEU F 37 20.71 15.66 18.99
CA LEU F 37 21.95 14.95 19.27
C LEU F 37 23.19 15.76 18.89
N MET F 38 22.98 16.84 18.16
CA MET F 38 24.09 17.68 17.74
C MET F 38 24.04 19.03 18.44
N ASP F 39 22.84 19.40 18.89
CA ASP F 39 22.63 20.66 19.59
C ASP F 39 21.31 20.61 20.35
N PRO F 40 21.36 20.75 21.69
CA PRO F 40 22.56 20.96 22.51
C PRO F 40 23.62 19.88 22.44
N GLY F 41 23.23 18.65 22.77
CA GLY F 41 24.17 17.54 22.75
C GLY F 41 23.91 16.71 23.98
N ILE F 42 24.84 15.81 24.31
CA ILE F 42 24.65 14.96 25.47
C ILE F 42 25.82 15.00 26.43
N GLN F 43 25.52 15.37 27.67
CA GLN F 43 26.57 15.45 28.68
C GLN F 43 26.96 14.07 29.21
N VAL F 44 28.21 13.69 28.97
CA VAL F 44 28.75 12.43 29.45
C VAL F 44 29.66 12.71 30.64
N SER F 45 29.21 12.30 31.82
CA SER F 45 29.95 12.52 33.05
C SER F 45 31.23 11.68 33.12
N ASP F 46 31.16 10.44 32.68
CA ASP F 46 32.33 9.56 32.72
C ASP F 46 33.33 9.85 31.61
N PRO F 47 34.57 10.16 31.99
CA PRO F 47 35.65 10.47 31.05
C PRO F 47 36.10 9.29 30.19
N GLU F 48 36.05 8.07 30.74
CA GLU F 48 36.45 6.90 29.97
C GLU F 48 35.55 6.71 28.75
N ALA F 49 34.26 6.93 28.94
CA ALA F 49 33.26 6.80 27.88
C ALA F 49 33.38 8.00 26.95
N ARG F 50 33.62 9.17 27.57
CA ARG F 50 33.78 10.43 26.85
C ARG F 50 34.97 10.28 25.86
N GLN F 51 36.01 9.58 26.30
CA GLN F 51 37.17 9.36 25.44
C GLN F 51 36.72 8.53 24.25
N ILE F 52 35.92 7.50 24.51
CA ILE F 52 35.41 6.62 23.47
C ILE F 52 34.65 7.40 22.40
N PHE F 53 33.87 8.40 22.81
CA PHE F 53 33.14 9.20 21.83
C PHE F 53 34.12 9.95 20.93
N LYS F 54 34.99 10.75 21.53
CA LYS F 54 35.99 11.51 20.80
C LYS F 54 36.77 10.61 19.81
N GLU F 55 37.31 9.50 20.32
CA GLU F 55 38.08 8.56 19.52
C GLU F 55 37.41 8.27 18.19
N ASN F 56 36.08 8.13 18.21
CA ASN F 56 35.33 7.81 17.00
C ASN F 56 34.68 8.99 16.28
N GLY F 57 35.39 10.11 16.22
CA GLY F 57 34.87 11.26 15.51
C GLY F 57 33.83 12.07 16.23
N CYS F 58 33.63 11.82 17.52
CA CYS F 58 32.66 12.58 18.27
C CYS F 58 33.30 13.86 18.79
N GLU F 59 32.60 14.97 18.63
CA GLU F 59 33.10 16.25 19.11
C GLU F 59 32.80 16.39 20.61
N VAL F 60 33.85 16.36 21.42
CA VAL F 60 33.69 16.47 22.86
C VAL F 60 34.14 17.86 23.33
N ASN F 61 33.35 18.44 24.21
CA ASN F 61 33.65 19.75 24.77
C ASN F 61 34.20 19.49 26.16
N GLU F 62 35.30 18.76 26.18
CA GLU F 62 36.01 18.36 27.40
C GLU F 62 35.77 19.18 28.68
N LYS F 63 35.65 20.49 28.55
CA LYS F 63 35.41 21.34 29.72
C LYS F 63 34.01 21.12 30.29
N THR F 64 33.00 21.24 29.44
CA THR F 64 31.59 21.06 29.82
C THR F 64 31.14 19.59 29.79
N ASN F 65 31.99 18.72 29.24
CA ASN F 65 31.66 17.30 29.13
C ASN F 65 30.47 17.07 28.21
N VAL F 66 30.30 17.96 27.23
CA VAL F 66 29.20 17.84 26.28
C VAL F 66 29.59 17.22 24.95
N VAL F 67 29.16 15.98 24.75
CA VAL F 67 29.46 15.22 23.54
C VAL F 67 28.38 15.39 22.47
N LYS F 68 28.79 15.75 21.25
CA LYS F 68 27.85 15.90 20.13
C LYS F 68 27.96 14.68 19.22
N ILE F 69 26.91 13.86 19.19
CA ILE F 69 26.94 12.65 18.38
C ILE F 69 26.46 12.80 16.95
N PRO F 70 27.39 12.63 15.99
CA PRO F 70 27.08 12.76 14.57
C PRO F 70 26.10 11.69 14.12
N GLU F 71 25.15 12.08 13.30
CA GLU F 71 24.16 11.15 12.81
C GLU F 71 24.80 9.83 12.35
N TYR F 72 25.91 9.92 11.62
CA TYR F 72 26.54 8.71 11.12
C TYR F 72 26.99 7.74 12.21
N LEU F 73 27.22 8.25 13.41
CA LEU F 73 27.62 7.39 14.52
C LEU F 73 26.41 6.67 15.05
N VAL F 74 25.24 7.27 14.86
CA VAL F 74 23.99 6.67 15.27
C VAL F 74 23.76 5.53 14.25
N ARG F 75 23.83 5.86 12.96
CA ARG F 75 23.67 4.87 11.89
C ARG F 75 24.62 3.67 12.04
N LYS F 76 25.91 3.95 12.27
CA LYS F 76 26.92 2.90 12.44
C LYS F 76 26.72 2.09 13.73
N ALA F 77 26.32 2.78 14.80
CA ALA F 77 26.10 2.13 16.07
C ALA F 77 25.01 1.09 15.88
N LEU F 78 23.94 1.51 15.21
CA LEU F 78 22.80 0.65 14.94
C LEU F 78 23.12 -0.51 14.03
N GLN F 79 23.94 -0.28 13.01
CA GLN F 79 24.27 -1.38 12.13
C GLN F 79 25.01 -2.48 12.89
N LEU F 80 25.85 -2.07 13.84
CA LEU F 80 26.61 -3.01 14.65
C LEU F 80 25.75 -3.83 15.60
N ALA F 81 24.86 -3.16 16.32
CA ALA F 81 24.00 -3.83 17.29
C ALA F 81 23.24 -5.00 16.69
N PRO F 82 23.08 -6.06 17.47
CA PRO F 82 22.36 -7.26 17.04
C PRO F 82 20.88 -6.95 16.98
N SER F 83 20.17 -7.64 16.10
CA SER F 83 18.74 -7.42 16.01
C SER F 83 18.05 -8.46 16.90
N ARG F 84 18.84 -9.22 17.66
CA ARG F 84 18.27 -10.23 18.55
C ARG F 84 19.32 -10.95 19.38
N PHE F 85 18.88 -11.41 20.54
CA PHE F 85 19.72 -12.15 21.46
C PHE F 85 18.82 -12.87 22.44
N VAL F 86 19.35 -13.87 23.12
CA VAL F 86 18.55 -14.66 24.04
C VAL F 86 18.89 -14.51 25.54
N LEU F 87 17.84 -14.50 26.36
CA LEU F 87 17.97 -14.41 27.81
C LEU F 87 17.88 -15.83 28.36
N TRP F 88 18.82 -16.21 29.20
CA TRP F 88 18.80 -17.56 29.76
C TRP F 88 18.36 -17.64 31.20
N GLY F 89 17.87 -18.82 31.57
CA GLY F 89 17.44 -19.07 32.92
C GLY F 89 18.31 -20.23 33.37
N ARG F 90 18.38 -20.48 34.67
CA ARG F 90 19.18 -21.59 35.15
C ARG F 90 18.43 -22.82 34.64
N ASP F 91 17.16 -22.59 34.33
CA ASP F 91 16.27 -23.62 33.79
C ASP F 91 16.07 -23.35 32.31
N LYS F 92 16.70 -24.18 31.47
CA LYS F 92 16.62 -24.05 30.02
C LYS F 92 15.22 -23.72 29.54
N LYS F 93 14.21 -24.20 30.28
CA LYS F 93 12.82 -23.98 29.92
C LYS F 93 12.32 -22.55 30.14
N PHE F 94 13.10 -21.70 30.79
CA PHE F 94 12.69 -20.32 31.03
C PHE F 94 13.26 -19.34 30.02
N ASN F 95 14.23 -19.81 29.22
CA ASN F 95 14.87 -19.00 28.20
C ASN F 95 13.89 -18.10 27.47
N THR F 96 14.20 -16.81 27.46
CA THR F 96 13.33 -15.85 26.83
C THR F 96 14.05 -15.14 25.70
N VAL F 97 13.45 -15.12 24.51
CA VAL F 97 14.09 -14.44 23.39
C VAL F 97 13.68 -12.98 23.28
N GLN F 98 14.67 -12.12 23.11
CA GLN F 98 14.43 -10.70 22.96
C GLN F 98 14.87 -10.42 21.56
N GLU F 99 13.91 -10.19 20.68
CA GLU F 99 14.19 -9.98 19.28
C GLU F 99 13.35 -8.87 18.65
N CYS F 100 13.97 -8.13 17.75
CA CYS F 100 13.30 -7.05 17.05
C CYS F 100 12.05 -7.65 16.43
N GLY F 101 10.93 -6.96 16.63
CA GLY F 101 9.68 -7.43 16.08
C GLY F 101 8.53 -7.11 17.02
N GLY F 102 7.62 -8.06 17.18
CA GLY F 102 6.49 -7.85 18.04
C GLY F 102 6.31 -8.96 19.06
N LYS F 103 7.32 -9.82 19.18
CA LYS F 103 7.26 -10.90 20.14
C LYS F 103 7.28 -10.33 21.56
N VAL F 104 6.10 -10.30 22.17
CA VAL F 104 5.90 -9.75 23.50
C VAL F 104 6.24 -10.72 24.65
N HIS F 105 6.75 -10.16 25.74
CA HIS F 105 7.09 -10.90 26.95
C HIS F 105 6.86 -10.00 28.16
N TRP F 106 6.66 -10.59 29.33
CA TRP F 106 6.42 -9.82 30.54
C TRP F 106 7.42 -10.10 31.64
N THR F 107 7.67 -9.09 32.47
CA THR F 107 8.58 -9.23 33.59
C THR F 107 8.08 -8.31 34.71
N CYS F 108 8.29 -8.71 35.96
CA CYS F 108 7.83 -7.93 37.10
C CYS F 108 8.48 -6.56 37.24
N PHE F 109 7.73 -5.64 37.83
CA PHE F 109 8.16 -4.27 38.06
C PHE F 109 9.48 -4.18 38.83
N GLY F 110 10.14 -3.04 38.72
CA GLY F 110 11.40 -2.81 39.41
C GLY F 110 11.80 -1.34 39.36
N THR F 111 12.29 -0.81 40.48
CA THR F 111 12.46 -1.58 41.70
C THR F 111 11.97 -0.75 42.89
N GLY F 112 10.87 -1.19 43.49
CA GLY F 112 10.30 -0.47 44.62
C GLY F 112 11.05 -0.70 45.91
N VAL F 113 10.58 -0.06 46.97
CA VAL F 113 11.20 -0.17 48.28
C VAL F 113 10.21 -0.56 49.38
N LYS F 114 8.99 -0.96 48.99
CA LYS F 114 7.97 -1.36 49.96
C LYS F 114 7.19 -2.59 49.50
N VAL F 115 6.85 -3.46 50.47
CA VAL F 115 6.10 -4.68 50.18
C VAL F 115 4.72 -4.73 50.83
N CYS F 116 3.68 -4.68 49.99
CA CYS F 116 2.30 -4.73 50.43
C CYS F 116 2.00 -6.12 50.97
N LYS F 117 2.05 -6.30 52.28
CA LYS F 117 1.75 -7.60 52.88
C LYS F 117 0.55 -7.58 53.85
N TYR F 118 0.07 -8.78 54.20
CA TYR F 118 -1.10 -8.93 55.07
C TYR F 118 -0.86 -8.86 56.57
N GLN F 119 -1.12 -7.69 57.15
CA GLN F 119 -0.94 -7.47 58.58
C GLN F 119 -2.08 -8.11 59.36
N ASP F 120 -2.73 -7.34 60.25
CA ASP F 120 -3.83 -7.85 61.06
C ASP F 120 -5.15 -7.77 60.30
N GLY F 121 -5.34 -8.65 59.32
CA GLY F 121 -6.58 -8.61 58.57
C GLY F 121 -6.58 -7.61 57.43
N LYS F 122 -5.55 -6.76 57.35
CA LYS F 122 -5.45 -5.76 56.29
C LYS F 122 -4.08 -5.75 55.62
N TYR F 123 -3.96 -4.96 54.55
CA TYR F 123 -2.69 -4.86 53.83
C TYR F 123 -1.91 -3.67 54.36
N VAL F 124 -0.62 -3.86 54.59
CA VAL F 124 0.26 -2.80 55.09
C VAL F 124 1.50 -2.61 54.22
N THR F 125 1.90 -1.35 54.09
CA THR F 125 3.04 -0.98 53.28
C THR F 125 4.32 -0.90 54.12
N VAL F 126 4.97 -2.03 54.34
CA VAL F 126 6.19 -2.07 55.15
C VAL F 126 7.46 -2.06 54.28
N ASP F 127 8.51 -1.41 54.78
CA ASP F 127 9.78 -1.33 54.05
C ASP F 127 10.34 -2.71 53.73
N SER F 128 10.87 -2.84 52.52
CA SER F 128 11.43 -4.10 52.03
C SER F 128 12.79 -4.47 52.61
N VAL F 129 13.14 -5.74 52.43
CA VAL F 129 14.41 -6.30 52.89
C VAL F 129 14.85 -7.38 51.91
N GLU F 130 16.13 -7.71 51.90
CA GLU F 130 16.64 -8.71 50.98
C GLU F 130 15.81 -9.98 51.00
N LYS F 131 15.23 -10.29 52.16
CA LYS F 131 14.41 -11.49 52.26
C LYS F 131 13.22 -11.37 51.30
N ASP F 132 12.60 -10.18 51.25
CA ASP F 132 11.46 -9.95 50.36
C ASP F 132 11.79 -10.44 48.97
N ILE F 133 12.95 -10.06 48.47
CA ILE F 133 13.39 -10.46 47.15
C ILE F 133 13.29 -11.98 47.03
N ALA F 134 13.76 -12.70 48.03
CA ALA F 134 13.73 -14.17 48.02
C ALA F 134 12.35 -14.70 47.64
N ASP F 135 11.33 -14.28 48.37
CA ASP F 135 9.96 -14.73 48.12
C ASP F 135 9.40 -14.23 46.80
N ILE F 136 9.55 -12.93 46.55
CA ILE F 136 9.08 -12.33 45.31
C ILE F 136 9.64 -13.16 44.15
N ALA F 137 10.89 -13.59 44.30
CA ALA F 137 11.54 -14.41 43.29
C ALA F 137 10.86 -15.76 43.20
N LYS F 138 10.47 -16.31 44.35
CA LYS F 138 9.80 -17.60 44.40
C LYS F 138 8.42 -17.49 43.74
N LEU F 139 7.76 -16.36 43.96
CA LEU F 139 6.44 -16.11 43.41
C LEU F 139 6.52 -16.08 41.89
N CYS F 140 7.25 -15.09 41.37
CA CYS F 140 7.43 -14.94 39.94
C CYS F 140 7.83 -16.25 39.25
N ASP F 141 8.80 -16.96 39.81
CA ASP F 141 9.27 -18.21 39.24
C ASP F 141 8.08 -19.06 38.80
N TRP F 142 7.05 -19.06 39.64
CA TRP F 142 5.84 -19.82 39.37
C TRP F 142 4.99 -19.21 38.27
N ALA F 143 4.75 -17.90 38.36
CA ALA F 143 3.96 -17.16 37.38
C ALA F 143 4.43 -17.44 35.95
N GLU F 144 3.66 -18.24 35.21
CA GLU F 144 4.01 -18.61 33.83
C GLU F 144 4.03 -17.44 32.84
N ASN F 145 3.32 -16.35 33.15
CA ASN F 145 3.31 -15.21 32.25
C ASN F 145 4.41 -14.21 32.61
N ILE F 146 5.33 -14.65 33.46
CA ILE F 146 6.48 -13.85 33.88
C ILE F 146 7.73 -14.53 33.30
N ASP F 147 8.09 -14.14 32.08
CA ASP F 147 9.22 -14.72 31.38
C ASP F 147 10.50 -14.73 32.23
N TYR F 148 10.90 -13.57 32.71
CA TYR F 148 12.10 -13.46 33.55
C TYR F 148 11.91 -12.46 34.69
N PHE F 149 12.72 -12.64 35.73
CA PHE F 149 12.69 -11.83 36.95
C PHE F 149 13.52 -10.54 36.97
N SER F 150 12.91 -9.44 37.40
CA SER F 150 13.59 -8.15 37.48
C SER F 150 13.50 -7.60 38.90
N LEU F 151 14.64 -7.49 39.57
CA LEU F 151 14.72 -6.98 40.94
C LEU F 151 13.59 -6.00 41.30
N PRO F 152 12.51 -6.51 41.94
CA PRO F 152 11.32 -5.77 42.37
C PRO F 152 11.51 -4.82 43.54
N VAL F 153 12.18 -5.28 44.59
CA VAL F 153 12.42 -4.45 45.77
C VAL F 153 13.91 -4.41 46.08
N SER F 154 14.30 -3.47 46.93
CA SER F 154 15.70 -3.30 47.31
C SER F 154 16.06 -4.11 48.54
N ALA F 155 17.31 -4.53 48.62
CA ALA F 155 17.81 -5.26 49.78
C ALA F 155 18.17 -4.16 50.78
N ARG F 156 17.17 -3.37 51.16
CA ARG F 156 17.34 -2.24 52.07
C ARG F 156 18.16 -2.53 53.33
N ASP F 157 17.95 -3.69 53.93
CA ASP F 157 18.68 -4.07 55.13
C ASP F 157 20.15 -4.38 54.87
N ILE F 158 20.71 -3.82 53.80
CA ILE F 158 22.11 -4.06 53.46
C ILE F 158 22.81 -2.72 53.23
N ALA F 159 22.03 -1.64 53.29
CA ALA F 159 22.56 -0.30 53.08
C ALA F 159 23.59 0.09 54.13
N GLY F 160 24.79 0.46 53.68
CA GLY F 160 25.83 0.85 54.60
C GLY F 160 26.21 -0.31 55.50
N GLN F 161 26.21 -1.52 54.95
CA GLN F 161 26.54 -2.73 55.70
C GLN F 161 27.31 -3.69 54.82
N GLY F 162 26.88 -3.79 53.56
CA GLY F 162 27.53 -4.67 52.61
C GLY F 162 27.25 -4.23 51.19
N ALA F 163 27.66 -5.06 50.24
CA ALA F 163 27.45 -4.79 48.83
C ALA F 163 25.99 -5.11 48.53
N GLN F 164 25.11 -4.14 48.76
CA GLN F 164 23.69 -4.33 48.53
C GLN F 164 23.35 -4.91 47.18
N ASP F 165 23.77 -4.22 46.12
CA ASP F 165 23.52 -4.63 44.75
C ASP F 165 24.00 -6.04 44.44
N VAL F 166 25.08 -6.47 45.05
CA VAL F 166 25.56 -7.82 44.81
C VAL F 166 24.68 -8.78 45.59
N HIS F 167 24.04 -8.27 46.64
CA HIS F 167 23.13 -9.09 47.42
C HIS F 167 21.87 -9.21 46.58
N GLU F 168 21.62 -8.16 45.81
CA GLU F 168 20.47 -8.07 44.91
C GLU F 168 20.73 -8.82 43.60
N THR F 169 21.80 -9.62 43.58
CA THR F 169 22.17 -10.41 42.42
C THR F 169 22.03 -11.88 42.75
N LEU F 170 22.83 -12.34 43.71
CA LEU F 170 22.80 -13.74 44.10
C LEU F 170 21.43 -14.11 44.66
N THR F 171 20.82 -13.21 45.43
CA THR F 171 19.51 -13.46 46.03
C THR F 171 18.48 -13.83 44.97
N PRO F 172 18.27 -12.96 43.97
CA PRO F 172 17.29 -13.26 42.92
C PRO F 172 17.64 -14.60 42.25
N LEU F 173 18.90 -14.71 41.83
CA LEU F 173 19.44 -15.89 41.16
C LEU F 173 19.19 -17.24 41.83
N ALA F 174 19.19 -17.25 43.17
CA ALA F 174 18.97 -18.49 43.90
C ALA F 174 17.51 -18.78 44.18
N ASN F 175 16.70 -17.74 44.30
CA ASN F 175 15.28 -17.92 44.58
C ASN F 175 14.38 -18.04 43.35
N THR F 176 14.99 -18.26 42.19
CA THR F 176 14.28 -18.42 40.92
C THR F 176 15.24 -18.94 39.87
N ALA F 177 14.72 -19.72 38.92
CA ALA F 177 15.55 -20.28 37.85
C ALA F 177 15.45 -19.43 36.58
N LYS F 178 14.56 -18.45 36.61
CA LYS F 178 14.35 -17.55 35.47
C LYS F 178 15.42 -16.46 35.40
N HIS F 179 15.73 -16.01 34.19
CA HIS F 179 16.73 -14.96 33.94
C HIS F 179 16.48 -13.75 34.86
N PHE F 180 17.56 -13.16 35.37
CA PHE F 180 17.46 -12.01 36.26
C PHE F 180 17.98 -10.72 35.65
N HIS F 181 17.11 -9.71 35.62
CA HIS F 181 17.48 -8.41 35.09
C HIS F 181 17.66 -7.50 36.30
N HIS F 182 18.89 -7.03 36.51
CA HIS F 182 19.16 -6.17 37.65
C HIS F 182 18.84 -4.73 37.31
N ILE F 183 17.76 -4.23 37.93
CA ILE F 183 17.29 -2.87 37.72
C ILE F 183 18.29 -1.80 38.14
N ASP F 184 19.04 -2.04 39.22
CA ASP F 184 20.01 -1.05 39.67
C ASP F 184 21.42 -1.57 39.92
N PRO F 185 22.18 -1.85 38.86
CA PRO F 185 23.53 -2.35 39.02
C PRO F 185 24.45 -1.19 39.37
N VAL F 186 25.69 -1.51 39.77
CA VAL F 186 26.68 -0.49 40.12
C VAL F 186 27.92 -0.56 39.23
N GLY F 187 28.27 0.58 38.63
CA GLY F 187 29.40 0.65 37.74
C GLY F 187 30.69 0.02 38.21
N GLU F 188 30.94 0.05 39.52
CA GLU F 188 32.17 -0.50 40.07
C GLU F 188 32.10 -1.96 40.47
N ASN F 189 30.94 -2.58 40.31
CA ASN F 189 30.78 -3.98 40.69
C ASN F 189 30.45 -4.90 39.54
N VAL F 190 30.27 -4.34 38.36
CA VAL F 190 29.95 -5.15 37.20
C VAL F 190 30.83 -6.40 37.22
N GLU F 191 32.05 -6.25 37.72
CA GLU F 191 32.99 -7.36 37.79
C GLU F 191 32.56 -8.43 38.77
N TYR F 192 31.90 -8.02 39.85
CA TYR F 192 31.44 -9.00 40.82
C TYR F 192 30.38 -9.84 40.11
N TYR F 193 29.43 -9.18 39.45
CA TYR F 193 28.36 -9.87 38.73
C TYR F 193 28.97 -10.85 37.75
N ARG F 194 29.85 -10.36 36.89
CA ARG F 194 30.52 -11.20 35.91
C ARG F 194 31.15 -12.42 36.56
N ASP F 195 31.73 -12.22 37.73
CA ASP F 195 32.36 -13.31 38.46
C ASP F 195 31.30 -14.28 38.98
N ILE F 196 30.29 -13.75 39.66
CA ILE F 196 29.20 -14.57 40.19
C ILE F 196 28.62 -15.48 39.11
N VAL F 197 28.45 -14.95 37.90
CA VAL F 197 27.89 -15.73 36.80
C VAL F 197 28.90 -16.80 36.39
N LYS F 198 30.16 -16.40 36.25
CA LYS F 198 31.24 -17.33 35.89
C LYS F 198 31.25 -18.47 36.91
N ALA F 199 30.75 -18.17 38.10
CA ALA F 199 30.69 -19.14 39.18
C ALA F 199 29.60 -20.18 38.91
N TYR F 200 28.40 -19.71 38.57
CA TYR F 200 27.29 -20.62 38.27
C TYR F 200 27.70 -21.63 37.20
N TYR F 201 28.40 -21.15 36.19
CA TYR F 201 28.85 -21.99 35.09
C TYR F 201 30.15 -22.72 35.39
N GLY F 202 30.80 -22.35 36.49
CA GLY F 202 32.03 -23.01 36.88
C GLY F 202 33.27 -22.66 36.08
N GLY F 203 33.65 -21.39 36.12
CA GLY F 203 34.83 -20.95 35.41
C GLY F 203 34.59 -20.61 33.95
N ASP F 204 33.92 -21.49 33.22
CA ASP F 204 33.65 -21.26 31.81
C ASP F 204 32.98 -19.91 31.62
N GLU F 205 33.72 -18.95 31.08
CA GLU F 205 33.21 -17.60 30.84
C GLU F 205 32.45 -17.55 29.52
N GLU F 206 32.90 -18.36 28.56
CA GLU F 206 32.22 -18.41 27.28
C GLU F 206 30.79 -18.87 27.55
N GLU F 207 30.64 -19.75 28.53
CA GLU F 207 29.34 -20.24 28.94
C GLU F 207 28.56 -19.04 29.49
N ALA F 208 29.27 -18.19 30.22
CA ALA F 208 28.67 -16.99 30.80
C ALA F 208 28.32 -15.99 29.70
N ARG F 209 29.11 -16.01 28.63
CA ARG F 209 28.87 -15.13 27.50
C ARG F 209 27.73 -15.72 26.67
N LYS F 210 27.87 -17.01 26.38
CA LYS F 210 26.91 -17.76 25.59
C LYS F 210 25.51 -17.78 26.21
N LYS F 211 25.45 -18.14 27.48
CA LYS F 211 24.18 -18.24 28.19
C LYS F 211 24.05 -17.25 29.35
N PRO F 212 23.93 -15.95 29.04
CA PRO F 212 23.80 -14.95 30.10
C PRO F 212 22.55 -15.14 30.94
N ILE F 213 22.73 -15.41 32.22
CA ILE F 213 21.58 -15.58 33.09
C ILE F 213 21.47 -14.30 33.90
N PHE F 214 22.21 -13.29 33.43
CA PHE F 214 22.19 -11.99 34.09
C PHE F 214 22.32 -10.89 33.06
N SER F 215 21.39 -9.93 33.16
CA SER F 215 21.37 -8.77 32.29
C SER F 215 21.19 -7.62 33.27
N MET F 216 21.42 -6.39 32.83
CA MET F 216 21.29 -5.27 33.75
C MET F 216 20.77 -4.05 33.01
N LEU F 217 20.11 -3.17 33.75
CA LEU F 217 19.53 -1.94 33.20
C LEU F 217 20.22 -0.69 33.77
N LEU F 218 20.05 0.43 33.09
CA LEU F 218 20.62 1.70 33.53
C LEU F 218 19.75 2.79 32.93
N CYS F 219 19.74 3.97 33.55
CA CYS F 219 18.92 5.06 33.04
C CYS F 219 19.62 6.36 32.74
N PRO F 220 19.49 6.86 31.51
CA PRO F 220 20.14 8.13 31.20
C PRO F 220 19.44 9.13 32.10
N THR F 221 20.08 10.26 32.36
CA THR F 221 19.48 11.27 33.22
C THR F 221 18.82 12.34 32.35
N SER F 222 17.52 12.51 32.53
CA SER F 222 16.78 13.47 31.75
C SER F 222 16.92 14.88 32.28
N PRO F 223 17.21 15.85 31.39
CA PRO F 223 17.39 15.53 29.97
C PRO F 223 18.83 15.64 29.43
N LEU F 224 19.15 14.79 28.45
CA LEU F 224 20.44 14.79 27.78
C LEU F 224 21.71 14.60 28.63
N GLU F 225 21.68 13.66 29.58
CA GLU F 225 22.83 13.40 30.43
C GLU F 225 23.12 11.91 30.59
N LEU F 226 24.38 11.58 30.83
CA LEU F 226 24.77 10.20 31.03
C LEU F 226 25.67 10.02 32.23
N SER F 227 25.06 9.94 33.41
CA SER F 227 25.76 9.75 34.67
C SER F 227 26.97 8.84 34.55
N VAL F 228 27.93 9.03 35.46
CA VAL F 228 29.14 8.23 35.49
C VAL F 228 28.84 6.74 35.60
N ASN F 229 28.01 6.39 36.58
CA ASN F 229 27.65 5.00 36.80
C ASN F 229 27.09 4.38 35.52
N ALA F 230 26.03 4.99 34.99
CA ALA F 230 25.39 4.51 33.77
C ALA F 230 26.42 4.22 32.68
N CYS F 231 27.28 5.19 32.39
CA CYS F 231 28.32 5.02 31.38
C CYS F 231 29.12 3.75 31.60
N GLN F 232 29.56 3.55 32.84
CA GLN F 232 30.33 2.35 33.19
C GLN F 232 29.53 1.08 33.00
N VAL F 233 28.23 1.15 33.30
CA VAL F 233 27.33 0.01 33.14
C VAL F 233 27.42 -0.45 31.67
N ILE F 234 27.19 0.50 30.77
CA ILE F 234 27.24 0.26 29.33
C ILE F 234 28.58 -0.37 28.95
N ILE F 235 29.65 0.35 29.28
CA ILE F 235 31.00 -0.12 28.97
C ILE F 235 31.32 -1.51 29.51
N LYS F 236 31.18 -1.68 30.82
CA LYS F 236 31.48 -2.97 31.43
C LYS F 236 30.58 -4.07 30.92
N GLY F 237 29.28 -3.82 30.92
CA GLY F 237 28.35 -4.81 30.44
C GLY F 237 28.71 -5.19 29.02
N ALA F 238 28.98 -4.18 28.21
CA ALA F 238 29.34 -4.41 26.82
C ALA F 238 30.62 -5.24 26.69
N ARG F 239 31.63 -4.92 27.48
CA ARG F 239 32.90 -5.65 27.42
C ARG F 239 32.82 -7.04 28.04
N PHE F 240 31.86 -7.26 28.91
CA PHE F 240 31.73 -8.58 29.55
C PHE F 240 30.72 -9.49 28.88
N GLY F 241 29.89 -8.93 28.00
CA GLY F 241 28.90 -9.75 27.30
C GLY F 241 27.64 -9.95 28.12
N ILE F 242 27.31 -8.90 28.87
CA ILE F 242 26.13 -8.85 29.72
C ILE F 242 25.14 -7.92 29.04
N PRO F 243 23.98 -8.43 28.64
CA PRO F 243 23.02 -7.55 27.99
C PRO F 243 22.82 -6.28 28.81
N VAL F 244 22.42 -5.22 28.13
CA VAL F 244 22.22 -3.96 28.81
C VAL F 244 20.99 -3.23 28.31
N ASN F 245 20.06 -2.97 29.23
CA ASN F 245 18.83 -2.26 28.95
C ASN F 245 19.06 -0.77 29.10
N VAL F 246 19.17 -0.08 27.96
CA VAL F 246 19.37 1.37 27.94
C VAL F 246 18.01 2.06 28.02
N LEU F 247 17.41 2.02 29.21
CA LEU F 247 16.07 2.56 29.43
C LEU F 247 16.04 4.01 29.91
N SER F 248 15.24 4.83 29.23
CA SER F 248 15.12 6.24 29.57
C SER F 248 13.98 6.50 30.57
N MET F 249 14.05 7.63 31.27
CA MET F 249 13.03 7.99 32.23
C MET F 249 12.70 9.47 32.21
N ALA F 250 12.16 9.94 31.08
CA ALA F 250 11.78 11.34 30.95
C ALA F 250 10.44 11.59 31.60
N MET F 251 10.01 12.85 31.64
CA MET F 251 8.74 13.20 32.22
C MET F 251 8.17 14.39 31.50
N SER F 252 7.19 14.13 30.65
CA SER F 252 6.53 15.18 29.89
C SER F 252 6.11 16.28 30.85
N GLY F 253 6.53 17.51 30.57
CA GLY F 253 6.16 18.62 31.43
C GLY F 253 7.14 18.85 32.58
N GLY F 254 8.19 18.03 32.62
CA GLY F 254 9.21 18.14 33.64
C GLY F 254 10.60 18.17 33.03
N SER F 255 11.02 17.05 32.45
CA SER F 255 12.33 16.96 31.82
C SER F 255 12.23 16.81 30.31
N SER F 256 10.99 16.80 29.81
CA SER F 256 10.75 16.68 28.38
C SER F 256 9.49 17.48 28.06
N PRO F 257 9.36 17.97 26.81
CA PRO F 257 8.20 18.76 26.41
C PRO F 257 6.87 18.17 26.90
N VAL F 258 5.89 19.01 27.15
CA VAL F 258 4.61 18.52 27.61
C VAL F 258 4.07 17.54 26.56
N TYR F 259 4.25 17.87 25.29
CA TYR F 259 3.80 17.02 24.17
C TYR F 259 4.47 15.66 24.24
N LEU F 260 3.91 14.66 23.58
CA LEU F 260 4.53 13.34 23.60
C LEU F 260 5.52 13.20 22.45
N ALA F 261 5.21 13.81 21.31
CA ALA F 261 6.11 13.76 20.17
C ALA F 261 7.47 14.29 20.63
N GLY F 262 7.47 15.49 21.20
CA GLY F 262 8.70 16.09 21.69
C GLY F 262 9.38 15.19 22.71
N THR F 263 8.61 14.70 23.68
CA THR F 263 9.16 13.82 24.71
C THR F 263 9.86 12.64 24.06
N LEU F 264 9.20 12.01 23.09
CA LEU F 264 9.81 10.87 22.42
C LEU F 264 11.18 11.25 21.85
N VAL F 265 11.27 12.45 21.29
CA VAL F 265 12.51 12.95 20.72
C VAL F 265 13.62 12.97 21.76
N THR F 266 13.29 13.41 22.97
CA THR F 266 14.24 13.47 24.07
C THR F 266 14.61 12.05 24.47
N HIS F 267 13.59 11.19 24.57
CA HIS F 267 13.79 9.79 24.91
C HIS F 267 14.81 9.18 23.94
N ASN F 268 14.56 9.41 22.65
CA ASN F 268 15.39 8.91 21.56
C ASN F 268 16.85 9.36 21.69
N ALA F 269 17.07 10.67 21.77
CA ALA F 269 18.42 11.22 21.90
C ALA F 269 19.18 10.51 23.01
N GLU F 270 18.55 10.44 24.18
CA GLU F 270 19.13 9.78 25.35
C GLU F 270 19.41 8.31 25.14
N VAL F 271 18.35 7.53 24.93
CA VAL F 271 18.50 6.10 24.73
C VAL F 271 19.42 5.73 23.59
N LEU F 272 19.50 6.58 22.57
CA LEU F 272 20.39 6.30 21.45
C LEU F 272 21.85 6.46 21.89
N SER F 273 22.18 7.63 22.44
CA SER F 273 23.54 7.89 22.91
C SER F 273 24.09 6.72 23.72
N GLY F 274 23.24 6.13 24.55
CA GLY F 274 23.65 4.99 25.36
C GLY F 274 23.94 3.80 24.47
N ILE F 275 23.18 3.67 23.40
CA ILE F 275 23.34 2.58 22.45
C ILE F 275 24.62 2.82 21.65
N VAL F 276 24.83 4.07 21.22
CA VAL F 276 26.03 4.43 20.48
C VAL F 276 27.27 4.10 21.32
N LEU F 277 27.24 4.45 22.60
CA LEU F 277 28.35 4.17 23.50
C LEU F 277 28.62 2.67 23.52
N ALA F 278 27.65 1.90 23.98
CA ALA F 278 27.79 0.46 24.06
C ALA F 278 28.42 -0.11 22.81
N GLN F 279 27.92 0.31 21.64
CA GLN F 279 28.45 -0.19 20.37
C GLN F 279 29.90 0.21 20.15
N LEU F 280 30.19 1.50 20.22
CA LEU F 280 31.56 1.97 20.02
C LEU F 280 32.51 1.23 20.96
N THR F 281 32.05 0.94 22.18
CA THR F 281 32.87 0.23 23.15
C THR F 281 33.07 -1.21 22.71
N VAL F 282 32.00 -1.87 22.31
CA VAL F 282 32.09 -3.26 21.86
C VAL F 282 31.05 -3.52 20.78
N PRO F 283 31.48 -3.58 19.51
CA PRO F 283 30.56 -3.82 18.40
C PRO F 283 29.92 -5.19 18.53
N GLY F 284 28.60 -5.23 18.59
CA GLY F 284 27.89 -6.48 18.72
C GLY F 284 27.37 -6.68 20.13
N ALA F 285 27.52 -5.65 20.95
CA ALA F 285 27.07 -5.72 22.33
C ALA F 285 25.54 -5.78 22.36
N LYS F 286 25.01 -6.89 22.87
CA LYS F 286 23.57 -7.06 22.96
C LYS F 286 23.01 -5.93 23.81
N VAL F 287 22.05 -5.18 23.28
CA VAL F 287 21.45 -4.11 24.05
C VAL F 287 19.93 -4.01 23.88
N TRP F 288 19.33 -3.04 24.56
CA TRP F 288 17.87 -2.81 24.54
C TRP F 288 17.55 -1.34 24.31
N TYR F 289 16.56 -1.08 23.46
CA TYR F 289 16.11 0.29 23.22
C TYR F 289 14.91 0.36 24.14
N GLY F 290 15.18 0.65 25.42
CA GLY F 290 14.12 0.71 26.40
C GLY F 290 13.65 2.08 26.84
N SER F 291 12.56 2.08 27.60
CA SER F 291 11.97 3.31 28.10
C SER F 291 10.94 3.06 29.18
N SER F 292 10.72 4.10 29.98
CA SER F 292 9.74 4.09 31.04
C SER F 292 9.32 5.54 31.17
N THR F 293 9.65 6.32 30.15
CA THR F 293 9.31 7.74 30.12
C THR F 293 7.80 7.87 30.28
N THR F 294 7.39 8.71 31.22
CA THR F 294 5.98 8.92 31.49
C THR F 294 5.64 10.39 31.38
N THR F 295 4.38 10.70 31.66
CA THR F 295 3.90 12.05 31.62
C THR F 295 4.08 12.57 33.04
N PHE F 296 3.65 13.80 33.28
CA PHE F 296 3.79 14.37 34.59
C PHE F 296 2.63 15.31 34.87
N ASP F 297 1.63 14.81 35.59
CA ASP F 297 0.47 15.62 35.92
C ASP F 297 1.00 16.75 36.79
N LEU F 298 1.30 17.88 36.15
CA LEU F 298 1.82 19.06 36.84
C LEU F 298 0.90 19.36 38.02
N LYS F 299 -0.30 18.77 37.98
CA LYS F 299 -1.30 18.94 39.02
C LYS F 299 -1.02 18.04 40.22
N LYS F 300 -1.45 16.78 40.14
CA LYS F 300 -1.27 15.80 41.22
C LYS F 300 0.09 15.90 41.93
N GLY F 301 1.06 16.56 41.29
CA GLY F 301 2.37 16.72 41.90
C GLY F 301 3.30 15.54 41.71
N THR F 302 2.96 14.67 40.75
CA THR F 302 3.80 13.49 40.48
C THR F 302 3.60 12.96 39.07
N ALA F 303 4.49 12.04 38.71
CA ALA F 303 4.45 11.40 37.40
C ALA F 303 3.74 10.07 37.52
N PRO F 304 2.48 9.99 37.07
CA PRO F 304 1.66 8.78 37.11
C PRO F 304 2.05 7.79 36.02
N VAL F 305 2.38 6.57 36.45
CA VAL F 305 2.79 5.52 35.53
C VAL F 305 1.63 4.54 35.25
N GLY F 306 0.41 5.05 35.38
CA GLY F 306 -0.79 4.25 35.15
C GLY F 306 -1.76 5.01 34.27
N SER F 307 -1.24 6.06 33.64
CA SER F 307 -2.00 6.92 32.75
C SER F 307 -1.89 6.48 31.30
N PRO F 308 -2.85 6.90 30.46
CA PRO F 308 -2.81 6.52 29.04
C PRO F 308 -1.56 7.08 28.38
N GLU F 309 -0.96 8.09 29.00
CA GLU F 309 0.26 8.67 28.45
C GLU F 309 1.33 7.58 28.50
N LEU F 310 1.54 7.00 29.67
CA LEU F 310 2.52 5.93 29.78
C LEU F 310 2.19 4.86 28.75
N GLY F 311 0.91 4.50 28.67
CA GLY F 311 0.47 3.50 27.72
C GLY F 311 0.92 3.82 26.32
N LEU F 312 0.61 5.03 25.87
CA LEU F 312 0.99 5.46 24.52
C LEU F 312 2.50 5.53 24.35
N ILE F 313 3.18 6.15 25.30
CA ILE F 313 4.62 6.28 25.20
C ILE F 313 5.29 4.95 24.91
N SER F 314 5.07 3.96 25.76
CA SER F 314 5.67 2.65 25.55
C SER F 314 5.38 2.19 24.13
N ALA F 315 4.10 2.15 23.78
CA ALA F 315 3.69 1.74 22.44
C ALA F 315 4.53 2.47 21.40
N ALA F 316 4.60 3.79 21.53
CA ALA F 316 5.36 4.63 20.61
C ALA F 316 6.82 4.20 20.57
N VAL F 317 7.36 3.93 21.75
CA VAL F 317 8.76 3.52 21.90
C VAL F 317 9.00 2.14 21.32
N ALA F 318 8.02 1.24 21.45
CA ALA F 318 8.15 -0.10 20.91
C ALA F 318 8.31 0.02 19.40
N LYS F 319 7.46 0.84 18.79
CA LYS F 319 7.50 1.07 17.36
C LYS F 319 8.86 1.63 16.98
N LEU F 320 9.30 2.70 17.64
CA LEU F 320 10.61 3.28 17.34
C LEU F 320 11.64 2.17 17.44
N ALA F 321 11.57 1.41 18.54
CA ALA F 321 12.49 0.30 18.75
C ALA F 321 12.53 -0.58 17.51
N GLN F 322 11.34 -0.98 17.05
CA GLN F 322 11.23 -1.84 15.86
C GLN F 322 11.67 -1.06 14.62
N PHE F 323 11.54 0.26 14.68
CA PHE F 323 11.92 1.12 13.57
C PHE F 323 13.42 0.98 13.34
N TYR F 324 14.20 1.18 14.40
CA TYR F 324 15.65 1.11 14.34
C TYR F 324 16.24 -0.33 14.34
N GLY F 325 15.38 -1.33 14.44
CA GLY F 325 15.87 -2.70 14.42
C GLY F 325 16.27 -3.34 15.72
N LEU F 326 16.11 -2.62 16.83
CA LEU F 326 16.49 -3.15 18.14
C LEU F 326 15.29 -3.68 18.91
N PRO F 327 15.55 -4.41 20.01
CA PRO F 327 14.51 -4.98 20.87
C PRO F 327 14.00 -3.91 21.84
N SER F 328 12.78 -4.05 22.32
CA SER F 328 12.22 -3.08 23.24
C SER F 328 11.97 -3.62 24.64
N TYR F 329 12.10 -2.73 25.61
CA TYR F 329 11.88 -3.03 27.01
C TYR F 329 11.13 -1.78 27.51
N VAL F 330 9.82 -1.83 27.52
CA VAL F 330 9.04 -0.67 27.95
C VAL F 330 8.19 -0.86 29.19
N ALA F 331 7.87 0.26 29.82
CA ALA F 331 7.06 0.26 31.03
C ALA F 331 5.59 0.01 30.69
N GLY F 332 5.01 -0.97 31.37
CA GLY F 332 3.61 -1.30 31.15
C GLY F 332 3.16 -2.25 32.23
N SER F 333 1.87 -2.25 32.51
CA SER F 333 1.31 -3.13 33.54
C SER F 333 1.58 -2.46 34.90
N LYS F 334 1.56 -1.14 34.92
CA LYS F 334 1.80 -0.36 36.13
C LYS F 334 0.56 0.42 36.55
N SER F 335 0.46 0.73 37.85
CA SER F 335 -0.68 1.48 38.38
C SER F 335 -0.30 2.53 39.43
N ASP F 336 -1.13 3.56 39.56
CA ASP F 336 -0.92 4.64 40.52
C ASP F 336 -1.72 4.40 41.80
N ALA F 337 -2.64 3.43 41.72
CA ALA F 337 -3.51 3.07 42.83
C ALA F 337 -2.69 2.49 43.99
N LYS F 338 -3.09 2.82 45.21
CA LYS F 338 -2.38 2.35 46.39
C LYS F 338 -2.75 0.94 46.78
N VAL F 339 -4.04 0.63 46.72
CA VAL F 339 -4.50 -0.70 47.06
C VAL F 339 -5.01 -1.33 45.75
N PRO F 340 -4.95 -2.66 45.61
CA PRO F 340 -5.44 -3.27 44.37
C PRO F 340 -6.96 -3.20 44.27
N ASP F 341 -7.47 -2.08 43.74
CA ASP F 341 -8.91 -1.89 43.60
C ASP F 341 -9.31 -1.84 42.13
N ASP F 342 -10.43 -1.18 41.84
CA ASP F 342 -10.90 -1.06 40.46
C ASP F 342 -9.79 -0.37 39.68
N GLN F 343 -9.33 0.78 40.20
CA GLN F 343 -8.27 1.53 39.56
C GLN F 343 -7.11 0.63 39.15
N ALA F 344 -6.58 -0.17 40.07
CA ALA F 344 -5.47 -1.06 39.73
C ALA F 344 -5.77 -1.82 38.45
N GLY F 345 -6.73 -2.73 38.54
CA GLY F 345 -7.12 -3.55 37.40
C GLY F 345 -7.31 -2.80 36.09
N HIS F 346 -7.72 -1.54 36.18
CA HIS F 346 -7.92 -0.74 34.99
C HIS F 346 -6.61 -0.16 34.50
N GLU F 347 -5.98 0.67 35.33
CA GLU F 347 -4.72 1.30 34.97
C GLU F 347 -3.70 0.30 34.48
N LYS F 348 -3.76 -0.92 35.01
CA LYS F 348 -2.83 -1.95 34.60
C LYS F 348 -3.11 -2.42 33.16
N THR F 349 -4.39 -2.58 32.84
CA THR F 349 -4.78 -3.03 31.51
C THR F 349 -4.55 -1.96 30.47
N MET F 350 -4.67 -0.71 30.88
CA MET F 350 -4.45 0.40 29.98
C MET F 350 -2.98 0.41 29.57
N THR F 351 -2.10 0.56 30.55
CA THR F 351 -0.66 0.61 30.30
C THR F 351 -0.07 -0.67 29.73
N THR F 352 -0.72 -1.80 29.97
CA THR F 352 -0.18 -3.07 29.46
C THR F 352 -0.70 -3.50 28.10
N LEU F 353 -1.94 -3.15 27.79
CA LEU F 353 -2.52 -3.54 26.52
C LEU F 353 -1.92 -2.78 25.34
N LEU F 354 -1.82 -1.46 25.48
CA LEU F 354 -1.26 -0.63 24.42
C LEU F 354 0.10 -1.12 23.91
N PRO F 355 1.03 -1.41 24.84
CA PRO F 355 2.36 -1.90 24.45
C PRO F 355 2.32 -3.35 23.93
N ALA F 356 1.47 -4.19 24.53
CA ALA F 356 1.36 -5.58 24.11
C ALA F 356 0.95 -5.65 22.64
N LEU F 357 0.08 -4.73 22.27
CA LEU F 357 -0.44 -4.63 20.91
C LEU F 357 0.60 -4.05 19.96
N ALA F 358 1.21 -2.94 20.36
CA ALA F 358 2.24 -2.31 19.55
C ALA F 358 3.34 -3.36 19.39
N GLY F 359 3.40 -4.27 20.36
CA GLY F 359 4.37 -5.35 20.30
C GLY F 359 5.65 -5.16 21.08
N ALA F 360 5.55 -4.66 22.32
CA ALA F 360 6.74 -4.48 23.14
C ALA F 360 7.40 -5.84 23.29
N ASN F 361 8.72 -5.88 23.16
CA ASN F 361 9.44 -7.15 23.25
C ASN F 361 9.56 -7.59 24.70
N THR F 362 9.25 -6.68 25.62
CA THR F 362 9.27 -6.92 27.06
C THR F 362 8.51 -5.83 27.79
N ILE F 363 7.50 -6.21 28.54
CA ILE F 363 6.72 -5.25 29.28
C ILE F 363 6.98 -5.53 30.75
N TYR F 364 7.24 -4.47 31.51
CA TYR F 364 7.51 -4.64 32.93
C TYR F 364 6.73 -3.67 33.80
N GLY F 365 6.09 -4.22 34.83
CA GLY F 365 5.31 -3.40 35.74
C GLY F 365 4.40 -4.28 36.58
N ALA F 366 4.41 -5.57 36.28
CA ALA F 366 3.58 -6.52 37.01
C ALA F 366 3.90 -6.49 38.50
N GLY F 367 2.87 -6.68 39.32
CA GLY F 367 3.06 -6.69 40.77
C GLY F 367 3.32 -5.35 41.41
N MET F 368 3.17 -4.25 40.67
CA MET F 368 3.43 -2.93 41.22
C MET F 368 2.19 -2.12 41.55
N LEU F 369 2.35 -1.18 42.48
CA LEU F 369 1.28 -0.29 42.91
C LEU F 369 1.94 0.98 43.40
N GLU F 370 1.14 1.93 43.87
CA GLU F 370 1.65 3.20 44.42
C GLU F 370 2.70 3.87 43.54
N LEU F 371 2.32 4.23 42.33
CA LEU F 371 3.20 4.89 41.36
C LEU F 371 4.65 4.37 41.29
N GLY F 372 4.84 3.07 41.53
CA GLY F 372 6.17 2.51 41.47
C GLY F 372 6.88 2.51 42.81
N MET F 373 6.11 2.47 43.88
CA MET F 373 6.69 2.45 45.22
C MET F 373 6.59 1.10 45.90
N THR F 374 5.40 0.51 45.86
CA THR F 374 5.15 -0.78 46.50
C THR F 374 5.03 -1.93 45.52
N PHE F 375 5.34 -3.13 46.01
CA PHE F 375 5.27 -4.33 45.18
C PHE F 375 4.29 -5.34 45.78
N SER F 376 3.05 -5.31 45.28
CA SER F 376 1.99 -6.20 45.74
C SER F 376 2.15 -7.62 45.20
N MET F 377 2.16 -8.60 46.10
CA MET F 377 2.28 -9.99 45.69
C MET F 377 0.93 -10.46 45.18
N GLU F 378 -0.13 -9.78 45.61
CA GLU F 378 -1.49 -10.12 45.17
C GLU F 378 -1.69 -9.55 43.77
N GLN F 379 -1.33 -8.28 43.60
CA GLN F 379 -1.47 -7.64 42.31
C GLN F 379 -0.60 -8.36 41.28
N LEU F 380 0.45 -9.03 41.74
CA LEU F 380 1.35 -9.77 40.85
C LEU F 380 0.63 -10.96 40.24
N VAL F 381 0.07 -11.82 41.07
CA VAL F 381 -0.65 -13.00 40.56
C VAL F 381 -1.83 -12.56 39.71
N ILE F 382 -2.33 -11.36 39.99
CA ILE F 382 -3.44 -10.81 39.24
C ILE F 382 -2.96 -10.35 37.88
N ASP F 383 -2.05 -9.37 37.85
CA ASP F 383 -1.51 -8.86 36.59
C ASP F 383 -1.19 -10.04 35.66
N ASN F 384 -0.52 -11.03 36.22
CA ASN F 384 -0.14 -12.21 35.47
C ASN F 384 -1.34 -12.89 34.79
N ASP F 385 -2.45 -12.98 35.51
CA ASP F 385 -3.65 -13.61 34.97
C ASP F 385 -4.32 -12.72 33.93
N ILE F 386 -3.96 -11.44 33.95
CA ILE F 386 -4.48 -10.47 32.99
C ILE F 386 -3.73 -10.72 31.69
N PHE F 387 -2.42 -10.86 31.80
CA PHE F 387 -1.57 -11.11 30.66
C PHE F 387 -2.09 -12.32 29.88
N SER F 388 -2.81 -13.21 30.56
CA SER F 388 -3.39 -14.39 29.92
C SER F 388 -4.53 -13.89 29.03
N MET F 389 -5.37 -13.04 29.58
CA MET F 389 -6.46 -12.48 28.80
C MET F 389 -5.84 -11.65 27.70
N VAL F 390 -4.69 -11.05 27.98
CA VAL F 390 -4.03 -10.24 26.96
C VAL F 390 -3.56 -11.16 25.85
N LYS F 391 -2.96 -12.27 26.22
CA LYS F 391 -2.48 -13.21 25.23
C LYS F 391 -3.57 -13.68 24.28
N LYS F 392 -4.76 -13.97 24.81
CA LYS F 392 -5.88 -14.42 23.97
C LYS F 392 -6.24 -13.33 22.98
N ALA F 393 -6.37 -12.12 23.49
CA ALA F 393 -6.72 -10.96 22.68
C ALA F 393 -5.79 -10.80 21.49
N MET F 394 -4.50 -11.06 21.70
CA MET F 394 -3.50 -10.92 20.65
C MET F 394 -3.65 -11.97 19.56
N GLN F 395 -4.47 -12.98 19.83
CA GLN F 395 -4.74 -14.03 18.86
C GLN F 395 -5.66 -13.41 17.79
N GLY F 396 -6.19 -12.22 18.11
CA GLY F 396 -7.09 -11.54 17.19
C GLY F 396 -8.08 -12.52 16.61
N ILE F 397 -8.44 -12.33 15.34
CA ILE F 397 -9.35 -13.27 14.72
C ILE F 397 -8.63 -14.01 13.59
N PRO F 398 -8.57 -15.34 13.73
CA PRO F 398 -7.94 -16.24 12.77
C PRO F 398 -8.99 -16.57 11.73
N VAL F 399 -8.87 -15.94 10.56
CA VAL F 399 -9.82 -16.19 9.49
C VAL F 399 -9.26 -17.27 8.59
N SER F 400 -10.00 -18.37 8.47
CA SER F 400 -9.62 -19.53 7.65
C SER F 400 -10.83 -20.43 7.37
N GLU F 401 -10.69 -21.32 6.38
CA GLU F 401 -11.78 -22.21 6.04
C GLU F 401 -12.30 -22.95 7.27
N GLU F 402 -11.38 -23.48 8.07
CA GLU F 402 -11.76 -24.19 9.27
C GLU F 402 -12.37 -23.31 10.38
N THR F 403 -11.83 -22.11 10.58
CA THR F 403 -12.34 -21.20 11.61
C THR F 403 -13.67 -20.54 11.26
N LEU F 404 -13.91 -20.32 9.97
CA LEU F 404 -15.19 -19.74 9.56
C LEU F 404 -16.25 -20.80 9.87
N ALA F 405 -15.92 -22.05 9.53
CA ALA F 405 -16.77 -23.20 9.79
C ALA F 405 -18.21 -23.12 9.30
N VAL F 406 -18.39 -22.91 8.00
CA VAL F 406 -19.74 -22.84 7.45
C VAL F 406 -20.43 -24.20 7.49
N GLU F 407 -19.63 -25.27 7.53
CA GLU F 407 -20.18 -26.61 7.58
C GLU F 407 -20.74 -26.80 8.97
N SER F 408 -19.95 -26.37 9.94
CA SER F 408 -20.34 -26.48 11.33
C SER F 408 -21.65 -25.71 11.57
N ILE F 409 -21.73 -24.49 11.04
CA ILE F 409 -22.94 -23.67 11.20
C ILE F 409 -24.16 -24.40 10.68
N GLN F 410 -23.94 -25.17 9.62
CA GLN F 410 -25.00 -25.93 8.98
C GLN F 410 -25.30 -27.26 9.70
N LYS F 411 -24.24 -28.02 10.00
CA LYS F 411 -24.34 -29.30 10.71
C LYS F 411 -25.27 -29.15 11.93
N VAL F 412 -25.26 -27.97 12.53
CA VAL F 412 -26.09 -27.68 13.70
C VAL F 412 -27.45 -27.12 13.29
N GLY F 413 -27.47 -26.22 12.33
CA GLY F 413 -28.72 -25.65 11.85
C GLY F 413 -29.49 -24.71 12.77
N ILE F 414 -30.47 -24.04 12.19
CA ILE F 414 -31.33 -23.08 12.89
C ILE F 414 -31.75 -23.55 14.27
N GLY F 415 -31.68 -22.63 15.22
CA GLY F 415 -32.10 -22.90 16.60
C GLY F 415 -31.62 -24.15 17.32
N ASN F 416 -30.35 -24.50 17.15
CA ASN F 416 -29.80 -25.66 17.84
C ASN F 416 -28.39 -25.30 18.24
N ASN F 417 -27.96 -25.69 19.43
CA ASN F 417 -26.62 -25.32 19.89
C ASN F 417 -25.50 -26.26 19.47
N PHE F 418 -24.26 -25.84 19.76
CA PHE F 418 -23.07 -26.60 19.39
C PHE F 418 -22.50 -27.39 20.57
N LEU F 419 -22.93 -27.05 21.78
CA LEU F 419 -22.46 -27.74 22.98
C LEU F 419 -22.24 -29.24 22.78
N ALA F 420 -23.19 -29.88 22.10
CA ALA F 420 -23.12 -31.32 21.85
C ALA F 420 -22.19 -31.69 20.70
N LEU F 421 -22.03 -30.77 19.75
CA LEU F 421 -21.18 -30.99 18.56
C LEU F 421 -19.73 -31.36 18.81
N LYS F 422 -19.19 -32.23 17.96
CA LYS F 422 -17.81 -32.70 18.07
C LYS F 422 -16.81 -31.55 18.04
N GLN F 423 -16.80 -30.83 16.93
CA GLN F 423 -15.90 -29.70 16.75
C GLN F 423 -15.88 -28.84 18.02
N THR F 424 -16.97 -28.87 18.76
CA THR F 424 -17.08 -28.08 19.99
C THR F 424 -16.43 -28.77 21.20
N ARG F 425 -16.71 -30.05 21.37
CA ARG F 425 -16.16 -30.79 22.50
C ARG F 425 -14.64 -30.84 22.38
N GLN F 426 -14.14 -30.80 21.14
CA GLN F 426 -12.71 -30.85 20.91
C GLN F 426 -12.06 -29.52 21.27
N LEU F 427 -12.78 -28.43 21.00
CA LEU F 427 -12.29 -27.09 21.25
C LEU F 427 -12.54 -26.57 22.66
N VAL F 428 -12.83 -27.48 23.59
CA VAL F 428 -13.12 -27.09 24.97
C VAL F 428 -12.04 -26.22 25.63
N ASP F 429 -10.80 -26.32 25.15
CA ASP F 429 -9.70 -25.54 25.73
C ASP F 429 -9.39 -24.25 24.98
N TYR F 430 -9.92 -24.12 23.78
CA TYR F 430 -9.69 -22.94 22.94
C TYR F 430 -10.02 -21.55 23.54
N PRO F 431 -11.12 -21.42 24.32
CA PRO F 431 -11.49 -20.12 24.90
C PRO F 431 -10.59 -19.71 26.06
N SER F 432 -10.57 -18.40 26.34
CA SER F 432 -9.76 -17.83 27.43
C SER F 432 -10.23 -18.38 28.77
N ASN F 433 -9.29 -18.91 29.56
CA ASN F 433 -9.65 -19.49 30.85
C ASN F 433 -8.84 -18.89 31.99
N PRO F 434 -9.27 -17.71 32.49
CA PRO F 434 -8.55 -17.06 33.59
C PRO F 434 -8.46 -17.90 34.86
N MET F 435 -7.43 -17.63 35.67
CA MET F 435 -7.21 -18.37 36.90
C MET F 435 -7.89 -17.74 38.11
N LEU F 436 -8.03 -16.42 38.11
CA LEU F 436 -8.64 -15.72 39.24
C LEU F 436 -9.90 -14.92 38.87
N LEU F 437 -9.98 -14.45 37.64
CA LEU F 437 -11.14 -13.68 37.20
C LEU F 437 -12.35 -14.58 37.39
N ASP F 438 -13.34 -14.12 38.17
CA ASP F 438 -14.53 -14.93 38.43
C ASP F 438 -15.57 -14.84 37.31
N ARG F 439 -15.94 -16.00 36.76
CA ARG F 439 -16.94 -16.10 35.72
C ARG F 439 -18.10 -16.99 36.18
N HIS F 440 -18.19 -17.18 37.49
CA HIS F 440 -19.26 -17.98 38.07
C HIS F 440 -20.46 -17.06 38.22
N MET F 441 -21.66 -17.64 38.20
CA MET F 441 -22.85 -16.82 38.37
C MET F 441 -22.80 -16.18 39.75
N PHE F 442 -23.82 -15.41 40.13
CA PHE F 442 -23.79 -14.80 41.46
C PHE F 442 -23.82 -15.83 42.59
N GLY F 443 -24.71 -16.81 42.44
CA GLY F 443 -24.87 -17.85 43.45
C GLY F 443 -23.58 -18.53 43.85
N ASP F 444 -22.95 -19.18 42.88
CA ASP F 444 -21.70 -19.89 43.13
C ASP F 444 -20.70 -18.98 43.84
N TRP F 445 -20.67 -17.71 43.44
CA TRP F 445 -19.76 -16.74 44.03
C TRP F 445 -20.04 -16.50 45.50
N ALA F 446 -21.29 -16.16 45.81
CA ALA F 446 -21.70 -15.93 47.20
C ALA F 446 -21.22 -17.09 48.06
N ALA F 447 -21.47 -18.31 47.58
CA ALA F 447 -21.08 -19.53 48.28
C ALA F 447 -19.59 -19.48 48.58
N ALA F 448 -18.80 -19.15 47.55
CA ALA F 448 -17.36 -19.05 47.70
C ALA F 448 -17.01 -17.98 48.75
N GLY F 449 -18.03 -17.34 49.29
CA GLY F 449 -17.82 -16.33 50.32
C GLY F 449 -17.72 -14.91 49.81
N SER F 450 -18.44 -14.58 48.74
CA SER F 450 -18.42 -13.23 48.17
C SER F 450 -17.04 -12.57 48.24
N LYS F 451 -16.00 -13.35 47.96
CA LYS F 451 -14.60 -12.89 47.97
C LYS F 451 -14.28 -12.07 46.73
N ASP F 452 -13.70 -10.89 46.91
CA ASP F 452 -13.34 -10.06 45.76
C ASP F 452 -12.15 -10.67 45.06
N LEU F 453 -11.58 -9.95 44.10
CA LEU F 453 -10.43 -10.47 43.37
C LEU F 453 -9.17 -10.39 44.22
N ALA F 454 -9.05 -9.31 44.98
CA ALA F 454 -7.90 -9.08 45.83
C ALA F 454 -7.63 -10.25 46.77
N THR F 455 -8.59 -10.53 47.64
CA THR F 455 -8.44 -11.62 48.60
C THR F 455 -8.30 -12.99 47.93
N VAL F 456 -8.99 -13.22 46.81
CA VAL F 456 -8.88 -14.51 46.12
C VAL F 456 -7.46 -14.60 45.59
N ALA F 457 -6.85 -13.43 45.40
CA ALA F 457 -5.48 -13.32 44.91
C ALA F 457 -4.56 -13.56 46.10
N HIS F 458 -4.93 -13.01 47.25
CA HIS F 458 -4.15 -13.17 48.48
C HIS F 458 -4.06 -14.66 48.85
N GLU F 459 -5.18 -15.36 48.73
CA GLU F 459 -5.25 -16.79 49.03
C GLU F 459 -4.39 -17.59 48.07
N LYS F 460 -4.22 -17.08 46.85
CA LYS F 460 -3.43 -17.76 45.85
C LYS F 460 -1.94 -17.53 46.10
N VAL F 461 -1.59 -16.30 46.50
CA VAL F 461 -0.20 -15.97 46.81
C VAL F 461 0.20 -16.95 47.89
N GLU F 462 -0.57 -16.93 48.97
CA GLU F 462 -0.34 -17.79 50.11
C GLU F 462 -0.10 -19.22 49.63
N ASP F 463 -1.07 -19.77 48.90
CA ASP F 463 -0.96 -21.14 48.40
C ASP F 463 0.31 -21.38 47.59
N VAL F 464 0.82 -20.33 46.94
CA VAL F 464 2.03 -20.47 46.12
C VAL F 464 3.33 -20.38 46.91
N LEU F 465 3.46 -19.35 47.74
CA LEU F 465 4.66 -19.16 48.56
C LEU F 465 5.01 -20.40 49.36
N LYS F 466 4.00 -21.07 49.87
CA LYS F 466 4.21 -22.28 50.67
C LYS F 466 4.60 -23.54 49.89
N ASN F 467 3.90 -23.80 48.80
CA ASN F 467 4.12 -25.02 48.03
C ASN F 467 4.93 -25.00 46.74
N HIS F 468 5.12 -23.83 46.13
CA HIS F 468 5.89 -23.82 44.89
C HIS F 468 7.36 -24.12 45.16
N GLN F 469 7.94 -25.00 44.36
CA GLN F 469 9.34 -25.39 44.52
C GLN F 469 10.22 -24.67 43.49
N VAL F 470 11.30 -24.07 43.97
CA VAL F 470 12.21 -23.38 43.07
C VAL F 470 13.39 -24.32 42.89
N THR F 471 13.85 -24.47 41.64
CA THR F 471 14.97 -25.36 41.34
C THR F 471 16.21 -24.98 42.13
N PRO F 472 16.81 -25.96 42.81
CA PRO F 472 18.01 -25.80 43.63
C PRO F 472 19.29 -25.55 42.84
N ILE F 473 19.99 -24.47 43.17
CA ILE F 473 21.26 -24.18 42.52
C ILE F 473 22.16 -25.22 43.14
N ASP F 474 23.01 -25.87 42.34
CA ASP F 474 23.90 -26.88 42.89
C ASP F 474 24.51 -26.34 44.19
N ALA F 475 24.25 -27.03 45.30
CA ALA F 475 24.76 -26.61 46.60
C ALA F 475 26.20 -26.11 46.58
N ASP F 476 27.09 -26.89 45.98
CA ASP F 476 28.51 -26.55 45.88
C ASP F 476 28.67 -25.21 45.16
N ILE F 477 28.16 -25.13 43.94
CA ILE F 477 28.22 -23.93 43.13
C ILE F 477 27.72 -22.70 43.90
N PHE F 478 26.62 -22.86 44.64
CA PHE F 478 26.08 -21.73 45.40
C PHE F 478 27.16 -21.26 46.34
N LYS F 479 27.90 -22.21 46.91
CA LYS F 479 28.98 -21.90 47.84
C LYS F 479 29.97 -20.99 47.12
N ASP F 480 30.41 -21.40 45.94
CA ASP F 480 31.34 -20.59 45.16
C ASP F 480 30.74 -19.18 45.02
N MET F 481 29.53 -19.13 44.48
CA MET F 481 28.83 -17.86 44.28
C MET F 481 28.68 -17.06 45.56
N GLN F 482 28.14 -17.71 46.59
CA GLN F 482 27.93 -17.10 47.90
C GLN F 482 29.24 -16.46 48.38
N ALA F 483 30.34 -17.14 48.05
CA ALA F 483 31.69 -16.68 48.41
C ALA F 483 32.01 -15.32 47.81
N ILE F 484 31.91 -15.21 46.48
CA ILE F 484 32.21 -13.97 45.78
C ILE F 484 31.37 -12.80 46.31
N VAL F 485 30.19 -13.10 46.86
CA VAL F 485 29.34 -12.05 47.41
C VAL F 485 29.99 -11.58 48.70
N ASP F 486 30.65 -12.51 49.39
CA ASP F 486 31.34 -12.18 50.63
C ASP F 486 32.45 -11.18 50.33
N LYS F 487 33.33 -11.52 49.38
CA LYS F 487 34.42 -10.64 48.97
C LYS F 487 33.89 -9.26 48.62
N ALA F 488 32.61 -9.21 48.26
CA ALA F 488 31.96 -7.96 47.89
C ALA F 488 31.64 -7.14 49.14
N ASP F 489 31.21 -7.85 50.18
CA ASP F 489 30.90 -7.21 51.45
C ASP F 489 32.21 -6.78 52.08
N LYS F 490 33.09 -7.75 52.34
CA LYS F 490 34.39 -7.47 52.94
C LYS F 490 34.96 -6.19 52.38
N ALA F 491 35.15 -6.18 51.05
CA ALA F 491 35.70 -5.01 50.37
C ALA F 491 34.90 -3.76 50.73
N PHE F 492 33.58 -3.87 50.70
CA PHE F 492 32.72 -2.73 51.01
C PHE F 492 33.08 -2.05 52.33
N ARG F 493 33.30 -2.86 53.37
CA ARG F 493 33.65 -2.31 54.68
C ARG F 493 35.04 -1.67 54.71
N GLY F 494 35.82 -1.90 53.65
CA GLY F 494 37.16 -1.32 53.57
C GLY F 494 37.12 0.11 53.06
N MET F 495 36.10 0.86 53.46
CA MET F 495 35.95 2.26 53.04
C MET F 495 35.12 3.06 54.04
C1 BG3 G . -24.08 -7.22 28.01
C2 BG3 G . -25.12 -8.33 27.73
C3 BG3 G . -24.94 -9.68 28.43
C4 BG3 G . -26.28 -10.28 28.15
C5 BG3 G . -27.06 -9.03 28.63
C6 BG3 G . -23.90 -10.53 27.84
O1 BG3 G . -23.91 -6.80 29.15
N1 BG3 G . -26.45 -7.79 28.05
S1 BG3 G . -28.81 -9.14 28.24
O2 BG3 G . -29.51 -8.07 28.98
O3 BG3 G . -29.02 -8.97 26.79
O4 BG3 G . -29.28 -10.46 28.72
NA NA H . -0.26 10.63 15.16
C1 GOL I . -20.74 18.38 40.39
O1 GOL I . -19.76 17.59 39.73
C2 GOL I . -22.14 17.77 40.23
O2 GOL I . -22.50 17.10 41.45
C3 GOL I . -23.16 18.85 39.86
O3 GOL I . -23.83 18.51 38.65
C1 GOL J . -26.33 2.70 48.18
O1 GOL J . -25.37 3.13 49.12
C2 GOL J . -25.98 3.15 46.76
O2 GOL J . -25.39 2.11 45.98
C3 GOL J . -27.23 3.69 46.07
O3 GOL J . -27.22 5.11 46.05
C1 BG3 K . 20.52 -29.71 -10.65
C2 BG3 K . 21.31 -30.29 -9.46
C3 BG3 K . 20.74 -31.54 -8.81
C4 BG3 K . 21.93 -32.02 -8.03
C5 BG3 K . 22.91 -31.90 -9.23
C6 BG3 K . 19.64 -31.22 -7.87
O1 BG3 K . 20.57 -30.20 -11.77
N1 BG3 K . 22.69 -30.57 -9.93
S1 BG3 K . 24.62 -32.12 -8.70
O2 BG3 K . 25.53 -31.89 -9.85
O3 BG3 K . 24.91 -31.16 -7.62
O4 BG3 K . 24.75 -33.52 -8.25
NA NA L . 0.79 -4.95 -17.49
C1 GOL M . 23.62 -36.24 -31.40
O1 GOL M . 22.37 -36.21 -32.04
C2 GOL M . 23.50 -36.89 -30.03
O2 GOL M . 22.11 -36.78 -29.69
C3 GOL M . 24.48 -36.22 -29.06
O3 GOL M . 25.80 -36.69 -29.24
C1 GOL N . 21.37 -23.44 -38.88
O1 GOL N . 20.02 -23.60 -38.47
C2 GOL N . 22.25 -22.94 -37.72
O2 GOL N . 22.82 -24.08 -37.07
C3 GOL N . 23.28 -21.85 -38.05
O3 GOL N . 23.41 -20.91 -36.99
C1 BG3 O . -14.54 31.07 -14.76
C2 BG3 O . -15.76 31.72 -14.05
C3 BG3 O . -15.49 32.90 -13.14
C4 BG3 O . -16.89 33.43 -12.99
C5 BG3 O . -17.15 33.44 -14.52
C6 BG3 O . -14.98 32.52 -11.80
O1 BG3 O . -14.35 31.21 -15.98
N1 BG3 O . -16.76 32.10 -15.08
S1 BG3 O . -18.85 33.86 -14.93
O2 BG3 O . -19.39 34.72 -13.84
O3 BG3 O . -18.86 34.66 -16.18
O4 BG3 O . -19.62 32.62 -15.11
NA NA P . 7.23 7.73 -14.88
C1 GOL Q . -7.55 43.02 -31.80
O1 GOL Q . -6.65 42.21 -31.07
C2 GOL Q . -8.15 42.22 -32.97
O2 GOL Q . -7.17 41.22 -33.32
C3 GOL Q . -9.57 41.72 -32.73
O3 GOL Q . -9.83 41.46 -31.36
C1 BG3 R . 20.31 28.55 -13.61
C2 BG3 R . 21.65 28.08 -14.24
C3 BG3 R . 21.76 27.95 -15.76
C4 BG3 R . 23.26 27.97 -15.94
C5 BG3 R . 23.49 29.19 -15.01
C6 BG3 R . 21.24 26.66 -16.28
O1 BG3 R . 19.93 29.70 -13.74
N1 BG3 R . 22.70 29.00 -13.73
S1 BG3 R . 25.24 29.49 -14.65
O2 BG3 R . 26.05 28.75 -15.63
O3 BG3 R . 25.49 30.94 -14.85
O4 BG3 R . 25.53 29.10 -13.25
NA NA S . -4.94 17.47 3.43
C1 GOL T . 20.88 0.66 -2.64
O1 GOL T . 21.79 -0.19 -3.33
C2 GOL T . 21.62 1.74 -1.84
O2 GOL T . 22.05 1.26 -0.57
C3 GOL T . 20.77 3.00 -1.75
O3 GOL T . 20.07 3.22 -2.96
C1 GOL U . 16.02 49.82 -11.94
O1 GOL U . 15.27 48.61 -11.83
C2 GOL U . 17.17 49.81 -10.94
O2 GOL U . 16.58 49.80 -9.64
C3 GOL U . 17.99 48.54 -11.23
O3 GOL U . 19.35 48.70 -10.85
C1 GOL V . 8.40 47.80 3.44
O1 GOL V . 7.99 48.59 2.34
C2 GOL V . 9.93 47.66 3.47
O2 GOL V . 10.45 48.45 2.38
C3 GOL V . 10.51 48.06 4.83
O3 GOL V . 11.46 47.10 5.30
C1 BG3 W . -10.10 -25.17 -25.91
C2 BG3 W . -11.00 -24.46 -26.95
C3 BG3 W . -10.33 -23.91 -28.22
C4 BG3 W . -11.47 -23.87 -29.19
C5 BG3 W . -11.96 -25.30 -28.83
C6 BG3 W . -9.79 -22.55 -28.04
O1 BG3 W . -9.58 -26.26 -26.15
N1 BG3 W . -12.10 -25.38 -27.33
S1 BG3 W . -13.50 -25.73 -29.70
O2 BG3 W . -13.73 -24.73 -30.75
O3 BG3 W . -13.28 -27.04 -30.37
O4 BG3 W . -14.61 -25.84 -28.72
NA NA X . 3.44 -17.89 2.77
C1 GOL Y . -9.97 -47.51 -9.02
O1 GOL Y . -10.60 -47.66 -7.75
C2 GOL Y . -8.65 -48.29 -9.08
O2 GOL Y . -8.49 -48.97 -10.34
C3 GOL Y . -7.46 -47.34 -8.96
O3 GOL Y . -6.27 -47.95 -9.43
C1 GOL Z . -7.58 -48.05 -24.68
O1 GOL Z . -8.15 -48.12 -23.39
C2 GOL Z . -7.94 -46.73 -25.38
O2 GOL Z . -9.35 -46.51 -25.53
C3 GOL Z . -7.13 -45.58 -24.79
O3 GOL Z . -5.77 -45.96 -24.59
C1 BG3 AA . 8.58 1.61 36.39
C2 BG3 AA . 9.36 2.87 36.82
C3 BG3 AA . 8.63 3.92 37.68
C4 BG3 AA . 9.78 4.54 38.46
C5 BG3 AA . 10.40 3.16 38.78
C6 BG3 AA . 7.96 4.97 36.87
O1 BG3 AA . 8.75 0.52 36.93
N1 BG3 AA . 10.58 2.41 37.51
S1 BG3 AA . 11.96 3.29 39.67
O2 BG3 AA . 12.18 4.72 40.01
O3 BG3 AA . 13.04 2.71 38.84
O4 BG3 AA . 11.83 2.51 40.92
NA NA BA . -6.51 -12.67 11.80
C1 GOL CA . 3.25 -11.06 52.03
O1 GOL CA . 4.48 -11.26 52.71
C2 GOL CA . 2.07 -11.72 52.76
O2 GOL CA . 1.78 -13.05 52.30
C3 GOL CA . 0.86 -10.95 52.24
O3 GOL CA . 0.90 -10.85 50.83
#